data_3NIG
#
_entry.id   3NIG
#
_cell.length_a   260.670
_cell.length_b   145.170
_cell.length_c   104.440
_cell.angle_alpha   90.00
_cell.angle_beta   90.00
_cell.angle_gamma   90.00
#
_symmetry.space_group_name_H-M   'P 21 21 2'
#
loop_
_entity.id
_entity.type
_entity.pdbx_description
1 polymer 'Integrin alpha-IIb'
2 polymer 'Integrin beta-3'
3 polymer 'Monoclonal antibody 10E5 heavy chain'
4 polymer 'Monoclonal antibody 10E5 light chain'
5 branched alpha-D-mannopyranose-(1-4)-2-acetamido-2-deoxy-beta-D-glucopyranose-(1-4)-2-acetamido-2-deoxy-beta-D-glucopyranose
6 branched 2-acetamido-2-deoxy-beta-D-glucopyranose-(1-4)-2-acetamido-2-deoxy-beta-D-glucopyranose
7 non-polymer 'CALCIUM ION'
8 non-polymer GLYCEROL
9 non-polymer 'SULFATE ION'
10 non-polymer 'MAGNESIUM ION'
11 non-polymer 2-acetamido-2-deoxy-beta-D-glucopyranose
12 water water
#
loop_
_entity_poly.entity_id
_entity_poly.type
_entity_poly.pdbx_seq_one_letter_code
_entity_poly.pdbx_strand_id
1 'polypeptide(L)'
;LNLDPVQLTFYAGPNGSQFGFSLDFHKDSHGRVAIVVGAPRTLGPSQEETGGVFLCPWRAEGGQCPSLLFDLRDETRNVG
SQTLQTFKARQGLGASVVSWSDVIVACAPWQHWNVLEKTEEAEKTPVGSCFLAQPESGRRAEYSPCRGNTLSRIYVENDF
SWDKRYCEAGFSSVVTQAGELVLGAPGGYYFLGLLAQAPVADIFSSYRPGILLWHVSSQSLSFDSSNPEYFDGYWGYSVA
VGEFDGDLNTTEYVVGAPTWSWTLGAVEILDSYYQRLHRLRGEQMASYFGHSVAVTDVNGDGRHDLLVGAPLYMESRADR
KLAEVGRVYLFLQPRGPHALGAPSLLLTGTQLYGRFGSAIAPLGDLDRDGYNDIAVAAPYGGPSGRGQVLVFLGQSEGLR
SRPSQVLDSPFPTGSAFGFSLRGAVDIDDNGYPDLIVGAYGANQVAVYRAQPVVKAS
;
A,C
2 'polypeptide(L)'
;GPNICTTRGVSSCQQCLAVSPMCAWCSDEALPLGSPRCDLKENLLKDNCAPESIEFPVSEARVLEDRPLSDKGSGDSSQV
TQVSPQRIALRLRPDDSKNFSIQVRQVEDYPVDIYYLMDLSYSMKDDLWSIQNLGTKLATQMRKLTSNLRIGFGAFVDKP
VSPYMYISPPEALENPCYDMKTTCLPMFGYKHVLTLTDQVTRFNEEVKKQSVSRNRDAPEGGFDAIMQATVCDEKIGWRN
DASHLLVFTTDAKTHIALDGRLAGIVQPNDGQCHVGSDNHYSASTTMDYPSLGLMTEKLSQKNINLIFAVTENVVNLYQN
YSELIPGTTVGVLSMDSSNVLQLIVDAYGKIRSKVELEVRDLPEELSLSFNATCLNNEVIPGLKSCMGLKIGDTVSFSIE
AKVRGCPQEKEKSFTIKPVGFKDSLIVQVTFDCDCACQAQAEPNSHRCNNGNGTFECGVCRCGPGWLGSQC
;
B,D
3 'polypeptide(L)'
;EVQLQQSGAELVKPGASVKLSCTASGFNIKDTYVHWVKQRPEQGLEWIGRIDPANGYTKYDPKFQGKATITADTSSNTAY
LQLSSLTSEDTAVYYCVRPLYDYYAMDYWGQGTSVTVSSAKTTAPSVYPLAPVCGDTTGSSVTLGCLVKGYFPEPVTLTW
NSGSLSSGVHTFPAVLQSDLYTLSSSVTVTSSTWPSQSITCNVAHPASSTKVDKKIEPRGP
;
E,H
4 'polypeptide(L)'
;DILMTQSPSSMSVSLGDTVSITCHASQGISSNIGWLQQKPGKSFMGLIYYGTNLVDGVPSRFSGSGSGADYSLTISSLDS
EDFADYYCVQYAQLPYTFGGGTKLEIKRADAAPTVSIFPPSSEQLTSGGASVVCFLNNFYPKDINVKWKIDGSERQNGVL
NSWTDQDSKDSTYSMSSTLTLTKDEYERHNSYTCEATHKTSTSPIVKSFNRNEC
;
F,L
#
loop_
_chem_comp.id
_chem_comp.type
_chem_comp.name
_chem_comp.formula
CA non-polymer 'CALCIUM ION' 'Ca 2'
GOL non-polymer GLYCEROL 'C3 H8 O3'
MAN D-saccharide, alpha linking alpha-D-mannopyranose 'C6 H12 O6'
MG non-polymer 'MAGNESIUM ION' 'Mg 2'
NAG D-saccharide, beta linking 2-acetamido-2-deoxy-beta-D-glucopyranose 'C8 H15 N O6'
SO4 non-polymer 'SULFATE ION' 'O4 S -2'
#
# COMPACT_ATOMS: atom_id res chain seq x y z
N LEU A 1 -20.85 12.36 -41.03
CA LEU A 1 -22.14 12.46 -41.78
C LEU A 1 -21.93 12.71 -43.26
N ASN A 2 -21.22 13.79 -43.56
CA ASN A 2 -21.22 14.36 -44.90
C ASN A 2 -19.86 14.25 -45.63
N LEU A 3 -19.01 13.29 -45.23
CA LEU A 3 -17.81 12.95 -46.02
C LEU A 3 -18.32 12.20 -47.25
N ASP A 4 -17.70 12.42 -48.39
CA ASP A 4 -18.21 11.82 -49.63
C ASP A 4 -17.44 10.52 -49.94
N PRO A 5 -18.11 9.35 -49.79
CA PRO A 5 -17.47 8.06 -50.03
C PRO A 5 -17.61 7.56 -51.48
N VAL A 6 -18.07 8.41 -52.37
CA VAL A 6 -18.22 7.99 -53.78
C VAL A 6 -17.00 8.38 -54.63
N GLN A 7 -16.62 9.66 -54.59
CA GLN A 7 -15.44 10.12 -55.35
C GLN A 7 -14.26 10.37 -54.43
N LEU A 8 -13.47 9.33 -54.24
CA LEU A 8 -12.29 9.43 -53.41
C LEU A 8 -11.08 9.81 -54.26
N THR A 9 -9.99 10.12 -53.58
CA THR A 9 -8.73 10.43 -54.22
C THR A 9 -7.69 9.49 -53.63
N PHE A 10 -6.94 8.81 -54.46
CA PHE A 10 -5.91 7.88 -53.97
C PHE A 10 -4.51 8.36 -54.26
N TYR A 11 -3.64 8.31 -53.26
CA TYR A 11 -2.20 8.44 -53.47
C TYR A 11 -1.53 7.09 -53.17
N ALA A 12 -0.42 6.82 -53.85
CA ALA A 12 0.19 5.50 -53.79
C ALA A 12 1.69 5.61 -53.76
N GLY A 13 2.31 4.75 -52.95
CA GLY A 13 3.77 4.69 -52.87
C GLY A 13 4.30 3.39 -53.47
N PRO A 14 5.60 3.14 -53.35
CA PRO A 14 6.20 1.89 -53.87
C PRO A 14 5.65 0.68 -53.13
N ASN A 15 5.57 -0.45 -53.85
CA ASN A 15 5.16 -1.73 -53.27
C ASN A 15 6.09 -2.07 -52.12
N GLY A 16 5.53 -2.53 -51.01
CA GLY A 16 6.35 -2.92 -49.86
C GLY A 16 6.82 -1.78 -48.96
N SER A 17 6.61 -0.52 -49.37
CA SER A 17 7.15 0.63 -48.63
C SER A 17 6.35 1.01 -47.35
N GLN A 18 5.15 0.47 -47.20
CA GLN A 18 4.24 0.87 -46.12
C GLN A 18 3.88 2.37 -46.15
N PHE A 19 3.94 2.95 -47.35
CA PHE A 19 3.39 4.29 -47.63
C PHE A 19 1.99 4.39 -47.03
N GLY A 20 1.76 5.38 -46.18
CA GLY A 20 0.48 5.53 -45.51
C GLY A 20 0.52 5.17 -44.03
N PHE A 21 1.67 4.66 -43.59
CA PHE A 21 1.81 4.23 -42.21
C PHE A 21 1.56 5.41 -41.26
N SER A 22 1.99 6.60 -41.66
CA SER A 22 1.71 7.83 -40.92
C SER A 22 1.52 8.93 -41.97
N LEU A 23 0.84 10.00 -41.60
CA LEU A 23 0.56 11.07 -42.52
C LEU A 23 0.14 12.28 -41.73
N ASP A 24 0.16 13.43 -42.41
CA ASP A 24 -0.34 14.67 -41.83
C ASP A 24 -0.61 15.61 -43.00
N PHE A 25 -1.43 16.63 -42.76
CA PHE A 25 -1.54 17.75 -43.69
C PHE A 25 -0.36 18.70 -43.47
N HIS A 26 0.09 19.33 -44.54
CA HIS A 26 1.19 20.28 -44.50
C HIS A 26 0.81 21.55 -45.27
N LYS A 27 0.89 22.70 -44.64
CA LYS A 27 0.59 23.98 -45.30
C LYS A 27 1.89 24.66 -45.65
N ASP A 28 2.07 25.06 -46.90
CA ASP A 28 3.31 25.77 -47.20
C ASP A 28 3.19 27.25 -46.74
N SER A 29 4.24 28.05 -46.93
CA SER A 29 4.25 29.42 -46.41
C SER A 29 3.14 30.28 -47.02
N HIS A 30 2.56 29.86 -48.15
CA HIS A 30 1.41 30.55 -48.72
C HIS A 30 0.06 29.90 -48.39
N GLY A 31 0.04 29.01 -47.40
CA GLY A 31 -1.17 28.29 -47.04
C GLY A 31 -1.75 27.25 -48.01
N ARG A 32 -1.02 26.90 -49.07
CA ARG A 32 -1.42 25.79 -49.93
C ARG A 32 -1.24 24.45 -49.17
N VAL A 33 -2.29 23.65 -49.06
CA VAL A 33 -2.25 22.39 -48.31
C VAL A 33 -1.79 21.25 -49.19
N ALA A 34 -0.84 20.48 -48.64
CA ALA A 34 -0.33 19.26 -49.23
C ALA A 34 -0.46 18.16 -48.17
N ILE A 35 -0.13 16.93 -48.54
CA ILE A 35 -0.16 15.82 -47.59
C ILE A 35 1.22 15.20 -47.47
N VAL A 36 1.79 15.21 -46.26
CA VAL A 36 3.05 14.51 -46.01
C VAL A 36 2.74 13.08 -45.61
N VAL A 37 3.46 12.13 -46.20
CA VAL A 37 3.18 10.72 -46.00
C VAL A 37 4.46 9.94 -45.65
N GLY A 38 4.44 9.24 -44.52
CA GLY A 38 5.59 8.43 -44.13
C GLY A 38 5.45 7.05 -44.75
N ALA A 39 6.59 6.45 -45.10
CA ALA A 39 6.64 5.13 -45.71
C ALA A 39 7.86 4.37 -45.17
N PRO A 40 7.72 3.82 -43.96
CA PRO A 40 8.83 3.39 -43.11
C PRO A 40 9.61 2.19 -43.64
N ARG A 41 9.21 1.59 -44.75
CA ARG A 41 9.99 0.49 -45.32
C ARG A 41 10.51 0.75 -46.72
N THR A 42 10.40 1.98 -47.18
CA THR A 42 10.94 2.38 -48.47
C THR A 42 12.42 1.98 -48.56
N LEU A 43 12.82 1.42 -49.69
CA LEU A 43 14.22 1.02 -49.90
C LEU A 43 15.15 2.23 -49.98
N GLY A 44 16.32 2.10 -49.36
CA GLY A 44 17.32 3.15 -49.35
C GLY A 44 18.44 2.86 -50.34
N PRO A 45 19.67 3.31 -50.03
CA PRO A 45 20.80 3.27 -50.96
C PRO A 45 21.32 1.86 -51.26
N SER A 46 21.54 1.08 -50.21
CA SER A 46 22.11 -0.26 -50.36
C SER A 46 21.03 -1.29 -50.70
N GLN A 47 20.01 -0.84 -51.44
CA GLN A 47 18.81 -1.63 -51.68
C GLN A 47 18.26 -2.24 -50.38
N GLU A 48 18.52 -1.54 -49.27
CA GLU A 48 18.09 -2.00 -47.96
C GLU A 48 16.99 -1.09 -47.41
N GLU A 49 16.02 -1.66 -46.72
CA GLU A 49 14.92 -0.87 -46.19
C GLU A 49 15.47 0.18 -45.24
N THR A 50 15.09 1.44 -45.44
CA THR A 50 15.43 2.48 -44.47
C THR A 50 14.25 3.40 -44.19
N GLY A 51 13.19 3.34 -45.01
CA GLY A 51 12.08 4.26 -44.85
C GLY A 51 12.26 5.49 -45.73
N GLY A 52 11.21 6.29 -45.83
CA GLY A 52 11.21 7.47 -46.67
C GLY A 52 9.97 8.29 -46.43
N VAL A 53 9.93 9.48 -47.01
CA VAL A 53 8.86 10.44 -46.77
C VAL A 53 8.49 11.03 -48.11
N PHE A 54 7.20 11.27 -48.31
CA PHE A 54 6.70 11.77 -49.59
C PHE A 54 5.89 13.00 -49.32
N LEU A 55 5.94 13.97 -50.21
CA LEU A 55 5.15 15.18 -50.02
C LEU A 55 4.24 15.34 -51.21
N CYS A 56 2.95 15.02 -50.99
CA CYS A 56 1.95 14.90 -52.05
C CYS A 56 1.17 16.19 -52.28
N PRO A 57 1.39 16.85 -53.42
CA PRO A 57 0.52 18.00 -53.72
C PRO A 57 -0.93 17.56 -53.82
N TRP A 58 -1.87 18.42 -53.45
CA TRP A 58 -3.29 18.10 -53.57
C TRP A 58 -3.76 18.09 -55.03
N ARG A 59 -4.42 17.01 -55.44
CA ARG A 59 -5.03 16.91 -56.78
C ARG A 59 -6.16 15.95 -56.63
N ALA A 60 -7.32 16.28 -57.14
CA ALA A 60 -8.51 15.42 -57.04
C ALA A 60 -8.21 14.02 -57.56
N GLU A 61 -7.36 13.91 -58.57
CA GLU A 61 -7.10 12.59 -59.17
C GLU A 61 -5.99 11.82 -58.41
N GLY A 62 -5.36 12.46 -57.43
CA GLY A 62 -4.32 11.78 -56.67
C GLY A 62 -3.14 11.32 -57.52
N GLY A 63 -2.58 10.16 -57.22
CA GLY A 63 -1.52 9.55 -58.01
C GLY A 63 -0.25 9.36 -57.22
N GLN A 64 0.89 9.59 -57.87
CA GLN A 64 2.22 9.43 -57.29
C GLN A 64 2.75 10.76 -56.74
N CYS A 65 3.68 10.71 -55.79
CA CYS A 65 4.16 11.92 -55.11
C CYS A 65 5.66 12.01 -55.13
N PRO A 66 6.22 13.24 -55.16
CA PRO A 66 7.68 13.28 -55.05
C PRO A 66 8.16 12.99 -53.62
N SER A 67 9.36 12.46 -53.53
CA SER A 67 10.05 12.26 -52.28
C SER A 67 10.43 13.57 -51.59
N LEU A 68 10.51 13.54 -50.28
CA LEU A 68 11.15 14.60 -49.52
C LEU A 68 12.43 13.96 -49.00
N LEU A 69 13.57 14.38 -49.56
CA LEU A 69 14.82 13.63 -49.39
C LEU A 69 15.49 13.94 -48.06
N PHE A 70 16.00 12.88 -47.42
CA PHE A 70 16.79 13.01 -46.21
C PHE A 70 18.01 12.15 -46.41
N ASP A 71 19.09 12.51 -45.72
CA ASP A 71 20.35 11.79 -45.84
C ASP A 71 20.19 10.36 -45.27
N LEU A 72 20.37 9.34 -46.11
CA LEU A 72 20.18 7.97 -45.70
C LEU A 72 21.49 7.20 -45.40
N ARG A 73 22.61 7.90 -45.32
CA ARG A 73 23.90 7.21 -45.18
C ARG A 73 24.31 7.03 -43.71
N ASP A 74 24.78 5.85 -43.36
CA ASP A 74 25.38 5.65 -42.05
C ASP A 74 26.53 6.64 -41.87
N GLU A 75 26.76 7.07 -40.63
CA GLU A 75 27.78 8.06 -40.31
C GLU A 75 28.71 7.53 -39.22
N THR A 76 29.97 7.96 -39.29
CA THR A 76 30.98 7.55 -38.31
C THR A 76 31.75 8.80 -37.93
N ARG A 77 32.03 9.01 -36.66
CA ARG A 77 32.86 10.14 -36.27
C ARG A 77 33.83 9.68 -35.21
N ASN A 78 35.12 9.79 -35.52
CA ASN A 78 36.15 9.50 -34.53
C ASN A 78 36.55 10.79 -33.88
N VAL A 79 36.27 10.91 -32.59
CA VAL A 79 36.46 12.18 -31.90
C VAL A 79 36.52 11.91 -30.39
N GLY A 80 37.21 12.77 -29.65
CA GLY A 80 37.43 12.55 -28.22
C GLY A 80 37.88 11.14 -27.87
N SER A 81 38.68 10.52 -28.74
CA SER A 81 39.16 9.15 -28.55
C SER A 81 38.04 8.09 -28.53
N GLN A 82 36.91 8.42 -29.16
CA GLN A 82 35.79 7.50 -29.32
C GLN A 82 35.36 7.41 -30.77
N THR A 83 34.55 6.40 -31.11
CA THR A 83 33.99 6.28 -32.44
C THR A 83 32.47 6.28 -32.30
N LEU A 84 31.83 7.31 -32.86
CA LEU A 84 30.38 7.43 -32.90
C LEU A 84 29.83 6.87 -34.21
N GLN A 85 28.74 6.12 -34.12
CA GLN A 85 28.18 5.42 -35.28
C GLN A 85 26.67 5.51 -35.31
N THR A 86 26.12 5.90 -36.45
CA THR A 86 24.68 5.81 -36.67
C THR A 86 24.44 4.69 -37.68
N PHE A 87 23.36 3.96 -37.49
CA PHE A 87 23.00 2.85 -38.38
C PHE A 87 21.56 3.03 -38.87
N LYS A 88 21.40 3.25 -40.16
CA LYS A 88 20.10 3.62 -40.71
C LYS A 88 19.30 2.45 -41.31
N ALA A 89 19.92 1.29 -41.41
CA ALA A 89 19.22 0.12 -41.94
C ALA A 89 18.01 -0.19 -41.09
N ARG A 90 16.86 -0.32 -41.74
CA ARG A 90 15.62 -0.66 -41.08
C ARG A 90 15.23 0.33 -39.98
N GLN A 91 15.68 1.59 -40.07
CA GLN A 91 15.35 2.58 -39.05
C GLN A 91 13.85 2.98 -39.06
N GLY A 92 13.14 2.70 -40.14
CA GLY A 92 11.73 3.07 -40.25
C GLY A 92 11.50 4.58 -40.31
N LEU A 93 12.31 5.29 -41.10
CA LEU A 93 12.03 6.69 -41.35
C LEU A 93 10.62 6.81 -41.94
N GLY A 94 9.87 7.76 -41.41
CA GLY A 94 8.48 7.89 -41.84
C GLY A 94 7.50 7.10 -40.98
N ALA A 95 7.97 6.45 -39.92
CA ALA A 95 7.06 5.78 -38.99
C ALA A 95 6.22 6.78 -38.22
N SER A 96 6.67 8.02 -38.16
CA SER A 96 5.78 9.11 -37.72
C SER A 96 6.15 10.31 -38.54
N VAL A 97 5.17 11.13 -38.84
CA VAL A 97 5.40 12.41 -39.50
C VAL A 97 4.41 13.39 -38.91
N VAL A 98 4.84 14.63 -38.78
CA VAL A 98 3.96 15.70 -38.35
C VAL A 98 4.44 16.97 -39.03
N SER A 99 3.49 17.86 -39.27
CA SER A 99 3.78 19.17 -39.86
C SER A 99 3.44 20.29 -38.88
N TRP A 100 4.30 21.31 -38.81
CA TRP A 100 3.99 22.53 -38.07
C TRP A 100 4.49 23.75 -38.87
N SER A 101 3.64 24.77 -39.04
CA SER A 101 4.04 25.92 -39.84
C SER A 101 4.49 25.41 -41.21
N ASP A 102 5.66 25.83 -41.67
CA ASP A 102 6.17 25.32 -42.94
C ASP A 102 7.32 24.31 -42.74
N VAL A 103 7.29 23.62 -41.62
CA VAL A 103 8.30 22.62 -41.32
C VAL A 103 7.67 21.21 -41.21
N ILE A 104 8.44 20.23 -41.67
CA ILE A 104 8.02 18.85 -41.59
C ILE A 104 9.00 18.10 -40.72
N VAL A 105 8.47 17.32 -39.78
CA VAL A 105 9.28 16.45 -38.94
C VAL A 105 8.90 15.01 -39.20
N ALA A 106 9.87 14.20 -39.59
CA ALA A 106 9.65 12.78 -39.89
C ALA A 106 10.62 11.95 -39.10
N CYS A 107 10.15 10.91 -38.42
CA CYS A 107 11.02 10.23 -37.46
C CYS A 107 11.34 8.82 -37.86
N ALA A 108 12.47 8.34 -37.35
CA ALA A 108 12.97 7.01 -37.61
C ALA A 108 13.21 6.41 -36.25
N PRO A 109 12.16 5.85 -35.64
CA PRO A 109 12.26 5.37 -34.25
C PRO A 109 13.23 4.20 -34.05
N TRP A 110 13.52 3.44 -35.10
CA TRP A 110 14.42 2.30 -34.90
C TRP A 110 15.80 2.59 -35.46
N GLN A 111 16.14 3.85 -35.68
CA GLN A 111 17.55 4.10 -36.02
C GLN A 111 18.45 3.67 -34.85
N HIS A 112 19.48 2.90 -35.17
CA HIS A 112 20.42 2.46 -34.13
C HIS A 112 21.66 3.35 -34.02
N TRP A 113 22.38 3.14 -32.93
CA TRP A 113 23.48 3.99 -32.53
C TRP A 113 24.44 3.15 -31.72
N ASN A 114 25.73 3.47 -31.80
CA ASN A 114 26.73 2.85 -30.94
C ASN A 114 27.92 3.80 -30.79
N VAL A 115 28.67 3.60 -29.73
CA VAL A 115 29.89 4.34 -29.50
C VAL A 115 30.94 3.31 -29.13
N LEU A 116 32.04 3.29 -29.87
CA LEU A 116 33.19 2.42 -29.58
C LEU A 116 34.30 3.20 -28.87
N GLU A 117 34.98 2.56 -27.93
CA GLU A 117 36.14 3.14 -27.26
C GLU A 117 37.08 2.00 -26.90
N LYS A 118 38.14 1.85 -27.70
CA LYS A 118 39.07 0.71 -27.56
C LYS A 118 38.32 -0.60 -27.74
N THR A 119 38.32 -1.45 -26.72
CA THR A 119 37.58 -2.71 -26.82
C THR A 119 36.19 -2.62 -26.18
N GLU A 120 35.77 -1.46 -25.72
CA GLU A 120 34.44 -1.33 -25.14
C GLU A 120 33.46 -0.60 -26.07
N GLU A 121 32.19 -0.59 -25.67
CA GLU A 121 31.14 0.05 -26.46
C GLU A 121 29.94 0.44 -25.60
N ALA A 122 29.16 1.40 -26.09
CA ALA A 122 27.86 1.74 -25.51
C ALA A 122 26.81 0.61 -25.65
N GLU A 123 26.98 -0.24 -26.67
CA GLU A 123 26.00 -1.21 -27.18
C GLU A 123 25.22 -0.54 -28.31
N LYS A 124 25.00 -1.31 -29.37
CA LYS A 124 24.30 -0.83 -30.55
C LYS A 124 22.80 -0.97 -30.29
N THR A 125 22.09 0.15 -30.17
CA THR A 125 20.71 0.15 -29.66
C THR A 125 19.83 1.13 -30.41
N PRO A 126 18.50 0.94 -30.37
CA PRO A 126 17.65 1.84 -31.15
C PRO A 126 17.28 3.13 -30.42
N VAL A 127 18.10 4.17 -30.53
CA VAL A 127 17.82 5.42 -29.82
C VAL A 127 16.81 6.23 -30.60
N GLY A 128 16.58 5.87 -31.84
CA GLY A 128 15.64 6.61 -32.67
C GLY A 128 16.26 7.93 -33.08
N SER A 129 15.68 8.56 -34.10
CA SER A 129 16.13 9.89 -34.52
C SER A 129 15.03 10.59 -35.33
N CYS A 130 15.02 11.92 -35.32
CA CYS A 130 14.07 12.71 -36.11
C CYS A 130 14.76 13.58 -37.14
N PHE A 131 14.14 13.69 -38.32
CA PHE A 131 14.64 14.48 -39.43
C PHE A 131 13.68 15.64 -39.69
N LEU A 132 14.21 16.85 -39.76
CA LEU A 132 13.39 18.03 -39.95
C LEU A 132 13.70 18.64 -41.29
N ALA A 133 12.66 19.08 -42.00
CA ALA A 133 12.79 19.67 -43.31
C ALA A 133 11.96 20.94 -43.38
N GLN A 134 12.50 21.96 -44.02
CA GLN A 134 11.71 23.11 -44.46
C GLN A 134 11.68 23.01 -45.97
N PRO A 135 10.66 22.37 -46.53
CA PRO A 135 10.71 22.00 -47.96
C PRO A 135 11.00 23.17 -48.92
N GLU A 136 10.42 24.35 -48.65
CA GLU A 136 10.58 25.51 -49.53
C GLU A 136 12.03 26.02 -49.63
N SER A 137 12.79 25.93 -48.54
CA SER A 137 14.15 26.45 -48.51
C SER A 137 15.20 25.37 -48.70
N GLY A 138 14.84 24.12 -48.48
CA GLY A 138 15.81 23.04 -48.50
C GLY A 138 16.54 22.84 -47.17
N ARG A 139 16.27 23.68 -46.17
CA ARG A 139 16.97 23.52 -44.88
C ARG A 139 16.68 22.11 -44.34
N ARG A 140 17.67 21.50 -43.71
CA ARG A 140 17.52 20.20 -43.06
C ARG A 140 18.10 20.28 -41.66
N ALA A 141 17.52 19.55 -40.72
CA ALA A 141 18.16 19.41 -39.43
C ALA A 141 17.75 18.08 -38.85
N GLU A 142 18.35 17.73 -37.72
CA GLU A 142 18.05 16.47 -37.09
C GLU A 142 17.99 16.69 -35.61
N TYR A 143 17.36 15.75 -34.91
CA TYR A 143 17.22 15.84 -33.48
C TYR A 143 17.19 14.39 -33.03
N SER A 144 18.16 14.03 -32.19
CA SER A 144 18.25 12.67 -31.67
C SER A 144 18.67 12.73 -30.19
N PRO A 145 17.71 13.02 -29.30
CA PRO A 145 18.00 13.39 -27.90
C PRO A 145 18.45 12.26 -26.99
N CYS A 146 18.41 11.02 -27.47
CA CYS A 146 18.76 9.89 -26.62
C CYS A 146 20.16 9.34 -26.96
N ARG A 147 20.77 9.81 -28.05
CA ARG A 147 22.17 9.46 -28.29
C ARG A 147 23.02 9.79 -27.06
N GLY A 148 23.87 8.86 -26.65
CA GLY A 148 24.82 9.13 -25.57
C GLY A 148 26.22 8.66 -25.94
N ASN A 149 27.19 8.95 -25.07
CA ASN A 149 28.53 8.44 -25.26
C ASN A 149 29.03 7.72 -24.03
N THR A 150 28.13 7.22 -23.20
CA THR A 150 28.55 6.40 -22.07
C THR A 150 28.72 4.93 -22.45
N LEU A 151 29.73 4.31 -21.86
CA LEU A 151 30.05 2.91 -22.13
C LEU A 151 29.17 1.95 -21.32
N SER A 152 29.02 0.75 -21.86
CA SER A 152 28.14 -0.26 -21.31
C SER A 152 28.39 -0.53 -19.83
N ARG A 153 29.66 -0.61 -19.47
CA ARG A 153 30.06 -0.98 -18.11
C ARG A 153 29.58 0.09 -17.12
N ILE A 154 29.57 1.34 -17.56
CA ILE A 154 29.15 2.43 -16.68
C ILE A 154 27.68 2.24 -16.31
N TYR A 155 26.84 1.88 -17.29
CA TYR A 155 25.44 1.61 -16.97
C TYR A 155 25.30 0.45 -16.00
N VAL A 156 26.09 -0.59 -16.17
CA VAL A 156 26.02 -1.74 -15.27
C VAL A 156 26.39 -1.30 -13.84
N GLU A 157 27.47 -0.53 -13.73
CA GLU A 157 27.95 -0.08 -12.42
C GLU A 157 26.97 0.87 -11.78
N ASN A 158 26.20 1.58 -12.60
CA ASN A 158 25.22 2.52 -12.07
C ASN A 158 23.81 1.97 -12.10
N ASP A 159 23.67 0.65 -12.21
CA ASP A 159 22.36 0.00 -12.10
C ASP A 159 21.32 0.43 -13.18
N PHE A 160 21.83 0.83 -14.36
CA PHE A 160 20.98 1.09 -15.50
C PHE A 160 20.06 2.29 -15.27
N SER A 161 20.56 3.28 -14.54
CA SER A 161 19.75 4.47 -14.30
C SER A 161 19.93 5.45 -15.46
N TRP A 162 18.88 6.18 -15.79
CA TRP A 162 18.94 7.14 -16.90
C TRP A 162 19.48 6.52 -18.19
N ASP A 163 18.97 5.33 -18.49
CA ASP A 163 19.45 4.57 -19.62
C ASP A 163 18.54 4.90 -20.83
N LYS A 164 19.03 5.76 -21.71
CA LYS A 164 18.21 6.19 -22.83
C LYS A 164 18.59 5.47 -24.12
N ARG A 165 19.30 4.36 -24.00
CA ARG A 165 19.79 3.63 -25.19
C ARG A 165 18.70 3.02 -26.08
N TYR A 166 17.55 2.63 -25.51
CA TYR A 166 16.45 2.03 -26.31
C TYR A 166 15.23 2.94 -26.49
N CYS A 167 15.43 4.25 -26.44
CA CYS A 167 14.33 5.24 -26.47
C CYS A 167 13.36 5.04 -27.57
N GLU A 168 13.86 4.84 -28.80
CA GLU A 168 13.02 4.91 -29.99
C GLU A 168 12.32 6.28 -30.10
N ALA A 169 13.09 7.33 -29.90
CA ALA A 169 12.58 8.69 -29.99
C ALA A 169 11.94 8.91 -31.35
N GLY A 170 10.76 9.51 -31.37
CA GLY A 170 10.08 9.73 -32.62
C GLY A 170 9.03 8.66 -32.87
N PHE A 171 8.98 7.64 -32.02
CA PHE A 171 7.92 6.63 -32.07
C PHE A 171 6.56 7.34 -32.17
N SER A 172 6.36 8.37 -31.36
CA SER A 172 5.23 9.27 -31.57
C SER A 172 5.80 10.68 -31.48
N SER A 173 5.03 11.63 -31.98
CA SER A 173 5.46 13.01 -32.02
C SER A 173 4.27 13.94 -32.16
N VAL A 174 4.49 15.17 -31.74
CA VAL A 174 3.50 16.24 -31.79
C VAL A 174 4.24 17.57 -31.61
N VAL A 175 3.66 18.67 -32.08
CA VAL A 175 4.30 19.99 -31.98
C VAL A 175 3.30 20.96 -31.41
N THR A 176 3.69 21.70 -30.36
CA THR A 176 2.80 22.68 -29.75
C THR A 176 2.58 23.84 -30.74
N GLN A 177 1.55 24.65 -30.52
CA GLN A 177 1.27 25.82 -31.36
C GLN A 177 2.47 26.76 -31.43
N ALA A 178 3.13 26.96 -30.29
CA ALA A 178 4.33 27.77 -30.23
C ALA A 178 5.56 27.14 -30.94
N GLY A 179 5.44 25.90 -31.42
CA GLY A 179 6.55 25.30 -32.15
C GLY A 179 7.54 24.50 -31.29
N GLU A 180 7.09 23.97 -30.17
CA GLU A 180 7.93 23.01 -29.43
C GLU A 180 7.65 21.59 -29.92
N LEU A 181 8.66 20.95 -30.50
CA LEU A 181 8.53 19.53 -30.85
C LEU A 181 8.58 18.65 -29.61
N VAL A 182 7.61 17.75 -29.51
CA VAL A 182 7.53 16.83 -28.38
C VAL A 182 7.58 15.41 -28.95
N LEU A 183 8.60 14.64 -28.57
CA LEU A 183 8.77 13.28 -29.05
C LEU A 183 8.44 12.27 -27.96
N GLY A 184 7.66 11.24 -28.28
CA GLY A 184 7.44 10.12 -27.38
C GLY A 184 8.50 9.07 -27.65
N ALA A 185 9.02 8.43 -26.61
CA ALA A 185 10.14 7.51 -26.74
C ALA A 185 9.87 6.35 -25.80
N PRO A 186 9.00 5.42 -26.23
CA PRO A 186 8.47 4.46 -25.26
C PRO A 186 9.53 3.50 -24.74
N GLY A 187 10.69 3.39 -25.38
CA GLY A 187 11.75 2.55 -24.86
C GLY A 187 12.61 3.26 -23.81
N GLY A 188 12.31 4.52 -23.54
CA GLY A 188 13.16 5.35 -22.68
C GLY A 188 13.38 4.80 -21.26
N TYR A 189 14.55 5.04 -20.69
CA TYR A 189 14.89 4.59 -19.34
C TYR A 189 14.58 3.10 -19.11
N TYR A 190 15.16 2.25 -19.96
CA TYR A 190 15.01 0.82 -19.81
C TYR A 190 13.51 0.42 -19.89
N PHE A 191 12.84 0.95 -20.91
CA PHE A 191 11.49 0.55 -21.34
C PHE A 191 10.38 1.12 -20.46
N LEU A 192 10.70 2.06 -19.58
CA LEU A 192 9.64 2.83 -18.91
C LEU A 192 8.97 3.76 -19.90
N GLY A 193 9.78 4.40 -20.73
CA GLY A 193 9.30 5.43 -21.65
C GLY A 193 9.62 6.84 -21.16
N LEU A 194 9.87 7.77 -22.10
CA LEU A 194 10.12 9.15 -21.74
C LEU A 194 9.66 10.05 -22.86
N LEU A 195 9.55 11.35 -22.55
CA LEU A 195 9.25 12.36 -23.54
C LEU A 195 10.47 13.24 -23.68
N ALA A 196 10.73 13.71 -24.89
CA ALA A 196 11.74 14.73 -25.09
C ALA A 196 11.17 15.93 -25.86
N GLN A 197 11.43 17.15 -25.39
CA GLN A 197 10.87 18.36 -26.04
C GLN A 197 12.00 19.32 -26.40
N ALA A 198 11.91 19.99 -27.56
CA ALA A 198 12.80 21.14 -27.83
C ALA A 198 12.17 22.05 -28.87
N PRO A 199 12.38 23.37 -28.76
CA PRO A 199 11.82 24.25 -29.78
C PRO A 199 12.36 23.89 -31.18
N VAL A 200 11.50 23.89 -32.19
CA VAL A 200 11.95 23.61 -33.56
C VAL A 200 13.08 24.56 -34.00
N ALA A 201 12.97 25.84 -33.64
CA ALA A 201 13.92 26.88 -34.03
C ALA A 201 15.29 26.55 -33.49
N ASP A 202 15.32 26.07 -32.25
CA ASP A 202 16.57 25.72 -31.59
C ASP A 202 17.16 24.45 -32.17
N ILE A 203 16.32 23.52 -32.61
CA ILE A 203 16.85 22.31 -33.25
C ILE A 203 17.58 22.67 -34.56
N PHE A 204 16.96 23.49 -35.41
CA PHE A 204 17.63 23.97 -36.60
C PHE A 204 18.90 24.74 -36.24
N SER A 205 18.85 25.64 -35.26
CA SER A 205 19.98 26.54 -35.08
C SER A 205 21.15 25.83 -34.41
N SER A 206 20.92 24.70 -33.76
CA SER A 206 22.02 24.03 -33.08
C SER A 206 22.59 22.84 -33.88
N TYR A 207 21.97 22.52 -35.02
CA TYR A 207 22.37 21.33 -35.74
C TYR A 207 23.40 21.63 -36.82
N ARG A 208 24.41 20.76 -36.95
CA ARG A 208 25.32 20.80 -38.10
C ARG A 208 25.59 19.36 -38.55
N PRO A 209 25.74 19.14 -39.86
CA PRO A 209 26.03 17.77 -40.31
C PRO A 209 27.36 17.23 -39.75
N GLY A 210 27.42 15.94 -39.46
CA GLY A 210 28.65 15.27 -39.10
C GLY A 210 29.02 15.32 -37.63
N ILE A 211 28.37 16.19 -36.84
CA ILE A 211 28.68 16.33 -35.43
C ILE A 211 28.19 15.09 -34.66
N LEU A 212 26.95 14.67 -34.94
CA LEU A 212 26.36 13.42 -34.38
C LEU A 212 25.97 13.51 -32.89
N LEU A 213 26.83 14.09 -32.04
CA LEU A 213 26.48 14.33 -30.64
C LEU A 213 26.62 15.82 -30.30
N TRP A 214 25.50 16.50 -30.10
CA TRP A 214 25.52 17.93 -29.91
C TRP A 214 24.44 18.37 -28.94
N HIS A 215 24.57 19.57 -28.39
CA HIS A 215 23.68 20.03 -27.34
C HIS A 215 22.57 20.91 -27.89
N VAL A 216 21.34 20.63 -27.47
CA VAL A 216 20.20 21.50 -27.69
C VAL A 216 19.77 21.98 -26.27
N SER A 217 20.18 23.17 -25.86
CA SER A 217 20.17 23.55 -24.42
C SER A 217 18.78 23.86 -23.84
N SER A 218 17.88 24.33 -24.70
CA SER A 218 16.48 24.59 -24.35
C SER A 218 15.66 23.27 -24.31
N GLN A 219 16.30 22.14 -24.55
CA GLN A 219 15.59 20.88 -24.57
C GLN A 219 15.23 20.47 -23.15
N SER A 220 14.20 19.65 -23.03
CA SER A 220 13.75 19.20 -21.72
C SER A 220 13.26 17.75 -21.82
N LEU A 221 13.77 16.87 -20.97
CA LEU A 221 13.43 15.46 -21.03
C LEU A 221 12.69 15.06 -19.76
N SER A 222 11.80 14.08 -19.83
CA SER A 222 11.10 13.65 -18.61
C SER A 222 12.04 12.76 -17.80
N PHE A 223 11.51 12.06 -16.81
CA PHE A 223 12.30 11.50 -15.70
C PHE A 223 12.21 9.99 -15.57
N ASP A 224 13.26 9.42 -15.02
CA ASP A 224 13.30 7.99 -14.72
C ASP A 224 12.47 7.76 -13.44
N SER A 225 12.14 6.52 -13.13
CA SER A 225 11.37 6.26 -11.92
C SER A 225 11.79 4.92 -11.33
N SER A 226 11.71 4.81 -10.01
CA SER A 226 11.96 3.55 -9.32
C SER A 226 10.64 2.81 -9.04
N ASN A 227 9.52 3.46 -9.37
CA ASN A 227 8.19 2.89 -9.14
C ASN A 227 7.83 1.80 -10.17
N PRO A 228 7.69 0.54 -9.74
CA PRO A 228 7.43 -0.59 -10.64
C PRO A 228 6.13 -0.48 -11.47
N GLU A 229 5.18 0.35 -11.06
CA GLU A 229 3.98 0.59 -11.89
C GLU A 229 4.35 1.10 -13.25
N TYR A 230 5.48 1.78 -13.35
CA TYR A 230 5.91 2.34 -14.62
C TYR A 230 6.72 1.34 -15.47
N PHE A 231 7.26 0.26 -14.89
CA PHE A 231 8.20 -0.60 -15.64
C PHE A 231 7.47 -1.17 -16.87
N ASP A 232 8.16 -1.10 -18.01
CA ASP A 232 7.65 -1.61 -19.28
C ASP A 232 6.29 -0.99 -19.66
N GLY A 233 6.08 0.25 -19.22
CA GLY A 233 4.79 0.92 -19.44
C GLY A 233 4.68 1.54 -20.83
N TYR A 234 5.79 1.64 -21.56
CA TYR A 234 5.88 2.28 -22.86
C TYR A 234 5.19 3.66 -22.88
N TRP A 235 5.50 4.43 -21.85
CA TRP A 235 5.00 5.80 -21.68
C TRP A 235 5.57 6.65 -22.81
N GLY A 236 4.70 7.14 -23.68
CA GLY A 236 5.12 7.85 -24.88
C GLY A 236 4.86 7.06 -26.15
N TYR A 237 4.16 5.93 -26.02
CA TYR A 237 3.76 5.13 -27.18
C TYR A 237 2.87 6.03 -28.05
N SER A 238 2.14 6.95 -27.42
CA SER A 238 1.35 7.97 -28.13
C SER A 238 1.42 9.26 -27.35
N VAL A 239 1.25 10.39 -28.05
CA VAL A 239 1.34 11.70 -27.43
CA VAL A 239 1.35 11.71 -27.43
C VAL A 239 0.39 12.69 -28.11
N ALA A 240 -0.03 13.71 -27.38
CA ALA A 240 -0.83 14.78 -27.93
C ALA A 240 -0.66 16.00 -27.00
N VAL A 241 -1.21 17.14 -27.38
CA VAL A 241 -1.14 18.34 -26.54
C VAL A 241 -2.51 19.01 -26.52
N GLY A 242 -2.73 19.85 -25.51
CA GLY A 242 -3.97 20.61 -25.44
C GLY A 242 -4.00 21.46 -24.19
N GLU A 243 -5.18 22.00 -23.88
CA GLU A 243 -5.35 22.96 -22.80
C GLU A 243 -6.25 22.40 -21.71
N PHE A 244 -5.63 22.07 -20.59
CA PHE A 244 -6.32 21.33 -19.54
C PHE A 244 -6.20 21.90 -18.13
N ASP A 245 -5.44 22.99 -17.94
CA ASP A 245 -5.37 23.63 -16.60
C ASP A 245 -5.89 25.07 -16.53
N GLY A 246 -6.64 25.50 -17.53
CA GLY A 246 -7.33 26.78 -17.47
C GLY A 246 -6.46 28.00 -17.72
N ASP A 247 -5.16 27.80 -17.77
CA ASP A 247 -4.21 28.90 -17.95
C ASP A 247 -3.72 28.91 -19.38
N LEU A 248 -4.12 29.88 -20.18
CA LEU A 248 -3.83 29.80 -21.61
C LEU A 248 -2.35 30.03 -21.98
N ASN A 249 -1.55 30.47 -21.04
CA ASN A 249 -0.11 30.62 -21.31
C ASN A 249 0.69 29.31 -21.29
N THR A 250 0.18 28.29 -20.62
CA THR A 250 0.87 26.99 -20.51
C THR A 250 0.25 25.96 -21.44
N THR A 251 1.11 25.13 -22.04
CA THR A 251 0.64 24.00 -22.83
C THR A 251 0.78 22.71 -22.00
N GLU A 252 -0.28 21.91 -21.97
CA GLU A 252 -0.28 20.61 -21.28
C GLU A 252 -0.04 19.45 -22.26
N TYR A 253 0.59 18.37 -21.77
CA TYR A 253 0.93 17.22 -22.60
C TYR A 253 0.05 16.03 -22.23
N VAL A 254 -0.35 15.25 -23.23
CA VAL A 254 -1.15 14.05 -23.01
C VAL A 254 -0.32 12.86 -23.48
N VAL A 255 -0.14 11.87 -22.62
CA VAL A 255 0.80 10.78 -22.90
C VAL A 255 0.15 9.43 -22.67
N GLY A 256 0.16 8.61 -23.71
CA GLY A 256 -0.32 7.24 -23.59
C GLY A 256 0.81 6.30 -23.17
N ALA A 257 0.46 5.41 -22.26
CA ALA A 257 1.37 4.41 -21.68
C ALA A 257 0.55 3.14 -21.62
N PRO A 258 0.49 2.41 -22.74
CA PRO A 258 -0.55 1.38 -22.88
C PRO A 258 -0.26 0.12 -22.09
N THR A 259 0.95 -0.04 -21.57
CA THR A 259 1.21 -1.21 -20.72
C THR A 259 1.52 -0.81 -19.27
N TRP A 260 1.23 0.44 -18.91
CA TRP A 260 1.44 0.93 -17.53
C TRP A 260 0.80 -0.02 -16.52
N SER A 261 1.50 -0.22 -15.41
CA SER A 261 1.00 -1.01 -14.29
C SER A 261 0.65 -2.45 -14.68
N TRP A 262 1.66 -3.21 -15.10
CA TRP A 262 1.43 -4.60 -15.41
C TRP A 262 0.31 -4.72 -16.44
N THR A 263 0.41 -3.89 -17.49
CA THR A 263 -0.49 -3.92 -18.65
C THR A 263 -1.94 -3.45 -18.41
N LEU A 264 -2.21 -2.79 -17.28
CA LEU A 264 -3.53 -2.17 -17.11
C LEU A 264 -3.72 -1.04 -18.14
N GLY A 265 -2.64 -0.33 -18.43
CA GLY A 265 -2.68 0.82 -19.30
C GLY A 265 -2.95 2.09 -18.52
N ALA A 266 -2.55 3.23 -19.07
CA ALA A 266 -2.85 4.53 -18.49
C ALA A 266 -2.64 5.61 -19.53
N VAL A 267 -3.23 6.78 -19.26
CA VAL A 267 -2.95 8.00 -19.98
C VAL A 267 -2.71 9.09 -18.95
N GLU A 268 -1.71 9.94 -19.16
CA GLU A 268 -1.44 11.00 -18.18
C GLU A 268 -1.49 12.37 -18.84
N ILE A 269 -1.94 13.35 -18.09
CA ILE A 269 -1.90 14.75 -18.55
C ILE A 269 -0.87 15.44 -17.68
N LEU A 270 0.07 16.14 -18.30
CA LEU A 270 1.19 16.71 -17.57
C LEU A 270 1.35 18.17 -17.93
N ASP A 271 1.96 18.95 -17.05
CA ASP A 271 2.33 20.31 -17.42
C ASP A 271 3.62 20.21 -18.23
N SER A 272 4.16 21.34 -18.69
CA SER A 272 5.29 21.27 -19.63
C SER A 272 6.62 20.94 -18.91
N TYR A 273 6.59 20.90 -17.57
CA TYR A 273 7.72 20.41 -16.79
C TYR A 273 7.57 18.91 -16.43
N TYR A 274 6.60 18.23 -17.04
CA TYR A 274 6.36 16.80 -16.79
C TYR A 274 5.88 16.50 -15.37
N GLN A 275 5.28 17.46 -14.70
CA GLN A 275 4.60 17.15 -13.45
C GLN A 275 3.22 16.65 -13.81
N ARG A 276 2.81 15.56 -13.19
CA ARG A 276 1.55 14.92 -13.51
C ARG A 276 0.36 15.67 -12.94
N LEU A 277 -0.59 16.03 -13.81
CA LEU A 277 -1.82 16.68 -13.40
C LEU A 277 -3.00 15.71 -13.25
N HIS A 278 -3.12 14.72 -14.13
CA HIS A 278 -4.15 13.71 -13.94
CA HIS A 278 -4.24 13.76 -14.11
C HIS A 278 -3.68 12.41 -14.57
N ARG A 279 -4.23 11.31 -14.07
CA ARG A 279 -3.97 10.01 -14.61
C ARG A 279 -5.29 9.29 -14.84
N LEU A 280 -5.47 8.79 -16.06
CA LEU A 280 -6.60 7.92 -16.38
C LEU A 280 -6.11 6.49 -16.51
N ARG A 281 -6.75 5.57 -15.80
CA ARG A 281 -6.34 4.16 -15.76
C ARG A 281 -7.15 3.36 -16.76
N GLY A 282 -6.55 2.34 -17.36
CA GLY A 282 -7.30 1.50 -18.27
C GLY A 282 -8.29 0.71 -17.44
N GLU A 283 -9.26 0.11 -18.11
CA GLU A 283 -10.37 -0.64 -17.49
C GLU A 283 -10.02 -2.12 -17.45
N GLN A 284 -9.25 -2.58 -18.44
CA GLN A 284 -9.01 -4.00 -18.62
C GLN A 284 -7.58 -4.24 -19.07
N MET A 285 -6.90 -5.12 -18.35
CA MET A 285 -5.53 -5.49 -18.64
C MET A 285 -5.38 -6.00 -20.07
N ALA A 286 -4.29 -5.59 -20.71
CA ALA A 286 -3.94 -5.99 -22.08
C ALA A 286 -4.83 -5.31 -23.14
N SER A 287 -5.78 -4.46 -22.74
CA SER A 287 -6.65 -3.83 -23.77
C SER A 287 -5.88 -2.76 -24.56
N TYR A 288 -4.68 -2.42 -24.11
CA TYR A 288 -3.86 -1.38 -24.76
C TYR A 288 -4.47 0.04 -24.69
N PHE A 289 -5.10 0.33 -23.54
CA PHE A 289 -5.62 1.66 -23.22
C PHE A 289 -4.48 2.67 -23.30
N GLY A 290 -4.60 3.65 -24.17
CA GLY A 290 -3.54 4.63 -24.38
C GLY A 290 -2.76 4.39 -25.67
N HIS A 291 -3.15 3.37 -26.43
CA HIS A 291 -2.58 3.14 -27.76
C HIS A 291 -2.74 4.41 -28.57
N SER A 292 -3.85 5.09 -28.39
CA SER A 292 -4.07 6.31 -29.13
C SER A 292 -4.76 7.32 -28.26
N VAL A 293 -4.41 8.58 -28.43
CA VAL A 293 -5.05 9.65 -27.68
C VAL A 293 -5.41 10.75 -28.65
N ALA A 294 -6.47 11.50 -28.34
CA ALA A 294 -6.89 12.59 -29.20
C ALA A 294 -7.42 13.68 -28.31
N VAL A 295 -7.14 14.91 -28.67
CA VAL A 295 -7.57 16.07 -27.90
C VAL A 295 -8.39 16.99 -28.77
N THR A 296 -9.65 17.21 -28.40
CA THR A 296 -10.51 18.14 -29.12
C THR A 296 -11.73 18.45 -28.25
N ASP A 297 -12.24 19.68 -28.32
CA ASP A 297 -13.48 20.06 -27.60
C ASP A 297 -14.67 19.60 -28.43
N VAL A 298 -15.42 18.62 -27.95
CA VAL A 298 -16.50 18.06 -28.76
C VAL A 298 -17.87 18.58 -28.37
N ASN A 299 -17.99 19.22 -27.22
CA ASN A 299 -19.32 19.64 -26.79
C ASN A 299 -19.49 21.16 -26.73
N GLY A 300 -18.65 21.87 -27.49
CA GLY A 300 -18.80 23.30 -27.74
C GLY A 300 -18.76 24.23 -26.55
N ASP A 301 -18.15 23.84 -25.42
CA ASP A 301 -18.05 24.79 -24.29
C ASP A 301 -16.66 25.39 -24.24
N GLY A 302 -15.83 25.17 -25.27
CA GLY A 302 -14.53 25.83 -25.31
C GLY A 302 -13.43 25.10 -24.54
N ARG A 303 -13.76 24.03 -23.83
CA ARG A 303 -12.76 23.24 -23.08
C ARG A 303 -12.42 21.91 -23.80
N HIS A 304 -11.14 21.70 -24.04
CA HIS A 304 -10.63 20.49 -24.68
C HIS A 304 -11.06 19.23 -23.95
N ASP A 305 -11.55 18.24 -24.70
CA ASP A 305 -11.91 16.94 -24.14
C ASP A 305 -10.87 15.94 -24.58
N LEU A 306 -10.81 14.81 -23.88
CA LEU A 306 -9.80 13.80 -24.17
C LEU A 306 -10.49 12.52 -24.63
N LEU A 307 -10.03 11.96 -25.75
CA LEU A 307 -10.42 10.63 -26.17
C LEU A 307 -9.25 9.66 -26.08
N VAL A 308 -9.53 8.49 -25.55
CA VAL A 308 -8.52 7.45 -25.43
C VAL A 308 -8.98 6.18 -26.13
N GLY A 309 -8.10 5.56 -26.91
CA GLY A 309 -8.42 4.31 -27.62
C GLY A 309 -7.80 3.11 -26.89
N ALA A 310 -8.57 2.05 -26.70
CA ALA A 310 -8.05 0.75 -26.19
C ALA A 310 -8.44 -0.33 -27.21
N PRO A 311 -7.67 -0.45 -28.32
CA PRO A 311 -8.06 -1.29 -29.48
C PRO A 311 -8.26 -2.77 -29.19
N LEU A 312 -7.73 -3.26 -28.07
CA LEU A 312 -7.85 -4.70 -27.79
C LEU A 312 -8.83 -5.02 -26.66
N TYR A 313 -9.67 -4.05 -26.33
CA TYR A 313 -10.68 -4.24 -25.28
C TYR A 313 -11.60 -5.42 -25.60
N MET A 314 -11.88 -6.24 -24.62
CA MET A 314 -12.73 -7.41 -24.80
C MET A 314 -14.05 -7.16 -24.11
N GLU A 315 -15.10 -7.09 -24.89
CA GLU A 315 -16.43 -6.78 -24.41
C GLU A 315 -17.07 -8.03 -23.85
N SER A 316 -17.89 -7.88 -22.82
CA SER A 316 -18.55 -9.05 -22.24
CA SER A 316 -18.56 -9.04 -22.22
C SER A 316 -19.76 -9.42 -23.07
N ARG A 317 -19.91 -10.72 -23.30
CA ARG A 317 -21.04 -11.24 -24.06
C ARG A 317 -21.71 -12.40 -23.37
N ALA A 318 -22.74 -12.92 -24.02
CA ALA A 318 -23.56 -14.00 -23.47
C ALA A 318 -22.72 -15.19 -23.05
N ASP A 319 -22.99 -15.68 -21.85
CA ASP A 319 -22.45 -16.94 -21.37
C ASP A 319 -21.01 -16.80 -20.88
N ARG A 320 -20.73 -15.69 -20.22
CA ARG A 320 -19.41 -15.47 -19.64
C ARG A 320 -18.30 -15.54 -20.70
N LYS A 321 -18.61 -15.09 -21.91
CA LYS A 321 -17.63 -15.02 -22.98
C LYS A 321 -17.17 -13.59 -23.12
N LEU A 322 -15.98 -13.41 -23.69
CA LEU A 322 -15.40 -12.10 -23.93
C LEU A 322 -15.07 -12.05 -25.40
N ALA A 323 -15.24 -10.89 -26.01
CA ALA A 323 -15.03 -10.72 -27.43
C ALA A 323 -14.18 -9.48 -27.68
N GLU A 324 -12.97 -9.69 -28.20
CA GLU A 324 -12.06 -8.60 -28.49
C GLU A 324 -12.58 -7.74 -29.63
N VAL A 325 -12.93 -6.50 -29.32
CA VAL A 325 -13.51 -5.58 -30.31
C VAL A 325 -12.88 -4.18 -30.26
N GLY A 326 -12.31 -3.77 -29.13
CA GLY A 326 -11.76 -2.42 -29.00
C GLY A 326 -12.80 -1.46 -28.43
N ARG A 327 -12.33 -0.43 -27.75
CA ARG A 327 -13.20 0.56 -27.08
C ARG A 327 -12.53 1.93 -27.08
N VAL A 328 -13.35 2.98 -27.21
CA VAL A 328 -12.92 4.36 -27.10
C VAL A 328 -13.63 5.05 -25.90
N TYR A 329 -12.87 5.82 -25.14
CA TYR A 329 -13.35 6.47 -23.94
C TYR A 329 -13.32 7.99 -24.13
N LEU A 330 -14.42 8.64 -23.77
CA LEU A 330 -14.48 10.08 -23.86
C LEU A 330 -14.51 10.65 -22.46
N PHE A 331 -13.60 11.58 -22.18
CA PHE A 331 -13.59 12.32 -20.90
C PHE A 331 -13.82 13.79 -21.19
N LEU A 332 -14.93 14.35 -20.73
CA LEU A 332 -15.22 15.79 -20.93
C LEU A 332 -14.49 16.58 -19.85
N GLN A 333 -13.81 17.66 -20.24
CA GLN A 333 -13.11 18.47 -19.24
C GLN A 333 -14.11 19.35 -18.50
N PRO A 334 -14.15 19.23 -17.15
CA PRO A 334 -15.08 20.04 -16.35
C PRO A 334 -14.62 21.48 -16.21
N ARG A 335 -15.54 22.34 -15.76
CA ARG A 335 -15.27 23.76 -15.55
C ARG A 335 -14.27 23.91 -14.41
N GLY A 336 -13.22 24.66 -14.69
CA GLY A 336 -12.27 25.03 -13.64
C GLY A 336 -11.55 23.86 -13.01
N PRO A 337 -10.54 24.16 -12.18
CA PRO A 337 -9.66 23.16 -11.57
C PRO A 337 -10.42 22.01 -10.89
N HIS A 338 -10.52 20.88 -11.57
CA HIS A 338 -11.24 19.72 -11.06
C HIS A 338 -10.78 18.46 -11.79
N ALA A 339 -10.83 17.31 -11.12
CA ALA A 339 -10.40 16.07 -11.75
C ALA A 339 -11.32 15.70 -12.91
N LEU A 340 -10.72 15.28 -14.03
CA LEU A 340 -11.49 14.60 -15.06
C LEU A 340 -12.10 13.43 -14.34
N GLY A 341 -13.34 13.10 -14.67
CA GLY A 341 -14.04 12.10 -13.91
C GLY A 341 -13.96 10.72 -14.52
N ALA A 342 -15.01 9.95 -14.26
CA ALA A 342 -15.26 8.75 -14.99
C ALA A 342 -15.48 9.18 -16.44
N PRO A 343 -15.38 8.23 -17.37
CA PRO A 343 -15.70 8.60 -18.75
C PRO A 343 -17.15 9.04 -18.91
N SER A 344 -17.38 10.01 -19.78
CA SER A 344 -18.71 10.48 -20.10
C SER A 344 -19.40 9.57 -21.10
N LEU A 345 -18.60 8.80 -21.84
CA LEU A 345 -19.14 7.99 -22.93
C LEU A 345 -18.14 6.88 -23.26
N LEU A 346 -18.65 5.67 -23.42
CA LEU A 346 -17.86 4.54 -23.92
C LEU A 346 -18.39 4.18 -25.30
N LEU A 347 -17.52 4.19 -26.31
CA LEU A 347 -17.83 3.66 -27.64
C LEU A 347 -17.15 2.32 -27.80
N THR A 348 -17.89 1.32 -28.23
CA THR A 348 -17.36 -0.03 -28.27
C THR A 348 -17.47 -0.66 -29.64
N GLY A 349 -16.43 -1.38 -30.05
CA GLY A 349 -16.40 -2.02 -31.34
C GLY A 349 -17.45 -3.13 -31.46
N THR A 350 -17.73 -3.54 -32.69
CA THR A 350 -18.67 -4.62 -32.93
C THR A 350 -17.99 -5.82 -33.63
N GLN A 351 -17.02 -5.55 -34.50
CA GLN A 351 -16.38 -6.63 -35.26
C GLN A 351 -15.26 -7.31 -34.48
N LEU A 352 -15.33 -8.63 -34.34
CA LEU A 352 -14.31 -9.40 -33.64
C LEU A 352 -12.93 -9.12 -34.25
N TYR A 353 -11.97 -8.76 -33.39
CA TYR A 353 -10.57 -8.45 -33.78
C TYR A 353 -10.47 -7.20 -34.66
N GLY A 354 -11.50 -6.36 -34.69
CA GLY A 354 -11.52 -5.22 -35.58
C GLY A 354 -10.55 -4.12 -35.13
N ARG A 355 -10.22 -4.11 -33.84
CA ARG A 355 -9.34 -3.08 -33.25
C ARG A 355 -9.91 -1.65 -33.34
N PHE A 356 -11.20 -1.52 -33.10
CA PHE A 356 -11.84 -0.20 -32.97
C PHE A 356 -11.09 0.63 -31.91
N GLY A 357 -10.69 1.84 -32.26
CA GLY A 357 -9.99 2.69 -31.32
C GLY A 357 -8.50 2.72 -31.56
N SER A 358 -8.09 2.07 -32.63
CA SER A 358 -6.66 1.98 -32.92
C SER A 358 -6.12 3.40 -33.30
N ALA A 359 -6.98 4.25 -33.88
CA ALA A 359 -6.64 5.64 -34.18
C ALA A 359 -7.89 6.47 -34.03
N ILE A 360 -7.72 7.71 -33.60
CA ILE A 360 -8.82 8.63 -33.31
C ILE A 360 -8.39 9.98 -33.83
N ALA A 361 -9.13 10.53 -34.77
CA ALA A 361 -8.76 11.79 -35.36
C ALA A 361 -9.85 12.84 -35.13
N PRO A 362 -9.49 13.96 -34.51
CA PRO A 362 -10.39 15.13 -34.48
C PRO A 362 -10.73 15.51 -35.91
N LEU A 363 -12.00 15.77 -36.23
CA LEU A 363 -12.37 16.21 -37.60
C LEU A 363 -12.61 17.72 -37.68
N GLY A 364 -12.44 18.46 -36.58
CA GLY A 364 -13.04 19.80 -36.52
C GLY A 364 -14.53 19.58 -36.71
N ASP A 365 -15.22 20.56 -37.29
CA ASP A 365 -16.69 20.48 -37.29
C ASP A 365 -17.14 20.10 -38.68
N LEU A 366 -17.27 18.80 -38.91
CA LEU A 366 -17.58 18.27 -40.24
C LEU A 366 -18.91 18.77 -40.84
N ASP A 367 -20.01 18.64 -40.09
CA ASP A 367 -21.34 19.00 -40.63
C ASP A 367 -21.70 20.49 -40.34
N ARG A 368 -20.79 21.22 -39.71
CA ARG A 368 -20.95 22.69 -39.53
C ARG A 368 -22.16 23.08 -38.66
N ASP A 369 -22.41 22.35 -37.57
CA ASP A 369 -23.54 22.66 -36.69
C ASP A 369 -23.03 23.29 -35.40
N GLY A 370 -21.73 23.61 -35.38
CA GLY A 370 -21.11 24.24 -34.23
C GLY A 370 -20.52 23.31 -33.16
N TYR A 371 -20.43 21.99 -33.42
CA TYR A 371 -19.77 21.07 -32.48
C TYR A 371 -18.73 20.25 -33.21
N ASN A 372 -17.53 20.13 -32.63
CA ASN A 372 -16.47 19.34 -33.27
C ASN A 372 -16.78 17.84 -33.19
N ASP A 373 -16.29 17.10 -34.18
CA ASP A 373 -16.60 15.68 -34.40
C ASP A 373 -15.28 14.88 -34.47
N ILE A 374 -15.38 13.54 -34.46
CA ILE A 374 -14.21 12.68 -34.55
C ILE A 374 -14.43 11.50 -35.47
N ALA A 375 -13.32 10.92 -35.92
CA ALA A 375 -13.32 9.72 -36.70
C ALA A 375 -12.50 8.72 -35.89
N VAL A 376 -13.06 7.52 -35.74
CA VAL A 376 -12.39 6.44 -35.05
C VAL A 376 -12.13 5.31 -36.05
N ALA A 377 -10.89 4.82 -36.09
CA ALA A 377 -10.54 3.71 -36.98
C ALA A 377 -10.67 2.36 -36.31
N ALA A 378 -11.18 1.41 -37.09
CA ALA A 378 -11.09 -0.03 -36.82
C ALA A 378 -10.45 -0.72 -38.04
N PRO A 379 -9.13 -0.80 -38.01
CA PRO A 379 -8.33 -1.25 -39.16
C PRO A 379 -8.64 -2.67 -39.64
N TYR A 380 -9.23 -3.53 -38.81
CA TYR A 380 -9.64 -4.85 -39.28
C TYR A 380 -11.12 -5.05 -39.07
N GLY A 381 -11.85 -3.94 -38.99
CA GLY A 381 -13.28 -4.01 -38.72
C GLY A 381 -14.09 -4.10 -40.00
N GLY A 382 -15.40 -3.92 -39.86
CA GLY A 382 -16.32 -4.11 -40.97
C GLY A 382 -16.70 -5.57 -41.08
N PRO A 383 -17.85 -5.85 -41.74
CA PRO A 383 -18.32 -7.23 -41.81
C PRO A 383 -17.35 -8.13 -42.59
N SER A 384 -16.51 -7.53 -43.44
CA SER A 384 -15.59 -8.35 -44.22
C SER A 384 -14.20 -8.32 -43.62
N GLY A 385 -14.04 -7.64 -42.48
CA GLY A 385 -12.74 -7.52 -41.85
C GLY A 385 -11.70 -6.67 -42.60
N ARG A 386 -12.08 -5.89 -43.59
CA ARG A 386 -11.08 -5.14 -44.37
C ARG A 386 -10.72 -3.78 -43.77
N GLY A 387 -11.47 -3.34 -42.75
CA GLY A 387 -11.21 -2.06 -42.10
C GLY A 387 -12.35 -1.07 -42.34
N GLN A 388 -12.71 -0.30 -41.31
CA GLN A 388 -13.74 0.73 -41.37
C GLN A 388 -13.29 1.91 -40.54
N VAL A 389 -13.73 3.09 -40.92
CA VAL A 389 -13.59 4.30 -40.12
C VAL A 389 -15.01 4.79 -39.78
N LEU A 390 -15.24 5.14 -38.53
CA LEU A 390 -16.56 5.52 -38.09
C LEU A 390 -16.56 6.97 -37.61
N VAL A 391 -17.51 7.76 -38.10
CA VAL A 391 -17.64 9.18 -37.72
C VAL A 391 -18.66 9.37 -36.58
N PHE A 392 -18.27 10.09 -35.53
CA PHE A 392 -19.17 10.41 -34.41
C PHE A 392 -19.20 11.94 -34.28
N LEU A 393 -20.41 12.49 -34.24
CA LEU A 393 -20.64 13.94 -34.21
C LEU A 393 -20.69 14.47 -32.75
N GLY A 394 -20.13 15.65 -32.51
CA GLY A 394 -20.19 16.23 -31.18
C GLY A 394 -21.62 16.73 -30.94
N GLN A 395 -21.96 17.05 -29.69
CA GLN A 395 -23.24 17.67 -29.31
C GLN A 395 -23.08 18.22 -27.90
N SER A 396 -24.09 18.91 -27.37
CA SER A 396 -23.90 19.63 -26.12
C SER A 396 -23.47 18.72 -24.97
N GLU A 397 -23.93 17.48 -24.96
CA GLU A 397 -23.62 16.51 -23.88
C GLU A 397 -22.42 15.62 -24.14
N GLY A 398 -21.68 15.87 -25.22
CA GLY A 398 -20.48 15.10 -25.50
C GLY A 398 -20.41 14.68 -26.96
N LEU A 399 -20.60 13.38 -27.19
CA LEU A 399 -20.66 12.83 -28.55
C LEU A 399 -21.93 11.99 -28.72
N ARG A 400 -22.40 11.89 -29.96
CA ARG A 400 -23.46 10.92 -30.27
C ARG A 400 -22.93 9.51 -30.07
N SER A 401 -23.77 8.57 -29.64
CA SER A 401 -23.21 7.25 -29.34
C SER A 401 -23.28 6.29 -30.53
N ARG A 402 -23.93 6.73 -31.60
CA ARG A 402 -23.96 5.95 -32.85
C ARG A 402 -23.37 6.77 -33.98
N PRO A 403 -22.63 6.09 -34.85
CA PRO A 403 -21.85 6.81 -35.84
C PRO A 403 -22.79 7.44 -36.82
N SER A 404 -22.45 8.60 -37.33
CA SER A 404 -23.31 9.27 -38.29
C SER A 404 -23.00 8.72 -39.69
N GLN A 405 -21.87 8.06 -39.82
CA GLN A 405 -21.41 7.60 -41.13
C GLN A 405 -20.28 6.61 -40.92
N VAL A 406 -20.16 5.67 -41.84
CA VAL A 406 -19.17 4.59 -41.75
C VAL A 406 -18.49 4.55 -43.11
N LEU A 407 -17.16 4.56 -43.11
CA LEU A 407 -16.38 4.50 -44.34
C LEU A 407 -15.74 3.12 -44.45
N ASP A 408 -16.23 2.28 -45.36
CA ASP A 408 -15.67 0.96 -45.53
C ASP A 408 -14.42 1.04 -46.40
N SER A 409 -13.38 0.29 -46.04
CA SER A 409 -12.14 0.34 -46.76
C SER A 409 -12.41 0.00 -48.22
N PRO A 410 -11.90 0.83 -49.16
CA PRO A 410 -11.86 0.54 -50.60
C PRO A 410 -10.68 -0.35 -51.00
N PHE A 411 -9.86 -0.79 -50.06
CA PHE A 411 -8.67 -1.60 -50.38
C PHE A 411 -8.93 -3.08 -50.12
N PRO A 412 -8.01 -3.97 -50.56
CA PRO A 412 -8.18 -5.41 -50.29
C PRO A 412 -7.86 -5.76 -48.83
N THR A 413 -8.20 -6.98 -48.44
CA THR A 413 -7.95 -7.51 -47.12
C THR A 413 -6.50 -7.24 -46.74
N GLY A 414 -6.23 -6.93 -45.48
CA GLY A 414 -4.85 -6.71 -45.05
C GLY A 414 -4.26 -5.31 -45.25
N SER A 415 -5.03 -4.35 -45.76
CA SER A 415 -4.45 -3.02 -46.02
C SER A 415 -4.22 -2.22 -44.72
N ALA A 416 -4.88 -2.61 -43.64
CA ALA A 416 -4.82 -1.90 -42.35
C ALA A 416 -5.36 -0.45 -42.48
N PHE A 417 -6.27 -0.24 -43.43
CA PHE A 417 -7.06 1.00 -43.57
C PHE A 417 -7.53 1.59 -42.25
N GLY A 418 -7.13 2.83 -41.97
CA GLY A 418 -7.54 3.49 -40.72
C GLY A 418 -6.42 3.52 -39.68
N PHE A 419 -5.36 2.74 -39.90
CA PHE A 419 -4.27 2.63 -38.93
C PHE A 419 -3.70 4.02 -38.69
N SER A 420 -3.71 4.88 -39.72
CA SER A 420 -3.41 6.29 -39.49
C SER A 420 -4.55 7.11 -40.07
N LEU A 421 -4.83 8.27 -39.47
CA LEU A 421 -5.97 9.13 -39.81
C LEU A 421 -5.55 10.55 -39.50
N ARG A 422 -6.01 11.50 -40.30
CA ARG A 422 -5.89 12.90 -39.93
C ARG A 422 -7.05 13.66 -40.52
N GLY A 423 -7.62 14.60 -39.76
CA GLY A 423 -8.77 15.36 -40.23
C GLY A 423 -8.58 16.83 -39.88
N ALA A 424 -9.69 17.60 -39.87
CA ALA A 424 -9.74 19.01 -39.46
C ALA A 424 -9.04 19.99 -40.40
N VAL A 425 -8.70 19.56 -41.62
CA VAL A 425 -8.12 20.51 -42.54
C VAL A 425 -8.88 20.43 -43.86
N ASP A 426 -9.16 21.59 -44.40
CA ASP A 426 -9.92 21.74 -45.63
C ASP A 426 -8.90 21.76 -46.79
N ILE A 427 -8.73 20.64 -47.48
CA ILE A 427 -7.63 20.53 -48.45
C ILE A 427 -7.95 21.11 -49.84
N ASP A 428 -9.24 21.15 -50.17
CA ASP A 428 -9.72 21.61 -51.48
C ASP A 428 -10.39 22.97 -51.37
N ASP A 429 -10.35 23.53 -50.16
CA ASP A 429 -10.89 24.86 -49.92
C ASP A 429 -12.34 25.06 -50.31
N ASN A 430 -13.22 24.12 -49.93
CA ASN A 430 -14.65 24.33 -50.21
C ASN A 430 -15.41 24.71 -48.92
N GLY A 431 -14.69 25.12 -47.88
CA GLY A 431 -15.27 25.43 -46.57
C GLY A 431 -15.69 24.28 -45.64
N TYR A 432 -15.31 23.04 -45.96
CA TYR A 432 -15.60 21.89 -45.09
C TYR A 432 -14.33 21.08 -44.85
N PRO A 433 -14.07 20.71 -43.59
CA PRO A 433 -12.78 20.03 -43.33
C PRO A 433 -12.83 18.56 -43.76
N ASP A 434 -11.69 18.03 -44.20
CA ASP A 434 -11.61 16.73 -44.88
C ASP A 434 -10.85 15.71 -44.09
N LEU A 435 -10.82 14.47 -44.57
CA LEU A 435 -10.20 13.37 -43.84
C LEU A 435 -9.24 12.58 -44.71
N ILE A 436 -8.02 12.34 -44.22
CA ILE A 436 -7.09 11.46 -44.93
C ILE A 436 -6.87 10.20 -44.13
N VAL A 437 -6.86 9.07 -44.83
CA VAL A 437 -6.81 7.76 -44.18
C VAL A 437 -5.66 6.96 -44.78
N GLY A 438 -4.69 6.56 -43.97
CA GLY A 438 -3.61 5.75 -44.47
C GLY A 438 -4.00 4.27 -44.48
N ALA A 439 -3.52 3.53 -45.48
CA ALA A 439 -3.67 2.08 -45.54
C ALA A 439 -2.30 1.46 -45.87
N TYR A 440 -1.43 1.36 -44.86
CA TYR A 440 -0.02 1.09 -45.14
C TYR A 440 0.18 -0.28 -45.77
N GLY A 441 -0.71 -1.23 -45.48
CA GLY A 441 -0.65 -2.59 -46.03
C GLY A 441 -0.88 -2.60 -47.56
N ALA A 442 -1.53 -1.58 -48.10
CA ALA A 442 -1.72 -1.47 -49.55
C ALA A 442 -0.83 -0.34 -50.08
N ASN A 443 0.03 0.21 -49.22
CA ASN A 443 0.86 1.35 -49.64
C ASN A 443 0.08 2.49 -50.27
N GLN A 444 -1.07 2.84 -49.70
CA GLN A 444 -1.88 3.93 -50.26
C GLN A 444 -2.51 4.78 -49.20
N VAL A 445 -2.92 5.96 -49.65
CA VAL A 445 -3.65 6.90 -48.84
C VAL A 445 -4.91 7.30 -49.60
N ALA A 446 -6.03 7.32 -48.87
CA ALA A 446 -7.30 7.77 -49.39
C ALA A 446 -7.70 9.13 -48.79
N VAL A 447 -8.14 10.04 -49.65
CA VAL A 447 -8.66 11.33 -49.21
C VAL A 447 -10.16 11.36 -49.37
N TYR A 448 -10.86 11.67 -48.30
CA TYR A 448 -12.31 11.81 -48.31
C TYR A 448 -12.63 13.31 -48.18
N ARG A 449 -13.33 13.84 -49.17
CA ARG A 449 -13.66 15.26 -49.16
C ARG A 449 -15.01 15.45 -48.51
N ALA A 450 -15.09 16.36 -47.56
CA ALA A 450 -16.39 16.67 -46.97
C ALA A 450 -17.19 17.51 -47.96
N GLN A 451 -18.50 17.30 -48.02
CA GLN A 451 -19.38 18.02 -48.95
C GLN A 451 -20.60 18.58 -48.19
N PRO A 452 -21.40 19.47 -48.81
CA PRO A 452 -22.58 20.01 -48.13
C PRO A 452 -23.53 18.96 -47.58
N VAL A 453 -24.04 19.17 -46.37
CA VAL A 453 -24.90 18.16 -45.76
C VAL A 453 -26.13 17.91 -46.70
N VAL A 454 -26.51 16.67 -46.88
CA VAL A 454 -27.73 16.36 -47.66
C VAL A 454 -28.98 16.65 -46.82
N LYS A 455 -29.10 15.99 -45.68
CA LYS A 455 -30.16 16.32 -44.71
C LYS A 455 -29.62 16.26 -43.26
N ALA A 456 -29.83 17.33 -42.50
CA ALA A 456 -29.06 17.54 -41.25
C ALA A 456 -29.37 16.60 -40.07
N SER A 457 -28.31 16.25 -39.34
CA SER A 457 -28.46 15.41 -38.16
C SER A 457 -27.14 15.12 -37.45
N GLY B 1 -67.47 -25.69 -19.81
CA GLY B 1 -67.68 -24.34 -20.41
C GLY B 1 -66.74 -24.07 -21.57
N PRO B 2 -67.19 -23.28 -22.56
CA PRO B 2 -66.42 -22.96 -23.76
C PRO B 2 -64.99 -22.50 -23.44
N ASN B 3 -64.05 -23.45 -23.43
CA ASN B 3 -62.66 -23.16 -23.16
C ASN B 3 -62.03 -22.30 -24.25
N ILE B 4 -60.72 -22.07 -24.18
CA ILE B 4 -60.03 -21.23 -25.15
C ILE B 4 -60.02 -21.89 -26.54
N CYS B 5 -60.17 -23.20 -26.59
CA CYS B 5 -60.30 -23.92 -27.86
C CYS B 5 -61.51 -23.41 -28.63
N THR B 6 -62.70 -23.53 -28.02
CA THR B 6 -63.95 -23.13 -28.66
C THR B 6 -64.08 -21.62 -28.83
N THR B 7 -63.71 -20.85 -27.81
CA THR B 7 -63.85 -19.40 -27.87
C THR B 7 -62.99 -18.79 -28.96
N ARG B 8 -61.82 -19.39 -29.21
CA ARG B 8 -60.91 -18.88 -30.23
C ARG B 8 -61.55 -18.83 -31.61
N GLY B 9 -62.50 -19.72 -31.86
CA GLY B 9 -63.16 -19.78 -33.15
C GLY B 9 -62.15 -19.85 -34.28
N VAL B 10 -61.42 -20.96 -34.33
CA VAL B 10 -60.42 -21.18 -35.37
C VAL B 10 -61.09 -21.62 -36.67
N SER B 11 -60.38 -21.45 -37.78
CA SER B 11 -60.94 -21.74 -39.10
C SER B 11 -60.50 -23.09 -39.63
N SER B 12 -59.43 -23.65 -39.07
CA SER B 12 -58.82 -24.85 -39.62
C SER B 12 -58.15 -25.71 -38.54
N CYS B 13 -57.80 -26.93 -38.92
CA CYS B 13 -57.14 -27.86 -38.01
C CYS B 13 -55.77 -27.33 -37.57
N GLN B 14 -55.12 -26.57 -38.45
CA GLN B 14 -53.79 -26.04 -38.13
C GLN B 14 -53.89 -24.98 -37.05
N GLN B 15 -54.80 -24.04 -37.24
CA GLN B 15 -54.99 -22.94 -36.29
C GLN B 15 -55.47 -23.48 -34.95
N CYS B 16 -56.27 -24.54 -35.00
CA CYS B 16 -56.76 -25.19 -33.78
C CYS B 16 -55.61 -25.66 -32.90
N LEU B 17 -54.69 -26.43 -33.48
CA LEU B 17 -53.55 -26.95 -32.73
C LEU B 17 -52.69 -25.81 -32.16
N ALA B 18 -52.60 -24.71 -32.90
CA ALA B 18 -51.73 -23.61 -32.52
C ALA B 18 -52.32 -22.75 -31.39
N VAL B 19 -53.58 -22.99 -31.05
CA VAL B 19 -54.24 -22.25 -29.98
C VAL B 19 -53.62 -22.56 -28.61
N SER B 20 -53.57 -23.84 -28.26
CA SER B 20 -52.95 -24.28 -27.03
C SER B 20 -52.61 -25.76 -27.13
N PRO B 21 -51.55 -26.20 -26.43
CA PRO B 21 -51.13 -27.61 -26.54
C PRO B 21 -52.21 -28.61 -26.09
N MET B 22 -53.31 -28.12 -25.53
CA MET B 22 -54.36 -29.00 -25.00
C MET B 22 -55.51 -29.20 -25.99
N CYS B 23 -55.58 -28.33 -26.99
CA CYS B 23 -56.66 -28.38 -27.96
C CYS B 23 -56.50 -29.57 -28.91
N ALA B 24 -57.62 -30.02 -29.45
CA ALA B 24 -57.62 -31.10 -30.40
C ALA B 24 -58.64 -30.75 -31.48
N TRP B 25 -58.61 -31.50 -32.58
CA TRP B 25 -59.44 -31.17 -33.72
C TRP B 25 -60.16 -32.41 -34.24
N CYS B 26 -61.42 -32.27 -34.59
CA CYS B 26 -62.17 -33.40 -35.13
C CYS B 26 -62.33 -33.24 -36.64
N SER B 27 -61.85 -34.22 -37.40
CA SER B 27 -62.00 -34.22 -38.86
C SER B 27 -63.28 -34.94 -39.29
N ASP B 28 -63.97 -35.56 -38.33
CA ASP B 28 -65.12 -36.42 -38.61
C ASP B 28 -66.18 -35.75 -39.49
N GLU B 29 -66.43 -36.32 -40.67
CA GLU B 29 -67.41 -35.80 -41.61
C GLU B 29 -68.80 -35.60 -40.99
N ALA B 30 -69.16 -36.43 -40.02
CA ALA B 30 -70.50 -36.43 -39.46
C ALA B 30 -70.58 -35.76 -38.08
N LEU B 31 -70.11 -34.52 -38.00
CA LEU B 31 -70.17 -33.77 -36.76
C LEU B 31 -71.40 -32.87 -36.75
N PRO B 32 -72.22 -32.96 -35.68
CA PRO B 32 -73.55 -32.34 -35.63
C PRO B 32 -73.59 -30.83 -35.96
N LEU B 33 -74.81 -30.29 -35.96
CA LEU B 33 -75.05 -28.91 -36.39
C LEU B 33 -74.09 -27.92 -35.72
N GLY B 34 -74.25 -27.70 -34.42
CA GLY B 34 -73.49 -26.68 -33.72
C GLY B 34 -72.41 -27.23 -32.83
N SER B 35 -71.60 -28.14 -33.38
CA SER B 35 -70.52 -28.75 -32.61
C SER B 35 -69.17 -28.14 -33.00
N PRO B 36 -68.43 -27.63 -32.00
CA PRO B 36 -67.05 -27.14 -32.16
C PRO B 36 -66.08 -28.25 -32.55
N ARG B 37 -65.40 -28.07 -33.68
CA ARG B 37 -64.40 -29.04 -34.13
C ARG B 37 -63.11 -28.91 -33.33
N CYS B 38 -62.97 -27.79 -32.63
CA CYS B 38 -61.78 -27.56 -31.81
C CYS B 38 -62.16 -27.48 -30.33
N ASP B 39 -61.85 -28.55 -29.59
CA ASP B 39 -62.20 -28.65 -28.18
C ASP B 39 -61.24 -29.63 -27.51
N LEU B 40 -61.44 -29.92 -26.22
CA LEU B 40 -60.62 -30.92 -25.54
C LEU B 40 -60.88 -32.30 -26.13
N LYS B 41 -59.82 -33.09 -26.29
CA LYS B 41 -59.97 -34.42 -26.86
C LYS B 41 -61.04 -35.23 -26.14
N GLU B 42 -61.34 -34.84 -24.89
CA GLU B 42 -62.36 -35.51 -24.10
C GLU B 42 -63.74 -35.06 -24.57
N ASN B 43 -63.92 -33.75 -24.70
CA ASN B 43 -65.19 -33.18 -25.14
C ASN B 43 -65.54 -33.58 -26.58
N LEU B 44 -64.53 -33.92 -27.37
CA LEU B 44 -64.76 -34.33 -28.76
C LEU B 44 -65.31 -35.75 -28.84
N LEU B 45 -64.71 -36.66 -28.08
CA LEU B 45 -65.18 -38.05 -28.02
C LEU B 45 -66.55 -38.13 -27.35
N LYS B 46 -66.78 -37.28 -26.36
CA LYS B 46 -68.04 -37.23 -25.64
C LYS B 46 -69.14 -36.71 -26.55
N ASP B 47 -68.73 -36.15 -27.68
CA ASP B 47 -69.66 -35.62 -28.67
C ASP B 47 -69.61 -36.43 -29.96
N ASN B 48 -69.33 -37.72 -29.82
CA ASN B 48 -69.49 -38.69 -30.90
C ASN B 48 -68.57 -38.46 -32.09
N CYS B 49 -67.36 -37.99 -31.81
CA CYS B 49 -66.34 -37.81 -32.84
C CYS B 49 -65.52 -39.09 -33.01
N ALA B 50 -65.60 -39.68 -34.20
CA ALA B 50 -64.83 -40.88 -34.52
C ALA B 50 -63.38 -40.77 -34.03
N PRO B 51 -62.90 -41.82 -33.34
CA PRO B 51 -61.53 -41.85 -32.80
C PRO B 51 -60.42 -41.64 -33.84
N GLU B 52 -60.63 -42.10 -35.07
CA GLU B 52 -59.59 -41.99 -36.10
C GLU B 52 -59.57 -40.58 -36.66
N SER B 53 -60.56 -39.79 -36.27
CA SER B 53 -60.70 -38.43 -36.76
C SER B 53 -60.11 -37.40 -35.79
N ILE B 54 -59.79 -37.82 -34.57
CA ILE B 54 -59.14 -36.93 -33.61
C ILE B 54 -57.73 -36.59 -34.07
N GLU B 55 -57.43 -35.29 -34.12
CA GLU B 55 -56.09 -34.79 -34.38
C GLU B 55 -55.62 -34.11 -33.11
N PHE B 56 -54.63 -34.71 -32.46
CA PHE B 56 -54.18 -34.24 -31.15
C PHE B 56 -52.75 -34.68 -30.88
N PRO B 57 -51.77 -33.89 -31.38
CA PRO B 57 -50.35 -34.17 -31.16
C PRO B 57 -49.95 -34.08 -29.69
N VAL B 58 -49.10 -35.00 -29.24
CA VAL B 58 -48.54 -34.89 -27.89
C VAL B 58 -47.02 -34.73 -27.93
N SER B 59 -46.51 -33.75 -27.18
CA SER B 59 -45.08 -33.49 -27.09
C SER B 59 -44.40 -34.60 -26.31
N GLU B 60 -43.30 -35.11 -26.84
CA GLU B 60 -42.59 -36.24 -26.23
C GLU B 60 -41.09 -36.13 -26.43
N ALA B 61 -40.35 -36.97 -25.68
CA ALA B 61 -38.91 -37.06 -25.81
C ALA B 61 -38.49 -38.52 -25.70
N ARG B 62 -38.14 -39.15 -26.81
CA ARG B 62 -37.60 -40.52 -26.73
C ARG B 62 -36.11 -40.58 -27.10
N VAL B 63 -35.36 -41.38 -26.34
CA VAL B 63 -33.92 -41.52 -26.54
C VAL B 63 -33.59 -42.43 -27.71
N LEU B 64 -32.69 -41.98 -28.59
CA LEU B 64 -32.25 -42.78 -29.73
C LEU B 64 -30.96 -43.56 -29.44
N GLU B 65 -30.03 -42.95 -28.71
CA GLU B 65 -28.79 -43.64 -28.33
C GLU B 65 -28.58 -43.48 -26.83
N ASP B 66 -28.25 -44.59 -26.16
CA ASP B 66 -28.19 -44.58 -24.71
C ASP B 66 -27.05 -45.46 -24.15
N ARG B 67 -25.98 -45.61 -24.91
CA ARG B 67 -24.76 -46.22 -24.40
C ARG B 67 -24.54 -45.83 -22.94
N PRO B 68 -24.22 -46.82 -22.09
CA PRO B 68 -23.96 -46.52 -20.68
C PRO B 68 -22.66 -45.75 -20.45
N LEU B 69 -22.62 -44.99 -19.37
CA LEU B 69 -21.41 -44.30 -18.94
C LEU B 69 -20.30 -45.30 -18.65
N SER B 70 -19.13 -45.08 -19.23
CA SER B 70 -17.98 -45.96 -19.01
C SER B 70 -17.53 -45.93 -17.57
N ASP B 71 -16.96 -47.05 -17.10
CA ASP B 71 -16.37 -47.10 -15.77
C ASP B 71 -14.92 -46.63 -15.82
N LYS B 72 -14.28 -46.82 -16.96
CA LYS B 72 -12.85 -46.51 -17.14
C LYS B 72 -12.58 -45.89 -18.52
N GLY B 73 -11.60 -44.99 -18.58
CA GLY B 73 -11.24 -44.30 -19.81
C GLY B 73 -10.03 -44.94 -20.45
N SER B 74 -9.53 -45.99 -19.81
CA SER B 74 -8.48 -46.82 -20.37
C SER B 74 -9.05 -47.66 -21.50
N GLY B 75 -8.19 -48.04 -22.44
CA GLY B 75 -8.58 -48.97 -23.48
C GLY B 75 -8.96 -48.33 -24.80
N ASP B 76 -9.66 -49.09 -25.63
CA ASP B 76 -10.05 -48.63 -26.96
C ASP B 76 -10.70 -47.26 -26.87
N SER B 77 -9.93 -46.23 -27.19
CA SER B 77 -10.41 -44.87 -27.04
C SER B 77 -10.69 -44.28 -28.42
N SER B 78 -11.96 -44.01 -28.71
CA SER B 78 -12.99 -44.16 -27.71
C SER B 78 -14.33 -44.68 -28.17
N GLN B 79 -14.78 -45.69 -27.46
CA GLN B 79 -16.16 -45.78 -27.09
C GLN B 79 -16.14 -45.70 -25.57
N VAL B 80 -15.30 -44.79 -25.06
CA VAL B 80 -15.45 -44.28 -23.71
C VAL B 80 -16.65 -43.34 -23.76
N THR B 81 -17.56 -43.45 -22.80
CA THR B 81 -18.79 -42.70 -22.83
C THR B 81 -18.91 -41.89 -21.55
N GLN B 82 -19.05 -40.59 -21.70
CA GLN B 82 -18.97 -39.66 -20.57
C GLN B 82 -20.22 -38.84 -20.45
N VAL B 83 -21.08 -38.94 -21.46
CA VAL B 83 -22.34 -38.22 -21.48
C VAL B 83 -23.41 -39.17 -21.98
N SER B 84 -24.59 -39.12 -21.35
CA SER B 84 -25.66 -40.06 -21.67
C SER B 84 -27.01 -39.44 -21.32
N PRO B 85 -28.03 -39.65 -22.19
CA PRO B 85 -27.91 -40.35 -23.46
C PRO B 85 -27.11 -39.47 -24.39
N GLN B 86 -26.84 -39.94 -25.60
CA GLN B 86 -26.03 -39.15 -26.50
C GLN B 86 -26.74 -38.85 -27.83
N ARG B 87 -28.03 -39.18 -27.89
CA ARG B 87 -28.89 -38.65 -28.93
C ARG B 87 -30.35 -38.92 -28.57
N ILE B 88 -31.19 -37.89 -28.67
CA ILE B 88 -32.61 -38.05 -28.37
C ILE B 88 -33.44 -37.29 -29.38
N ALA B 89 -34.70 -37.70 -29.52
CA ALA B 89 -35.65 -37.08 -30.43
C ALA B 89 -36.75 -36.37 -29.64
N LEU B 90 -36.85 -35.06 -29.86
CA LEU B 90 -37.81 -34.22 -29.17
C LEU B 90 -38.90 -33.81 -30.15
N ARG B 91 -40.16 -34.04 -29.80
CA ARG B 91 -41.28 -33.54 -30.61
C ARG B 91 -42.08 -32.51 -29.80
N LEU B 92 -42.32 -31.35 -30.39
CA LEU B 92 -43.03 -30.26 -29.71
C LEU B 92 -44.14 -29.66 -30.57
N ARG B 93 -45.31 -29.44 -29.98
CA ARG B 93 -46.37 -28.70 -30.66
C ARG B 93 -46.33 -27.24 -30.25
N PRO B 94 -46.98 -26.37 -31.03
CA PRO B 94 -46.88 -24.91 -30.82
C PRO B 94 -46.93 -24.47 -29.35
N ASP B 95 -45.98 -23.64 -28.96
CA ASP B 95 -45.95 -23.04 -27.62
C ASP B 95 -45.87 -24.04 -26.47
N ASP B 96 -45.37 -25.25 -26.75
CA ASP B 96 -45.32 -26.30 -25.74
C ASP B 96 -43.90 -26.49 -25.22
N SER B 97 -43.75 -27.42 -24.29
CA SER B 97 -42.43 -27.72 -23.75
C SER B 97 -42.40 -29.16 -23.26
N LYS B 98 -41.20 -29.75 -23.33
CA LYS B 98 -40.94 -31.08 -22.84
C LYS B 98 -39.59 -31.07 -22.12
N ASN B 99 -39.44 -31.94 -21.13
CA ASN B 99 -38.22 -32.01 -20.36
C ASN B 99 -37.49 -33.30 -20.71
N PHE B 100 -36.17 -33.29 -20.55
CA PHE B 100 -35.37 -34.48 -20.76
C PHE B 100 -34.18 -34.41 -19.81
N SER B 101 -33.32 -35.41 -19.83
CA SER B 101 -32.29 -35.51 -18.81
C SER B 101 -30.91 -35.81 -19.41
N ILE B 102 -29.85 -35.45 -18.70
CA ILE B 102 -28.47 -35.67 -19.16
C ILE B 102 -27.60 -36.09 -17.97
N GLN B 103 -26.71 -37.05 -18.19
CA GLN B 103 -25.79 -37.49 -17.16
C GLN B 103 -24.37 -37.33 -17.65
N VAL B 104 -23.50 -36.77 -16.81
CA VAL B 104 -22.11 -36.53 -17.21
C VAL B 104 -21.16 -37.09 -16.17
N ARG B 105 -20.19 -37.85 -16.64
CA ARG B 105 -19.25 -38.50 -15.75
C ARG B 105 -17.85 -37.97 -16.02
N GLN B 106 -17.11 -37.72 -14.95
CA GLN B 106 -15.70 -37.39 -15.03
C GLN B 106 -14.98 -38.74 -14.91
N VAL B 107 -14.76 -39.40 -16.04
CA VAL B 107 -14.40 -40.82 -16.05
C VAL B 107 -13.03 -41.11 -15.45
N GLU B 108 -12.92 -42.21 -14.72
CA GLU B 108 -11.66 -42.58 -14.08
C GLU B 108 -10.67 -43.08 -15.12
N ASP B 109 -9.39 -42.80 -14.90
CA ASP B 109 -8.34 -43.32 -15.76
C ASP B 109 -8.54 -42.87 -17.21
N TYR B 110 -8.61 -41.57 -17.43
CA TYR B 110 -8.67 -41.04 -18.78
C TYR B 110 -7.25 -40.67 -19.24
N PRO B 111 -6.97 -40.77 -20.54
CA PRO B 111 -5.61 -40.41 -20.98
C PRO B 111 -5.27 -38.92 -20.70
N VAL B 112 -3.98 -38.63 -20.52
CA VAL B 112 -3.51 -37.27 -20.21
C VAL B 112 -2.26 -36.95 -21.02
N ASP B 113 -2.29 -35.84 -21.74
CA ASP B 113 -1.13 -35.22 -22.39
C ASP B 113 -0.69 -34.03 -21.56
N ILE B 114 0.60 -33.96 -21.24
CA ILE B 114 1.15 -32.79 -20.56
C ILE B 114 2.35 -32.28 -21.36
N TYR B 115 2.20 -31.09 -21.94
CA TYR B 115 3.31 -30.44 -22.64
C TYR B 115 3.90 -29.35 -21.74
N TYR B 116 5.17 -29.50 -21.39
CA TYR B 116 5.82 -28.59 -20.46
C TYR B 116 6.46 -27.49 -21.27
N LEU B 117 6.00 -26.26 -21.10
CA LEU B 117 6.47 -25.14 -21.90
C LEU B 117 7.19 -24.13 -20.99
N MET B 118 8.50 -24.04 -21.16
CA MET B 118 9.38 -23.47 -20.15
C MET B 118 10.09 -22.22 -20.64
N ASP B 119 10.05 -21.18 -19.81
CA ASP B 119 10.86 -19.97 -19.98
C ASP B 119 12.33 -20.38 -19.76
N LEU B 120 13.20 -20.14 -20.73
CA LEU B 120 14.63 -20.48 -20.59
C LEU B 120 15.51 -19.23 -20.71
N SER B 121 14.99 -18.10 -20.28
CA SER B 121 15.83 -16.91 -20.14
C SER B 121 16.75 -17.17 -18.95
N TYR B 122 17.67 -16.25 -18.70
CA TYR B 122 18.78 -16.54 -17.82
C TYR B 122 18.40 -16.85 -16.35
N SER B 123 17.35 -16.24 -15.83
CA SER B 123 16.96 -16.46 -14.43
C SER B 123 16.30 -17.83 -14.20
N MET B 124 16.11 -18.61 -15.28
CA MET B 124 15.54 -19.95 -15.17
C MET B 124 16.63 -21.04 -15.25
N LYS B 125 17.88 -20.65 -15.08
CA LYS B 125 18.98 -21.63 -15.17
C LYS B 125 18.91 -22.70 -14.07
N ASP B 126 18.71 -22.27 -12.84
CA ASP B 126 18.60 -23.21 -11.72
C ASP B 126 17.32 -24.06 -11.85
N ASP B 127 16.26 -23.51 -12.46
CA ASP B 127 15.05 -24.32 -12.67
C ASP B 127 15.34 -25.50 -13.57
N LEU B 128 16.18 -25.28 -14.58
CA LEU B 128 16.53 -26.34 -15.54
C LEU B 128 17.18 -27.45 -14.76
N TRP B 129 17.98 -27.09 -13.76
CA TRP B 129 18.68 -28.09 -12.98
C TRP B 129 17.68 -28.89 -12.16
N SER B 130 16.66 -28.25 -11.61
CA SER B 130 15.73 -28.95 -10.72
C SER B 130 14.86 -29.96 -11.45
N ILE B 131 14.52 -29.73 -12.72
CA ILE B 131 13.55 -30.58 -13.39
C ILE B 131 14.19 -31.71 -14.21
N GLN B 132 15.46 -31.98 -14.04
CA GLN B 132 16.07 -32.99 -14.90
C GLN B 132 15.59 -34.42 -14.64
N ASN B 133 14.88 -34.64 -13.54
CA ASN B 133 14.24 -35.94 -13.28
C ASN B 133 12.70 -35.81 -13.21
N LEU B 134 12.19 -34.64 -13.58
CA LEU B 134 10.75 -34.39 -13.54
C LEU B 134 9.95 -35.43 -14.35
N GLY B 135 10.44 -35.81 -15.52
CA GLY B 135 9.71 -36.76 -16.35
C GLY B 135 9.40 -38.05 -15.63
N THR B 136 10.42 -38.65 -15.00
CA THR B 136 10.19 -39.92 -14.33
C THR B 136 9.40 -39.70 -13.01
N LYS B 137 9.67 -38.61 -12.29
CA LYS B 137 8.92 -38.36 -11.05
C LYS B 137 7.47 -38.07 -11.34
N LEU B 138 7.22 -37.42 -12.46
CA LEU B 138 5.87 -37.07 -12.87
C LEU B 138 5.13 -38.33 -13.29
N ALA B 139 5.81 -39.22 -14.00
CA ALA B 139 5.19 -40.48 -14.42
C ALA B 139 4.76 -41.29 -13.20
N THR B 140 5.62 -41.34 -12.19
CA THR B 140 5.31 -42.07 -10.96
C THR B 140 4.01 -41.55 -10.32
N GLN B 141 3.92 -40.23 -10.14
CA GLN B 141 2.71 -39.66 -9.53
C GLN B 141 1.44 -39.72 -10.41
N MET B 142 1.59 -39.53 -11.72
CA MET B 142 0.41 -39.52 -12.59
C MET B 142 -0.08 -40.96 -12.86
N ARG B 143 0.78 -41.95 -12.63
CA ARG B 143 0.42 -43.34 -12.86
C ARG B 143 -0.72 -43.72 -11.92
N LYS B 144 -0.80 -43.03 -10.79
CA LYS B 144 -1.86 -43.24 -9.82
C LYS B 144 -3.22 -42.78 -10.37
N LEU B 145 -3.19 -41.94 -11.40
CA LEU B 145 -4.41 -41.33 -11.91
C LEU B 145 -4.80 -41.82 -13.31
N THR B 146 -3.82 -42.28 -14.08
CA THR B 146 -4.08 -42.62 -15.46
C THR B 146 -3.04 -43.61 -15.89
N SER B 147 -3.42 -44.53 -16.77
CA SER B 147 -2.48 -45.49 -17.31
C SER B 147 -2.05 -45.09 -18.74
N ASN B 148 -2.45 -43.89 -19.17
CA ASN B 148 -2.16 -43.41 -20.50
C ASN B 148 -1.60 -41.98 -20.50
N LEU B 149 -0.38 -41.82 -19.97
CA LEU B 149 0.29 -40.52 -19.88
C LEU B 149 1.29 -40.29 -21.02
N ARG B 150 1.21 -39.13 -21.69
CA ARG B 150 2.28 -38.70 -22.60
C ARG B 150 2.77 -37.35 -22.14
N ILE B 151 4.07 -37.09 -22.27
CA ILE B 151 4.61 -35.80 -21.87
C ILE B 151 5.55 -35.32 -22.96
N GLY B 152 5.78 -34.00 -23.00
CA GLY B 152 6.61 -33.38 -24.03
C GLY B 152 7.18 -32.07 -23.48
N PHE B 153 7.99 -31.38 -24.28
CA PHE B 153 8.69 -30.22 -23.79
C PHE B 153 9.00 -29.26 -24.94
N GLY B 154 8.88 -27.97 -24.62
CA GLY B 154 9.24 -26.88 -25.52
C GLY B 154 9.76 -25.71 -24.68
N ALA B 155 10.42 -24.75 -25.30
CA ALA B 155 10.99 -23.67 -24.51
C ALA B 155 10.90 -22.38 -25.26
N PHE B 156 10.97 -21.26 -24.54
CA PHE B 156 10.89 -19.95 -25.17
C PHE B 156 11.77 -18.96 -24.45
N VAL B 157 12.17 -17.91 -25.15
CA VAL B 157 12.76 -16.75 -24.47
C VAL B 157 11.98 -15.51 -24.89
N ASP B 158 12.25 -15.02 -26.09
CA ASP B 158 11.57 -13.82 -26.57
C ASP B 158 11.93 -13.64 -28.03
N LYS B 159 11.32 -12.67 -28.72
CA LYS B 159 11.58 -12.50 -30.16
C LYS B 159 13.07 -12.18 -30.36
N PRO B 160 13.77 -12.96 -31.22
CA PRO B 160 15.22 -12.65 -31.34
C PRO B 160 15.48 -11.43 -32.25
N VAL B 161 15.24 -10.25 -31.73
CA VAL B 161 15.35 -9.07 -32.54
C VAL B 161 15.62 -7.89 -31.58
N SER B 162 16.40 -6.91 -32.02
CA SER B 162 16.58 -5.68 -31.25
C SER B 162 15.23 -4.92 -31.05
N PRO B 163 14.98 -4.38 -29.85
CA PRO B 163 15.91 -4.27 -28.71
C PRO B 163 15.77 -5.36 -27.68
N TYR B 164 14.96 -6.39 -27.89
CA TYR B 164 14.89 -7.48 -26.91
C TYR B 164 16.20 -8.24 -26.90
N MET B 165 16.80 -8.36 -28.07
CA MET B 165 18.03 -9.13 -28.25
C MET B 165 19.30 -8.21 -28.27
N TYR B 166 20.38 -8.59 -27.58
CA TYR B 166 21.68 -7.91 -27.75
C TYR B 166 22.25 -8.20 -29.14
N ILE B 167 22.71 -7.16 -29.82
CA ILE B 167 23.17 -7.33 -31.21
C ILE B 167 24.56 -6.78 -31.43
N SER B 168 25.33 -6.56 -30.36
CA SER B 168 26.73 -6.13 -30.48
C SER B 168 27.51 -6.47 -29.23
N PRO B 169 28.81 -6.76 -29.36
CA PRO B 169 29.53 -6.97 -30.63
C PRO B 169 29.10 -8.29 -31.24
N PRO B 170 29.68 -8.66 -32.39
CA PRO B 170 29.34 -9.91 -33.08
C PRO B 170 29.33 -11.10 -32.13
N GLU B 171 30.23 -11.12 -31.17
CA GLU B 171 30.30 -12.25 -30.26
C GLU B 171 28.98 -12.43 -29.47
N ALA B 172 28.26 -11.34 -29.19
CA ALA B 172 27.06 -11.39 -28.36
C ALA B 172 25.93 -12.10 -29.10
N LEU B 173 26.00 -12.14 -30.43
CA LEU B 173 24.99 -12.85 -31.20
C LEU B 173 25.11 -14.36 -30.99
N GLU B 174 26.35 -14.86 -30.96
CA GLU B 174 26.63 -16.29 -30.77
C GLU B 174 26.56 -16.68 -29.31
N ASN B 175 26.82 -15.71 -28.44
CA ASN B 175 26.87 -16.00 -27.00
C ASN B 175 26.44 -14.77 -26.22
N PRO B 176 25.11 -14.62 -26.01
CA PRO B 176 24.57 -13.44 -25.33
C PRO B 176 25.16 -13.23 -23.95
N CYS B 177 25.83 -14.25 -23.41
CA CYS B 177 26.40 -14.15 -22.08
C CYS B 177 27.88 -13.76 -22.14
N TYR B 178 28.33 -13.33 -23.32
CA TYR B 178 29.76 -13.11 -23.50
C TYR B 178 30.31 -12.10 -22.49
N ASP B 179 29.61 -10.98 -22.28
CA ASP B 179 30.11 -9.91 -21.42
C ASP B 179 29.89 -10.22 -19.94
N MET B 180 29.39 -11.41 -19.65
CA MET B 180 29.40 -11.92 -18.29
C MET B 180 30.57 -12.88 -18.30
N LYS B 181 30.67 -13.76 -17.32
CA LYS B 181 31.80 -14.67 -17.28
C LYS B 181 31.43 -16.07 -17.74
N THR B 182 30.54 -16.17 -18.72
CA THR B 182 30.05 -17.49 -19.16
C THR B 182 29.53 -17.59 -20.60
N THR B 183 28.91 -18.72 -20.89
CA THR B 183 28.39 -19.02 -22.22
C THR B 183 26.93 -19.42 -22.14
N CYS B 184 26.10 -18.91 -23.04
CA CYS B 184 24.74 -19.39 -23.17
C CYS B 184 24.34 -19.49 -24.65
N LEU B 185 23.16 -20.03 -24.91
CA LEU B 185 22.71 -20.25 -26.28
C LEU B 185 22.39 -18.90 -26.94
N PRO B 186 22.54 -18.81 -28.29
CA PRO B 186 22.00 -17.69 -29.05
C PRO B 186 20.51 -17.61 -28.74
N MET B 187 19.94 -16.41 -28.81
CA MET B 187 18.56 -16.21 -28.43
C MET B 187 17.63 -16.94 -29.40
N PHE B 188 16.49 -17.40 -28.90
CA PHE B 188 15.50 -18.09 -29.73
C PHE B 188 14.11 -17.66 -29.26
N GLY B 189 13.13 -17.69 -30.15
CA GLY B 189 11.77 -17.25 -29.81
C GLY B 189 11.02 -18.37 -29.11
N TYR B 190 10.73 -19.42 -29.86
CA TYR B 190 10.11 -20.62 -29.29
C TYR B 190 10.65 -21.81 -30.05
N LYS B 191 11.10 -22.82 -29.34
CA LYS B 191 11.50 -24.06 -30.00
C LYS B 191 10.80 -25.25 -29.38
N HIS B 192 10.18 -26.07 -30.23
CA HIS B 192 9.68 -27.34 -29.78
C HIS B 192 10.86 -28.32 -29.58
N VAL B 193 10.84 -29.12 -28.51
CA VAL B 193 11.95 -30.04 -28.23
C VAL B 193 11.50 -31.51 -28.29
N LEU B 194 10.43 -31.84 -27.59
CA LEU B 194 10.01 -33.23 -27.45
C LEU B 194 8.52 -33.38 -27.68
N THR B 195 8.18 -34.07 -28.77
CA THR B 195 6.79 -34.37 -29.13
C THR B 195 6.25 -35.26 -28.01
N LEU B 196 5.00 -35.04 -27.63
CA LEU B 196 4.35 -35.82 -26.59
C LEU B 196 4.61 -37.32 -26.77
N THR B 197 5.17 -37.95 -25.74
CA THR B 197 5.47 -39.38 -25.80
C THR B 197 5.22 -40.07 -24.46
N ASP B 198 4.95 -41.37 -24.47
CA ASP B 198 4.83 -42.10 -23.21
C ASP B 198 6.20 -42.61 -22.70
N GLN B 199 7.27 -42.31 -23.42
CA GLN B 199 8.62 -42.73 -23.00
C GLN B 199 9.26 -41.64 -22.17
N VAL B 200 8.95 -41.59 -20.87
CA VAL B 200 9.31 -40.45 -20.04
C VAL B 200 10.80 -40.15 -19.87
N THR B 201 11.68 -41.14 -20.00
CA THR B 201 13.11 -40.85 -19.92
C THR B 201 13.57 -40.02 -21.13
N ARG B 202 12.77 -40.00 -22.20
CA ARG B 202 13.05 -39.07 -23.29
C ARG B 202 12.97 -37.65 -22.78
N PHE B 203 12.01 -37.40 -21.92
CA PHE B 203 11.86 -36.06 -21.31
C PHE B 203 13.09 -35.74 -20.44
N ASN B 204 13.49 -36.65 -19.55
CA ASN B 204 14.65 -36.39 -18.67
C ASN B 204 15.85 -36.06 -19.52
N GLU B 205 16.08 -36.85 -20.57
CA GLU B 205 17.34 -36.73 -21.31
C GLU B 205 17.36 -35.49 -22.22
N GLU B 206 16.20 -35.12 -22.78
CA GLU B 206 16.14 -33.88 -23.56
C GLU B 206 16.41 -32.69 -22.64
N VAL B 207 15.83 -32.73 -21.44
CA VAL B 207 15.93 -31.63 -20.49
C VAL B 207 17.38 -31.42 -19.99
N LYS B 208 18.09 -32.51 -19.73
CA LYS B 208 19.50 -32.45 -19.35
C LYS B 208 20.38 -31.83 -20.46
N LYS B 209 19.89 -31.75 -21.68
CA LYS B 209 20.69 -31.16 -22.78
C LYS B 209 20.31 -29.72 -23.05
N GLN B 210 19.23 -29.27 -22.42
CA GLN B 210 18.73 -27.91 -22.67
C GLN B 210 19.60 -26.90 -21.96
N SER B 211 19.62 -25.67 -22.44
CA SER B 211 20.27 -24.61 -21.67
C SER B 211 19.62 -23.28 -21.93
N VAL B 212 19.99 -22.28 -21.11
CA VAL B 212 19.34 -20.98 -21.17
C VAL B 212 19.97 -20.05 -22.20
N SER B 213 19.25 -18.98 -22.52
CA SER B 213 19.81 -17.91 -23.32
C SER B 213 19.69 -16.65 -22.48
N ARG B 214 19.74 -15.48 -23.11
CA ARG B 214 19.72 -14.23 -22.37
C ARG B 214 19.24 -13.12 -23.26
N ASN B 215 18.34 -12.30 -22.74
CA ASN B 215 17.84 -11.20 -23.53
C ASN B 215 17.70 -10.00 -22.60
N ARG B 216 17.28 -8.88 -23.16
CA ARG B 216 17.45 -7.60 -22.50
C ARG B 216 16.27 -7.14 -21.60
N ASP B 217 15.03 -7.33 -22.05
CA ASP B 217 13.90 -6.76 -21.29
C ASP B 217 13.13 -7.84 -20.53
N ALA B 218 12.52 -7.47 -19.41
CA ALA B 218 12.01 -8.45 -18.45
C ALA B 218 10.78 -9.22 -18.98
N PRO B 219 9.83 -8.53 -19.63
CA PRO B 219 8.69 -9.33 -20.12
C PRO B 219 9.21 -10.27 -21.22
N GLU B 220 8.70 -11.50 -21.30
CA GLU B 220 9.27 -12.48 -22.21
C GLU B 220 8.25 -12.85 -23.30
N GLY B 221 8.62 -13.73 -24.22
CA GLY B 221 7.78 -14.01 -25.37
C GLY B 221 6.98 -15.29 -25.29
N GLY B 222 6.59 -15.65 -24.07
CA GLY B 222 5.87 -16.89 -23.86
C GLY B 222 4.51 -17.00 -24.54
N PHE B 223 3.80 -15.89 -24.72
CA PHE B 223 2.50 -15.96 -25.41
C PHE B 223 2.66 -16.40 -26.87
N ASP B 224 3.75 -16.02 -27.53
CA ASP B 224 4.04 -16.58 -28.87
C ASP B 224 4.12 -18.10 -28.76
N ALA B 225 4.73 -18.59 -27.69
CA ALA B 225 4.99 -20.03 -27.52
C ALA B 225 3.68 -20.76 -27.14
N ILE B 226 2.84 -20.12 -26.34
CA ILE B 226 1.53 -20.74 -26.02
C ILE B 226 0.74 -20.89 -27.32
N MET B 227 0.76 -19.86 -28.15
CA MET B 227 0.02 -19.97 -29.40
C MET B 227 0.53 -21.13 -30.27
N GLN B 228 1.85 -21.28 -30.44
CA GLN B 228 2.40 -22.29 -31.34
C GLN B 228 2.19 -23.68 -30.77
N ALA B 229 2.40 -23.84 -29.47
CA ALA B 229 2.20 -25.14 -28.83
C ALA B 229 0.72 -25.53 -28.94
N THR B 230 -0.13 -24.53 -29.09
CA THR B 230 -1.57 -24.77 -29.21
C THR B 230 -1.97 -25.13 -30.64
N VAL B 231 -1.51 -24.39 -31.65
CA VAL B 231 -2.04 -24.64 -33.01
C VAL B 231 -1.17 -25.57 -33.87
N CYS B 232 0.04 -25.89 -33.40
CA CYS B 232 0.90 -26.85 -34.11
C CYS B 232 0.59 -28.29 -33.63
N ASP B 233 -0.64 -28.71 -33.90
CA ASP B 233 -1.23 -29.97 -33.45
C ASP B 233 -0.37 -31.14 -33.63
N GLU B 234 -0.01 -31.37 -34.88
CA GLU B 234 0.65 -32.60 -35.26
C GLU B 234 2.07 -32.57 -34.71
N LYS B 235 2.71 -31.41 -34.71
CA LYS B 235 4.07 -31.35 -34.22
C LYS B 235 4.16 -31.53 -32.68
N ILE B 236 3.22 -30.95 -31.93
CA ILE B 236 3.25 -31.12 -30.47
C ILE B 236 2.78 -32.52 -30.13
N GLY B 237 1.84 -33.05 -30.94
CA GLY B 237 1.38 -34.43 -30.80
C GLY B 237 0.17 -34.65 -29.89
N TRP B 238 -0.61 -33.60 -29.64
CA TRP B 238 -1.81 -33.74 -28.84
C TRP B 238 -2.68 -34.89 -29.36
N ARG B 239 -3.27 -35.68 -28.47
CA ARG B 239 -4.10 -36.81 -28.86
C ARG B 239 -5.56 -36.45 -28.87
N ASN B 240 -6.31 -37.02 -29.81
CA ASN B 240 -7.75 -36.79 -29.85
C ASN B 240 -8.49 -37.13 -28.56
N ASP B 241 -8.11 -38.20 -27.87
CA ASP B 241 -8.89 -38.57 -26.68
C ASP B 241 -8.10 -38.52 -25.38
N ALA B 242 -7.80 -37.30 -24.94
CA ALA B 242 -7.08 -37.10 -23.69
C ALA B 242 -7.31 -35.69 -23.16
N SER B 243 -7.12 -35.51 -21.86
CA SER B 243 -7.00 -34.18 -21.29
C SER B 243 -5.70 -33.59 -21.84
N HIS B 244 -5.72 -32.34 -22.24
CA HIS B 244 -4.54 -31.63 -22.72
C HIS B 244 -4.18 -30.61 -21.69
N LEU B 245 -3.04 -30.82 -21.03
CA LEU B 245 -2.51 -29.83 -20.09
C LEU B 245 -1.35 -29.15 -20.75
N LEU B 246 -1.40 -27.82 -20.81
CA LEU B 246 -0.28 -27.04 -21.29
C LEU B 246 0.36 -26.29 -20.08
N VAL B 247 1.52 -26.72 -19.61
CA VAL B 247 2.13 -26.16 -18.38
C VAL B 247 3.14 -25.06 -18.73
N PHE B 248 2.78 -23.82 -18.42
CA PHE B 248 3.58 -22.66 -18.81
C PHE B 248 4.30 -22.16 -17.57
N THR B 249 5.62 -22.31 -17.53
CA THR B 249 6.37 -21.88 -16.35
C THR B 249 7.24 -20.66 -16.66
N THR B 250 7.12 -19.64 -15.82
CA THR B 250 7.93 -18.42 -15.98
C THR B 250 8.01 -17.72 -14.65
N ASP B 251 8.98 -16.83 -14.52
CA ASP B 251 9.17 -16.05 -13.30
C ASP B 251 9.07 -14.59 -13.62
N ALA B 252 8.54 -14.24 -14.79
CA ALA B 252 8.54 -12.85 -15.26
C ALA B 252 7.21 -12.42 -15.92
N LYS B 253 7.05 -11.11 -16.08
CA LYS B 253 5.95 -10.52 -16.84
C LYS B 253 5.95 -11.06 -18.26
N THR B 254 4.95 -10.73 -19.06
CA THR B 254 4.89 -11.23 -20.42
C THR B 254 4.59 -10.15 -21.43
N HIS B 255 5.13 -10.30 -22.63
CA HIS B 255 4.75 -9.42 -23.73
C HIS B 255 3.37 -9.82 -24.21
N ILE B 256 2.69 -8.87 -24.84
CA ILE B 256 1.30 -9.06 -25.33
C ILE B 256 1.14 -8.35 -26.66
N ALA B 257 0.02 -8.61 -27.36
CA ALA B 257 -0.23 -7.98 -28.65
C ALA B 257 -0.07 -6.47 -28.56
N LEU B 258 0.59 -5.92 -29.57
CA LEU B 258 0.88 -4.49 -29.77
C LEU B 258 2.24 -4.06 -29.13
N ASP B 259 2.84 -4.93 -28.30
CA ASP B 259 4.24 -4.72 -27.86
C ASP B 259 5.24 -4.82 -29.01
N GLY B 260 4.95 -5.68 -29.99
CA GLY B 260 5.92 -5.96 -31.06
C GLY B 260 6.38 -4.74 -31.85
N ARG B 261 5.62 -3.68 -31.78
CA ARG B 261 5.96 -2.47 -32.50
C ARG B 261 7.22 -1.84 -31.95
N LEU B 262 7.60 -2.17 -30.72
CA LEU B 262 8.93 -1.73 -30.28
C LEU B 262 10.07 -2.38 -31.06
N ALA B 263 9.78 -3.46 -31.78
CA ALA B 263 10.81 -4.08 -32.61
C ALA B 263 10.47 -3.87 -34.05
N GLY B 264 9.60 -2.90 -34.34
CA GLY B 264 9.20 -2.65 -35.72
C GLY B 264 8.21 -3.70 -36.27
N ILE B 265 7.60 -4.50 -35.41
CA ILE B 265 6.73 -5.58 -35.89
C ILE B 265 5.28 -5.13 -35.70
N VAL B 266 4.56 -4.97 -36.81
CA VAL B 266 3.16 -4.50 -36.78
C VAL B 266 2.13 -5.53 -37.28
N GLN B 267 2.59 -6.55 -38.00
CA GLN B 267 1.69 -7.55 -38.54
C GLN B 267 0.97 -8.30 -37.41
N PRO B 268 -0.36 -8.25 -37.39
CA PRO B 268 -1.05 -9.03 -36.35
C PRO B 268 -0.74 -10.53 -36.42
N ASN B 269 -0.78 -11.18 -35.28
CA ASN B 269 -0.57 -12.60 -35.20
C ASN B 269 -1.65 -13.34 -36.02
N ASP B 270 -1.31 -14.29 -36.89
CA ASP B 270 -2.37 -14.92 -37.69
C ASP B 270 -2.99 -16.16 -37.10
N GLY B 271 -2.61 -16.52 -35.88
CA GLY B 271 -3.14 -17.73 -35.24
C GLY B 271 -2.81 -19.08 -35.92
N GLN B 272 -1.87 -19.10 -36.86
CA GLN B 272 -1.53 -20.32 -37.62
C GLN B 272 -0.19 -20.89 -37.16
N CYS B 273 0.09 -22.15 -37.50
CA CYS B 273 1.33 -22.79 -37.10
C CYS B 273 2.47 -22.29 -37.98
N HIS B 274 3.60 -21.92 -37.39
CA HIS B 274 4.78 -21.53 -38.19
C HIS B 274 6.00 -22.21 -37.63
N VAL B 275 5.81 -23.44 -37.16
CA VAL B 275 6.94 -24.23 -36.68
C VAL B 275 7.17 -25.37 -37.65
N GLY B 276 8.26 -25.29 -38.40
CA GLY B 276 8.59 -26.32 -39.39
C GLY B 276 9.58 -27.37 -38.89
N SER B 277 10.37 -27.92 -39.80
CA SER B 277 11.19 -29.08 -39.47
C SER B 277 12.38 -28.75 -38.57
N ASP B 278 12.83 -27.51 -38.55
CA ASP B 278 13.92 -27.14 -37.64
C ASP B 278 13.38 -26.88 -36.22
N ASN B 279 12.07 -27.01 -36.06
CA ASN B 279 11.42 -26.92 -34.75
C ASN B 279 11.46 -25.55 -34.05
N HIS B 280 11.87 -24.50 -34.77
CA HIS B 280 11.79 -23.14 -34.21
C HIS B 280 10.60 -22.36 -34.81
N TYR B 281 10.09 -21.41 -34.08
CA TYR B 281 8.96 -20.61 -34.54
C TYR B 281 9.49 -19.59 -35.55
N SER B 282 9.26 -19.83 -36.84
CA SER B 282 9.87 -19.01 -37.90
C SER B 282 9.24 -17.60 -38.08
N ALA B 283 8.09 -17.32 -37.48
CA ALA B 283 7.47 -15.98 -37.62
C ALA B 283 7.73 -15.10 -36.38
N SER B 284 8.67 -15.54 -35.54
CA SER B 284 8.94 -14.83 -34.30
C SER B 284 9.34 -13.37 -34.56
N THR B 285 10.13 -13.14 -35.58
CA THR B 285 10.62 -11.82 -35.88
C THR B 285 9.73 -11.09 -36.89
N THR B 286 8.62 -11.69 -37.34
CA THR B 286 7.84 -11.00 -38.39
C THR B 286 6.37 -10.81 -38.03
N MET B 287 5.95 -11.29 -36.88
CA MET B 287 4.54 -11.32 -36.57
C MET B 287 4.40 -10.97 -35.10
N ASP B 288 3.44 -10.12 -34.78
CA ASP B 288 3.28 -9.63 -33.40
C ASP B 288 2.91 -10.75 -32.42
N TYR B 289 3.10 -10.48 -31.14
CA TYR B 289 2.54 -11.34 -30.11
C TYR B 289 1.03 -11.44 -30.28
N PRO B 290 0.44 -12.59 -29.93
CA PRO B 290 -1.01 -12.84 -30.02
C PRO B 290 -1.79 -12.14 -28.90
N SER B 291 -3.03 -11.72 -29.14
CA SER B 291 -3.86 -11.10 -28.09
C SER B 291 -4.48 -12.18 -27.22
N LEU B 292 -4.95 -11.81 -26.04
CA LEU B 292 -5.63 -12.75 -25.15
C LEU B 292 -6.80 -13.42 -25.87
N GLY B 293 -7.56 -12.64 -26.63
CA GLY B 293 -8.77 -13.13 -27.22
C GLY B 293 -8.45 -14.18 -28.26
N LEU B 294 -7.39 -13.97 -29.05
CA LEU B 294 -6.99 -14.97 -30.05
C LEU B 294 -6.43 -16.23 -29.37
N MET B 295 -5.71 -16.06 -28.26
CA MET B 295 -5.14 -17.22 -27.55
C MET B 295 -6.31 -18.05 -27.05
N THR B 296 -7.30 -17.39 -26.44
CA THR B 296 -8.52 -18.02 -25.97
C THR B 296 -9.22 -18.81 -27.07
N GLU B 297 -9.44 -18.19 -28.23
CA GLU B 297 -10.11 -18.90 -29.32
C GLU B 297 -9.35 -20.21 -29.68
N LYS B 298 -8.03 -20.16 -29.79
CA LYS B 298 -7.27 -21.36 -30.20
C LYS B 298 -7.22 -22.39 -29.09
N LEU B 299 -7.03 -21.94 -27.84
CA LEU B 299 -7.03 -22.86 -26.69
C LEU B 299 -8.35 -23.63 -26.61
N SER B 300 -9.46 -22.95 -26.85
CA SER B 300 -10.79 -23.55 -26.79
C SER B 300 -10.99 -24.54 -27.96
N GLN B 301 -10.61 -24.11 -29.14
CA GLN B 301 -10.77 -24.91 -30.35
C GLN B 301 -9.93 -26.20 -30.32
N LYS B 302 -8.73 -26.16 -29.75
CA LYS B 302 -7.86 -27.35 -29.68
C LYS B 302 -8.07 -28.03 -28.32
N ASN B 303 -8.94 -27.44 -27.50
CA ASN B 303 -9.24 -28.01 -26.20
C ASN B 303 -8.06 -28.17 -25.26
N ILE B 304 -7.27 -27.10 -25.12
CA ILE B 304 -6.09 -27.13 -24.29
C ILE B 304 -6.44 -26.48 -22.98
N ASN B 305 -6.07 -27.12 -21.86
CA ASN B 305 -6.14 -26.48 -20.55
C ASN B 305 -4.79 -25.83 -20.20
N LEU B 306 -4.75 -24.52 -20.19
CA LEU B 306 -3.50 -23.80 -19.93
C LEU B 306 -3.34 -23.62 -18.42
N ILE B 307 -2.14 -23.93 -17.93
CA ILE B 307 -1.78 -23.81 -16.53
C ILE B 307 -0.64 -22.80 -16.45
N PHE B 308 -0.91 -21.67 -15.80
CA PHE B 308 0.12 -20.69 -15.52
C PHE B 308 0.81 -21.11 -14.24
N ALA B 309 2.01 -21.68 -14.33
CA ALA B 309 2.78 -22.02 -13.16
C ALA B 309 3.88 -20.97 -13.02
N VAL B 310 3.68 -19.98 -12.14
CA VAL B 310 4.52 -18.79 -12.09
C VAL B 310 4.96 -18.41 -10.67
N THR B 311 6.03 -17.63 -10.56
CA THR B 311 6.63 -17.33 -9.26
C THR B 311 5.79 -16.28 -8.54
N GLU B 312 5.97 -16.19 -7.25
CA GLU B 312 5.05 -15.40 -6.44
C GLU B 312 5.07 -13.93 -6.83
N ASN B 313 6.22 -13.43 -7.30
CA ASN B 313 6.31 -12.02 -7.71
C ASN B 313 5.39 -11.67 -8.88
N VAL B 314 4.95 -12.66 -9.67
CA VAL B 314 4.00 -12.37 -10.79
C VAL B 314 2.69 -13.14 -10.70
N VAL B 315 2.42 -13.76 -9.55
CA VAL B 315 1.20 -14.54 -9.40
C VAL B 315 -0.08 -13.71 -9.62
N ASN B 316 -0.16 -12.50 -9.06
CA ASN B 316 -1.37 -11.71 -9.21
C ASN B 316 -1.55 -11.33 -10.66
N LEU B 317 -0.45 -11.01 -11.33
CA LEU B 317 -0.45 -10.71 -12.75
C LEU B 317 -1.14 -11.85 -13.51
N TYR B 318 -0.64 -13.07 -13.36
CA TYR B 318 -1.16 -14.17 -14.17
C TYR B 318 -2.57 -14.58 -13.73
N GLN B 319 -2.84 -14.46 -12.44
CA GLN B 319 -4.20 -14.68 -11.94
C GLN B 319 -5.16 -13.72 -12.63
N ASN B 320 -4.73 -12.47 -12.85
CA ASN B 320 -5.65 -11.51 -13.48
C ASN B 320 -5.79 -11.84 -14.98
N TYR B 321 -4.73 -12.33 -15.64
CA TYR B 321 -4.87 -12.80 -17.04
C TYR B 321 -5.82 -13.99 -17.14
N SER B 322 -5.67 -14.89 -16.17
CA SER B 322 -6.48 -16.08 -16.07
C SER B 322 -7.99 -15.74 -16.02
N GLU B 323 -8.34 -14.61 -15.42
CA GLU B 323 -9.75 -14.26 -15.34
C GLU B 323 -10.29 -13.89 -16.73
N LEU B 324 -9.41 -13.45 -17.62
CA LEU B 324 -9.77 -13.05 -18.97
C LEU B 324 -9.60 -14.16 -20.00
N ILE B 325 -9.05 -15.29 -19.58
CA ILE B 325 -8.97 -16.51 -20.40
C ILE B 325 -9.65 -17.67 -19.68
N PRO B 326 -10.98 -17.78 -19.81
CA PRO B 326 -11.72 -18.69 -18.90
C PRO B 326 -11.28 -20.16 -19.00
N GLY B 327 -11.19 -20.85 -17.86
CA GLY B 327 -10.72 -22.24 -17.84
C GLY B 327 -9.22 -22.37 -17.54
N THR B 328 -8.52 -21.25 -17.45
CA THR B 328 -7.09 -21.27 -17.17
C THR B 328 -6.86 -21.43 -15.65
N THR B 329 -5.73 -21.97 -15.28
CA THR B 329 -5.44 -22.32 -13.89
C THR B 329 -4.12 -21.68 -13.53
N VAL B 330 -3.99 -21.26 -12.29
CA VAL B 330 -2.75 -20.67 -11.82
C VAL B 330 -2.23 -21.45 -10.62
N GLY B 331 -0.93 -21.71 -10.60
CA GLY B 331 -0.26 -22.34 -9.47
C GLY B 331 0.99 -21.54 -9.17
N VAL B 332 1.45 -21.57 -7.92
CA VAL B 332 2.57 -20.76 -7.48
C VAL B 332 3.85 -21.59 -7.63
N LEU B 333 4.68 -21.19 -8.59
CA LEU B 333 5.94 -21.88 -8.89
C LEU B 333 7.04 -21.37 -7.97
N SER B 334 7.82 -22.27 -7.39
CA SER B 334 8.96 -21.83 -6.57
C SER B 334 10.09 -21.29 -7.47
N MET B 335 11.02 -20.57 -6.87
CA MET B 335 12.02 -19.83 -7.64
C MET B 335 12.96 -20.74 -8.44
N ASP B 336 12.98 -22.03 -8.13
CA ASP B 336 13.78 -22.98 -8.89
C ASP B 336 12.92 -24.11 -9.47
N SER B 337 11.61 -23.91 -9.52
CA SER B 337 10.70 -24.93 -10.03
C SER B 337 10.71 -26.26 -9.27
N SER B 338 11.21 -26.27 -8.04
CA SER B 338 11.32 -27.50 -7.25
C SER B 338 9.96 -28.12 -6.90
N ASN B 339 8.89 -27.33 -6.92
CA ASN B 339 7.59 -27.81 -6.54
C ASN B 339 6.66 -27.99 -7.75
N VAL B 340 7.20 -27.94 -8.96
CA VAL B 340 6.35 -27.93 -10.16
C VAL B 340 5.58 -29.26 -10.33
N LEU B 341 6.13 -30.36 -9.82
CA LEU B 341 5.44 -31.65 -9.94
C LEU B 341 4.08 -31.62 -9.23
N GLN B 342 4.07 -31.20 -7.96
CA GLN B 342 2.85 -31.14 -7.19
C GLN B 342 1.90 -30.11 -7.78
N LEU B 343 2.44 -29.00 -8.27
CA LEU B 343 1.63 -27.96 -8.88
C LEU B 343 0.86 -28.53 -10.09
N ILE B 344 1.52 -29.37 -10.88
CA ILE B 344 0.90 -29.99 -12.04
C ILE B 344 -0.17 -30.99 -11.59
N VAL B 345 0.08 -31.73 -10.51
CA VAL B 345 -0.89 -32.72 -10.01
C VAL B 345 -2.14 -32.02 -9.46
N ASP B 346 -1.95 -30.93 -8.73
CA ASP B 346 -3.08 -30.18 -8.18
C ASP B 346 -3.82 -29.45 -9.29
N ALA B 347 -3.12 -29.03 -10.34
CA ALA B 347 -3.82 -28.40 -11.44
C ALA B 347 -4.70 -29.43 -12.12
N TYR B 348 -4.18 -30.65 -12.31
CA TYR B 348 -4.97 -31.69 -12.97
C TYR B 348 -6.25 -31.96 -12.20
N GLY B 349 -6.15 -32.13 -10.89
CA GLY B 349 -7.33 -32.29 -10.06
C GLY B 349 -8.34 -31.18 -10.29
N LYS B 350 -7.88 -29.95 -10.24
CA LYS B 350 -8.79 -28.82 -10.33
C LYS B 350 -9.50 -28.81 -11.67
N ILE B 351 -8.77 -29.15 -12.73
CA ILE B 351 -9.32 -29.16 -14.09
C ILE B 351 -10.45 -30.18 -14.26
N ARG B 352 -10.38 -31.31 -13.57
CA ARG B 352 -11.39 -32.32 -13.72
C ARG B 352 -12.39 -32.27 -12.56
N SER B 353 -12.44 -31.13 -11.88
CA SER B 353 -13.36 -30.96 -10.76
C SER B 353 -14.61 -30.15 -11.17
N LYS B 354 -14.79 -29.92 -12.46
CA LYS B 354 -15.91 -29.12 -12.93
C LYS B 354 -16.58 -29.77 -14.13
N VAL B 355 -17.90 -29.60 -14.20
CA VAL B 355 -18.68 -30.02 -15.35
C VAL B 355 -19.58 -28.83 -15.71
N GLU B 356 -19.44 -28.30 -16.91
CA GLU B 356 -20.21 -27.12 -17.31
C GLU B 356 -20.84 -27.31 -18.68
N LEU B 357 -22.16 -27.29 -18.73
CA LEU B 357 -22.86 -27.49 -19.98
C LEU B 357 -22.76 -26.28 -20.87
N GLU B 358 -22.56 -26.54 -22.15
CA GLU B 358 -22.63 -25.52 -23.17
C GLU B 358 -23.66 -25.94 -24.22
N VAL B 359 -24.40 -24.98 -24.76
CA VAL B 359 -25.39 -25.25 -25.81
C VAL B 359 -24.95 -24.65 -27.15
N ARG B 360 -24.97 -25.45 -28.23
CA ARG B 360 -24.65 -24.96 -29.57
C ARG B 360 -25.82 -25.15 -30.54
N ASP B 361 -26.04 -24.17 -31.40
CA ASP B 361 -27.00 -24.28 -32.50
C ASP B 361 -28.46 -24.31 -32.03
N LEU B 362 -28.71 -23.72 -30.87
CA LEU B 362 -30.06 -23.62 -30.37
C LEU B 362 -30.89 -22.76 -31.33
N PRO B 363 -31.97 -23.34 -31.89
CA PRO B 363 -32.88 -22.53 -32.70
C PRO B 363 -33.35 -21.30 -31.91
N GLU B 364 -33.35 -20.14 -32.55
CA GLU B 364 -33.72 -18.90 -31.87
C GLU B 364 -35.02 -19.02 -31.04
N GLU B 365 -35.99 -19.79 -31.53
CA GLU B 365 -37.30 -19.86 -30.89
C GLU B 365 -37.40 -20.89 -29.77
N LEU B 366 -36.31 -21.63 -29.55
CA LEU B 366 -36.22 -22.53 -28.41
C LEU B 366 -35.46 -21.87 -27.27
N SER B 367 -35.98 -22.01 -26.05
CA SER B 367 -35.28 -21.54 -24.87
C SER B 367 -35.13 -22.70 -23.89
N LEU B 368 -33.99 -22.77 -23.21
CA LEU B 368 -33.71 -23.88 -22.29
C LEU B 368 -33.65 -23.41 -20.85
N SER B 369 -34.06 -24.30 -19.94
CA SER B 369 -33.88 -24.07 -18.51
C SER B 369 -33.24 -25.31 -17.88
N PHE B 370 -32.37 -25.08 -16.89
CA PHE B 370 -31.58 -26.17 -16.32
C PHE B 370 -31.70 -26.28 -14.81
N ASN B 371 -31.78 -27.50 -14.31
CA ASN B 371 -31.71 -27.80 -12.88
C ASN B 371 -30.59 -28.78 -12.66
N ALA B 372 -29.65 -28.43 -11.79
CA ALA B 372 -28.48 -29.27 -11.57
C ALA B 372 -28.61 -30.14 -10.32
N THR B 373 -28.18 -31.39 -10.44
CA THR B 373 -28.04 -32.29 -9.30
C THR B 373 -26.56 -32.62 -9.16
N CYS B 374 -25.91 -32.08 -8.13
CA CYS B 374 -24.46 -32.25 -8.02
C CYS B 374 -24.07 -33.17 -6.89
N LEU B 375 -23.83 -32.60 -5.72
CA LEU B 375 -23.16 -33.33 -4.65
C LEU B 375 -23.97 -34.48 -4.12
N ASN B 376 -25.18 -34.19 -3.67
CA ASN B 376 -25.89 -35.13 -2.85
C ASN B 376 -27.32 -35.35 -3.32
N ASN B 377 -27.48 -35.91 -4.51
CA ASN B 377 -28.80 -36.06 -5.10
C ASN B 377 -29.61 -34.80 -4.85
N GLU B 378 -28.89 -33.68 -4.76
CA GLU B 378 -29.44 -32.42 -4.31
C GLU B 378 -29.62 -31.48 -5.49
N VAL B 379 -30.86 -31.10 -5.75
CA VAL B 379 -31.18 -30.26 -6.91
C VAL B 379 -30.92 -28.79 -6.64
N ILE B 380 -30.50 -28.08 -7.68
CA ILE B 380 -30.06 -26.70 -7.58
C ILE B 380 -30.61 -25.94 -8.78
N PRO B 381 -31.84 -25.46 -8.67
CA PRO B 381 -32.55 -24.84 -9.80
C PRO B 381 -31.73 -23.81 -10.55
N GLY B 382 -32.04 -23.67 -11.84
CA GLY B 382 -31.45 -22.65 -12.69
C GLY B 382 -29.94 -22.72 -12.83
N LEU B 383 -29.36 -23.92 -12.65
CA LEU B 383 -27.92 -24.07 -12.70
C LEU B 383 -27.51 -25.13 -13.73
N LYS B 384 -26.50 -24.82 -14.55
CA LYS B 384 -26.08 -25.73 -15.61
C LYS B 384 -24.58 -26.07 -15.50
N SER B 385 -24.06 -26.02 -14.28
CA SER B 385 -22.69 -26.44 -14.04
C SER B 385 -22.50 -26.93 -12.60
N CYS B 386 -21.54 -27.83 -12.41
CA CYS B 386 -21.20 -28.36 -11.11
C CYS B 386 -19.72 -28.18 -10.86
N MET B 387 -19.38 -27.93 -9.59
CA MET B 387 -18.00 -27.74 -9.19
C MET B 387 -17.70 -28.61 -7.98
N GLY B 388 -16.42 -28.70 -7.63
CA GLY B 388 -16.00 -29.38 -6.42
C GLY B 388 -15.95 -30.89 -6.57
N LEU B 389 -16.04 -31.33 -7.82
CA LEU B 389 -16.08 -32.76 -8.14
C LEU B 389 -14.74 -33.47 -7.99
N LYS B 390 -14.79 -34.78 -7.84
CA LYS B 390 -13.63 -35.63 -7.81
C LYS B 390 -13.66 -36.49 -9.06
N ILE B 391 -12.50 -36.99 -9.48
CA ILE B 391 -12.46 -37.92 -10.59
C ILE B 391 -13.24 -39.15 -10.21
N GLY B 392 -14.23 -39.50 -11.04
CA GLY B 392 -15.01 -40.70 -10.82
C GLY B 392 -16.45 -40.37 -10.52
N ASP B 393 -16.71 -39.09 -10.22
CA ASP B 393 -18.04 -38.63 -9.84
C ASP B 393 -18.99 -38.56 -11.02
N THR B 394 -20.28 -38.62 -10.73
CA THR B 394 -21.30 -38.42 -11.75
C THR B 394 -22.28 -37.35 -11.33
N VAL B 395 -22.67 -36.52 -12.30
CA VAL B 395 -23.66 -35.48 -12.04
C VAL B 395 -24.77 -35.63 -13.05
N SER B 396 -25.84 -34.88 -12.85
CA SER B 396 -27.06 -35.04 -13.62
C SER B 396 -27.73 -33.68 -13.77
N PHE B 397 -28.32 -33.42 -14.93
CA PHE B 397 -29.01 -32.16 -15.17
C PHE B 397 -30.42 -32.42 -15.72
N SER B 398 -31.41 -31.72 -15.20
CA SER B 398 -32.77 -31.80 -15.71
C SER B 398 -33.01 -30.61 -16.62
N ILE B 399 -33.41 -30.88 -17.85
CA ILE B 399 -33.51 -29.85 -18.87
C ILE B 399 -34.94 -29.74 -19.42
N GLU B 400 -35.37 -28.51 -19.70
CA GLU B 400 -36.65 -28.29 -20.35
C GLU B 400 -36.51 -27.36 -21.54
N ALA B 401 -36.99 -27.84 -22.69
CA ALA B 401 -37.07 -27.03 -23.88
C ALA B 401 -38.46 -26.42 -23.98
N LYS B 402 -38.51 -25.14 -24.36
CA LYS B 402 -39.77 -24.45 -24.53
C LYS B 402 -39.73 -23.79 -25.90
N VAL B 403 -40.72 -24.10 -26.74
CA VAL B 403 -40.78 -23.49 -28.06
C VAL B 403 -41.78 -22.35 -28.04
N ARG B 404 -41.47 -21.29 -28.77
CA ARG B 404 -42.36 -20.13 -28.90
C ARG B 404 -42.94 -20.14 -30.30
N GLY B 405 -44.27 -20.12 -30.38
CA GLY B 405 -44.95 -20.17 -31.67
C GLY B 405 -44.64 -21.46 -32.37
N CYS B 406 -44.40 -21.37 -33.68
CA CYS B 406 -44.05 -22.54 -34.46
C CYS B 406 -43.20 -22.13 -35.66
N PRO B 407 -41.93 -22.55 -35.67
CA PRO B 407 -40.97 -22.11 -36.70
C PRO B 407 -41.37 -22.54 -38.09
N GLN B 408 -40.86 -21.85 -39.11
CA GLN B 408 -41.06 -22.25 -40.51
C GLN B 408 -40.44 -23.61 -40.81
N GLU B 409 -39.25 -23.88 -40.28
CA GLU B 409 -38.62 -25.19 -40.44
C GLU B 409 -39.07 -26.14 -39.34
N LYS B 410 -39.44 -27.36 -39.71
CA LYS B 410 -40.03 -28.29 -38.76
C LYS B 410 -39.02 -29.28 -38.19
N GLU B 411 -37.79 -29.24 -38.69
CA GLU B 411 -36.76 -30.12 -38.15
C GLU B 411 -35.43 -29.41 -37.99
N LYS B 412 -35.00 -29.29 -36.74
CA LYS B 412 -33.70 -28.72 -36.40
C LYS B 412 -33.07 -29.60 -35.35
N SER B 413 -31.77 -29.48 -35.17
CA SER B 413 -31.14 -30.14 -34.04
C SER B 413 -30.10 -29.23 -33.43
N PHE B 414 -29.68 -29.55 -32.23
CA PHE B 414 -28.70 -28.75 -31.53
C PHE B 414 -27.94 -29.67 -30.59
N THR B 415 -26.95 -29.14 -29.89
CA THR B 415 -26.07 -29.97 -29.08
C THR B 415 -25.93 -29.41 -27.68
N ILE B 416 -25.87 -30.31 -26.70
CA ILE B 416 -25.57 -29.95 -25.33
C ILE B 416 -24.28 -30.69 -24.99
N LYS B 417 -23.22 -29.93 -24.71
CA LYS B 417 -21.89 -30.48 -24.52
C LYS B 417 -21.23 -29.87 -23.30
N PRO B 418 -20.69 -30.71 -22.41
CA PRO B 418 -19.89 -30.12 -21.33
C PRO B 418 -18.58 -29.54 -21.88
N VAL B 419 -18.15 -28.37 -21.44
CA VAL B 419 -16.94 -27.79 -22.02
C VAL B 419 -15.74 -28.70 -21.75
N GLY B 420 -14.89 -28.86 -22.77
CA GLY B 420 -13.68 -29.66 -22.63
C GLY B 420 -13.89 -31.11 -22.96
N PHE B 421 -15.15 -31.54 -23.04
CA PHE B 421 -15.48 -32.96 -23.20
C PHE B 421 -15.58 -33.38 -24.66
N LYS B 422 -15.32 -34.64 -24.93
CA LYS B 422 -15.48 -35.19 -26.27
C LYS B 422 -16.97 -35.40 -26.54
N ASP B 423 -17.62 -36.15 -25.66
CA ASP B 423 -18.98 -36.61 -25.89
C ASP B 423 -20.01 -35.49 -25.73
N SER B 424 -21.15 -35.66 -26.39
CA SER B 424 -22.21 -34.66 -26.35
C SER B 424 -23.56 -35.33 -26.51
N LEU B 425 -24.62 -34.59 -26.19
CA LEU B 425 -25.99 -35.00 -26.43
C LEU B 425 -26.55 -34.27 -27.63
N ILE B 426 -26.89 -35.02 -28.68
CA ILE B 426 -27.55 -34.44 -29.83
C ILE B 426 -29.06 -34.49 -29.64
N VAL B 427 -29.69 -33.31 -29.65
CA VAL B 427 -31.13 -33.21 -29.60
C VAL B 427 -31.72 -32.94 -31.00
N GLN B 428 -32.42 -33.92 -31.54
CA GLN B 428 -33.11 -33.76 -32.80
C GLN B 428 -34.55 -33.35 -32.53
N VAL B 429 -34.89 -32.13 -32.92
CA VAL B 429 -36.22 -31.57 -32.69
C VAL B 429 -37.10 -31.64 -33.93
N THR B 430 -38.38 -31.93 -33.71
CA THR B 430 -39.38 -31.97 -34.76
C THR B 430 -40.56 -31.16 -34.26
N PHE B 431 -40.96 -30.13 -35.00
CA PHE B 431 -42.10 -29.32 -34.60
C PHE B 431 -43.38 -29.84 -35.26
N ASP B 432 -44.30 -30.28 -34.41
CA ASP B 432 -45.56 -30.88 -34.84
C ASP B 432 -46.68 -29.85 -34.81
N CYS B 433 -46.91 -29.20 -35.95
CA CYS B 433 -47.81 -28.06 -36.01
C CYS B 433 -48.94 -28.31 -36.98
N ASP B 434 -48.75 -29.28 -37.87
CA ASP B 434 -49.74 -29.60 -38.88
C ASP B 434 -50.58 -30.79 -38.48
N CYS B 435 -51.62 -31.06 -39.26
CA CYS B 435 -52.47 -32.23 -39.03
C CYS B 435 -52.20 -33.30 -40.07
N ALA B 436 -52.32 -34.56 -39.67
CA ALA B 436 -52.07 -35.67 -40.58
C ALA B 436 -53.03 -35.61 -41.76
N CYS B 437 -54.29 -35.32 -41.48
CA CYS B 437 -55.34 -35.26 -42.51
C CYS B 437 -55.11 -34.10 -43.47
N GLN B 438 -54.34 -33.12 -43.01
CA GLN B 438 -54.02 -31.93 -43.80
C GLN B 438 -53.25 -32.32 -45.07
N ALA B 439 -52.63 -33.49 -45.04
CA ALA B 439 -51.83 -33.97 -46.16
C ALA B 439 -52.65 -34.82 -47.11
N GLN B 440 -53.97 -34.77 -46.95
CA GLN B 440 -54.87 -35.42 -47.88
C GLN B 440 -56.08 -34.53 -48.14
N ALA B 441 -55.80 -33.26 -48.42
CA ALA B 441 -56.85 -32.30 -48.72
C ALA B 441 -57.31 -32.43 -50.17
N GLU B 442 -58.39 -31.75 -50.51
CA GLU B 442 -58.95 -31.83 -51.86
C GLU B 442 -59.01 -30.44 -52.49
N PRO B 443 -58.02 -30.13 -53.34
CA PRO B 443 -57.98 -28.83 -54.01
C PRO B 443 -59.14 -28.67 -54.96
N ASN B 444 -59.68 -27.46 -55.07
CA ASN B 444 -60.81 -27.20 -55.94
C ASN B 444 -61.91 -28.21 -55.67
N SER B 445 -62.22 -28.42 -54.38
CA SER B 445 -63.23 -29.39 -54.00
C SER B 445 -64.59 -29.03 -54.58
N HIS B 446 -65.36 -30.06 -54.92
CA HIS B 446 -66.73 -29.88 -55.36
C HIS B 446 -67.61 -29.38 -54.22
N ARG B 447 -67.11 -29.50 -52.99
CA ARG B 447 -67.88 -29.17 -51.80
C ARG B 447 -67.78 -27.69 -51.40
N CYS B 448 -66.85 -26.96 -52.02
CA CYS B 448 -66.51 -25.61 -51.55
C CYS B 448 -66.83 -24.50 -52.53
N ASN B 449 -68.07 -24.01 -52.49
CA ASN B 449 -68.47 -22.89 -53.33
C ASN B 449 -68.25 -23.19 -54.81
N ASN B 450 -68.20 -24.48 -55.14
CA ASN B 450 -67.96 -24.94 -56.50
C ASN B 450 -66.58 -24.61 -57.04
N GLY B 451 -65.56 -25.26 -56.48
CA GLY B 451 -64.22 -25.18 -57.00
C GLY B 451 -63.40 -24.02 -56.44
N ASN B 452 -64.09 -22.98 -56.00
CA ASN B 452 -63.42 -21.80 -55.47
C ASN B 452 -62.56 -22.15 -54.25
N GLY B 453 -62.91 -23.25 -53.58
CA GLY B 453 -62.27 -23.61 -52.32
C GLY B 453 -61.61 -24.97 -52.27
N THR B 454 -60.98 -25.24 -51.13
CA THR B 454 -60.22 -26.45 -50.87
C THR B 454 -60.80 -27.16 -49.65
N PHE B 455 -60.95 -28.47 -49.71
CA PHE B 455 -61.55 -29.24 -48.62
C PHE B 455 -60.48 -30.00 -47.80
N GLU B 456 -60.28 -29.62 -46.54
CA GLU B 456 -59.25 -30.27 -45.72
C GLU B 456 -59.66 -30.43 -44.26
N CYS B 457 -59.37 -31.60 -43.71
CA CYS B 457 -59.69 -31.92 -42.32
C CYS B 457 -61.14 -31.57 -41.96
N GLY B 458 -62.04 -31.68 -42.93
CA GLY B 458 -63.47 -31.56 -42.66
C GLY B 458 -64.12 -30.24 -43.02
N VAL B 459 -63.35 -29.15 -43.08
CA VAL B 459 -63.91 -27.84 -43.39
C VAL B 459 -63.45 -27.29 -44.75
N CYS B 460 -63.98 -26.13 -45.11
CA CYS B 460 -63.62 -25.47 -46.37
C CYS B 460 -62.67 -24.30 -46.12
N ARG B 461 -61.59 -24.28 -46.89
CA ARG B 461 -60.55 -23.25 -46.78
C ARG B 461 -60.46 -22.55 -48.12
N CYS B 462 -60.31 -21.23 -48.10
CA CYS B 462 -60.09 -20.50 -49.34
C CYS B 462 -58.80 -21.02 -49.97
N GLY B 463 -58.84 -21.31 -51.26
CA GLY B 463 -57.65 -21.78 -51.96
C GLY B 463 -56.73 -20.63 -52.31
N PRO B 464 -55.61 -20.94 -52.97
CA PRO B 464 -54.66 -19.93 -53.44
C PRO B 464 -55.05 -19.42 -54.83
N GLY B 465 -55.01 -18.12 -55.07
CA GLY B 465 -54.77 -17.11 -54.06
C GLY B 465 -55.89 -16.09 -54.12
N TRP B 466 -56.70 -16.06 -53.08
CA TRP B 466 -57.82 -15.12 -52.97
C TRP B 466 -57.54 -14.10 -51.88
N LEU C 1 -1.57 14.17 54.67
CA LEU C 1 -1.30 15.08 55.82
C LEU C 1 -1.04 14.27 57.08
N ASN C 2 -1.95 13.35 57.40
CA ASN C 2 -1.93 12.66 58.69
C ASN C 2 -1.82 11.12 58.63
N LEU C 3 -1.33 10.56 57.53
CA LEU C 3 -0.96 9.14 57.52
C LEU C 3 0.32 8.91 58.33
N ASP C 4 0.43 7.74 58.97
CA ASP C 4 1.56 7.43 59.83
C ASP C 4 2.64 6.63 59.09
N PRO C 5 3.83 7.24 58.85
CA PRO C 5 4.91 6.63 58.04
C PRO C 5 5.94 5.89 58.86
N VAL C 6 5.64 5.70 60.13
CA VAL C 6 6.62 5.07 61.01
C VAL C 6 6.23 3.63 61.27
N GLN C 7 5.00 3.44 61.74
CA GLN C 7 4.48 2.09 62.03
C GLN C 7 3.51 1.65 60.95
N LEU C 8 4.07 1.05 59.92
CA LEU C 8 3.26 0.53 58.85
C LEU C 8 2.91 -0.89 59.21
N THR C 9 1.97 -1.42 58.44
CA THR C 9 1.62 -2.83 58.51
C THR C 9 1.91 -3.46 57.14
N PHE C 10 2.50 -4.64 57.14
CA PHE C 10 2.84 -5.30 55.89
C PHE C 10 2.20 -6.66 55.78
N TYR C 11 1.59 -6.94 54.63
CA TYR C 11 1.11 -8.26 54.27
C TYR C 11 1.95 -8.79 53.13
N ALA C 12 2.17 -10.11 53.09
CA ALA C 12 3.08 -10.68 52.10
C ALA C 12 2.52 -11.95 51.47
N GLY C 13 2.77 -12.12 50.17
CA GLY C 13 2.32 -13.30 49.44
C GLY C 13 3.48 -14.16 48.98
N PRO C 14 3.20 -15.26 48.28
CA PRO C 14 4.34 -16.09 47.90
C PRO C 14 5.27 -15.38 46.91
N ASN C 15 6.53 -15.80 46.89
CA ASN C 15 7.51 -15.25 45.97
CA ASN C 15 7.51 -15.25 45.97
C ASN C 15 7.07 -15.49 44.54
N GLY C 16 7.12 -14.44 43.72
CA GLY C 16 6.84 -14.55 42.30
C GLY C 16 5.38 -14.42 41.94
N SER C 17 4.52 -14.22 42.93
CA SER C 17 3.07 -14.34 42.73
C SER C 17 2.44 -13.01 42.36
N GLN C 18 3.23 -11.95 42.46
CA GLN C 18 2.77 -10.59 42.23
C GLN C 18 1.61 -10.18 43.16
N PHE C 19 1.55 -10.77 44.34
CA PHE C 19 0.67 -10.33 45.43
C PHE C 19 0.77 -8.82 45.60
N GLY C 20 -0.36 -8.12 45.53
CA GLY C 20 -0.35 -6.67 45.62
C GLY C 20 -0.61 -5.99 44.28
N PHE C 21 -0.66 -6.78 43.23
CA PHE C 21 -0.91 -6.25 41.88
C PHE C 21 -2.25 -5.49 41.84
N SER C 22 -3.27 -6.02 42.52
CA SER C 22 -4.54 -5.31 42.71
C SER C 22 -5.01 -5.55 44.14
N LEU C 23 -5.91 -4.69 44.63
CA LEU C 23 -6.42 -4.87 45.98
C LEU C 23 -7.67 -4.02 46.20
N ASP C 24 -8.40 -4.32 47.27
CA ASP C 24 -9.53 -3.50 47.69
C ASP C 24 -9.88 -3.79 49.15
N PHE C 25 -10.67 -2.91 49.75
CA PHE C 25 -11.24 -3.16 51.05
C PHE C 25 -12.47 -4.05 50.92
N HIS C 26 -12.68 -4.94 51.88
CA HIS C 26 -13.84 -5.81 51.89
C HIS C 26 -14.50 -5.77 53.26
N LYS C 27 -15.82 -5.55 53.31
CA LYS C 27 -16.54 -5.61 54.56
C LYS C 27 -17.32 -6.90 54.55
N ASP C 28 -17.21 -7.72 55.59
CA ASP C 28 -18.05 -8.90 55.66
C ASP C 28 -19.43 -8.46 56.13
N SER C 29 -20.36 -9.40 56.26
CA SER C 29 -21.75 -9.06 56.60
C SER C 29 -21.89 -8.49 58.02
N HIS C 30 -20.80 -8.50 58.77
CA HIS C 30 -20.77 -7.93 60.11
C HIS C 30 -20.04 -6.58 60.16
N GLY C 31 -19.66 -6.05 59.01
CA GLY C 31 -19.03 -4.74 58.93
C GLY C 31 -17.53 -4.74 59.16
N ARG C 32 -16.96 -5.89 59.47
CA ARG C 32 -15.51 -6.01 59.69
C ARG C 32 -14.73 -5.88 58.37
N VAL C 33 -13.83 -4.90 58.33
CA VAL C 33 -13.03 -4.64 57.13
C VAL C 33 -11.83 -5.57 57.04
N ALA C 34 -11.67 -6.20 55.88
CA ALA C 34 -10.50 -7.01 55.55
C ALA C 34 -9.91 -6.46 54.24
N ILE C 35 -8.78 -6.99 53.80
CA ILE C 35 -8.20 -6.54 52.53
C ILE C 35 -8.18 -7.70 51.57
N VAL C 36 -8.71 -7.50 50.37
CA VAL C 36 -8.62 -8.52 49.34
C VAL C 36 -7.47 -8.11 48.40
N VAL C 37 -6.62 -9.09 48.08
CA VAL C 37 -5.39 -8.86 47.37
C VAL C 37 -5.28 -9.83 46.21
N GLY C 38 -5.10 -9.29 45.01
CA GLY C 38 -4.87 -10.10 43.84
C GLY C 38 -3.41 -10.45 43.72
N ALA C 39 -3.13 -11.66 43.26
CA ALA C 39 -1.77 -12.12 43.03
C ALA C 39 -1.75 -12.90 41.70
N PRO C 40 -1.73 -12.17 40.58
CA PRO C 40 -1.96 -12.78 39.27
C PRO C 40 -0.94 -13.82 38.77
N ARG C 41 0.19 -14.02 39.44
CA ARG C 41 1.12 -15.06 38.97
C ARG C 41 1.26 -16.24 39.92
N THR C 42 0.43 -16.26 40.96
CA THR C 42 0.40 -17.36 41.92
C THR C 42 0.36 -18.72 41.19
N LEU C 43 1.12 -19.68 41.68
CA LEU C 43 1.09 -21.02 41.10
C LEU C 43 -0.24 -21.71 41.35
N GLY C 44 -0.77 -22.33 40.29
CA GLY C 44 -1.96 -23.15 40.39
C GLY C 44 -1.61 -24.61 40.64
N PRO C 45 -2.60 -25.50 40.59
CA PRO C 45 -2.46 -26.91 41.00
C PRO C 45 -1.56 -27.72 40.09
N SER C 46 -1.51 -27.36 38.81
CA SER C 46 -0.70 -28.11 37.87
C SER C 46 0.69 -27.48 37.72
N GLN C 47 1.04 -26.64 38.70
CA GLN C 47 2.33 -25.97 38.74
C GLN C 47 2.58 -25.06 37.52
N GLU C 48 1.49 -24.55 36.94
CA GLU C 48 1.58 -23.45 36.00
C GLU C 48 1.10 -22.26 36.78
N GLU C 49 1.46 -21.06 36.35
CA GLU C 49 0.91 -19.87 36.96
C GLU C 49 -0.55 -19.76 36.59
N THR C 50 -1.42 -19.45 37.55
CA THR C 50 -2.80 -19.15 37.21
C THR C 50 -3.27 -17.87 37.90
N GLY C 51 -2.52 -17.43 38.91
CA GLY C 51 -3.01 -16.36 39.76
C GLY C 51 -3.85 -16.87 40.91
N GLY C 52 -4.25 -15.97 41.79
CA GLY C 52 -4.98 -16.35 42.98
C GLY C 52 -5.34 -15.09 43.74
N VAL C 53 -6.10 -15.25 44.79
CA VAL C 53 -6.64 -14.11 45.49
C VAL C 53 -6.49 -14.45 46.97
N PHE C 54 -6.26 -13.43 47.79
CA PHE C 54 -6.04 -13.61 49.22
C PHE C 54 -6.98 -12.68 49.94
N LEU C 55 -7.46 -13.12 51.09
CA LEU C 55 -8.35 -12.30 51.88
C LEU C 55 -7.70 -12.08 53.25
N CYS C 56 -7.03 -10.95 53.42
CA CYS C 56 -6.26 -10.66 54.62
C CYS C 56 -7.09 -10.04 55.74
N PRO C 57 -7.28 -10.77 56.86
CA PRO C 57 -7.86 -10.13 58.05
C PRO C 57 -7.00 -8.95 58.49
N TRP C 58 -7.63 -7.87 58.92
CA TRP C 58 -6.91 -6.75 59.53
C TRP C 58 -6.20 -7.17 60.83
N ARG C 59 -4.89 -6.92 60.89
CA ARG C 59 -4.08 -7.14 62.06
C ARG C 59 -2.97 -6.09 62.01
N ALA C 60 -2.78 -5.30 63.06
CA ALA C 60 -1.76 -4.28 63.05
C ALA C 60 -0.40 -4.85 62.63
N GLU C 61 -0.15 -6.09 62.97
CA GLU C 61 1.16 -6.73 62.74
C GLU C 61 1.24 -7.39 61.35
N GLY C 62 0.12 -7.42 60.63
CA GLY C 62 0.12 -7.88 59.25
C GLY C 62 0.44 -9.36 59.20
N GLY C 63 1.30 -9.78 58.28
CA GLY C 63 1.64 -11.19 58.15
C GLY C 63 1.15 -11.84 56.88
N GLN C 64 0.98 -13.17 56.93
CA GLN C 64 0.47 -13.98 55.81
C GLN C 64 -1.06 -14.00 55.79
N CYS C 65 -1.65 -14.35 54.65
CA CYS C 65 -3.10 -14.30 54.48
C CYS C 65 -3.67 -15.61 53.93
N PRO C 66 -4.92 -15.91 54.30
CA PRO C 66 -5.57 -17.10 53.75
C PRO C 66 -5.85 -16.94 52.25
N SER C 67 -5.80 -18.03 51.50
CA SER C 67 -6.28 -18.06 50.12
C SER C 67 -7.79 -18.00 50.08
N LEU C 68 -8.32 -17.26 49.12
CA LEU C 68 -9.72 -17.34 48.76
C LEU C 68 -9.80 -18.20 47.50
N LEU C 69 -10.29 -19.42 47.66
CA LEU C 69 -10.13 -20.48 46.66
C LEU C 69 -11.11 -20.42 45.52
N PHE C 70 -10.60 -20.66 44.31
CA PHE C 70 -11.44 -20.75 43.13
C PHE C 70 -11.12 -22.02 42.36
N ASP C 71 -12.06 -22.42 41.49
CA ASP C 71 -11.89 -23.58 40.63
C ASP C 71 -10.89 -23.26 39.54
N LEU C 72 -9.72 -23.89 39.59
CA LEU C 72 -8.63 -23.58 38.66
C LEU C 72 -8.45 -24.63 37.58
N ARG C 73 -9.49 -25.43 37.32
CA ARG C 73 -9.42 -26.50 36.33
C ARG C 73 -9.82 -26.04 34.94
N ASP C 74 -9.10 -26.52 33.93
CA ASP C 74 -9.53 -26.36 32.55
C ASP C 74 -10.78 -27.20 32.30
N GLU C 75 -11.76 -26.60 31.63
CA GLU C 75 -13.03 -27.26 31.39
C GLU C 75 -13.19 -27.57 29.91
N THR C 76 -13.90 -28.66 29.64
CA THR C 76 -14.23 -29.08 28.29
C THR C 76 -15.69 -29.52 28.31
N ARG C 77 -16.48 -29.04 27.36
CA ARG C 77 -17.88 -29.46 27.24
C ARG C 77 -18.20 -29.76 25.79
N ASN C 78 -18.49 -31.03 25.51
CA ASN C 78 -18.97 -31.46 24.20
C ASN C 78 -20.47 -31.28 24.13
N VAL C 79 -20.93 -30.31 23.34
CA VAL C 79 -22.35 -29.99 23.29
C VAL C 79 -22.66 -29.29 21.98
N GLY C 80 -23.89 -29.46 21.50
CA GLY C 80 -24.30 -28.93 20.20
C GLY C 80 -23.40 -29.28 19.03
N SER C 81 -22.74 -30.45 19.10
CA SER C 81 -21.80 -30.86 18.06
C SER C 81 -20.56 -29.96 18.01
N GLN C 82 -20.32 -29.23 19.11
CA GLN C 82 -19.12 -28.40 19.26
C GLN C 82 -18.40 -28.79 20.55
N THR C 83 -17.13 -28.42 20.64
CA THR C 83 -16.36 -28.63 21.86
C THR C 83 -15.96 -27.28 22.46
N LEU C 84 -16.53 -26.97 23.61
CA LEU C 84 -16.16 -25.75 24.32
C LEU C 84 -14.94 -26.00 25.21
N GLN C 85 -13.97 -25.08 25.19
CA GLN C 85 -12.78 -25.21 26.05
C GLN C 85 -12.39 -23.94 26.78
N THR C 86 -12.06 -24.06 28.06
CA THR C 86 -11.43 -22.97 28.82
C THR C 86 -10.02 -23.34 29.19
N PHE C 87 -9.16 -22.33 29.26
CA PHE C 87 -7.74 -22.50 29.51
C PHE C 87 -7.32 -21.49 30.57
N LYS C 88 -6.90 -21.97 31.72
CA LYS C 88 -6.63 -21.09 32.85
C LYS C 88 -5.16 -20.81 33.10
N ALA C 89 -4.28 -21.53 32.41
CA ALA C 89 -2.84 -21.31 32.54
C ALA C 89 -2.50 -19.87 32.16
N ARG C 90 -1.79 -19.20 33.07
CA ARG C 90 -1.31 -17.85 32.84
C ARG C 90 -2.45 -16.87 32.63
N GLN C 91 -3.61 -17.15 33.25
CA GLN C 91 -4.81 -16.35 33.01
C GLN C 91 -4.76 -15.04 33.81
N GLY C 92 -3.93 -15.03 34.84
CA GLY C 92 -3.75 -13.84 35.67
C GLY C 92 -4.94 -13.57 36.58
N LEU C 93 -5.51 -14.62 37.16
CA LEU C 93 -6.53 -14.46 38.21
C LEU C 93 -6.00 -13.51 39.30
N GLY C 94 -6.78 -12.49 39.62
CA GLY C 94 -6.34 -11.47 40.58
C GLY C 94 -5.65 -10.26 39.94
N ALA C 95 -5.61 -10.21 38.60
CA ALA C 95 -5.07 -9.04 37.90
C ALA C 95 -5.95 -7.82 38.21
N SER C 96 -7.17 -8.08 38.66
CA SER C 96 -8.03 -7.04 39.21
C SER C 96 -8.92 -7.67 40.30
N VAL C 97 -9.28 -6.89 41.31
CA VAL C 97 -10.17 -7.35 42.37
C VAL C 97 -11.00 -6.16 42.80
N VAL C 98 -12.27 -6.40 43.12
CA VAL C 98 -13.13 -5.37 43.65
C VAL C 98 -14.12 -6.03 44.61
N SER C 99 -14.43 -5.35 45.71
CA SER C 99 -15.44 -5.83 46.64
C SER C 99 -16.72 -5.00 46.51
N TRP C 100 -17.87 -5.65 46.62
CA TRP C 100 -19.15 -4.95 46.75
C TRP C 100 -20.06 -5.72 47.70
N SER C 101 -20.59 -5.04 48.72
CA SER C 101 -21.41 -5.73 49.71
C SER C 101 -20.53 -6.81 50.32
N ASP C 102 -21.03 -8.04 50.41
CA ASP C 102 -20.22 -9.14 50.95
C ASP C 102 -19.73 -10.08 49.83
N VAL C 103 -19.65 -9.53 48.62
CA VAL C 103 -19.21 -10.25 47.44
C VAL C 103 -17.83 -9.73 46.97
N ILE C 104 -17.00 -10.63 46.47
CA ILE C 104 -15.73 -10.28 45.86
C ILE C 104 -15.72 -10.74 44.41
N VAL C 105 -15.26 -9.86 43.53
CA VAL C 105 -15.10 -10.17 42.12
C VAL C 105 -13.63 -10.10 41.76
N ALA C 106 -13.06 -11.21 41.32
CA ALA C 106 -11.64 -11.25 40.95
C ALA C 106 -11.56 -11.73 39.53
N CYS C 107 -10.83 -11.02 38.70
CA CYS C 107 -10.85 -11.31 37.26
C CYS C 107 -9.55 -11.87 36.76
N ALA C 108 -9.65 -12.63 35.69
CA ALA C 108 -8.52 -13.23 35.01
C ALA C 108 -8.57 -12.78 33.55
N PRO C 109 -8.04 -11.58 33.24
CA PRO C 109 -8.19 -11.02 31.90
C PRO C 109 -7.58 -11.84 30.79
N TRP C 110 -6.65 -12.75 31.10
CA TRP C 110 -5.94 -13.51 30.05
C TRP C 110 -6.36 -14.98 30.02
N GLN C 111 -7.48 -15.30 30.65
CA GLN C 111 -8.05 -16.65 30.51
C GLN C 111 -8.35 -16.89 29.02
N HIS C 112 -7.93 -18.03 28.50
CA HIS C 112 -8.26 -18.34 27.10
C HIS C 112 -9.49 -19.22 26.92
N TRP C 113 -9.93 -19.30 25.68
CA TRP C 113 -11.17 -19.96 25.35
C TRP C 113 -11.09 -20.35 23.90
N ASN C 114 -11.61 -21.54 23.58
CA ASN C 114 -11.72 -21.98 22.20
C ASN C 114 -13.01 -22.76 22.01
N VAL C 115 -13.42 -22.91 20.76
CA VAL C 115 -14.55 -23.75 20.39
C VAL C 115 -14.17 -24.52 19.15
N LEU C 116 -14.16 -25.85 19.24
CA LEU C 116 -13.87 -26.69 18.08
C LEU C 116 -15.16 -27.26 17.48
N GLU C 117 -15.13 -27.44 16.17
CA GLU C 117 -16.24 -28.04 15.46
C GLU C 117 -15.65 -28.71 14.24
N LYS C 118 -15.50 -30.03 14.31
CA LYS C 118 -14.83 -30.81 13.28
C LYS C 118 -13.41 -30.31 13.07
N THR C 119 -13.14 -29.70 11.93
CA THR C 119 -11.79 -29.26 11.62
C THR C 119 -11.66 -27.77 11.81
N GLU C 120 -12.75 -27.11 12.20
CA GLU C 120 -12.74 -25.67 12.37
C GLU C 120 -12.71 -25.26 13.85
N GLU C 121 -12.52 -23.97 14.10
CA GLU C 121 -12.47 -23.46 15.47
C GLU C 121 -12.76 -21.96 15.49
N ALA C 122 -13.14 -21.46 16.65
CA ALA C 122 -13.27 -20.02 16.87
C ALA C 122 -11.91 -19.38 16.93
N GLU C 123 -10.91 -20.14 17.36
CA GLU C 123 -9.55 -19.67 17.69
C GLU C 123 -9.42 -19.46 19.18
N LYS C 124 -8.28 -19.91 19.69
CA LYS C 124 -7.96 -19.87 21.10
C LYS C 124 -7.48 -18.46 21.50
N THR C 125 -8.31 -17.74 22.21
CA THR C 125 -8.08 -16.31 22.40
C THR C 125 -8.39 -15.84 23.82
N PRO C 126 -7.85 -14.69 24.22
CA PRO C 126 -8.05 -14.32 25.62
C PRO C 126 -9.33 -13.54 25.85
N VAL C 127 -10.43 -14.25 26.06
CA VAL C 127 -11.71 -13.59 26.26
C VAL C 127 -11.78 -12.99 27.65
N GLY C 128 -10.93 -13.48 28.54
CA GLY C 128 -10.97 -13.07 29.94
C GLY C 128 -12.12 -13.73 30.68
N SER C 129 -12.10 -13.70 32.01
CA SER C 129 -13.22 -14.20 32.79
C SER C 129 -13.14 -13.66 34.22
N CYS C 130 -14.29 -13.50 34.87
CA CYS C 130 -14.38 -13.02 36.24
C CYS C 130 -14.95 -14.10 37.16
N PHE C 131 -14.32 -14.28 38.31
CA PHE C 131 -14.80 -15.18 39.34
C PHE C 131 -15.42 -14.38 40.47
N LEU C 132 -16.65 -14.72 40.87
CA LEU C 132 -17.30 -14.06 41.99
C LEU C 132 -17.36 -15.02 43.17
N ALA C 133 -17.22 -14.46 44.37
CA ALA C 133 -17.26 -15.25 45.60
C ALA C 133 -18.01 -14.52 46.68
N GLN C 134 -18.81 -15.24 47.44
CA GLN C 134 -19.34 -14.73 48.69
C GLN C 134 -18.61 -15.49 49.81
N PRO C 135 -17.52 -14.91 50.33
CA PRO C 135 -16.62 -15.69 51.21
C PRO C 135 -17.32 -16.39 52.39
N GLU C 136 -18.27 -15.71 53.01
CA GLU C 136 -18.94 -16.27 54.19
C GLU C 136 -19.78 -17.51 53.89
N SER C 137 -20.41 -17.57 52.72
CA SER C 137 -21.33 -18.65 52.39
C SER C 137 -20.64 -19.71 51.53
N GLY C 138 -19.51 -19.35 50.94
CA GLY C 138 -18.81 -20.26 50.06
C GLY C 138 -19.37 -20.25 48.64
N ARG C 139 -20.33 -19.36 48.37
CA ARG C 139 -20.92 -19.35 47.05
C ARG C 139 -19.93 -18.86 46.01
N ARG C 140 -20.11 -19.37 44.80
CA ARG C 140 -19.22 -19.08 43.69
C ARG C 140 -20.04 -18.93 42.43
N ALA C 141 -19.63 -18.00 41.58
CA ALA C 141 -20.18 -17.91 40.24
C ALA C 141 -19.13 -17.29 39.35
N GLU C 142 -19.42 -17.25 38.06
CA GLU C 142 -18.48 -16.73 37.11
C GLU C 142 -19.20 -15.88 36.07
N TYR C 143 -18.43 -15.10 35.34
CA TYR C 143 -18.97 -14.17 34.38
C TYR C 143 -17.92 -13.93 33.33
N SER C 144 -18.28 -14.27 32.10
CA SER C 144 -17.33 -14.25 31.01
C SER C 144 -18.12 -13.89 29.75
N PRO C 145 -18.52 -12.62 29.64
CA PRO C 145 -19.48 -12.12 28.64
C PRO C 145 -18.94 -12.14 27.18
N CYS C 146 -17.68 -12.51 26.99
CA CYS C 146 -17.08 -12.43 25.67
C CYS C 146 -16.92 -13.80 25.01
N ARG C 147 -17.06 -14.86 25.78
CA ARG C 147 -17.11 -16.19 25.18
C ARG C 147 -18.16 -16.25 24.07
N GLY C 148 -17.80 -16.86 22.95
CA GLY C 148 -18.74 -17.05 21.86
C GLY C 148 -18.61 -18.45 21.30
N ASN C 149 -19.42 -18.78 20.29
CA ASN C 149 -19.32 -20.08 19.66
C ASN C 149 -19.29 -19.96 18.14
N THR C 150 -18.95 -18.76 17.65
CA THR C 150 -18.82 -18.55 16.21
C THR C 150 -17.46 -19.04 15.73
N LEU C 151 -17.45 -19.60 14.53
CA LEU C 151 -16.23 -20.18 13.97
C LEU C 151 -15.46 -19.09 13.24
N SER C 152 -14.16 -19.30 13.14
CA SER C 152 -13.21 -18.35 12.57
C SER C 152 -13.64 -17.82 11.20
N ARG C 153 -13.94 -18.74 10.29
CA ARG C 153 -14.27 -18.38 8.92
C ARG C 153 -15.40 -17.34 8.86
N ILE C 154 -16.32 -17.40 9.81
CA ILE C 154 -17.47 -16.47 9.82
C ILE C 154 -17.05 -15.02 10.11
N TYR C 155 -16.13 -14.84 11.05
CA TYR C 155 -15.67 -13.50 11.33
C TYR C 155 -14.97 -12.95 10.10
N VAL C 156 -14.19 -13.80 9.43
CA VAL C 156 -13.54 -13.37 8.17
C VAL C 156 -14.57 -12.88 7.14
N GLU C 157 -15.66 -13.64 6.97
CA GLU C 157 -16.70 -13.27 6.02
C GLU C 157 -17.37 -11.94 6.35
N ASN C 158 -17.41 -11.60 7.64
CA ASN C 158 -18.09 -10.38 8.07
C ASN C 158 -17.13 -9.28 8.51
N ASP C 159 -15.90 -9.32 8.02
CA ASP C 159 -14.92 -8.26 8.30
C ASP C 159 -14.72 -8.06 9.80
N PHE C 160 -14.67 -9.17 10.52
CA PHE C 160 -14.33 -9.16 11.93
C PHE C 160 -15.19 -8.16 12.69
N SER C 161 -16.47 -8.12 12.35
CA SER C 161 -17.42 -7.29 13.09
C SER C 161 -17.89 -8.03 14.35
N TRP C 162 -18.22 -7.26 15.39
CA TRP C 162 -18.61 -7.82 16.69
C TRP C 162 -17.73 -8.98 17.12
N ASP C 163 -16.43 -8.80 16.96
CA ASP C 163 -15.44 -9.80 17.32
C ASP C 163 -14.97 -9.61 18.76
N LYS C 164 -15.55 -10.38 19.68
CA LYS C 164 -15.25 -10.24 21.10
C LYS C 164 -14.22 -11.26 21.60
N ARG C 165 -13.45 -11.85 20.68
CA ARG C 165 -12.54 -12.94 21.05
C ARG C 165 -11.30 -12.55 21.88
N TYR C 166 -10.84 -11.31 21.76
CA TYR C 166 -9.65 -10.88 22.52
C TYR C 166 -10.00 -9.85 23.60
N CYS C 167 -11.23 -9.92 24.12
CA CYS C 167 -11.75 -8.93 25.07
C CYS C 167 -10.83 -8.65 26.22
N GLU C 168 -10.32 -9.73 26.82
CA GLU C 168 -9.66 -9.63 28.14
C GLU C 168 -10.60 -8.96 29.14
N ALA C 169 -11.84 -9.43 29.18
CA ALA C 169 -12.84 -8.93 30.11
C ALA C 169 -12.31 -9.00 31.53
N GLY C 170 -12.45 -7.91 32.29
CA GLY C 170 -11.98 -7.91 33.68
C GLY C 170 -10.60 -7.29 33.82
N PHE C 171 -9.99 -6.93 32.69
CA PHE C 171 -8.79 -6.14 32.68
C PHE C 171 -8.94 -4.95 33.66
N SER C 172 -10.07 -4.26 33.62
CA SER C 172 -10.40 -3.33 34.69
C SER C 172 -11.81 -3.66 35.12
N SER C 173 -12.18 -3.31 36.35
CA SER C 173 -13.54 -3.58 36.82
C SER C 173 -13.98 -2.53 37.82
N VAL C 174 -15.29 -2.45 38.03
CA VAL C 174 -15.89 -1.56 39.01
C VAL C 174 -17.34 -1.99 39.27
N VAL C 175 -17.92 -1.65 40.42
CA VAL C 175 -19.32 -2.03 40.70
C VAL C 175 -20.09 -0.83 41.17
N THR C 176 -21.22 -0.57 40.54
CA THR C 176 -22.06 0.56 40.89
C THR C 176 -22.58 0.35 42.30
N GLN C 177 -23.10 1.42 42.90
CA GLN C 177 -23.58 1.37 44.28
C GLN C 177 -24.74 0.38 44.36
N ALA C 178 -25.50 0.27 43.27
CA ALA C 178 -26.63 -0.65 43.17
C ALA C 178 -26.25 -2.11 42.86
N GLY C 179 -24.98 -2.40 42.61
CA GLY C 179 -24.56 -3.78 42.48
C GLY C 179 -24.49 -4.29 41.05
N GLU C 180 -24.35 -3.37 40.10
CA GLU C 180 -24.04 -3.73 38.71
C GLU C 180 -22.53 -3.82 38.53
N LEU C 181 -22.05 -4.97 38.09
CA LEU C 181 -20.65 -5.17 37.75
C LEU C 181 -20.37 -4.63 36.35
N VAL C 182 -19.40 -3.74 36.23
CA VAL C 182 -19.03 -3.19 34.94
C VAL C 182 -17.58 -3.57 34.68
N LEU C 183 -17.34 -4.25 33.57
CA LEU C 183 -16.02 -4.75 33.26
C LEU C 183 -15.44 -4.00 32.08
N GLY C 184 -14.18 -3.60 32.19
CA GLY C 184 -13.42 -3.12 31.04
C GLY C 184 -12.79 -4.31 30.31
N ALA C 185 -12.83 -4.25 28.98
CA ALA C 185 -12.34 -5.30 28.11
C ALA C 185 -11.62 -4.62 26.95
N PRO C 186 -10.37 -4.22 27.19
CA PRO C 186 -9.68 -3.35 26.23
C PRO C 186 -9.38 -4.03 24.91
N GLY C 187 -9.43 -5.36 24.86
CA GLY C 187 -9.22 -6.04 23.59
C GLY C 187 -10.50 -6.20 22.75
N GLY C 188 -11.65 -5.74 23.28
CA GLY C 188 -12.95 -5.93 22.64
C GLY C 188 -13.09 -5.46 21.18
N TYR C 189 -13.89 -6.18 20.40
CA TYR C 189 -14.11 -5.81 19.01
C TYR C 189 -12.77 -5.55 18.29
N TYR C 190 -11.89 -6.56 18.30
CA TYR C 190 -10.63 -6.47 17.56
C TYR C 190 -9.83 -5.22 18.01
N PHE C 191 -9.73 -5.07 19.34
CA PHE C 191 -8.79 -4.15 20.00
C PHE C 191 -9.28 -2.69 20.08
N LEU C 192 -10.56 -2.46 19.80
CA LEU C 192 -11.15 -1.15 20.05
C LEU C 192 -11.41 -0.99 21.54
N GLY C 193 -11.91 -2.07 22.15
CA GLY C 193 -12.30 -2.09 23.54
C GLY C 193 -13.81 -2.04 23.72
N LEU C 194 -14.29 -2.63 24.81
CA LEU C 194 -15.71 -2.58 25.15
C LEU C 194 -15.89 -2.69 26.66
N LEU C 195 -17.08 -2.33 27.12
CA LEU C 195 -17.47 -2.52 28.51
C LEU C 195 -18.61 -3.54 28.51
N ALA C 196 -18.64 -4.36 29.55
CA ALA C 196 -19.74 -5.31 29.74
C ALA C 196 -20.29 -5.09 31.12
N GLN C 197 -21.61 -5.12 31.27
CA GLN C 197 -22.21 -4.85 32.57
C GLN C 197 -23.33 -5.83 32.83
N ALA C 198 -23.44 -6.32 34.06
CA ALA C 198 -24.52 -7.22 34.48
C ALA C 198 -24.65 -7.17 35.98
N PRO C 199 -25.88 -7.21 36.49
CA PRO C 199 -26.09 -7.21 37.95
C PRO C 199 -25.46 -8.43 38.64
N VAL C 200 -24.80 -8.22 39.78
CA VAL C 200 -24.22 -9.31 40.56
C VAL C 200 -25.26 -10.41 40.90
N ALA C 201 -26.42 -10.03 41.41
CA ALA C 201 -27.46 -11.01 41.73
C ALA C 201 -27.76 -11.89 40.52
N ASP C 202 -27.74 -11.31 39.32
CA ASP C 202 -28.11 -12.09 38.13
C ASP C 202 -26.97 -12.93 37.62
N ILE C 203 -25.73 -12.58 37.96
CA ILE C 203 -24.62 -13.42 37.57
C ILE C 203 -24.66 -14.69 38.41
N PHE C 204 -24.97 -14.56 39.69
CA PHE C 204 -25.02 -15.71 40.58
C PHE C 204 -26.21 -16.60 40.23
N SER C 205 -27.36 -15.96 40.04
CA SER C 205 -28.61 -16.70 39.90
C SER C 205 -28.74 -17.33 38.52
N SER C 206 -27.89 -16.91 37.58
CA SER C 206 -27.93 -17.46 36.23
C SER C 206 -26.78 -18.44 35.93
N TYR C 207 -25.80 -18.52 36.83
CA TYR C 207 -24.62 -19.36 36.60
C TYR C 207 -24.77 -20.77 37.16
N ARG C 208 -24.27 -21.77 36.43
CA ARG C 208 -24.15 -23.11 36.99
C ARG C 208 -22.85 -23.68 36.46
N PRO C 209 -22.18 -24.49 37.29
CA PRO C 209 -20.90 -25.10 36.89
C PRO C 209 -21.06 -25.97 35.65
N GLY C 210 -20.08 -25.96 34.75
CA GLY C 210 -20.04 -26.90 33.64
C GLY C 210 -20.72 -26.44 32.35
N ILE C 211 -21.68 -25.52 32.47
CA ILE C 211 -22.37 -24.94 31.32
C ILE C 211 -21.44 -24.18 30.35
N LEU C 212 -20.57 -23.30 30.88
CA LEU C 212 -19.58 -22.53 30.09
C LEU C 212 -20.15 -21.38 29.23
N LEU C 213 -21.16 -21.66 28.40
CA LEU C 213 -21.82 -20.64 27.61
C LEU C 213 -23.24 -20.46 28.05
N TRP C 214 -23.55 -19.35 28.71
CA TRP C 214 -24.93 -19.11 29.15
C TRP C 214 -25.36 -17.65 29.01
N HIS C 215 -26.66 -17.43 29.13
CA HIS C 215 -27.26 -16.13 28.95
C HIS C 215 -27.49 -15.45 30.27
N VAL C 216 -27.00 -14.22 30.37
CA VAL C 216 -27.35 -13.31 31.44
C VAL C 216 -28.17 -12.22 30.78
N SER C 217 -29.51 -12.30 30.87
CA SER C 217 -30.36 -11.53 29.97
C SER C 217 -30.40 -10.03 30.29
N SER C 218 -30.08 -9.67 31.52
CA SER C 218 -30.01 -8.28 31.92
C SER C 218 -28.63 -7.66 31.66
N GLN C 219 -27.76 -8.37 30.96
CA GLN C 219 -26.45 -7.83 30.67
C GLN C 219 -26.53 -6.81 29.54
N SER C 220 -25.50 -5.98 29.42
CA SER C 220 -25.52 -4.87 28.50
C SER C 220 -24.07 -4.63 28.06
N LEU C 221 -23.82 -4.73 26.76
CA LEU C 221 -22.49 -4.50 26.21
C LEU C 221 -22.43 -3.22 25.39
N SER C 222 -21.25 -2.62 25.35
CA SER C 222 -21.00 -1.44 24.53
C SER C 222 -20.89 -1.88 23.07
N PHE C 223 -20.56 -0.95 22.18
CA PHE C 223 -20.82 -1.16 20.75
C PHE C 223 -19.56 -1.10 19.91
N ASP C 224 -19.58 -1.84 18.80
CA ASP C 224 -18.49 -1.76 17.83
C ASP C 224 -18.56 -0.39 17.14
N SER C 225 -17.47 -0.02 16.48
CA SER C 225 -17.45 1.20 15.69
C SER C 225 -16.59 0.97 14.45
N SER C 226 -16.80 1.82 13.44
CA SER C 226 -16.00 1.78 12.24
C SER C 226 -15.22 3.09 12.13
N ASN C 227 -15.32 3.94 13.14
CA ASN C 227 -14.58 5.20 13.17
C ASN C 227 -13.10 4.93 13.53
N PRO C 228 -12.16 5.21 12.60
CA PRO C 228 -10.76 4.82 12.83
C PRO C 228 -10.13 5.44 14.09
N GLU C 229 -10.70 6.55 14.56
CA GLU C 229 -10.23 7.18 15.79
C GLU C 229 -10.20 6.16 16.90
N TYR C 230 -11.07 5.16 16.84
CA TYR C 230 -11.20 4.21 17.95
C TYR C 230 -10.31 2.97 17.80
N PHE C 231 -9.75 2.76 16.61
CA PHE C 231 -8.97 1.55 16.34
C PHE C 231 -7.78 1.47 17.30
N ASP C 232 -7.62 0.30 17.92
CA ASP C 232 -6.56 0.00 18.88
C ASP C 232 -6.50 1.00 20.04
N GLY C 233 -7.66 1.47 20.47
CA GLY C 233 -7.73 2.51 21.49
C GLY C 233 -7.74 1.96 22.90
N TYR C 234 -7.92 0.65 23.05
CA TYR C 234 -7.94 0.01 24.36
C TYR C 234 -8.94 0.67 25.31
N TRP C 235 -10.07 1.06 24.76
CA TRP C 235 -11.19 1.60 25.52
C TRP C 235 -11.61 0.57 26.56
N GLY C 236 -11.54 0.92 27.85
CA GLY C 236 -11.84 -0.02 28.92
C GLY C 236 -10.58 -0.46 29.67
N TYR C 237 -9.44 0.09 29.26
CA TYR C 237 -8.18 -0.19 29.95
C TYR C 237 -8.36 0.16 31.43
N SER C 238 -9.18 1.18 31.69
CA SER C 238 -9.47 1.59 33.05
C SER C 238 -10.91 2.01 33.04
N VAL C 239 -11.53 2.00 34.20
CA VAL C 239 -12.94 2.31 34.32
C VAL C 239 -13.29 2.75 35.76
N ALA C 240 -14.28 3.61 35.86
CA ALA C 240 -14.79 4.05 37.15
C ALA C 240 -16.26 4.45 36.95
N VAL C 241 -16.96 4.78 38.03
CA VAL C 241 -18.32 5.26 37.91
C VAL C 241 -18.49 6.53 38.74
N GLY C 242 -19.48 7.33 38.38
CA GLY C 242 -19.76 8.55 39.10
C GLY C 242 -21.10 9.15 38.71
N GLU C 243 -21.36 10.34 39.23
CA GLU C 243 -22.59 11.08 39.01
C GLU C 243 -22.24 12.37 38.30
N PHE C 244 -22.57 12.46 37.00
CA PHE C 244 -22.10 13.54 36.13
C PHE C 244 -23.20 14.16 35.24
N ASP C 245 -24.42 13.64 35.29
CA ASP C 245 -25.53 14.21 34.51
C ASP C 245 -26.64 14.79 35.39
N GLY C 246 -26.35 15.04 36.66
CA GLY C 246 -27.28 15.71 37.55
C GLY C 246 -28.57 14.95 37.82
N ASP C 247 -28.68 13.74 37.28
CA ASP C 247 -29.84 12.91 37.52
C ASP C 247 -29.49 11.79 38.49
N LEU C 248 -29.63 12.06 39.78
CA LEU C 248 -29.25 11.10 40.81
C LEU C 248 -29.78 9.68 40.57
N ASN C 249 -30.84 9.55 39.78
CA ASN C 249 -31.41 8.23 39.45
C ASN C 249 -30.51 7.35 38.56
N THR C 250 -29.69 7.97 37.70
CA THR C 250 -28.89 7.21 36.75
C THR C 250 -27.42 7.21 37.10
N THR C 251 -26.72 6.16 36.72
CA THR C 251 -25.30 6.04 36.97
C THR C 251 -24.52 6.26 35.68
N GLU C 252 -23.51 7.12 35.74
CA GLU C 252 -22.66 7.36 34.59
C GLU C 252 -21.34 6.57 34.72
N TYR C 253 -20.80 6.15 33.58
CA TYR C 253 -19.55 5.40 33.53
C TYR C 253 -18.45 6.28 33.01
N VAL C 254 -17.24 6.05 33.51
CA VAL C 254 -16.03 6.75 33.09
C VAL C 254 -15.08 5.66 32.59
N VAL C 255 -14.57 5.86 31.38
CA VAL C 255 -13.79 4.84 30.70
C VAL C 255 -12.52 5.44 30.15
N GLY C 256 -11.39 4.83 30.48
CA GLY C 256 -10.11 5.23 29.92
C GLY C 256 -9.80 4.47 28.63
N ALA C 257 -9.26 5.19 27.65
CA ALA C 257 -8.90 4.58 26.36
C ALA C 257 -7.54 5.12 25.98
N PRO C 258 -6.46 4.54 26.54
CA PRO C 258 -5.22 5.31 26.59
C PRO C 258 -4.50 5.39 25.26
N THR C 259 -4.94 4.62 24.27
CA THR C 259 -4.30 4.71 22.96
C THR C 259 -5.27 5.23 21.89
N TRP C 260 -6.40 5.76 22.35
CA TRP C 260 -7.43 6.29 21.44
C TRP C 260 -6.84 7.31 20.47
N SER C 261 -7.33 7.28 19.23
CA SER C 261 -6.95 8.22 18.17
C SER C 261 -5.44 8.28 17.94
N TRP C 262 -4.88 7.16 17.46
CA TRP C 262 -3.46 7.09 17.17
C TRP C 262 -2.60 7.47 18.37
N THR C 263 -2.91 6.85 19.50
CA THR C 263 -2.22 7.02 20.78
C THR C 263 -2.32 8.42 21.39
N LEU C 264 -3.20 9.29 20.88
CA LEU C 264 -3.48 10.54 21.58
C LEU C 264 -3.99 10.28 23.00
N GLY C 265 -4.81 9.24 23.18
CA GLY C 265 -5.45 8.97 24.46
C GLY C 265 -6.77 9.72 24.66
N ALA C 266 -7.70 9.13 25.40
CA ALA C 266 -8.95 9.80 25.75
C ALA C 266 -9.55 9.19 26.99
N VAL C 267 -10.45 9.94 27.63
CA VAL C 267 -11.32 9.42 28.65
C VAL C 267 -12.76 9.81 28.29
N GLU C 268 -13.73 8.93 28.45
CA GLU C 268 -15.08 9.29 28.09
C GLU C 268 -16.01 9.05 29.26
N ILE C 269 -17.03 9.89 29.36
CA ILE C 269 -18.06 9.73 30.36
C ILE C 269 -19.34 9.37 29.62
N LEU C 270 -20.01 8.29 30.02
CA LEU C 270 -21.15 7.75 29.28
C LEU C 270 -22.34 7.59 30.21
N ASP C 271 -23.55 7.49 29.64
CA ASP C 271 -24.68 7.07 30.45
C ASP C 271 -24.70 5.54 30.46
N SER C 272 -25.61 4.94 31.21
CA SER C 272 -25.61 3.49 31.40
C SER C 272 -25.98 2.72 30.13
N TYR C 273 -26.40 3.45 29.09
CA TYR C 273 -26.62 2.85 27.78
C TYR C 273 -25.42 3.07 26.83
N TYR C 274 -24.29 3.48 27.39
CA TYR C 274 -23.07 3.70 26.60
C TYR C 274 -23.16 4.83 25.58
N GLN C 275 -24.10 5.76 25.75
CA GLN C 275 -24.12 6.96 24.93
C GLN C 275 -23.13 7.96 25.52
N ARG C 276 -22.35 8.59 24.66
CA ARG C 276 -21.28 9.45 25.13
C ARG C 276 -21.81 10.81 25.57
N LEU C 277 -21.48 11.18 26.81
CA LEU C 277 -21.87 12.46 27.38
C LEU C 277 -20.73 13.49 27.24
N HIS C 278 -19.49 13.05 27.41
CA HIS C 278 -18.35 13.94 27.21
CA HIS C 278 -18.32 13.94 27.38
C HIS C 278 -17.09 13.17 26.88
N ARG C 279 -16.19 13.82 26.17
CA ARG C 279 -14.91 13.22 25.85
C ARG C 279 -13.77 14.16 26.22
N LEU C 280 -12.78 13.60 26.91
CA LEU C 280 -11.57 14.32 27.24
C LEU C 280 -10.42 13.74 26.43
N ARG C 281 -9.67 14.60 25.76
CA ARG C 281 -8.58 14.16 24.89
C ARG C 281 -7.24 14.30 25.57
N GLY C 282 -6.32 13.40 25.24
CA GLY C 282 -4.97 13.45 25.75
C GLY C 282 -4.27 14.69 25.22
N GLU C 283 -3.18 15.04 25.86
CA GLU C 283 -2.43 16.25 25.54
C GLU C 283 -1.24 15.90 24.65
N GLN C 284 -0.73 14.69 24.80
CA GLN C 284 0.53 14.33 24.16
C GLN C 284 0.50 12.85 23.79
N MET C 285 0.74 12.56 22.53
CA MET C 285 0.72 11.21 22.03
C MET C 285 1.63 10.29 22.84
N ALA C 286 1.15 9.08 23.09
CA ALA C 286 1.88 8.03 23.79
C ALA C 286 2.00 8.28 25.29
N SER C 287 1.37 9.33 25.82
CA SER C 287 1.53 9.62 27.26
C SER C 287 0.63 8.72 28.12
N TYR C 288 -0.20 7.92 27.44
CA TYR C 288 -1.10 6.98 28.09
C TYR C 288 -2.13 7.69 28.95
N PHE C 289 -2.63 8.81 28.45
CA PHE C 289 -3.70 9.55 29.11
C PHE C 289 -4.90 8.62 29.13
N GLY C 290 -5.40 8.36 30.34
CA GLY C 290 -6.47 7.39 30.51
C GLY C 290 -6.00 6.09 31.14
N HIS C 291 -4.69 5.96 31.36
CA HIS C 291 -4.17 4.76 32.03
C HIS C 291 -4.92 4.53 33.35
N SER C 292 -5.34 5.60 34.00
CA SER C 292 -6.04 5.51 35.27
C SER C 292 -7.02 6.64 35.34
N VAL C 293 -8.12 6.42 36.05
CA VAL C 293 -9.14 7.43 36.25
C VAL C 293 -9.63 7.29 37.67
N ALA C 294 -10.04 8.41 38.25
CA ALA C 294 -10.60 8.42 39.59
C ALA C 294 -11.75 9.40 39.64
N VAL C 295 -12.76 9.07 40.42
CA VAL C 295 -13.90 9.95 40.57
C VAL C 295 -14.11 10.26 42.03
N THR C 296 -14.04 11.54 42.37
CA THR C 296 -14.30 11.98 43.73
C THR C 296 -14.55 13.48 43.71
N ASP C 297 -15.46 13.96 44.57
CA ASP C 297 -15.69 15.40 44.75
C ASP C 297 -14.60 15.97 45.65
N VAL C 298 -13.69 16.76 45.09
CA VAL C 298 -12.55 17.27 45.88
C VAL C 298 -12.72 18.69 46.42
N ASN C 299 -13.66 19.46 45.87
CA ASN C 299 -13.82 20.85 46.33
C ASN C 299 -15.11 21.06 47.11
N GLY C 300 -15.57 19.99 47.75
CA GLY C 300 -16.70 20.04 48.67
C GLY C 300 -18.03 20.62 48.16
N ASP C 301 -18.32 20.56 46.86
CA ASP C 301 -19.55 21.19 46.38
C ASP C 301 -20.63 20.18 45.99
N GLY C 302 -20.46 18.93 46.40
CA GLY C 302 -21.43 17.89 46.09
C GLY C 302 -21.32 17.28 44.70
N ARG C 303 -20.52 17.88 43.84
CA ARG C 303 -20.39 17.39 42.47
C ARG C 303 -19.08 16.62 42.26
N HIS C 304 -19.19 15.39 41.80
CA HIS C 304 -18.05 14.54 41.51
C HIS C 304 -17.10 15.20 40.51
N ASP C 305 -15.82 15.22 40.82
CA ASP C 305 -14.81 15.66 39.84
C ASP C 305 -14.05 14.47 39.27
N LEU C 306 -13.35 14.70 38.17
CA LEU C 306 -12.63 13.65 37.46
C LEU C 306 -11.11 13.88 37.48
N LEU C 307 -10.37 12.84 37.84
CA LEU C 307 -8.92 12.83 37.76
C LEU C 307 -8.45 11.82 36.72
N VAL C 308 -7.47 12.21 35.90
CA VAL C 308 -6.97 11.32 34.84
C VAL C 308 -5.47 11.28 34.95
N GLY C 309 -4.92 10.07 34.84
CA GLY C 309 -3.48 9.86 34.88
C GLY C 309 -2.93 9.62 33.48
N ALA C 310 -1.79 10.23 33.18
CA ALA C 310 -1.05 9.98 31.93
C ALA C 310 0.41 9.74 32.34
N PRO C 311 0.71 8.51 32.77
CA PRO C 311 1.97 8.18 33.43
C PRO C 311 3.21 8.39 32.58
N LEU C 312 3.06 8.54 31.27
CA LEU C 312 4.25 8.69 30.43
C LEU C 312 4.34 10.07 29.81
N TYR C 313 3.64 11.02 30.41
CA TYR C 313 3.70 12.39 29.92
C TYR C 313 5.13 12.90 29.99
N MET C 314 5.60 13.49 28.91
CA MET C 314 6.94 14.06 28.87
C MET C 314 6.86 15.56 29.02
N GLU C 315 7.42 16.05 30.10
CA GLU C 315 7.43 17.47 30.42
C GLU C 315 8.51 18.24 29.65
N SER C 316 8.19 19.47 29.26
CA SER C 316 9.14 20.34 28.57
C SER C 316 10.20 20.81 29.53
N ARG C 317 11.46 20.77 29.10
CA ARG C 317 12.55 21.33 29.87
C ARG C 317 13.49 22.19 29.02
N ALA C 318 14.42 22.85 29.68
CA ALA C 318 15.32 23.77 29.02
C ALA C 318 15.97 23.12 27.81
N ASP C 319 16.07 23.90 26.73
CA ASP C 319 16.73 23.49 25.49
C ASP C 319 15.88 22.60 24.60
N ARG C 320 14.57 22.83 24.60
CA ARG C 320 13.68 22.05 23.74
C ARG C 320 13.72 20.55 24.10
N LYS C 321 14.05 20.24 25.35
CA LYS C 321 14.13 18.86 25.79
C LYS C 321 12.86 18.40 26.50
N LEU C 322 12.72 17.09 26.60
CA LEU C 322 11.51 16.48 27.12
C LEU C 322 11.98 15.46 28.14
N ALA C 323 11.26 15.36 29.24
CA ALA C 323 11.63 14.44 30.29
C ALA C 323 10.39 13.67 30.67
N GLU C 324 10.42 12.36 30.51
CA GLU C 324 9.28 11.53 30.85
C GLU C 324 9.11 11.46 32.36
N VAL C 325 8.00 12.02 32.84
CA VAL C 325 7.74 12.07 34.28
C VAL C 325 6.31 11.67 34.67
N GLY C 326 5.35 11.83 33.76
CA GLY C 326 3.96 11.52 34.10
C GLY C 326 3.17 12.76 34.55
N ARG C 327 1.85 12.74 34.36
CA ARG C 327 1.01 13.90 34.71
C ARG C 327 -0.41 13.47 35.10
N VAL C 328 -1.00 14.21 36.04
CA VAL C 328 -2.39 13.99 36.45
C VAL C 328 -3.18 15.27 36.15
N TYR C 329 -4.38 15.09 35.62
CA TYR C 329 -5.24 16.17 35.19
C TYR C 329 -6.50 16.16 36.04
N LEU C 330 -6.84 17.29 36.64
CA LEU C 330 -8.07 17.40 37.42
C LEU C 330 -9.10 18.22 36.65
N PHE C 331 -10.32 17.68 36.55
CA PHE C 331 -11.42 18.38 35.90
C PHE C 331 -12.54 18.50 36.91
N LEU C 332 -12.88 19.74 37.29
CA LEU C 332 -13.95 19.98 38.26
C LEU C 332 -15.29 19.98 37.53
N GLN C 333 -16.27 19.25 38.05
CA GLN C 333 -17.58 19.22 37.39
C GLN C 333 -18.29 20.57 37.61
N PRO C 334 -18.66 21.26 36.52
CA PRO C 334 -19.33 22.56 36.63
C PRO C 334 -20.78 22.43 37.07
N ARG C 335 -21.33 23.49 37.65
CA ARG C 335 -22.75 23.50 37.99
C ARG C 335 -23.57 23.46 36.72
N GLY C 336 -24.59 22.61 36.72
CA GLY C 336 -25.54 22.59 35.62
C GLY C 336 -25.13 21.66 34.50
N PRO C 337 -25.86 21.73 33.38
CA PRO C 337 -25.77 20.80 32.24
C PRO C 337 -24.43 20.84 31.52
N HIS C 338 -23.56 21.75 31.91
CA HIS C 338 -22.41 22.11 31.11
C HIS C 338 -21.35 21.01 31.02
N ALA C 339 -20.65 21.01 29.90
CA ALA C 339 -19.58 20.04 29.67
C ALA C 339 -18.37 20.39 30.56
N LEU C 340 -17.69 19.38 31.06
CA LEU C 340 -16.42 19.57 31.74
C LEU C 340 -15.52 20.29 30.76
N GLY C 341 -14.79 21.28 31.23
CA GLY C 341 -14.00 22.08 30.34
C GLY C 341 -12.54 21.69 30.39
N ALA C 342 -11.68 22.71 30.36
CA ALA C 342 -10.26 22.48 30.42
C ALA C 342 -9.90 22.03 31.83
N PRO C 343 -8.71 21.46 32.00
CA PRO C 343 -8.29 21.06 33.34
C PRO C 343 -8.30 22.23 34.32
N SER C 344 -8.82 21.99 35.51
CA SER C 344 -8.73 22.94 36.60
C SER C 344 -7.32 22.98 37.16
N LEU C 345 -6.58 21.89 37.01
CA LEU C 345 -5.27 21.75 37.64
C LEU C 345 -4.47 20.62 36.99
N LEU C 346 -3.19 20.89 36.74
CA LEU C 346 -2.25 19.90 36.27
C LEU C 346 -1.21 19.60 37.36
N LEU C 347 -1.10 18.35 37.81
CA LEU C 347 0.03 17.90 38.63
C LEU C 347 1.04 17.14 37.75
N THR C 348 2.33 17.43 37.89
CA THR C 348 3.35 16.82 37.04
C THR C 348 4.43 16.16 37.88
N GLY C 349 4.92 15.01 37.44
CA GLY C 349 5.91 14.30 38.23
C GLY C 349 7.25 15.01 38.13
N THR C 350 8.24 14.54 38.88
CA THR C 350 9.57 15.16 38.84
C THR C 350 10.65 14.13 38.54
N GLN C 351 10.46 12.90 39.02
CA GLN C 351 11.49 11.89 38.82
C GLN C 351 11.36 11.28 37.41
N LEU C 352 12.45 11.32 36.66
CA LEU C 352 12.54 10.71 35.33
C LEU C 352 12.11 9.23 35.36
N TYR C 353 11.16 8.89 34.52
CA TYR C 353 10.64 7.53 34.40
C TYR C 353 9.82 7.10 35.61
N GLY C 354 9.40 8.05 36.45
CA GLY C 354 8.74 7.71 37.70
C GLY C 354 7.32 7.19 37.52
N ARG C 355 6.69 7.55 36.39
CA ARG C 355 5.30 7.19 36.08
C ARG C 355 4.29 7.74 37.07
N PHE C 356 4.50 8.99 37.47
CA PHE C 356 3.52 9.71 38.28
C PHE C 356 2.18 9.67 37.57
N GLY C 357 1.11 9.29 38.26
CA GLY C 357 -0.21 9.15 37.65
C GLY C 357 -0.57 7.75 37.20
N SER C 358 0.25 6.76 37.55
CA SER C 358 -0.04 5.37 37.21
CA SER C 358 -0.05 5.37 37.24
C SER C 358 -1.30 4.90 37.94
N ALA C 359 -1.50 5.38 39.15
CA ALA C 359 -2.69 5.05 39.94
C ALA C 359 -3.10 6.28 40.72
N ILE C 360 -4.41 6.45 40.89
CA ILE C 360 -4.97 7.58 41.57
C ILE C 360 -6.10 7.07 42.45
N ALA C 361 -6.02 7.31 43.76
CA ALA C 361 -7.01 6.77 44.68
C ALA C 361 -7.72 7.87 45.47
N PRO C 362 -9.05 7.93 45.37
CA PRO C 362 -9.76 8.81 46.32
C PRO C 362 -9.46 8.36 47.74
N LEU C 363 -9.20 9.30 48.64
CA LEU C 363 -8.91 8.94 50.02
C LEU C 363 -10.08 9.23 50.94
N GLY C 364 -11.15 9.80 50.41
CA GLY C 364 -12.18 10.37 51.28
C GLY C 364 -11.56 11.56 51.96
N ASP C 365 -12.05 11.94 53.14
CA ASP C 365 -11.54 13.13 53.81
C ASP C 365 -10.56 12.69 54.86
N LEU C 366 -9.29 12.64 54.46
CA LEU C 366 -8.22 12.14 55.30
C LEU C 366 -8.11 12.92 56.61
N ASP C 367 -8.13 14.25 56.52
CA ASP C 367 -7.97 15.11 57.70
C ASP C 367 -9.28 15.72 58.19
N ARG C 368 -10.41 15.26 57.65
CA ARG C 368 -11.74 15.65 58.11
C ARG C 368 -11.93 17.17 58.22
N ASP C 369 -11.69 17.88 57.13
CA ASP C 369 -11.79 19.34 57.14
C ASP C 369 -12.93 19.83 56.25
N GLY C 370 -13.59 18.90 55.57
CA GLY C 370 -14.69 19.24 54.68
C GLY C 370 -14.42 19.03 53.19
N TYR C 371 -13.20 18.63 52.83
CA TYR C 371 -12.87 18.42 51.42
C TYR C 371 -12.26 17.05 51.24
N ASN C 372 -12.66 16.32 50.20
CA ASN C 372 -12.06 15.01 49.96
C ASN C 372 -10.67 15.16 49.37
N ASP C 373 -9.85 14.13 49.51
CA ASP C 373 -8.44 14.20 49.15
C ASP C 373 -8.07 13.03 48.23
N ILE C 374 -6.88 13.07 47.63
CA ILE C 374 -6.45 11.99 46.77
C ILE C 374 -5.01 11.57 47.03
N ALA C 375 -4.67 10.38 46.58
CA ALA C 375 -3.29 9.92 46.56
C ALA C 375 -2.94 9.55 45.12
N VAL C 376 -1.76 9.95 44.69
CA VAL C 376 -1.29 9.62 43.35
C VAL C 376 -0.01 8.82 43.47
N ALA C 377 0.08 7.71 42.75
CA ALA C 377 1.30 6.89 42.73
C ALA C 377 2.25 7.26 41.60
N ALA C 378 3.54 7.25 41.91
CA ALA C 378 4.65 7.21 40.94
C ALA C 378 5.49 5.97 41.30
N PRO C 379 5.12 4.84 40.73
CA PRO C 379 5.70 3.56 41.14
C PRO C 379 7.20 3.40 40.91
N TYR C 380 7.80 4.27 40.10
CA TYR C 380 9.27 4.27 39.97
C TYR C 380 9.82 5.64 40.32
N GLY C 381 9.04 6.38 41.10
CA GLY C 381 9.41 7.75 41.44
C GLY C 381 10.23 7.81 42.73
N GLY C 382 10.36 9.02 43.27
CA GLY C 382 11.26 9.24 44.41
C GLY C 382 12.66 9.46 43.89
N PRO C 383 13.50 10.15 44.70
CA PRO C 383 14.92 10.41 44.42
C PRO C 383 15.70 9.13 44.10
N SER C 384 15.30 8.00 44.69
CA SER C 384 15.98 6.72 44.51
C SER C 384 15.34 5.87 43.39
N GLY C 385 14.24 6.33 42.79
CA GLY C 385 13.51 5.53 41.82
C GLY C 385 12.74 4.32 42.40
N ARG C 386 12.59 4.21 43.71
CA ARG C 386 11.99 2.98 44.29
C ARG C 386 10.47 3.07 44.40
N GLY C 387 9.92 4.25 44.11
CA GLY C 387 8.48 4.42 44.20
C GLY C 387 8.06 5.39 45.31
N GLN C 388 7.02 6.15 45.05
CA GLN C 388 6.58 7.20 45.94
C GLN C 388 5.08 7.35 45.76
N VAL C 389 4.38 7.66 46.84
CA VAL C 389 2.95 7.98 46.76
C VAL C 389 2.76 9.39 47.35
N LEU C 390 2.09 10.28 46.62
CA LEU C 390 1.92 11.66 47.06
C LEU C 390 0.47 11.97 47.42
N VAL C 391 0.25 12.57 48.58
CA VAL C 391 -1.09 12.92 49.04
C VAL C 391 -1.40 14.39 48.74
N PHE C 392 -2.51 14.64 48.06
CA PHE C 392 -2.95 16.00 47.73
C PHE C 392 -4.27 16.25 48.40
N LEU C 393 -4.37 17.37 49.12
CA LEU C 393 -5.58 17.68 49.90
C LEU C 393 -6.57 18.48 49.08
N GLY C 394 -7.86 18.15 49.21
CA GLY C 394 -8.93 18.92 48.62
C GLY C 394 -8.99 20.29 49.27
N GLN C 395 -9.56 21.25 48.54
CA GLN C 395 -9.83 22.58 49.09
C GLN C 395 -10.93 23.20 48.25
N SER C 396 -11.30 24.41 48.62
CA SER C 396 -12.33 25.18 47.94
C SER C 396 -12.13 25.23 46.42
N GLU C 397 -10.91 25.50 45.97
CA GLU C 397 -10.68 25.74 44.55
C GLU C 397 -10.24 24.50 43.77
N GLY C 398 -10.26 23.33 44.43
CA GLY C 398 -9.86 22.09 43.76
C GLY C 398 -8.99 21.25 44.67
N LEU C 399 -7.70 21.20 44.37
CA LEU C 399 -6.72 20.50 45.20
C LEU C 399 -5.59 21.46 45.46
N ARG C 400 -5.00 21.38 46.65
CA ARG C 400 -3.72 22.03 46.92
C ARG C 400 -2.72 21.45 45.92
N SER C 401 -1.76 22.27 45.52
CA SER C 401 -0.96 21.99 44.33
C SER C 401 0.36 21.28 44.67
N ARG C 402 0.77 21.39 45.92
CA ARG C 402 1.93 20.68 46.40
C ARG C 402 1.47 19.60 47.36
N PRO C 403 2.11 18.42 47.31
CA PRO C 403 1.57 17.36 48.17
C PRO C 403 1.75 17.72 49.63
N SER C 404 0.78 17.37 50.47
CA SER C 404 0.88 17.60 51.90
C SER C 404 1.67 16.50 52.57
N GLN C 405 1.79 15.37 51.89
CA GLN C 405 2.56 14.26 52.44
C GLN C 405 3.12 13.40 51.32
N VAL C 406 4.27 12.80 51.56
CA VAL C 406 4.90 11.92 50.60
C VAL C 406 5.26 10.60 51.28
N LEU C 407 4.90 9.48 50.66
CA LEU C 407 5.17 8.17 51.22
C LEU C 407 6.20 7.51 50.34
N ASP C 408 7.41 7.34 50.87
CA ASP C 408 8.49 6.70 50.12
C ASP C 408 8.42 5.19 50.29
N SER C 409 8.68 4.47 49.22
CA SER C 409 8.61 3.04 49.25
C SER C 409 9.54 2.50 50.34
N PRO C 410 9.01 1.68 51.24
CA PRO C 410 9.79 0.93 52.21
C PRO C 410 10.37 -0.37 51.62
N PHE C 411 10.16 -0.62 50.32
CA PHE C 411 10.61 -1.89 49.73
C PHE C 411 11.85 -1.66 48.87
N PRO C 412 12.43 -2.75 48.37
CA PRO C 412 13.64 -2.59 47.54
C PRO C 412 13.29 -2.08 46.13
N THR C 413 14.31 -1.69 45.37
CA THR C 413 14.15 -1.34 43.96
C THR C 413 13.36 -2.42 43.20
N GLY C 414 12.53 -1.98 42.27
CA GLY C 414 11.76 -2.88 41.43
C GLY C 414 10.41 -3.34 41.99
N SER C 415 10.01 -2.82 43.15
CA SER C 415 8.82 -3.35 43.81
C SER C 415 7.53 -2.80 43.17
N ALA C 416 7.65 -1.70 42.42
CA ALA C 416 6.48 -1.06 41.81
C ALA C 416 5.48 -0.54 42.87
N PHE C 417 6.00 -0.18 44.04
CA PHE C 417 5.22 0.43 45.12
C PHE C 417 4.30 1.51 44.57
N GLY C 418 3.00 1.37 44.80
CA GLY C 418 2.05 2.37 44.30
C GLY C 418 1.31 1.95 43.03
N PHE C 419 1.81 0.93 42.33
CA PHE C 419 1.14 0.46 41.11
C PHE C 419 -0.36 0.27 41.39
N SER C 420 -0.70 -0.21 42.58
CA SER C 420 -2.11 -0.22 42.99
C SER C 420 -2.30 0.53 44.30
N LEU C 421 -3.47 1.14 44.48
CA LEU C 421 -3.74 2.03 45.62
C LEU C 421 -5.20 1.92 45.95
N ARG C 422 -5.56 2.09 47.21
CA ARG C 422 -6.98 2.11 47.56
C ARG C 422 -7.13 2.82 48.90
N GLY C 423 -8.03 3.79 48.98
CA GLY C 423 -8.22 4.53 50.23
C GLY C 423 -9.69 4.66 50.57
N ALA C 424 -10.02 5.56 51.50
CA ALA C 424 -11.39 5.98 51.75
C ALA C 424 -12.17 5.02 52.65
N VAL C 425 -11.48 4.06 53.24
CA VAL C 425 -12.10 3.14 54.19
C VAL C 425 -11.31 3.09 55.50
N ASP C 426 -12.02 3.12 56.62
CA ASP C 426 -11.40 3.17 57.95
C ASP C 426 -11.23 1.76 58.52
N ILE C 427 -10.05 1.18 58.33
CA ILE C 427 -9.86 -0.24 58.60
C ILE C 427 -9.66 -0.58 60.08
N ASP C 428 -9.10 0.35 60.86
CA ASP C 428 -8.90 0.09 62.28
C ASP C 428 -9.95 0.82 63.16
N ASP C 429 -10.98 1.37 62.52
CA ASP C 429 -12.10 1.96 63.21
C ASP C 429 -11.69 3.05 64.21
N ASN C 430 -10.87 3.99 63.77
CA ASN C 430 -10.54 5.13 64.62
C ASN C 430 -11.20 6.40 64.10
N GLY C 431 -12.12 6.27 63.15
CA GLY C 431 -12.79 7.44 62.60
C GLY C 431 -12.10 8.14 61.43
N TYR C 432 -10.88 7.72 61.08
CA TYR C 432 -10.16 8.30 59.93
C TYR C 432 -9.90 7.24 58.85
N PRO C 433 -10.12 7.59 57.56
CA PRO C 433 -9.89 6.68 56.44
C PRO C 433 -8.41 6.36 56.20
N ASP C 434 -8.11 5.15 55.76
CA ASP C 434 -6.75 4.69 55.62
C ASP C 434 -6.41 4.41 54.17
N LEU C 435 -5.19 3.93 53.94
CA LEU C 435 -4.70 3.75 52.59
C LEU C 435 -3.91 2.47 52.50
N ILE C 436 -4.21 1.64 51.52
CA ILE C 436 -3.43 0.43 51.27
C ILE C 436 -2.70 0.61 49.95
N VAL C 437 -1.48 0.13 49.88
CA VAL C 437 -0.63 0.35 48.72
C VAL C 437 -0.05 -0.98 48.31
N GLY C 438 -0.25 -1.36 47.05
CA GLY C 438 0.33 -2.59 46.55
C GLY C 438 1.77 -2.40 46.07
N ALA C 439 2.63 -3.38 46.34
CA ALA C 439 3.95 -3.41 45.71
C ALA C 439 4.20 -4.78 45.12
N TYR C 440 3.66 -5.03 43.92
CA TYR C 440 3.57 -6.41 43.44
C TYR C 440 4.93 -7.03 43.13
N GLY C 441 5.93 -6.19 42.80
CA GLY C 441 7.26 -6.73 42.51
C GLY C 441 7.98 -7.23 43.76
N ALA C 442 7.53 -6.80 44.92
CA ALA C 442 8.00 -7.37 46.20
C ALA C 442 6.94 -8.29 46.81
N ASN C 443 5.85 -8.57 46.09
CA ASN C 443 4.83 -9.47 46.61
C ASN C 443 4.32 -9.08 47.99
N GLN C 444 4.07 -7.80 48.19
CA GLN C 444 3.68 -7.28 49.50
C GLN C 444 2.72 -6.13 49.37
N VAL C 445 1.99 -5.89 50.46
CA VAL C 445 1.06 -4.78 50.54
C VAL C 445 1.39 -4.02 51.82
N ALA C 446 1.39 -2.69 51.75
CA ALA C 446 1.60 -1.85 52.93
C ALA C 446 0.32 -1.13 53.25
N VAL C 447 0.05 -1.00 54.54
CA VAL C 447 -1.12 -0.29 55.02
C VAL C 447 -0.68 0.89 55.85
N TYR C 448 -1.18 2.06 55.50
CA TYR C 448 -0.93 3.28 56.25
C TYR C 448 -2.22 3.70 56.95
N ARG C 449 -2.10 3.99 58.24
CA ARG C 449 -3.23 4.38 59.09
C ARG C 449 -3.26 5.87 59.29
N ALA C 450 -4.40 6.48 59.01
CA ALA C 450 -4.54 7.89 59.26
C ALA C 450 -4.68 8.09 60.76
N GLN C 451 -3.91 9.02 61.32
CA GLN C 451 -3.97 9.33 62.74
C GLN C 451 -4.68 10.67 62.92
N PRO C 452 -5.32 10.89 64.07
CA PRO C 452 -6.09 12.13 64.31
C PRO C 452 -5.25 13.41 64.28
N VAL C 453 -5.87 14.53 63.95
CA VAL C 453 -5.19 15.81 63.87
C VAL C 453 -5.12 16.50 65.24
N GLY D 1 39.66 61.79 39.73
CA GLY D 1 38.27 61.87 39.19
C GLY D 1 37.31 60.96 39.93
N PRO D 2 36.05 61.41 40.11
CA PRO D 2 35.01 60.61 40.76
C PRO D 2 34.46 59.48 39.90
N ASN D 3 34.19 58.34 40.54
CA ASN D 3 33.62 57.18 39.87
C ASN D 3 33.25 56.11 40.91
N ILE D 4 32.83 54.93 40.46
CA ILE D 4 32.39 53.89 41.39
C ILE D 4 33.56 53.12 42.02
N CYS D 5 34.76 53.30 41.49
CA CYS D 5 35.96 52.69 42.07
C CYS D 5 36.42 53.48 43.29
N THR D 6 36.20 54.79 43.27
CA THR D 6 36.57 55.65 44.39
C THR D 6 35.46 55.72 45.42
N THR D 7 34.25 56.05 44.97
CA THR D 7 33.11 56.19 45.87
C THR D 7 32.87 54.94 46.73
N ARG D 8 33.26 53.77 46.23
CA ARG D 8 33.05 52.53 46.99
C ARG D 8 33.82 52.54 48.30
N GLY D 9 35.05 53.03 48.25
CA GLY D 9 35.90 53.03 49.44
C GLY D 9 36.07 51.60 49.90
N VAL D 10 36.82 50.84 49.10
CA VAL D 10 37.00 49.42 49.34
C VAL D 10 38.09 49.15 50.38
N SER D 11 38.03 47.99 51.02
CA SER D 11 38.94 47.66 52.11
C SER D 11 40.16 46.90 51.62
N SER D 12 40.09 46.35 50.41
CA SER D 12 41.14 45.46 49.94
C SER D 12 41.21 45.40 48.42
N CYS D 13 42.33 44.90 47.92
CA CYS D 13 42.57 44.80 46.48
C CYS D 13 41.52 43.95 45.79
N GLN D 14 41.08 42.92 46.48
CA GLN D 14 40.15 41.98 45.90
C GLN D 14 38.78 42.63 45.79
N GLN D 15 38.38 43.33 46.85
CA GLN D 15 37.11 44.02 46.87
C GLN D 15 37.09 45.06 45.74
N CYS D 16 38.22 45.72 45.55
CA CYS D 16 38.37 46.72 44.49
C CYS D 16 38.01 46.12 43.12
N LEU D 17 38.65 45.02 42.75
CA LEU D 17 38.38 44.36 41.46
C LEU D 17 36.93 43.89 41.34
N ALA D 18 36.33 43.45 42.44
CA ALA D 18 34.95 42.98 42.43
C ALA D 18 33.93 44.12 42.25
N VAL D 19 34.37 45.37 42.42
CA VAL D 19 33.47 46.48 42.21
C VAL D 19 33.04 46.56 40.76
N SER D 20 34.03 46.55 39.86
CA SER D 20 33.76 46.66 38.43
C SER D 20 35.02 46.30 37.65
N PRO D 21 34.84 45.76 36.44
CA PRO D 21 35.98 45.35 35.59
C PRO D 21 36.88 46.51 35.15
N MET D 22 36.43 47.74 35.33
CA MET D 22 37.25 48.90 34.98
C MET D 22 38.12 49.34 36.15
N CYS D 23 37.87 48.77 37.33
CA CYS D 23 38.60 49.16 38.53
C CYS D 23 40.03 48.61 38.50
N ALA D 24 40.94 49.38 39.08
CA ALA D 24 42.33 48.95 39.19
C ALA D 24 42.82 49.26 40.62
N TRP D 25 43.87 48.56 41.05
CA TRP D 25 44.35 48.71 42.43
C TRP D 25 45.82 49.03 42.47
N CYS D 26 46.19 49.98 43.31
CA CYS D 26 47.58 50.35 43.49
C CYS D 26 48.02 49.88 44.87
N SER D 27 49.08 49.08 44.91
CA SER D 27 49.59 48.58 46.18
C SER D 27 50.91 49.25 46.55
N ASP D 28 51.14 50.43 45.96
CA ASP D 28 52.36 51.21 46.23
C ASP D 28 52.39 51.70 47.67
N GLU D 29 53.36 51.24 48.43
CA GLU D 29 53.49 51.63 49.83
C GLU D 29 53.82 53.11 50.00
N ALA D 30 54.26 53.75 48.93
CA ALA D 30 54.66 55.15 48.99
C ALA D 30 53.64 56.03 48.28
N LEU D 31 52.38 55.61 48.34
CA LEU D 31 51.32 56.37 47.69
C LEU D 31 50.85 57.48 48.63
N PRO D 32 50.60 58.68 48.08
CA PRO D 32 50.13 59.80 48.91
C PRO D 32 49.03 59.36 49.86
N LEU D 33 48.99 59.89 51.08
CA LEU D 33 48.05 59.41 52.09
C LEU D 33 46.59 59.72 51.73
N GLY D 34 46.38 60.70 50.87
CA GLY D 34 45.03 61.07 50.46
C GLY D 34 44.51 60.25 49.28
N SER D 35 45.43 59.63 48.54
CA SER D 35 45.14 59.06 47.24
C SER D 35 44.28 57.78 47.31
N PRO D 36 43.30 57.65 46.39
CA PRO D 36 42.47 56.44 46.37
C PRO D 36 43.27 55.27 45.84
N ARG D 37 43.23 54.14 46.53
CA ARG D 37 43.94 52.97 46.05
C ARG D 37 43.14 52.28 44.95
N CYS D 38 41.81 52.48 44.96
CA CYS D 38 40.93 51.86 43.96
C CYS D 38 40.38 52.93 43.01
N ASP D 39 40.84 52.89 41.76
CA ASP D 39 40.51 53.90 40.77
C ASP D 39 40.73 53.29 39.38
N LEU D 40 40.28 53.99 38.34
CA LEU D 40 40.65 53.61 36.97
C LEU D 40 42.17 53.58 36.85
N LYS D 41 42.69 52.74 35.96
CA LYS D 41 44.15 52.59 35.84
C LYS D 41 44.85 53.90 35.48
N GLU D 42 44.20 54.73 34.66
CA GLU D 42 44.78 56.00 34.21
C GLU D 42 44.95 56.94 35.38
N ASN D 43 43.89 57.04 36.19
CA ASN D 43 43.90 57.89 37.37
C ASN D 43 44.99 57.48 38.35
N LEU D 44 45.26 56.19 38.46
CA LEU D 44 46.25 55.70 39.39
C LEU D 44 47.66 56.07 38.94
N LEU D 45 47.88 56.09 37.64
CA LEU D 45 49.19 56.39 37.09
C LEU D 45 49.52 57.88 37.23
N LYS D 46 48.52 58.71 37.03
CA LYS D 46 48.70 60.16 37.16
C LYS D 46 49.10 60.53 38.58
N ASP D 47 48.75 59.68 39.54
CA ASP D 47 49.03 59.96 40.94
C ASP D 47 50.27 59.23 41.44
N ASN D 48 51.25 59.07 40.56
CA ASN D 48 52.57 58.58 40.95
C ASN D 48 52.52 57.18 41.56
N CYS D 49 51.61 56.35 41.07
CA CYS D 49 51.62 54.96 41.47
C CYS D 49 52.65 54.23 40.62
N ALA D 50 53.62 53.60 41.29
CA ALA D 50 54.56 52.75 40.59
C ALA D 50 53.77 51.84 39.66
N PRO D 51 54.04 51.92 38.34
CA PRO D 51 53.34 51.11 37.36
C PRO D 51 53.39 49.61 37.67
N GLU D 52 54.52 49.16 38.22
CA GLU D 52 54.70 47.74 38.51
C GLU D 52 53.91 47.32 39.75
N SER D 53 53.39 48.31 40.46
CA SER D 53 52.59 48.08 41.67
C SER D 53 51.09 48.04 41.37
N ILE D 54 50.72 48.28 40.12
CA ILE D 54 49.31 48.31 39.74
C ILE D 54 48.80 46.91 39.37
N GLU D 55 47.65 46.55 39.94
CA GLU D 55 46.98 45.28 39.66
C GLU D 55 45.77 45.59 38.80
N PHE D 56 45.74 45.05 37.59
CA PHE D 56 44.63 45.31 36.69
C PHE D 56 44.47 44.15 35.72
N PRO D 57 43.89 43.03 36.19
CA PRO D 57 43.64 41.87 35.34
C PRO D 57 42.75 42.23 34.17
N VAL D 58 43.10 41.75 32.98
CA VAL D 58 42.23 41.93 31.82
C VAL D 58 41.72 40.58 31.34
N SER D 59 40.41 40.46 31.21
CA SER D 59 39.81 39.26 30.66
C SER D 59 40.37 39.03 29.27
N GLU D 60 40.69 37.77 28.95
CA GLU D 60 41.21 37.44 27.64
C GLU D 60 40.68 36.10 27.14
N ALA D 61 40.87 35.85 25.86
CA ALA D 61 40.67 34.54 25.29
C ALA D 61 41.95 34.17 24.56
N ARG D 62 42.40 32.94 24.72
CA ARG D 62 43.65 32.50 24.15
C ARG D 62 43.44 31.10 23.59
N VAL D 63 43.84 30.87 22.33
CA VAL D 63 43.71 29.56 21.73
C VAL D 63 44.85 28.63 22.14
N LEU D 64 44.51 27.40 22.51
CA LEU D 64 45.48 26.41 22.94
C LEU D 64 45.72 25.37 21.85
N GLU D 65 44.64 24.76 21.36
CA GLU D 65 44.72 23.81 20.25
C GLU D 65 43.84 24.31 19.10
N ASP D 66 44.43 24.37 17.92
CA ASP D 66 43.78 25.00 16.79
C ASP D 66 44.06 24.26 15.49
N ARG D 67 44.02 22.93 15.53
CA ARG D 67 44.20 22.13 14.32
C ARG D 67 43.26 22.65 13.23
N PRO D 68 43.70 22.56 11.97
CA PRO D 68 42.84 22.97 10.84
C PRO D 68 41.70 21.99 10.58
N LEU D 69 40.57 22.53 10.10
CA LEU D 69 39.43 21.71 9.74
C LEU D 69 39.84 20.81 8.58
N SER D 70 39.45 19.55 8.65
CA SER D 70 39.79 18.58 7.62
C SER D 70 39.05 18.92 6.33
N ASP D 71 39.65 18.55 5.21
CA ASP D 71 38.95 18.65 3.94
C ASP D 71 38.16 17.38 3.66
N LYS D 72 38.67 16.25 4.16
CA LYS D 72 38.01 14.95 3.97
C LYS D 72 37.91 14.18 5.29
N GLY D 73 37.04 13.18 5.31
CA GLY D 73 36.86 12.36 6.50
C GLY D 73 37.25 10.91 6.26
N SER D 74 37.89 10.67 5.12
CA SER D 74 38.44 9.37 4.79
C SER D 74 39.83 9.24 5.41
N GLY D 75 40.51 8.14 5.11
CA GLY D 75 41.79 7.87 5.73
C GLY D 75 41.64 7.45 7.18
N ASP D 76 42.21 8.23 8.09
CA ASP D 76 42.25 7.87 9.50
C ASP D 76 41.18 8.61 10.31
N SER D 77 40.22 7.86 10.82
CA SER D 77 39.26 8.46 11.72
C SER D 77 39.53 7.96 13.13
N SER D 78 39.29 8.82 14.11
CA SER D 78 38.90 10.19 13.83
C SER D 78 40.01 11.14 14.23
N GLN D 79 40.93 11.35 13.29
CA GLN D 79 41.85 12.47 13.37
C GLN D 79 41.34 13.47 12.35
N VAL D 80 40.15 13.17 11.83
CA VAL D 80 39.34 14.17 11.16
C VAL D 80 39.07 15.29 12.15
N THR D 81 38.97 16.52 11.66
CA THR D 81 38.74 17.67 12.53
C THR D 81 37.53 18.46 12.01
N GLN D 82 36.46 18.47 12.79
CA GLN D 82 35.21 19.07 12.34
C GLN D 82 34.90 20.32 13.13
N VAL D 83 35.67 20.54 14.20
CA VAL D 83 35.52 21.75 15.01
C VAL D 83 36.88 22.43 15.18
N SER D 84 36.89 23.76 15.15
CA SER D 84 38.09 24.54 15.51
C SER D 84 37.74 25.93 16.05
N PRO D 85 38.51 26.41 17.04
CA PRO D 85 39.56 25.69 17.75
C PRO D 85 39.01 24.46 18.45
N GLN D 86 39.88 23.60 18.97
CA GLN D 86 39.46 22.47 19.80
C GLN D 86 39.64 22.74 21.30
N ARG D 87 40.52 23.67 21.65
CA ARG D 87 40.71 24.02 23.07
C ARG D 87 41.11 25.48 23.22
N ILE D 88 40.49 26.16 24.18
CA ILE D 88 40.86 27.54 24.49
C ILE D 88 40.90 27.79 25.99
N ALA D 89 41.70 28.76 26.38
CA ALA D 89 41.81 29.21 27.76
C ALA D 89 41.13 30.55 27.88
N LEU D 90 40.13 30.63 28.74
CA LEU D 90 39.35 31.84 28.92
C LEU D 90 39.63 32.38 30.32
N ARG D 91 39.89 33.69 30.44
CA ARG D 91 40.10 34.33 31.74
C ARG D 91 39.08 35.42 31.94
N LEU D 92 38.40 35.40 33.07
CA LEU D 92 37.34 36.35 33.35
C LEU D 92 37.56 36.95 34.72
N ARG D 93 37.48 38.25 34.83
CA ARG D 93 37.47 38.84 36.15
C ARG D 93 36.01 39.06 36.53
N PRO D 94 35.74 39.30 37.81
CA PRO D 94 34.37 39.36 38.35
C PRO D 94 33.41 40.17 37.47
N ASP D 95 32.21 39.63 37.25
CA ASP D 95 31.15 40.34 36.53
C ASP D 95 31.57 40.81 35.15
N ASP D 96 32.56 40.14 34.56
CA ASP D 96 33.05 40.54 33.25
C ASP D 96 32.61 39.54 32.18
N SER D 97 32.93 39.83 30.92
CA SER D 97 32.63 38.94 29.82
C SER D 97 33.67 39.07 28.71
N LYS D 98 33.87 37.98 27.97
CA LYS D 98 34.73 37.99 26.79
C LYS D 98 34.09 37.11 25.72
N ASN D 99 34.45 37.35 24.47
CA ASN D 99 33.88 36.60 23.38
C ASN D 99 34.99 35.81 22.68
N PHE D 100 34.59 34.75 22.01
CA PHE D 100 35.50 33.88 21.29
C PHE D 100 34.70 33.26 20.18
N SER D 101 35.29 32.32 19.43
CA SER D 101 34.63 31.82 18.22
C SER D 101 34.79 30.32 18.01
N ILE D 102 33.86 29.76 17.27
CA ILE D 102 33.95 28.36 16.89
C ILE D 102 33.52 28.23 15.42
N GLN D 103 34.29 27.48 14.64
CA GLN D 103 33.88 27.10 13.31
C GLN D 103 33.51 25.63 13.30
N VAL D 104 32.49 25.28 12.53
CA VAL D 104 32.03 23.90 12.45
C VAL D 104 31.83 23.51 10.98
N ARG D 105 32.42 22.39 10.57
CA ARG D 105 32.30 21.93 9.17
C ARG D 105 31.66 20.54 9.07
N GLN D 106 30.70 20.40 8.16
CA GLN D 106 30.17 19.10 7.79
C GLN D 106 31.13 18.48 6.78
N VAL D 107 32.10 17.71 7.27
CA VAL D 107 33.19 17.25 6.42
C VAL D 107 32.74 16.34 5.29
N GLU D 108 33.23 16.62 4.09
CA GLU D 108 33.01 15.75 2.94
C GLU D 108 33.62 14.39 3.17
N ASP D 109 32.94 13.35 2.67
CA ASP D 109 33.43 11.97 2.67
C ASP D 109 33.72 11.43 4.08
N TYR D 110 32.69 11.46 4.91
CA TYR D 110 32.78 10.90 6.25
C TYR D 110 32.16 9.50 6.23
N PRO D 111 32.65 8.59 7.08
CA PRO D 111 32.11 7.22 7.05
C PRO D 111 30.63 7.17 7.41
N VAL D 112 29.92 6.16 6.92
CA VAL D 112 28.47 6.06 7.15
C VAL D 112 28.08 4.61 7.42
N ASP D 113 27.32 4.39 8.50
CA ASP D 113 26.72 3.10 8.82
C ASP D 113 25.24 3.20 8.57
N ILE D 114 24.70 2.23 7.84
CA ILE D 114 23.28 2.22 7.57
C ILE D 114 22.77 0.86 7.96
N TYR D 115 21.99 0.80 9.04
CA TYR D 115 21.40 -0.47 9.46
C TYR D 115 19.93 -0.46 9.10
N TYR D 116 19.53 -1.44 8.28
CA TYR D 116 18.20 -1.42 7.67
C TYR D 116 17.27 -2.31 8.49
N LEU D 117 16.29 -1.70 9.15
CA LEU D 117 15.45 -2.41 10.12
C LEU D 117 14.01 -2.52 9.58
N MET D 118 13.58 -3.74 9.26
CA MET D 118 12.41 -3.95 8.41
C MET D 118 11.26 -4.69 9.10
N ASP D 119 10.07 -4.10 8.99
CA ASP D 119 8.82 -4.76 9.38
C ASP D 119 8.68 -5.95 8.41
N LEU D 120 8.51 -7.18 8.92
CA LEU D 120 8.33 -8.34 8.02
C LEU D 120 7.03 -9.09 8.35
N SER D 121 6.01 -8.36 8.78
CA SER D 121 4.66 -8.90 8.83
C SER D 121 4.18 -9.03 7.37
N TYR D 122 3.00 -9.61 7.19
CA TYR D 122 2.61 -10.20 5.91
C TYR D 122 2.48 -9.18 4.79
N SER D 123 2.07 -7.96 5.12
CA SER D 123 1.89 -6.93 4.10
C SER D 123 3.21 -6.37 3.57
N MET D 124 4.32 -6.77 4.17
CA MET D 124 5.64 -6.34 3.70
C MET D 124 6.25 -7.41 2.77
N LYS D 125 5.45 -8.41 2.41
CA LYS D 125 5.90 -9.47 1.50
C LYS D 125 6.38 -8.92 0.15
N ASP D 126 5.55 -8.11 -0.50
CA ASP D 126 5.93 -7.50 -1.78
C ASP D 126 7.11 -6.53 -1.60
N ASP D 127 7.30 -6.00 -0.39
CA ASP D 127 8.41 -5.06 -0.15
C ASP D 127 9.74 -5.78 -0.25
N LEU D 128 9.79 -7.00 0.29
CA LEU D 128 10.95 -7.86 0.11
C LEU D 128 11.36 -8.00 -1.34
N TRP D 129 10.41 -8.18 -2.26
CA TRP D 129 10.77 -8.36 -3.64
CA TRP D 129 10.75 -8.34 -3.68
C TRP D 129 11.44 -7.10 -4.20
N SER D 130 11.03 -5.93 -3.72
CA SER D 130 11.55 -4.68 -4.29
C SER D 130 12.97 -4.37 -3.83
N ILE D 131 13.38 -4.94 -2.69
CA ILE D 131 14.71 -4.64 -2.15
C ILE D 131 15.71 -5.79 -2.32
N GLN D 132 15.38 -6.75 -3.17
CA GLN D 132 16.26 -7.89 -3.43
C GLN D 132 17.71 -7.47 -3.65
N ASN D 133 17.92 -6.41 -4.43
CA ASN D 133 19.25 -5.89 -4.72
C ASN D 133 19.48 -4.48 -4.16
N LEU D 134 18.76 -4.13 -3.08
CA LEU D 134 18.92 -2.81 -2.49
C LEU D 134 20.36 -2.57 -2.05
N GLY D 135 21.01 -3.59 -1.48
CA GLY D 135 22.36 -3.44 -0.99
C GLY D 135 23.34 -2.91 -2.02
N THR D 136 23.32 -3.47 -3.23
CA THR D 136 24.24 -3.03 -4.28
C THR D 136 23.84 -1.64 -4.83
N LYS D 137 22.54 -1.43 -5.05
CA LYS D 137 22.07 -0.12 -5.52
C LYS D 137 22.29 0.98 -4.49
N LEU D 138 22.11 0.66 -3.23
CA LEU D 138 22.37 1.60 -2.15
C LEU D 138 23.85 1.96 -2.13
N ALA D 139 24.70 0.96 -2.27
CA ALA D 139 26.13 1.22 -2.29
C ALA D 139 26.46 2.22 -3.41
N THR D 140 25.88 2.02 -4.58
CA THR D 140 26.15 2.88 -5.73
C THR D 140 25.84 4.35 -5.49
N GLN D 141 24.71 4.66 -4.86
CA GLN D 141 24.33 6.05 -4.66
C GLN D 141 25.10 6.67 -3.50
N MET D 142 25.36 5.86 -2.47
CA MET D 142 26.10 6.30 -1.29
C MET D 142 27.58 6.54 -1.60
N ARG D 143 28.10 5.88 -2.62
CA ARG D 143 29.53 5.97 -2.91
C ARG D 143 29.87 7.35 -3.46
N LYS D 144 28.86 8.04 -3.98
CA LYS D 144 29.00 9.42 -4.43
C LYS D 144 29.26 10.33 -3.23
N LEU D 145 28.79 9.91 -2.07
CA LEU D 145 28.88 10.71 -0.85
C LEU D 145 30.03 10.28 0.06
N THR D 146 30.25 8.97 0.18
CA THR D 146 31.24 8.45 1.12
C THR D 146 32.09 7.35 0.50
N SER D 147 33.31 7.22 1.00
CA SER D 147 34.24 6.15 0.63
C SER D 147 34.22 5.03 1.66
N ASN D 148 33.46 5.21 2.75
CA ASN D 148 33.45 4.27 3.87
C ASN D 148 32.04 3.88 4.31
N LEU D 149 31.36 3.12 3.48
CA LEU D 149 30.00 2.70 3.76
C LEU D 149 29.96 1.29 4.33
N ARG D 150 29.23 1.10 5.41
CA ARG D 150 28.86 -0.24 5.86
C ARG D 150 27.35 -0.30 5.94
N ILE D 151 26.77 -1.47 5.64
CA ILE D 151 25.34 -1.66 5.74
C ILE D 151 25.05 -2.97 6.45
N GLY D 152 23.86 -3.03 7.05
CA GLY D 152 23.43 -4.18 7.84
C GLY D 152 21.93 -4.33 7.74
N PHE D 153 21.39 -5.42 8.29
CA PHE D 153 19.96 -5.71 8.17
C PHE D 153 19.44 -6.39 9.44
N GLY D 154 18.23 -6.02 9.84
CA GLY D 154 17.49 -6.73 10.88
C GLY D 154 15.99 -6.65 10.60
N ALA D 155 15.19 -7.44 11.31
CA ALA D 155 13.77 -7.48 10.95
C ALA D 155 12.93 -7.73 12.17
N PHE D 156 11.66 -7.32 12.11
CA PHE D 156 10.84 -7.44 13.28
C PHE D 156 9.41 -7.73 12.88
N VAL D 157 8.64 -8.33 13.79
CA VAL D 157 7.20 -8.42 13.58
C VAL D 157 6.50 -7.85 14.80
N ASP D 158 6.39 -8.65 15.86
CA ASP D 158 5.79 -8.20 17.12
C ASP D 158 6.11 -9.23 18.20
N LYS D 159 5.73 -8.97 19.45
CA LYS D 159 5.98 -9.93 20.54
C LYS D 159 5.27 -11.27 20.23
N PRO D 160 6.02 -12.38 20.19
CA PRO D 160 5.40 -13.68 19.83
C PRO D 160 4.68 -14.30 21.02
N VAL D 161 3.53 -13.71 21.34
CA VAL D 161 2.74 -14.11 22.48
C VAL D 161 1.32 -13.70 22.17
N SER D 162 0.37 -14.50 22.62
CA SER D 162 -1.03 -14.18 22.47
C SER D 162 -1.34 -12.90 23.26
N PRO D 163 -2.15 -12.00 22.70
CA PRO D 163 -2.97 -12.14 21.48
C PRO D 163 -2.38 -11.51 20.21
N TYR D 164 -1.13 -11.06 20.23
CA TYR D 164 -0.50 -10.60 19.00
C TYR D 164 -0.32 -11.80 18.07
N MET D 165 -0.01 -12.95 18.66
CA MET D 165 0.38 -14.15 17.90
C MET D 165 -0.79 -15.13 17.85
N TYR D 166 -1.04 -15.75 16.69
CA TYR D 166 -2.00 -16.87 16.60
C TYR D 166 -1.41 -18.10 17.32
N ILE D 167 -2.18 -18.70 18.23
CA ILE D 167 -1.70 -19.85 18.99
C ILE D 167 -2.54 -21.14 18.83
N SER D 168 -3.37 -21.21 17.79
CA SER D 168 -4.12 -22.44 17.48
C SER D 168 -4.54 -22.46 16.01
N PRO D 169 -4.65 -23.67 15.42
CA PRO D 169 -4.28 -24.94 16.05
C PRO D 169 -2.78 -25.03 16.11
N PRO D 170 -2.24 -26.17 16.56
CA PRO D 170 -0.78 -26.37 16.63
C PRO D 170 -0.04 -26.02 15.33
N GLU D 171 -0.66 -26.28 14.19
CA GLU D 171 -0.06 -25.96 12.89
C GLU D 171 0.27 -24.46 12.79
N ALA D 172 -0.54 -23.62 13.41
CA ALA D 172 -0.41 -22.18 13.24
C ALA D 172 0.83 -21.64 13.92
N LEU D 173 1.36 -22.33 14.92
CA LEU D 173 2.58 -21.87 15.58
C LEU D 173 3.78 -22.07 14.66
N GLU D 174 3.75 -23.16 13.90
CA GLU D 174 4.80 -23.50 12.92
C GLU D 174 4.67 -22.68 11.65
N ASN D 175 3.43 -22.34 11.29
CA ASN D 175 3.14 -21.64 10.06
C ASN D 175 1.87 -20.81 10.23
N PRO D 176 2.02 -19.55 10.64
CA PRO D 176 0.89 -18.67 10.91
C PRO D 176 0.00 -18.47 9.67
N CYS D 177 0.51 -18.83 8.49
CA CYS D 177 -0.27 -18.73 7.26
C CYS D 177 -0.92 -20.07 6.89
N TYR D 178 -1.11 -20.96 7.87
CA TYR D 178 -1.72 -22.26 7.59
C TYR D 178 -3.15 -22.12 7.03
N ASP D 179 -3.99 -21.29 7.66
CA ASP D 179 -5.40 -21.14 7.25
C ASP D 179 -5.55 -20.28 5.99
N MET D 180 -4.42 -19.91 5.42
CA MET D 180 -4.37 -19.38 4.07
C MET D 180 -3.70 -20.50 3.30
N LYS D 181 -3.66 -20.42 1.98
CA LYS D 181 -3.18 -21.55 1.22
C LYS D 181 -1.67 -21.46 1.04
N THR D 182 -0.98 -20.93 2.04
CA THR D 182 0.44 -20.62 1.87
C THR D 182 1.26 -20.88 3.15
N THR D 183 2.54 -20.57 3.07
CA THR D 183 3.46 -20.77 4.17
C THR D 183 4.27 -19.50 4.49
N CYS D 184 4.39 -19.18 5.77
CA CYS D 184 5.31 -18.14 6.22
C CYS D 184 6.04 -18.61 7.48
N LEU D 185 6.98 -17.80 7.97
CA LEU D 185 7.77 -18.16 9.16
C LEU D 185 6.99 -18.08 10.45
N PRO D 186 7.38 -18.88 11.45
CA PRO D 186 6.84 -18.63 12.78
C PRO D 186 7.11 -17.18 13.20
N MET D 187 6.26 -16.64 14.06
CA MET D 187 6.41 -15.27 14.53
C MET D 187 7.73 -15.04 15.28
N PHE D 188 8.31 -13.87 15.09
CA PHE D 188 9.50 -13.45 15.84
C PHE D 188 9.34 -12.00 16.23
N GLY D 189 9.94 -11.60 17.35
CA GLY D 189 9.84 -10.23 17.83
C GLY D 189 10.82 -9.34 17.07
N TYR D 190 12.10 -9.58 17.30
CA TYR D 190 13.16 -8.90 16.58
C TYR D 190 14.32 -9.87 16.39
N LYS D 191 14.87 -9.92 15.19
CA LYS D 191 16.04 -10.73 14.95
C LYS D 191 17.06 -9.93 14.15
N HIS D 192 18.29 -9.93 14.65
CA HIS D 192 19.42 -9.32 13.94
C HIS D 192 19.87 -10.29 12.85
N VAL D 193 20.06 -9.82 11.64
CA VAL D 193 20.43 -10.71 10.53
C VAL D 193 21.86 -10.51 10.02
N LEU D 194 22.26 -9.25 9.79
CA LEU D 194 23.56 -8.95 9.18
C LEU D 194 24.23 -7.80 9.89
N THR D 195 25.34 -8.12 10.54
CA THR D 195 26.16 -7.13 11.23
C THR D 195 26.67 -6.14 10.19
N LEU D 196 26.77 -4.86 10.55
CA LEU D 196 27.27 -3.87 9.61
C LEU D 196 28.56 -4.33 8.94
N THR D 197 28.56 -4.34 7.62
CA THR D 197 29.74 -4.75 6.86
C THR D 197 29.91 -3.90 5.62
N ASP D 198 31.14 -3.77 5.15
CA ASP D 198 31.41 -3.05 3.90
C ASP D 198 31.23 -3.94 2.66
N GLN D 199 30.95 -5.23 2.89
CA GLN D 199 30.67 -6.19 1.82
C GLN D 199 29.17 -6.17 1.47
N VAL D 200 28.81 -5.28 0.56
CA VAL D 200 27.40 -5.00 0.31
C VAL D 200 26.65 -6.18 -0.29
N THR D 201 27.37 -7.13 -0.90
CA THR D 201 26.72 -8.33 -1.44
C THR D 201 26.15 -9.21 -0.34
N ARG D 202 26.77 -9.20 0.84
CA ARG D 202 26.23 -9.92 1.98
C ARG D 202 24.80 -9.45 2.25
N PHE D 203 24.55 -8.16 2.08
CA PHE D 203 23.22 -7.62 2.25
C PHE D 203 22.22 -8.19 1.24
N ASN D 204 22.56 -8.19 -0.05
CA ASN D 204 21.70 -8.85 -1.05
C ASN D 204 21.45 -10.30 -0.69
N GLU D 205 22.49 -11.01 -0.26
CA GLU D 205 22.37 -12.44 0.01
C GLU D 205 21.40 -12.67 1.15
N GLU D 206 21.60 -11.96 2.25
CA GLU D 206 20.74 -12.15 3.41
C GLU D 206 19.31 -11.74 3.10
N VAL D 207 19.13 -10.62 2.42
CA VAL D 207 17.80 -10.15 2.09
C VAL D 207 17.01 -11.22 1.30
N LYS D 208 17.65 -11.87 0.34
CA LYS D 208 17.00 -12.91 -0.47
C LYS D 208 16.61 -14.17 0.33
N LYS D 209 17.21 -14.37 1.51
CA LYS D 209 16.86 -15.52 2.33
C LYS D 209 15.72 -15.21 3.31
N GLN D 210 15.30 -13.95 3.37
CA GLN D 210 14.28 -13.51 4.34
C GLN D 210 12.86 -13.83 3.87
N SER D 211 11.96 -14.04 4.81
CA SER D 211 10.55 -14.13 4.47
C SER D 211 9.70 -13.48 5.56
N VAL D 212 8.45 -13.15 5.24
CA VAL D 212 7.56 -12.53 6.19
C VAL D 212 6.98 -13.56 7.15
N SER D 213 6.39 -13.08 8.24
CA SER D 213 5.58 -13.89 9.14
C SER D 213 4.20 -13.24 9.19
N ARG D 214 3.43 -13.52 10.22
CA ARG D 214 2.07 -13.00 10.26
C ARG D 214 1.60 -12.94 11.68
N ASN D 215 0.87 -11.87 12.01
CA ASN D 215 0.32 -11.75 13.33
C ASN D 215 -1.03 -11.04 13.32
N ARG D 216 -1.64 -10.87 14.48
CA ARG D 216 -3.04 -10.52 14.55
C ARG D 216 -3.34 -9.01 14.55
N ASP D 217 -2.65 -8.20 15.35
CA ASP D 217 -3.10 -6.82 15.48
C ASP D 217 -2.27 -5.87 14.64
N ALA D 218 -2.88 -4.77 14.24
CA ALA D 218 -2.24 -3.85 13.31
C ALA D 218 -0.95 -3.21 13.88
N PRO D 219 -0.99 -2.63 15.11
CA PRO D 219 0.27 -2.04 15.60
C PRO D 219 1.35 -3.12 15.70
N GLU D 220 2.58 -2.85 15.31
CA GLU D 220 3.66 -3.84 15.34
C GLU D 220 4.69 -3.54 16.45
N GLY D 221 5.68 -4.42 16.56
CA GLY D 221 6.63 -4.39 17.67
C GLY D 221 7.95 -3.76 17.29
N GLY D 222 7.92 -2.81 16.36
CA GLY D 222 9.14 -2.19 15.90
C GLY D 222 9.90 -1.38 16.95
N PHE D 223 9.23 -0.82 17.95
CA PHE D 223 9.99 -0.04 18.94
C PHE D 223 10.89 -0.94 19.75
N ASP D 224 10.45 -2.17 20.04
CA ASP D 224 11.33 -3.15 20.66
C ASP D 224 12.61 -3.25 19.86
N ALA D 225 12.45 -3.30 18.53
CA ALA D 225 13.57 -3.56 17.65
C ALA D 225 14.47 -2.31 17.51
N ILE D 226 13.86 -1.13 17.46
CA ILE D 226 14.65 0.10 17.48
C ILE D 226 15.54 0.11 18.74
N MET D 227 14.98 -0.28 19.88
CA MET D 227 15.77 -0.19 21.13
C MET D 227 16.99 -1.15 21.04
N GLN D 228 16.75 -2.39 20.63
CA GLN D 228 17.82 -3.39 20.51
C GLN D 228 18.88 -3.01 19.46
N ALA D 229 18.45 -2.59 18.26
CA ALA D 229 19.40 -2.17 17.22
C ALA D 229 20.25 -1.01 17.73
N THR D 230 19.68 -0.22 18.63
CA THR D 230 20.39 0.92 19.22
C THR D 230 21.42 0.49 20.28
N VAL D 231 21.02 -0.37 21.23
CA VAL D 231 21.84 -0.62 22.42
C VAL D 231 22.72 -1.88 22.32
N CYS D 232 22.49 -2.69 21.30
CA CYS D 232 23.29 -3.90 21.09
C CYS D 232 24.50 -3.57 20.19
N ASP D 233 25.42 -2.77 20.73
CA ASP D 233 26.54 -2.23 19.94
C ASP D 233 27.36 -3.23 19.16
N GLU D 234 27.86 -4.25 19.85
CA GLU D 234 28.76 -5.19 19.20
C GLU D 234 28.02 -5.99 18.15
N LYS D 235 26.79 -6.38 18.46
CA LYS D 235 25.99 -7.16 17.54
C LYS D 235 25.74 -6.40 16.25
N ILE D 236 25.26 -5.16 16.37
CA ILE D 236 24.89 -4.39 15.21
C ILE D 236 26.16 -3.97 14.48
N GLY D 237 27.16 -3.58 15.26
CA GLY D 237 28.47 -3.24 14.73
C GLY D 237 28.66 -1.76 14.43
N TRP D 238 27.86 -0.88 15.03
CA TRP D 238 28.07 0.55 14.86
C TRP D 238 29.57 0.91 15.05
N ARG D 239 30.11 1.76 14.17
CA ARG D 239 31.51 2.19 14.22
C ARG D 239 31.65 3.49 14.98
N ASN D 240 32.77 3.66 15.68
CA ASN D 240 33.03 4.88 16.46
C ASN D 240 32.91 6.18 15.68
N ASP D 241 33.62 6.26 14.54
CA ASP D 241 33.69 7.51 13.79
C ASP D 241 32.93 7.37 12.47
N ALA D 242 31.60 7.38 12.56
CA ALA D 242 30.73 7.26 11.40
C ALA D 242 29.39 7.92 11.67
N SER D 243 28.71 8.39 10.63
CA SER D 243 27.29 8.73 10.78
C SER D 243 26.54 7.39 10.93
N HIS D 244 25.64 7.32 11.91
CA HIS D 244 24.86 6.10 12.17
C HIS D 244 23.43 6.31 11.74
N LEU D 245 23.00 5.65 10.66
CA LEU D 245 21.63 5.79 10.21
C LEU D 245 20.90 4.49 10.51
N LEU D 246 19.80 4.58 11.25
CA LEU D 246 18.93 3.44 11.55
C LEU D 246 17.64 3.64 10.71
N VAL D 247 17.49 2.84 9.67
CA VAL D 247 16.36 3.03 8.77
C VAL D 247 15.25 2.07 9.19
N PHE D 248 14.14 2.65 9.63
CA PHE D 248 13.00 1.92 10.18
C PHE D 248 11.85 1.89 9.14
N THR D 249 11.62 0.76 8.50
CA THR D 249 10.56 0.70 7.47
C THR D 249 9.36 -0.08 7.97
N THR D 250 8.19 0.55 7.87
CA THR D 250 6.94 -0.07 8.27
C THR D 250 5.77 0.61 7.58
N ASP D 251 4.67 -0.12 7.46
CA ASP D 251 3.45 0.39 6.82
C ASP D 251 2.33 0.47 7.84
N ALA D 252 2.63 0.31 9.14
CA ALA D 252 1.61 0.23 10.19
C ALA D 252 1.89 1.11 11.41
N LYS D 253 0.84 1.30 12.21
CA LYS D 253 0.96 1.83 13.57
C LYS D 253 1.97 1.02 14.37
N THR D 254 2.26 1.51 15.57
CA THR D 254 3.27 0.84 16.41
C THR D 254 2.82 0.69 17.86
N HIS D 255 3.22 -0.41 18.50
CA HIS D 255 2.98 -0.55 19.92
C HIS D 255 3.91 0.36 20.69
N ILE D 256 3.47 0.79 21.87
CA ILE D 256 4.25 1.70 22.71
C ILE D 256 4.23 1.20 24.16
N ALA D 257 5.07 1.78 25.01
CA ALA D 257 5.16 1.36 26.41
C ALA D 257 3.78 1.40 27.03
N LEU D 258 3.49 0.34 27.82
CA LEU D 258 2.22 0.07 28.51
C LEU D 258 1.16 -0.72 27.66
N ASP D 259 1.36 -0.83 26.34
CA ASP D 259 0.56 -1.76 25.51
C ASP D 259 0.77 -3.22 25.93
N GLY D 260 1.97 -3.54 26.42
CA GLY D 260 2.31 -4.92 26.73
C GLY D 260 1.44 -5.59 27.78
N ARG D 261 0.71 -4.79 28.55
CA ARG D 261 -0.18 -5.36 29.54
C ARG D 261 -1.26 -6.22 28.87
N LEU D 262 -1.54 -5.98 27.59
CA LEU D 262 -2.52 -6.83 26.90
C LEU D 262 -2.02 -8.26 26.73
N ALA D 263 -0.71 -8.46 26.82
CA ALA D 263 -0.13 -9.80 26.76
C ALA D 263 0.37 -10.23 28.15
N GLY D 264 -0.15 -9.61 29.20
CA GLY D 264 0.28 -9.90 30.57
C GLY D 264 1.69 -9.40 30.94
N ILE D 265 2.25 -8.53 30.12
CA ILE D 265 3.63 -8.07 30.32
C ILE D 265 3.64 -6.70 30.96
N VAL D 266 4.17 -6.60 32.18
CA VAL D 266 4.16 -5.33 32.90
C VAL D 266 5.57 -4.80 33.29
N GLN D 267 6.59 -5.65 33.23
CA GLN D 267 7.95 -5.20 33.51
C GLN D 267 8.42 -4.07 32.54
N PRO D 268 8.79 -2.91 33.09
CA PRO D 268 9.28 -1.82 32.23
C PRO D 268 10.52 -2.20 31.42
N ASN D 269 10.63 -1.65 30.23
CA ASN D 269 11.79 -1.92 29.40
C ASN D 269 13.05 -1.41 30.14
N ASP D 270 14.12 -2.22 30.20
CA ASP D 270 15.32 -1.83 30.98
C ASP D 270 16.39 -1.12 30.14
N GLY D 271 16.19 -1.00 28.82
CA GLY D 271 17.12 -0.27 27.98
C GLY D 271 18.43 -1.01 27.74
N GLN D 272 18.48 -2.30 28.05
CA GLN D 272 19.69 -3.11 27.87
C GLN D 272 19.58 -4.06 26.67
N CYS D 273 20.73 -4.58 26.22
CA CYS D 273 20.76 -5.57 25.13
C CYS D 273 20.30 -6.95 25.62
N HIS D 274 19.42 -7.59 24.86
CA HIS D 274 19.01 -8.94 25.17
C HIS D 274 19.00 -9.77 23.90
N VAL D 275 19.96 -9.49 23.03
CA VAL D 275 20.17 -10.31 21.83
C VAL D 275 21.48 -11.05 22.00
N GLY D 276 21.41 -12.37 22.14
CA GLY D 276 22.61 -13.19 22.25
C GLY D 276 22.98 -13.93 20.97
N SER D 277 23.61 -15.08 21.13
CA SER D 277 24.18 -15.83 20.00
C SER D 277 23.15 -16.23 18.94
N ASP D 278 21.94 -16.58 19.37
CA ASP D 278 20.87 -16.96 18.44
C ASP D 278 20.30 -15.77 17.63
N ASN D 279 20.62 -14.55 18.05
CA ASN D 279 20.36 -13.33 17.24
C ASN D 279 18.91 -12.85 17.28
N HIS D 280 18.13 -13.41 18.18
CA HIS D 280 16.76 -12.96 18.45
C HIS D 280 16.69 -12.18 19.78
N TYR D 281 15.70 -11.32 19.91
CA TYR D 281 15.47 -10.55 21.14
C TYR D 281 14.81 -11.46 22.18
N SER D 282 15.60 -11.91 23.15
CA SER D 282 15.14 -12.89 24.14
C SER D 282 14.16 -12.33 25.17
N ALA D 283 14.10 -11.02 25.35
CA ALA D 283 13.15 -10.46 26.34
C ALA D 283 11.84 -9.98 25.66
N SER D 284 11.63 -10.38 24.41
CA SER D 284 10.45 -9.92 23.68
C SER D 284 9.15 -10.23 24.42
N THR D 285 9.11 -11.38 25.08
CA THR D 285 7.87 -11.86 25.72
C THR D 285 7.83 -11.58 27.24
N THR D 286 8.89 -10.97 27.77
CA THR D 286 8.95 -10.74 29.23
C THR D 286 9.13 -9.27 29.65
N MET D 287 9.37 -8.40 28.68
CA MET D 287 9.61 -7.00 28.95
C MET D 287 8.72 -6.14 28.04
N ASP D 288 8.18 -5.04 28.58
CA ASP D 288 7.31 -4.14 27.85
C ASP D 288 8.04 -3.36 26.75
N TYR D 289 7.27 -2.89 25.79
CA TYR D 289 7.79 -2.01 24.75
C TYR D 289 8.43 -0.77 25.41
N PRO D 290 9.44 -0.17 24.79
CA PRO D 290 10.06 1.00 25.41
C PRO D 290 9.20 2.27 25.23
N SER D 291 9.36 3.23 26.12
CA SER D 291 8.69 4.50 26.02
C SER D 291 9.51 5.40 25.10
N LEU D 292 8.90 6.45 24.57
CA LEU D 292 9.60 7.43 23.73
C LEU D 292 10.80 8.04 24.42
N GLY D 293 10.66 8.37 25.71
CA GLY D 293 11.73 9.04 26.44
C GLY D 293 12.94 8.11 26.52
N LEU D 294 12.71 6.83 26.76
CA LEU D 294 13.82 5.90 26.88
C LEU D 294 14.50 5.70 25.54
N MET D 295 13.71 5.67 24.46
CA MET D 295 14.27 5.50 23.13
C MET D 295 15.15 6.70 22.83
N THR D 296 14.63 7.90 23.13
CA THR D 296 15.39 9.14 22.93
C THR D 296 16.72 9.10 23.67
N GLU D 297 16.69 8.66 24.93
CA GLU D 297 17.91 8.60 25.72
C GLU D 297 18.94 7.67 25.04
N LYS D 298 18.52 6.47 24.64
CA LYS D 298 19.46 5.53 24.06
C LYS D 298 19.94 5.99 22.67
N LEU D 299 19.05 6.50 21.83
CA LEU D 299 19.49 6.97 20.50
C LEU D 299 20.52 8.07 20.67
N SER D 300 20.32 8.92 21.69
CA SER D 300 21.20 10.05 21.90
C SER D 300 22.53 9.53 22.43
N GLN D 301 22.46 8.63 23.39
CA GLN D 301 23.67 8.07 24.00
C GLN D 301 24.53 7.33 22.97
N LYS D 302 23.91 6.57 22.07
CA LYS D 302 24.67 5.80 21.09
C LYS D 302 24.85 6.62 19.81
N ASN D 303 24.28 7.81 19.76
CA ASN D 303 24.46 8.67 18.60
C ASN D 303 23.83 8.13 17.30
N ILE D 304 22.61 7.63 17.40
CA ILE D 304 21.93 7.04 16.25
C ILE D 304 20.96 8.04 15.67
N ASN D 305 21.02 8.22 14.35
CA ASN D 305 19.99 8.96 13.62
C ASN D 305 18.89 7.99 13.14
N LEU D 306 17.74 8.06 13.81
CA LEU D 306 16.58 7.26 13.48
C LEU D 306 15.82 7.88 12.32
N ILE D 307 15.55 7.07 11.31
CA ILE D 307 14.77 7.48 10.15
C ILE D 307 13.49 6.64 10.08
N PHE D 308 12.33 7.28 10.28
CA PHE D 308 11.08 6.59 10.11
C PHE D 308 10.74 6.62 8.62
N ALA D 309 10.88 5.49 7.96
CA ALA D 309 10.53 5.37 6.55
C ALA D 309 9.18 4.67 6.52
N VAL D 310 8.09 5.41 6.41
CA VAL D 310 6.76 4.81 6.61
C VAL D 310 5.80 5.24 5.51
N THR D 311 4.74 4.46 5.31
CA THR D 311 3.80 4.72 4.24
C THR D 311 2.83 5.84 4.56
N GLU D 312 2.25 6.35 3.49
CA GLU D 312 1.35 7.51 3.49
C GLU D 312 0.29 7.43 4.57
N ASN D 313 -0.31 6.25 4.72
CA ASN D 313 -1.38 6.08 5.68
C ASN D 313 -0.94 6.35 7.13
N VAL D 314 0.35 6.22 7.44
CA VAL D 314 0.85 6.54 8.79
C VAL D 314 1.94 7.63 8.88
N VAL D 315 2.14 8.39 7.81
CA VAL D 315 3.12 9.48 7.86
C VAL D 315 2.84 10.53 8.96
N ASN D 316 1.59 10.93 9.13
CA ASN D 316 1.25 11.98 10.12
C ASN D 316 1.52 11.49 11.52
N LEU D 317 1.20 10.23 11.76
CA LEU D 317 1.50 9.54 13.00
C LEU D 317 2.98 9.64 13.34
N TYR D 318 3.81 9.22 12.40
CA TYR D 318 5.25 9.14 12.70
C TYR D 318 5.92 10.52 12.68
N GLN D 319 5.35 11.45 11.93
CA GLN D 319 5.82 12.81 11.97
C GLN D 319 5.53 13.38 13.35
N ASN D 320 4.39 12.99 13.93
CA ASN D 320 4.06 13.47 15.28
C ASN D 320 4.96 12.79 16.35
N TYR D 321 5.33 11.53 16.19
CA TYR D 321 6.27 10.91 17.16
C TYR D 321 7.64 11.58 17.01
N SER D 322 8.03 11.82 15.76
CA SER D 322 9.30 12.45 15.45
C SER D 322 9.45 13.80 16.14
N GLU D 323 8.36 14.55 16.27
CA GLU D 323 8.46 15.83 16.96
C GLU D 323 8.77 15.63 18.47
N LEU D 324 8.49 14.45 18.99
CA LEU D 324 8.74 14.12 20.39
C LEU D 324 10.07 13.40 20.61
N ILE D 325 10.72 13.01 19.53
CA ILE D 325 12.04 12.40 19.58
C ILE D 325 12.97 13.22 18.69
N PRO D 326 13.44 14.37 19.20
CA PRO D 326 14.22 15.32 18.37
C PRO D 326 15.40 14.67 17.65
N GLY D 327 15.66 15.12 16.42
CA GLY D 327 16.72 14.56 15.62
C GLY D 327 16.27 13.40 14.73
N THR D 328 15.03 12.95 14.88
CA THR D 328 14.52 11.88 14.02
C THR D 328 13.96 12.44 12.71
N THR D 329 14.10 11.68 11.65
CA THR D 329 13.70 12.10 10.32
C THR D 329 12.57 11.21 9.84
N VAL D 330 11.67 11.77 9.04
CA VAL D 330 10.56 11.00 8.49
C VAL D 330 10.57 11.09 6.98
N GLY D 331 10.35 9.95 6.32
CA GLY D 331 10.26 9.91 4.87
C GLY D 331 9.10 9.02 4.49
N VAL D 332 8.46 9.35 3.36
CA VAL D 332 7.32 8.62 2.86
C VAL D 332 7.75 7.41 2.04
N LEU D 333 7.57 6.23 2.61
CA LEU D 333 7.85 4.96 1.94
C LEU D 333 6.67 4.54 1.07
N SER D 334 6.95 4.09 -0.15
CA SER D 334 5.94 3.48 -1.00
C SER D 334 5.40 2.18 -0.40
N MET D 335 4.19 1.81 -0.81
CA MET D 335 3.54 0.59 -0.30
C MET D 335 4.36 -0.66 -0.66
N ASP D 336 5.38 -0.51 -1.49
CA ASP D 336 6.24 -1.65 -1.86
C ASP D 336 7.72 -1.39 -1.60
N SER D 337 8.03 -0.33 -0.84
CA SER D 337 9.43 0.06 -0.57
C SER D 337 10.27 0.31 -1.83
N SER D 338 9.64 0.46 -2.98
CA SER D 338 10.38 0.66 -4.23
C SER D 338 11.10 2.01 -4.30
N ASN D 339 10.74 2.95 -3.43
CA ASN D 339 11.41 4.25 -3.39
C ASN D 339 12.34 4.38 -2.19
N VAL D 340 12.65 3.29 -1.50
CA VAL D 340 13.41 3.41 -0.22
C VAL D 340 14.84 3.85 -0.45
N LEU D 341 15.41 3.57 -1.61
CA LEU D 341 16.77 4.04 -1.90
C LEU D 341 16.89 5.57 -1.82
N GLN D 342 16.07 6.27 -2.60
CA GLN D 342 16.11 7.72 -2.62
C GLN D 342 15.68 8.29 -1.25
N LEU D 343 14.82 7.59 -0.52
CA LEU D 343 14.36 8.06 0.77
C LEU D 343 15.54 8.16 1.74
N ILE D 344 16.38 7.13 1.68
CA ILE D 344 17.56 7.03 2.53
C ILE D 344 18.60 8.10 2.17
N VAL D 345 18.90 8.25 0.87
CA VAL D 345 19.87 9.26 0.41
C VAL D 345 19.43 10.65 0.83
N ASP D 346 18.13 10.93 0.71
CA ASP D 346 17.59 12.23 1.12
C ASP D 346 17.63 12.42 2.64
N ALA D 347 17.33 11.37 3.40
CA ALA D 347 17.35 11.46 4.86
C ALA D 347 18.74 11.82 5.32
N TYR D 348 19.72 11.14 4.75
CA TYR D 348 21.12 11.43 5.01
C TYR D 348 21.41 12.91 4.74
N GLY D 349 21.01 13.43 3.59
CA GLY D 349 21.24 14.83 3.30
C GLY D 349 20.60 15.73 4.35
N LYS D 350 19.41 15.38 4.80
CA LYS D 350 18.70 16.21 5.77
C LYS D 350 19.38 16.13 7.14
N ILE D 351 19.94 14.96 7.45
CA ILE D 351 20.62 14.74 8.70
C ILE D 351 21.89 15.60 8.74
N ARG D 352 22.56 15.74 7.61
CA ARG D 352 23.80 16.51 7.55
C ARG D 352 23.58 17.95 7.07
N SER D 353 22.33 18.41 7.14
CA SER D 353 22.00 19.77 6.73
C SER D 353 21.92 20.71 7.93
N LYS D 354 22.23 20.21 9.13
CA LYS D 354 22.10 21.01 10.33
C LYS D 354 23.34 20.97 11.22
N VAL D 355 23.66 22.11 11.81
CA VAL D 355 24.63 22.18 12.89
C VAL D 355 23.96 22.86 14.06
N GLU D 356 23.89 22.15 15.18
CA GLU D 356 23.25 22.66 16.37
C GLU D 356 24.19 22.51 17.56
N LEU D 357 24.62 23.62 18.14
CA LEU D 357 25.55 23.58 19.29
C LEU D 357 24.82 23.22 20.58
N GLU D 358 25.49 22.43 21.41
CA GLU D 358 25.03 22.11 22.74
C GLU D 358 26.18 22.35 23.70
N VAL D 359 25.85 22.66 24.95
CA VAL D 359 26.84 23.09 25.92
C VAL D 359 26.79 22.13 27.09
N ARG D 360 27.91 21.50 27.41
CA ARG D 360 27.98 20.57 28.52
C ARG D 360 28.83 21.09 29.68
N ASP D 361 28.34 20.88 30.90
CA ASP D 361 29.06 21.25 32.11
C ASP D 361 29.24 22.76 32.26
N LEU D 362 28.30 23.56 31.78
CA LEU D 362 28.44 25.01 31.95
C LEU D 362 28.33 25.32 33.44
N PRO D 363 29.33 26.01 33.99
CA PRO D 363 29.23 26.45 35.40
C PRO D 363 27.98 27.30 35.62
N GLU D 364 27.42 27.24 36.82
CA GLU D 364 26.19 27.95 37.18
C GLU D 364 26.31 29.47 36.96
N GLU D 365 27.50 30.01 37.16
CA GLU D 365 27.69 31.45 37.16
C GLU D 365 28.11 32.00 35.79
N LEU D 366 28.25 31.10 34.82
CA LEU D 366 28.48 31.51 33.45
C LEU D 366 27.19 31.46 32.69
N SER D 367 26.98 32.45 31.85
CA SER D 367 25.92 32.39 30.87
C SER D 367 26.55 32.69 29.51
N LEU D 368 26.02 32.06 28.48
CA LEU D 368 26.54 32.26 27.14
C LEU D 368 25.46 32.85 26.25
N SER D 369 25.88 33.63 25.27
CA SER D 369 24.98 34.12 24.22
C SER D 369 25.65 33.84 22.87
N PHE D 370 24.84 33.63 21.82
CA PHE D 370 25.36 33.15 20.54
C PHE D 370 24.92 33.97 19.32
N ASN D 371 25.82 34.13 18.35
CA ASN D 371 25.50 34.69 17.03
C ASN D 371 25.96 33.72 15.96
N ALA D 372 25.05 33.32 15.08
CA ALA D 372 25.37 32.34 14.06
C ALA D 372 25.64 33.00 12.71
N THR D 373 26.60 32.45 11.99
CA THR D 373 26.87 32.85 10.61
C THR D 373 26.74 31.62 9.73
N CYS D 374 25.59 31.46 9.09
CA CYS D 374 25.28 30.26 8.33
C CYS D 374 25.41 30.51 6.83
N LEU D 375 24.33 30.98 6.21
CA LEU D 375 24.37 31.39 4.82
C LEU D 375 25.18 32.67 4.72
N ASN D 376 26.08 32.74 3.74
CA ASN D 376 26.90 33.94 3.57
C ASN D 376 27.65 34.30 4.84
N ASN D 377 28.03 35.57 4.94
CA ASN D 377 28.50 36.12 6.20
C ASN D 377 27.30 36.67 6.97
N GLU D 378 26.12 36.18 6.61
CA GLU D 378 24.88 36.57 7.28
C GLU D 378 24.88 36.20 8.75
N VAL D 379 24.89 37.20 9.62
CA VAL D 379 24.83 36.95 11.05
C VAL D 379 23.38 36.91 11.50
N ILE D 380 23.07 35.96 12.39
CA ILE D 380 21.74 35.82 12.94
C ILE D 380 21.83 35.84 14.45
N PRO D 381 21.56 36.99 15.07
CA PRO D 381 21.69 37.14 16.53
C PRO D 381 20.82 36.16 17.31
N GLY D 382 21.37 35.65 18.41
CA GLY D 382 20.62 34.85 19.35
C GLY D 382 20.46 33.40 18.96
N LEU D 383 21.18 32.96 17.93
CA LEU D 383 20.97 31.63 17.36
C LEU D 383 22.24 30.80 17.48
N LYS D 384 22.10 29.57 17.99
CA LYS D 384 23.24 28.67 18.10
C LYS D 384 23.05 27.42 17.25
N SER D 385 22.31 27.56 16.15
CA SER D 385 22.16 26.47 15.20
C SER D 385 22.01 27.03 13.78
N CYS D 386 22.30 26.20 12.78
CA CYS D 386 22.17 26.56 11.37
C CYS D 386 21.47 25.45 10.63
N MET D 387 20.67 25.82 9.62
CA MET D 387 19.95 24.85 8.81
C MET D 387 20.21 25.06 7.32
N GLY D 388 19.75 24.11 6.51
CA GLY D 388 19.86 24.22 5.07
C GLY D 388 21.28 24.13 4.53
N LEU D 389 22.13 23.38 5.22
CA LEU D 389 23.52 23.22 4.82
C LEU D 389 23.68 22.09 3.83
N LYS D 390 24.71 22.17 3.00
CA LYS D 390 25.09 21.06 2.15
C LYS D 390 26.34 20.50 2.77
N ILE D 391 26.55 19.20 2.63
CA ILE D 391 27.83 18.61 2.99
C ILE D 391 28.96 19.42 2.40
N GLY D 392 29.95 19.75 3.22
CA GLY D 392 31.12 20.46 2.77
C GLY D 392 31.11 21.89 3.27
N ASP D 393 29.94 22.32 3.78
CA ASP D 393 29.76 23.69 4.22
C ASP D 393 30.39 23.91 5.59
N THR D 394 30.78 25.15 5.85
CA THR D 394 31.32 25.56 7.13
C THR D 394 30.53 26.74 7.65
N VAL D 395 30.15 26.67 8.92
CA VAL D 395 29.45 27.77 9.58
C VAL D 395 30.27 28.14 10.80
N SER D 396 29.96 29.27 11.41
CA SER D 396 30.68 29.68 12.58
C SER D 396 29.74 30.39 13.53
N PHE D 397 30.10 30.39 14.81
CA PHE D 397 29.31 31.05 15.81
C PHE D 397 30.22 32.00 16.60
N SER D 398 29.73 33.20 16.87
CA SER D 398 30.42 34.09 17.82
C SER D 398 29.78 33.84 19.18
N ILE D 399 30.62 33.67 20.19
CA ILE D 399 30.16 33.25 21.51
C ILE D 399 30.65 34.22 22.58
N GLU D 400 29.77 34.58 23.51
CA GLU D 400 30.20 35.48 24.58
C GLU D 400 29.88 34.92 25.95
N ALA D 401 30.92 34.73 26.74
CA ALA D 401 30.79 34.25 28.09
C ALA D 401 30.78 35.41 29.09
N LYS D 402 29.79 35.39 29.99
CA LYS D 402 29.62 36.42 31.01
C LYS D 402 29.53 35.73 32.36
N VAL D 403 30.40 36.09 33.30
CA VAL D 403 30.34 35.50 34.64
C VAL D 403 29.67 36.45 35.61
N ARG D 404 28.90 35.88 36.53
CA ARG D 404 28.25 36.66 37.56
C ARG D 404 28.99 36.48 38.86
N GLY D 405 29.65 37.55 39.29
CA GLY D 405 30.39 37.56 40.53
C GLY D 405 31.68 36.77 40.39
N CYS D 406 32.07 36.12 41.48
CA CYS D 406 33.32 35.38 41.55
C CYS D 406 33.09 34.01 42.20
N PRO D 407 33.14 32.95 41.40
CA PRO D 407 32.94 31.58 41.90
C PRO D 407 33.94 31.18 42.98
N GLN D 408 33.56 30.18 43.78
CA GLN D 408 34.47 29.59 44.75
C GLN D 408 35.65 28.92 44.05
N GLU D 409 35.38 28.10 43.04
CA GLU D 409 36.44 27.38 42.33
C GLU D 409 37.01 28.22 41.18
N LYS D 410 38.32 28.42 41.20
CA LYS D 410 38.94 29.35 40.27
C LYS D 410 39.11 28.78 38.87
N GLU D 411 39.15 27.45 38.74
CA GLU D 411 39.29 26.84 37.41
C GLU D 411 38.22 25.80 37.13
N LYS D 412 37.58 25.95 35.98
CA LYS D 412 36.56 25.03 35.52
C LYS D 412 36.66 24.93 34.02
N SER D 413 36.21 23.84 33.45
CA SER D 413 36.13 23.77 31.99
C SER D 413 34.82 23.16 31.53
N PHE D 414 34.32 23.64 30.41
CA PHE D 414 33.12 23.09 29.83
C PHE D 414 33.34 22.84 28.35
N THR D 415 32.34 22.28 27.72
CA THR D 415 32.45 21.79 26.37
C THR D 415 31.34 22.37 25.52
N ILE D 416 31.69 22.79 24.32
CA ILE D 416 30.70 23.19 23.33
C ILE D 416 30.86 22.21 22.18
N LYS D 417 29.81 21.42 21.92
CA LYS D 417 29.87 20.35 20.92
C LYS D 417 28.66 20.43 19.98
N PRO D 418 28.88 20.29 18.68
CA PRO D 418 27.71 20.16 17.79
C PRO D 418 26.99 18.84 18.05
N VAL D 419 25.68 18.90 18.14
CA VAL D 419 24.89 17.69 18.33
C VAL D 419 25.31 16.67 17.29
N GLY D 420 25.65 15.49 17.75
CA GLY D 420 25.92 14.36 16.87
C GLY D 420 27.34 14.30 16.35
N PHE D 421 28.15 15.31 16.63
CA PHE D 421 29.54 15.29 16.20
C PHE D 421 30.45 14.59 17.23
N LYS D 422 31.57 14.05 16.78
CA LYS D 422 32.57 13.54 17.71
C LYS D 422 33.40 14.70 18.29
N ASP D 423 33.79 15.66 17.46
CA ASP D 423 34.70 16.74 17.86
C ASP D 423 34.02 17.81 18.72
N SER D 424 34.80 18.46 19.58
CA SER D 424 34.26 19.48 20.47
C SER D 424 35.29 20.56 20.76
N LEU D 425 34.81 21.65 21.33
CA LEU D 425 35.68 22.71 21.79
C LEU D 425 35.67 22.69 23.31
N ILE D 426 36.80 22.40 23.92
CA ILE D 426 36.91 22.48 25.37
C ILE D 426 37.29 23.89 25.78
N VAL D 427 36.47 24.50 26.62
CA VAL D 427 36.79 25.81 27.16
C VAL D 427 37.25 25.70 28.61
N GLN D 428 38.48 26.13 28.87
CA GLN D 428 39.05 26.12 30.21
C GLN D 428 38.97 27.53 30.74
N VAL D 429 38.08 27.75 31.71
CA VAL D 429 37.87 29.06 32.29
C VAL D 429 38.71 29.22 33.56
N THR D 430 39.38 30.35 33.67
CA THR D 430 40.03 30.74 34.92
C THR D 430 39.38 32.03 35.38
N PHE D 431 38.85 32.02 36.60
CA PHE D 431 38.27 33.21 37.18
C PHE D 431 39.35 34.01 37.91
N ASP D 432 39.59 35.21 37.39
CA ASP D 432 40.63 36.12 37.87
C ASP D 432 40.12 37.10 38.93
N CYS D 433 39.99 36.63 40.16
CA CYS D 433 39.33 37.39 41.21
C CYS D 433 40.34 37.96 42.18
N ASP D 434 41.53 37.38 42.20
CA ASP D 434 42.55 37.75 43.18
C ASP D 434 43.62 38.64 42.59
N CYS D 435 44.20 39.49 43.43
CA CYS D 435 45.38 40.25 43.05
C CYS D 435 46.63 39.41 43.23
N ALA D 436 47.59 39.57 42.33
CA ALA D 436 48.81 38.79 42.38
C ALA D 436 49.62 39.11 43.65
N CYS D 437 49.53 40.36 44.09
CA CYS D 437 50.30 40.82 45.25
C CYS D 437 49.90 40.07 46.53
N GLN D 438 48.79 39.34 46.48
CA GLN D 438 48.28 38.62 47.64
C GLN D 438 49.19 37.47 48.03
N ALA D 439 49.98 37.00 47.07
CA ALA D 439 50.92 35.91 47.32
C ALA D 439 52.06 36.38 48.18
N GLN D 440 52.34 37.68 48.15
CA GLN D 440 53.38 38.27 48.99
C GLN D 440 52.83 38.76 50.32
N ALA D 441 51.57 38.45 50.59
CA ALA D 441 50.93 38.88 51.84
C ALA D 441 51.79 38.51 53.03
N GLU D 442 51.75 39.34 54.06
CA GLU D 442 52.52 39.10 55.26
C GLU D 442 51.59 38.96 56.48
N PRO D 443 51.38 37.73 56.96
CA PRO D 443 50.54 37.49 58.16
C PRO D 443 51.21 38.01 59.43
N ASN D 444 50.42 38.31 60.46
CA ASN D 444 50.96 38.74 61.75
C ASN D 444 52.01 39.83 61.58
N SER D 445 51.72 40.77 60.69
CA SER D 445 52.65 41.83 60.33
C SER D 445 52.83 42.81 61.47
N HIS D 446 54.08 43.13 61.79
CA HIS D 446 54.40 44.20 62.75
C HIS D 446 53.78 45.52 62.29
N ARG D 447 53.41 45.60 61.01
CA ARG D 447 52.89 46.83 60.43
C ARG D 447 51.38 47.02 60.71
N CYS D 448 50.74 45.99 61.26
CA CYS D 448 49.29 45.97 61.42
C CYS D 448 48.85 45.62 62.84
N ASN D 449 48.52 46.63 63.65
CA ASN D 449 48.14 46.41 65.05
C ASN D 449 49.22 45.67 65.80
N ASN D 450 50.48 45.98 65.47
CA ASN D 450 51.62 45.34 66.09
C ASN D 450 51.64 43.81 65.99
N GLY D 451 50.92 43.27 65.01
CA GLY D 451 50.96 41.85 64.74
C GLY D 451 49.60 41.17 64.71
N ASN D 452 48.53 41.95 64.80
CA ASN D 452 47.18 41.38 64.78
C ASN D 452 46.64 41.19 63.35
N GLY D 453 47.13 41.98 62.42
CA GLY D 453 46.62 41.92 61.06
C GLY D 453 47.60 41.35 60.04
N THR D 454 47.11 41.22 58.83
CA THR D 454 47.90 40.80 57.68
C THR D 454 48.15 42.04 56.82
N PHE D 455 49.40 42.24 56.42
CA PHE D 455 49.74 43.30 55.48
C PHE D 455 49.70 42.74 54.08
N GLU D 456 48.73 43.20 53.29
CA GLU D 456 48.53 42.67 51.94
C GLU D 456 48.18 43.78 50.99
N CYS D 457 48.91 43.84 49.88
CA CYS D 457 48.64 44.80 48.82
C CYS D 457 48.59 46.22 49.34
N GLY D 458 49.50 46.54 50.28
CA GLY D 458 49.68 47.91 50.74
C GLY D 458 48.77 48.38 51.87
N VAL D 459 47.81 47.55 52.27
CA VAL D 459 46.91 47.90 53.36
C VAL D 459 46.81 46.78 54.39
N CYS D 460 46.25 47.09 55.55
CA CYS D 460 46.09 46.12 56.63
C CYS D 460 44.71 45.47 56.59
N ARG D 461 44.68 44.15 56.67
CA ARG D 461 43.44 43.37 56.66
C ARG D 461 43.35 42.62 57.99
N CYS D 462 42.16 42.49 58.54
CA CYS D 462 41.98 41.68 59.77
C CYS D 462 42.44 40.25 59.50
N GLY D 463 43.08 39.63 60.48
CA GLY D 463 43.59 38.28 60.34
C GLY D 463 42.52 37.25 60.59
N PRO D 464 42.84 35.97 60.38
CA PRO D 464 41.89 34.88 60.57
C PRO D 464 41.35 34.82 61.99
N GLY D 465 40.04 34.65 62.13
CA GLY D 465 39.46 34.43 63.44
C GLY D 465 39.15 35.69 64.24
N TRP D 466 39.29 36.85 63.59
CA TRP D 466 38.83 38.10 64.18
C TRP D 466 37.47 38.45 63.60
N LEU D 467 36.72 39.28 64.32
CA LEU D 467 35.40 39.72 63.85
C LEU D 467 35.34 41.23 63.74
N GLY D 468 34.42 41.71 62.90
CA GLY D 468 34.24 43.14 62.73
C GLY D 468 35.11 43.68 61.61
N SER D 469 34.67 44.79 61.01
CA SER D 469 35.40 45.40 59.90
C SER D 469 36.79 45.85 60.37
N GLN D 470 36.81 46.71 61.39
CA GLN D 470 38.07 47.17 61.96
C GLN D 470 38.29 46.51 63.31
N CYS D 471 37.62 45.38 63.52
CA CYS D 471 37.77 44.59 64.74
C CYS D 471 37.34 45.40 65.96
N GLU E 1 -41.32 -10.76 31.56
CA GLU E 1 -41.58 -12.22 31.52
C GLU E 1 -41.40 -12.75 30.11
N VAL E 2 -40.51 -13.74 29.96
CA VAL E 2 -40.30 -14.40 28.67
C VAL E 2 -41.51 -15.26 28.31
N GLN E 3 -42.11 -14.99 27.16
CA GLN E 3 -43.19 -15.80 26.64
C GLN E 3 -43.18 -15.79 25.11
N LEU E 4 -43.49 -16.93 24.50
CA LEU E 4 -43.46 -17.06 23.04
C LEU E 4 -44.87 -17.16 22.47
N GLN E 5 -45.22 -16.21 21.62
CA GLN E 5 -46.57 -16.14 21.05
C GLN E 5 -46.56 -16.51 19.57
N GLN E 6 -47.00 -17.72 19.27
CA GLN E 6 -47.03 -18.20 17.91
C GLN E 6 -48.34 -17.84 17.22
N SER E 7 -48.39 -18.01 15.90
CA SER E 7 -49.57 -17.68 15.13
C SER E 7 -50.68 -18.69 15.36
N GLY E 8 -51.81 -18.48 14.70
CA GLY E 8 -52.98 -19.31 14.89
C GLY E 8 -52.98 -20.56 14.02
N ALA E 9 -53.87 -21.48 14.33
CA ALA E 9 -53.99 -22.71 13.55
C ALA E 9 -54.14 -22.39 12.07
N GLU E 10 -53.70 -23.33 11.24
CA GLU E 10 -53.75 -23.15 9.80
C GLU E 10 -54.40 -24.36 9.17
N LEU E 11 -55.14 -24.14 8.09
CA LEU E 11 -55.62 -25.22 7.25
C LEU E 11 -55.18 -24.95 5.82
N VAL E 12 -54.43 -25.88 5.25
CA VAL E 12 -53.89 -25.70 3.90
C VAL E 12 -54.07 -26.94 3.06
N LYS E 13 -54.25 -26.74 1.75
CA LYS E 13 -54.42 -27.85 0.83
C LYS E 13 -53.08 -28.49 0.52
N PRO E 14 -53.09 -29.77 0.14
CA PRO E 14 -51.84 -30.47 -0.17
C PRO E 14 -51.10 -29.81 -1.32
N GLY E 15 -49.83 -29.47 -1.12
CA GLY E 15 -49.01 -28.91 -2.18
C GLY E 15 -48.75 -27.41 -2.05
N ALA E 16 -49.44 -26.74 -1.14
CA ALA E 16 -49.25 -25.31 -0.93
C ALA E 16 -48.06 -25.06 0.01
N SER E 17 -47.92 -23.82 0.47
CA SER E 17 -46.91 -23.47 1.46
C SER E 17 -47.54 -22.62 2.54
N VAL E 18 -46.99 -22.71 3.74
CA VAL E 18 -47.47 -21.94 4.88
C VAL E 18 -46.31 -21.38 5.67
N LYS E 19 -46.55 -20.28 6.38
CA LYS E 19 -45.50 -19.61 7.13
C LYS E 19 -45.97 -19.33 8.56
N LEU E 20 -45.44 -20.09 9.51
CA LEU E 20 -45.82 -19.94 10.92
C LEU E 20 -44.97 -18.88 11.61
N SER E 21 -45.58 -18.21 12.57
CA SER E 21 -44.91 -17.10 13.24
C SER E 21 -44.66 -17.41 14.71
N CYS E 22 -43.58 -16.87 15.24
CA CYS E 22 -43.24 -17.01 16.64
C CYS E 22 -42.68 -15.67 17.11
N THR E 23 -43.47 -14.94 17.91
CA THR E 23 -43.09 -13.58 18.29
C THR E 23 -42.69 -13.51 19.75
N ALA E 24 -41.53 -12.89 20.00
CA ALA E 24 -40.99 -12.79 21.35
C ALA E 24 -41.72 -11.73 22.16
N SER E 25 -42.01 -12.06 23.43
CA SER E 25 -42.74 -11.17 24.30
C SER E 25 -42.05 -11.07 25.66
N GLY E 26 -41.41 -9.93 25.92
CA GLY E 26 -40.76 -9.69 27.20
C GLY E 26 -39.25 -9.79 27.11
N PHE E 27 -38.74 -10.01 25.91
CA PHE E 27 -37.31 -10.09 25.67
C PHE E 27 -37.06 -9.87 24.19
N ASN E 28 -35.79 -9.79 23.78
CA ASN E 28 -35.47 -9.59 22.37
C ASN E 28 -35.15 -10.90 21.67
N ILE E 29 -35.79 -11.09 20.52
CA ILE E 29 -35.61 -12.28 19.70
C ILE E 29 -34.13 -12.52 19.41
N LYS E 30 -33.34 -11.46 19.43
CA LYS E 30 -31.92 -11.52 19.12
C LYS E 30 -31.10 -12.26 20.19
N ASP E 31 -31.63 -12.35 21.40
CA ASP E 31 -30.90 -12.81 22.57
C ASP E 31 -30.33 -14.24 22.46
N THR E 32 -31.11 -15.16 21.89
CA THR E 32 -30.74 -16.58 21.88
C THR E 32 -31.16 -17.31 20.61
N TYR E 33 -30.68 -18.55 20.48
CA TYR E 33 -31.16 -19.47 19.44
C TYR E 33 -32.66 -19.62 19.55
N VAL E 34 -33.29 -19.88 18.40
CA VAL E 34 -34.70 -20.24 18.38
C VAL E 34 -34.88 -21.51 17.53
N HIS E 35 -35.46 -22.54 18.15
CA HIS E 35 -35.67 -23.81 17.50
C HIS E 35 -37.14 -23.98 17.13
N TRP E 36 -37.39 -24.86 16.19
CA TRP E 36 -38.76 -25.27 15.84
C TRP E 36 -38.87 -26.77 16.02
N VAL E 37 -39.97 -27.22 16.61
CA VAL E 37 -40.14 -28.61 16.95
C VAL E 37 -41.51 -29.10 16.49
N LYS E 38 -41.55 -30.27 15.85
CA LYS E 38 -42.78 -30.83 15.30
C LYS E 38 -43.31 -31.95 16.19
N GLN E 39 -44.61 -31.96 16.46
CA GLN E 39 -45.22 -33.02 17.29
C GLN E 39 -46.41 -33.67 16.60
N ARG E 40 -46.36 -35.00 16.54
CA ARG E 40 -47.47 -35.80 16.04
C ARG E 40 -47.80 -36.89 17.06
N PRO E 41 -49.07 -37.34 17.08
CA PRO E 41 -49.52 -38.27 18.13
C PRO E 41 -48.78 -39.61 18.13
N GLU E 42 -48.56 -40.19 16.96
CA GLU E 42 -47.89 -41.49 16.88
C GLU E 42 -46.38 -41.35 16.93
N GLN E 43 -45.82 -40.55 16.02
CA GLN E 43 -44.36 -40.44 15.87
C GLN E 43 -43.66 -39.77 17.05
N GLY E 44 -44.27 -38.73 17.59
CA GLY E 44 -43.71 -38.03 18.72
C GLY E 44 -43.09 -36.70 18.31
N LEU E 45 -42.08 -36.28 19.07
CA LEU E 45 -41.44 -34.99 18.87
C LEU E 45 -40.24 -35.08 17.96
N GLU E 46 -40.10 -34.13 17.05
CA GLU E 46 -38.96 -34.09 16.14
C GLU E 46 -38.43 -32.67 16.02
N TRP E 47 -37.16 -32.49 16.38
CA TRP E 47 -36.45 -31.24 16.11
C TRP E 47 -36.33 -31.00 14.62
N ILE E 48 -36.73 -29.80 14.19
CA ILE E 48 -36.70 -29.41 12.79
C ILE E 48 -35.44 -28.63 12.46
N GLY E 49 -35.17 -27.61 13.27
CA GLY E 49 -34.03 -26.76 13.03
C GLY E 49 -33.86 -25.64 14.04
N ARG E 50 -32.90 -24.77 13.74
CA ARG E 50 -32.50 -23.72 14.64
C ARG E 50 -32.04 -22.50 13.86
N ILE E 51 -32.24 -21.33 14.44
CA ILE E 51 -31.74 -20.11 13.84
C ILE E 51 -31.18 -19.20 14.93
N ASP E 52 -30.16 -18.43 14.57
CA ASP E 52 -29.66 -17.37 15.44
C ASP E 52 -30.15 -16.06 14.83
N PRO E 53 -31.20 -15.46 15.42
CA PRO E 53 -31.83 -14.24 14.91
C PRO E 53 -30.89 -13.03 14.84
N ALA E 54 -29.77 -13.11 15.54
CA ALA E 54 -28.78 -12.05 15.50
C ALA E 54 -28.19 -11.93 14.09
N ASN E 55 -28.01 -13.07 13.41
CA ASN E 55 -27.30 -13.07 12.13
C ASN E 55 -27.91 -13.92 11.00
N GLY E 56 -29.04 -14.55 11.27
CA GLY E 56 -29.74 -15.30 10.24
C GLY E 56 -29.20 -16.71 9.96
N TYR E 57 -28.09 -17.07 10.59
CA TYR E 57 -27.52 -18.40 10.39
C TYR E 57 -28.42 -19.51 10.96
N THR E 58 -28.57 -20.61 10.20
CA THR E 58 -29.50 -21.68 10.55
C THR E 58 -28.83 -23.07 10.55
N LYS E 59 -29.44 -24.01 11.26
CA LYS E 59 -29.10 -25.43 11.17
C LYS E 59 -30.38 -26.21 10.95
N TYR E 60 -30.32 -27.33 10.22
CA TYR E 60 -31.51 -28.19 10.06
C TYR E 60 -31.20 -29.66 10.29
N ASP E 61 -32.21 -30.41 10.71
CA ASP E 61 -32.18 -31.87 10.60
C ASP E 61 -32.34 -32.19 9.10
N PRO E 62 -31.44 -33.00 8.52
CA PRO E 62 -31.45 -33.33 7.09
C PRO E 62 -32.82 -33.75 6.53
N LYS E 63 -33.62 -34.37 7.38
CA LYS E 63 -34.93 -34.86 6.96
C LYS E 63 -35.81 -33.72 6.44
N PHE E 64 -35.72 -32.57 7.09
CA PHE E 64 -36.55 -31.42 6.74
C PHE E 64 -35.88 -30.52 5.70
N GLN E 65 -34.75 -30.95 5.18
CA GLN E 65 -34.05 -30.14 4.19
C GLN E 65 -34.94 -29.92 2.98
N GLY E 66 -35.16 -28.65 2.65
CA GLY E 66 -36.00 -28.28 1.52
C GLY E 66 -37.39 -27.90 1.98
N LYS E 67 -38.01 -28.79 2.74
CA LYS E 67 -39.34 -28.55 3.25
C LYS E 67 -39.37 -27.31 4.13
N ALA E 68 -38.67 -27.38 5.25
CA ALA E 68 -38.65 -26.30 6.23
C ALA E 68 -37.60 -25.26 5.89
N THR E 69 -37.95 -23.98 6.09
CA THR E 69 -37.02 -22.89 5.91
C THR E 69 -37.23 -21.85 7.00
N ILE E 70 -36.37 -21.89 8.02
CA ILE E 70 -36.44 -20.97 9.14
C ILE E 70 -35.77 -19.64 8.79
N THR E 71 -36.42 -18.55 9.19
CA THR E 71 -35.91 -17.20 8.94
C THR E 71 -36.34 -16.31 10.09
N ALA E 72 -35.77 -15.12 10.17
CA ALA E 72 -36.09 -14.22 11.27
C ALA E 72 -36.24 -12.77 10.81
N ASP E 73 -36.44 -11.88 11.77
CA ASP E 73 -36.62 -10.47 11.49
C ASP E 73 -36.55 -9.71 12.81
N THR E 74 -35.35 -9.25 13.17
CA THR E 74 -35.13 -8.57 14.44
C THR E 74 -36.09 -7.41 14.60
N SER E 75 -36.35 -6.70 13.51
CA SER E 75 -37.27 -5.58 13.52
C SER E 75 -38.58 -5.97 14.20
N SER E 76 -39.32 -6.87 13.57
CA SER E 76 -40.61 -7.33 14.07
C SER E 76 -40.49 -8.29 15.25
N ASN E 77 -39.27 -8.58 15.67
CA ASN E 77 -39.02 -9.47 16.81
C ASN E 77 -39.74 -10.82 16.66
N THR E 78 -39.60 -11.43 15.49
CA THR E 78 -40.30 -12.67 15.20
C THR E 78 -39.39 -13.65 14.44
N ALA E 79 -39.59 -14.93 14.70
CA ALA E 79 -38.96 -15.97 13.92
C ALA E 79 -40.04 -16.76 13.20
N TYR E 80 -39.74 -17.16 11.98
CA TYR E 80 -40.72 -17.82 11.14
C TYR E 80 -40.22 -19.20 10.77
N LEU E 81 -41.15 -20.09 10.46
CA LEU E 81 -40.85 -21.41 9.91
C LEU E 81 -41.69 -21.63 8.64
N GLN E 82 -41.06 -21.51 7.47
CA GLN E 82 -41.80 -21.69 6.21
C GLN E 82 -41.75 -23.14 5.75
N LEU E 83 -42.92 -23.71 5.57
CA LEU E 83 -43.05 -25.08 5.05
C LEU E 83 -43.58 -25.04 3.62
N SER E 84 -42.96 -25.83 2.74
CA SER E 84 -43.36 -25.86 1.35
C SER E 84 -43.65 -27.28 0.88
N SER E 85 -44.42 -27.40 -0.19
CA SER E 85 -44.81 -28.71 -0.72
C SER E 85 -45.37 -29.56 0.40
N LEU E 86 -46.60 -29.26 0.80
CA LEU E 86 -47.17 -29.90 1.98
C LEU E 86 -47.80 -31.23 1.66
N THR E 87 -47.76 -32.12 2.63
CA THR E 87 -48.44 -33.40 2.53
C THR E 87 -49.22 -33.63 3.82
N SER E 88 -50.06 -34.66 3.82
CA SER E 88 -50.80 -35.03 5.02
C SER E 88 -49.82 -35.34 6.15
N GLU E 89 -48.59 -35.71 5.77
CA GLU E 89 -47.58 -36.05 6.74
C GLU E 89 -47.03 -34.81 7.45
N ASP E 90 -47.16 -33.67 6.78
CA ASP E 90 -46.78 -32.40 7.38
C ASP E 90 -47.84 -31.91 8.37
N THR E 91 -48.95 -32.65 8.50
CA THR E 91 -49.97 -32.30 9.49
C THR E 91 -49.45 -32.56 10.90
N ALA E 92 -49.30 -31.50 11.69
CA ALA E 92 -48.81 -31.63 13.06
C ALA E 92 -48.91 -30.32 13.84
N VAL E 93 -48.50 -30.37 15.10
CA VAL E 93 -48.40 -29.19 15.95
C VAL E 93 -46.94 -28.76 16.01
N TYR E 94 -46.69 -27.50 15.67
CA TYR E 94 -45.32 -26.97 15.66
C TYR E 94 -45.10 -25.97 16.79
N TYR E 95 -43.96 -26.08 17.48
CA TYR E 95 -43.61 -25.24 18.62
C TYR E 95 -42.29 -24.51 18.38
N CYS E 96 -42.20 -23.26 18.81
CA CYS E 96 -40.91 -22.57 18.85
C CYS E 96 -40.34 -22.71 20.26
N VAL E 97 -39.01 -22.76 20.37
CA VAL E 97 -38.36 -23.06 21.64
C VAL E 97 -37.10 -22.23 21.80
N ARG E 98 -36.75 -21.88 23.03
CA ARG E 98 -35.46 -21.24 23.32
C ARG E 98 -34.97 -21.66 24.70
N PRO E 99 -33.66 -21.49 24.95
CA PRO E 99 -33.11 -21.85 26.27
C PRO E 99 -33.41 -20.79 27.32
N LEU E 100 -33.28 -21.17 28.58
CA LEU E 100 -33.31 -20.24 29.68
C LEU E 100 -31.90 -19.63 29.84
N TYR E 101 -30.94 -20.44 30.28
CA TYR E 101 -29.58 -19.96 30.53
C TYR E 101 -28.58 -20.65 29.61
N ASP E 102 -28.55 -21.97 29.69
CA ASP E 102 -27.66 -22.78 28.88
C ASP E 102 -27.92 -22.44 27.40
N TYR E 103 -26.87 -22.02 26.68
CA TYR E 103 -27.02 -21.64 25.26
C TYR E 103 -27.74 -22.69 24.46
N TYR E 104 -27.47 -23.96 24.77
CA TYR E 104 -27.87 -25.09 23.93
C TYR E 104 -29.17 -25.78 24.37
N ALA E 105 -29.76 -25.33 25.47
CA ALA E 105 -30.90 -26.05 26.08
C ALA E 105 -32.24 -25.71 25.40
N MET E 106 -33.28 -26.39 25.86
CA MET E 106 -34.60 -26.31 25.26
C MET E 106 -35.64 -26.14 26.37
N ASP E 107 -35.76 -24.92 26.89
CA ASP E 107 -36.51 -24.70 28.14
C ASP E 107 -37.82 -23.91 28.03
N TYR E 108 -37.87 -22.90 27.17
CA TYR E 108 -39.10 -22.12 26.96
C TYR E 108 -39.76 -22.49 25.63
N TRP E 109 -41.07 -22.72 25.66
CA TRP E 109 -41.82 -23.19 24.49
C TRP E 109 -43.05 -22.35 24.20
N GLY E 110 -43.25 -22.04 22.92
CA GLY E 110 -44.47 -21.39 22.50
C GLY E 110 -45.65 -22.26 22.89
N GLN E 111 -46.86 -21.80 22.60
CA GLN E 111 -48.06 -22.56 22.93
C GLN E 111 -48.39 -23.57 21.83
N GLY E 112 -47.57 -23.60 20.78
CA GLY E 112 -47.79 -24.49 19.67
C GLY E 112 -48.74 -23.94 18.62
N THR E 113 -48.65 -24.47 17.40
CA THR E 113 -49.50 -24.03 16.30
C THR E 113 -49.93 -25.22 15.45
N SER E 114 -51.22 -25.49 15.44
CA SER E 114 -51.73 -26.63 14.70
C SER E 114 -51.74 -26.36 13.21
N VAL E 115 -51.24 -27.32 12.44
CA VAL E 115 -51.33 -27.26 10.98
C VAL E 115 -52.02 -28.52 10.48
N THR E 116 -53.14 -28.33 9.78
CA THR E 116 -53.92 -29.44 9.25
C THR E 116 -53.94 -29.38 7.73
N VAL E 117 -53.27 -30.33 7.10
CA VAL E 117 -53.22 -30.41 5.64
C VAL E 117 -54.28 -31.36 5.08
N SER E 118 -55.20 -30.81 4.29
CA SER E 118 -56.29 -31.60 3.72
C SER E 118 -56.79 -30.98 2.43
N SER E 119 -57.27 -31.82 1.51
CA SER E 119 -57.92 -31.37 0.28
C SER E 119 -59.40 -31.10 0.51
N ALA E 120 -59.93 -31.67 1.58
CA ALA E 120 -61.36 -31.60 1.89
C ALA E 120 -61.95 -30.20 1.69
N LYS E 121 -63.24 -30.16 1.43
CA LYS E 121 -63.97 -28.90 1.33
C LYS E 121 -64.75 -28.70 2.62
N THR E 122 -65.05 -27.45 2.93
CA THR E 122 -65.84 -27.13 4.11
C THR E 122 -67.16 -27.89 4.06
N THR E 123 -67.28 -28.93 4.89
CA THR E 123 -68.48 -29.75 4.93
C THR E 123 -69.21 -29.59 6.25
N ALA E 124 -70.52 -29.83 6.25
CA ALA E 124 -71.32 -29.72 7.46
C ALA E 124 -71.66 -31.10 8.02
N PRO E 125 -71.56 -31.26 9.34
CA PRO E 125 -71.76 -32.54 10.02
C PRO E 125 -73.08 -33.23 9.65
N SER E 126 -73.05 -34.56 9.56
CA SER E 126 -74.27 -35.34 9.36
C SER E 126 -74.60 -36.10 10.65
N VAL E 127 -75.69 -35.71 11.29
CA VAL E 127 -76.05 -36.26 12.58
C VAL E 127 -77.05 -37.41 12.48
N TYR E 128 -76.74 -38.50 13.15
CA TYR E 128 -77.59 -39.68 13.18
C TYR E 128 -77.75 -40.17 14.61
N PRO E 129 -78.97 -40.08 15.17
CA PRO E 129 -79.24 -40.51 16.53
C PRO E 129 -78.88 -41.97 16.80
N LEU E 130 -79.07 -42.44 18.03
CA LEU E 130 -78.82 -43.83 18.39
C LEU E 130 -79.77 -44.32 19.49
N ALA E 131 -80.13 -45.60 19.41
CA ALA E 131 -81.03 -46.20 20.39
C ALA E 131 -80.81 -47.72 20.49
N PRO E 132 -81.05 -48.29 21.67
CA PRO E 132 -80.78 -49.72 21.97
C PRO E 132 -81.47 -50.71 21.04
N VAL E 133 -81.19 -52.00 21.25
CA VAL E 133 -81.81 -53.07 20.47
C VAL E 133 -83.02 -53.62 21.20
N CYS E 134 -84.06 -54.01 20.45
CA CYS E 134 -85.29 -54.52 21.03
C CYS E 134 -85.00 -55.63 22.04
N SER E 140 -82.65 -51.39 34.03
CA SER E 140 -82.48 -50.41 35.10
C SER E 140 -81.56 -49.27 34.68
N SER E 141 -80.71 -49.53 33.69
CA SER E 141 -79.76 -48.53 33.21
C SER E 141 -79.53 -48.65 31.70
N VAL E 142 -79.93 -47.62 30.96
CA VAL E 142 -79.85 -47.62 29.49
C VAL E 142 -78.70 -46.77 28.97
N THR E 143 -78.30 -47.00 27.72
CA THR E 143 -77.24 -46.22 27.06
C THR E 143 -77.65 -45.79 25.65
N LEU E 144 -77.53 -44.49 25.37
CA LEU E 144 -77.92 -43.92 24.07
C LEU E 144 -76.69 -43.45 23.29
N GLY E 145 -76.91 -42.67 22.23
CA GLY E 145 -75.80 -42.19 21.41
C GLY E 145 -76.16 -41.10 20.42
N CYS E 146 -75.15 -40.65 19.67
CA CYS E 146 -75.32 -39.59 18.67
C CYS E 146 -74.09 -39.49 17.76
N LEU E 147 -74.10 -40.27 16.68
CA LEU E 147 -72.97 -40.36 15.76
C LEU E 147 -73.00 -39.23 14.72
N VAL E 148 -71.87 -38.57 14.51
CA VAL E 148 -71.79 -37.44 13.59
C VAL E 148 -70.67 -37.61 12.58
N LYS E 149 -71.02 -38.04 11.37
CA LYS E 149 -70.02 -38.30 10.32
C LYS E 149 -70.04 -37.27 9.21
N GLY E 150 -68.88 -37.10 8.57
CA GLY E 150 -68.76 -36.29 7.38
C GLY E 150 -68.87 -34.80 7.61
N TYR E 151 -67.85 -34.21 8.22
CA TYR E 151 -67.80 -32.77 8.39
C TYR E 151 -66.37 -32.27 8.32
N PHE E 152 -66.20 -30.96 8.24
CA PHE E 152 -64.88 -30.37 8.08
C PHE E 152 -65.00 -28.86 7.97
N PRO E 153 -64.03 -28.12 8.53
CA PRO E 153 -62.91 -28.63 9.35
C PRO E 153 -63.25 -28.84 10.82
N GLU E 154 -62.22 -28.81 11.65
CA GLU E 154 -62.38 -28.87 13.09
C GLU E 154 -62.48 -27.45 13.66
N PRO E 155 -63.14 -27.30 14.83
CA PRO E 155 -63.82 -28.36 15.57
C PRO E 155 -65.34 -28.29 15.44
N VAL E 156 -66.03 -28.89 16.41
CA VAL E 156 -67.47 -28.78 16.54
C VAL E 156 -67.82 -28.56 18.02
N THR E 157 -69.10 -28.58 18.34
CA THR E 157 -69.55 -28.38 19.72
C THR E 157 -70.80 -29.20 20.02
N LEU E 158 -70.60 -30.38 20.57
CA LEU E 158 -71.71 -31.26 20.90
C LEU E 158 -72.18 -31.03 22.34
N THR E 159 -73.50 -31.01 22.53
CA THR E 159 -74.10 -30.89 23.86
C THR E 159 -75.43 -31.63 23.92
N TRP E 160 -75.76 -32.16 25.08
CA TRP E 160 -77.00 -32.91 25.25
C TRP E 160 -78.08 -32.05 25.90
N ASN E 161 -79.24 -31.98 25.24
CA ASN E 161 -80.32 -31.08 25.66
C ASN E 161 -79.78 -29.67 25.95
N SER E 162 -78.81 -29.24 25.15
CA SER E 162 -78.25 -27.90 25.24
C SER E 162 -77.54 -27.70 26.58
N GLY E 163 -76.48 -28.49 26.81
CA GLY E 163 -75.71 -28.38 28.04
C GLY E 163 -76.49 -28.84 29.28
N SER E 164 -77.65 -29.43 29.06
CA SER E 164 -78.49 -29.88 30.17
C SER E 164 -77.86 -31.03 30.92
N LEU E 165 -77.78 -32.19 30.27
CA LEU E 165 -77.23 -33.38 30.91
C LEU E 165 -75.71 -33.44 30.72
N SER E 166 -74.98 -33.01 31.73
CA SER E 166 -73.53 -32.97 31.66
C SER E 166 -72.92 -34.25 32.22
N SER E 167 -73.31 -34.63 33.44
CA SER E 167 -72.74 -35.81 34.08
C SER E 167 -73.02 -37.05 33.25
N GLY E 168 -71.97 -37.83 33.01
CA GLY E 168 -72.09 -39.09 32.29
C GLY E 168 -72.07 -38.96 30.77
N VAL E 169 -71.28 -38.02 30.27
CA VAL E 169 -71.24 -37.76 28.83
C VAL E 169 -69.84 -37.92 28.26
N HIS E 170 -69.61 -39.05 27.61
CA HIS E 170 -68.33 -39.32 26.97
C HIS E 170 -68.38 -38.87 25.50
N THR E 171 -67.67 -37.79 25.18
CA THR E 171 -67.61 -37.31 23.80
C THR E 171 -66.26 -37.66 23.17
N PHE E 172 -66.22 -38.82 22.54
CA PHE E 172 -64.97 -39.36 22.00
C PHE E 172 -64.34 -38.43 20.97
N PRO E 173 -63.00 -38.35 20.97
CA PRO E 173 -62.19 -37.59 20.02
C PRO E 173 -62.61 -37.85 18.58
N ALA E 174 -62.66 -36.82 17.75
CA ALA E 174 -62.95 -36.99 16.33
C ALA E 174 -61.86 -37.83 15.69
N VAL E 175 -62.22 -38.62 14.70
CA VAL E 175 -61.25 -39.45 13.98
C VAL E 175 -61.37 -39.23 12.49
N LEU E 176 -60.24 -39.31 11.80
CA LEU E 176 -60.19 -39.00 10.38
C LEU E 176 -60.76 -40.13 9.51
N GLN E 177 -61.61 -39.73 8.57
CA GLN E 177 -62.21 -40.65 7.62
C GLN E 177 -61.83 -40.18 6.23
N SER E 178 -60.67 -40.62 5.77
CA SER E 178 -59.99 -40.07 4.58
C SER E 178 -59.79 -38.55 4.65
N ASP E 179 -60.80 -37.77 4.22
CA ASP E 179 -60.69 -36.31 4.26
C ASP E 179 -61.78 -35.67 5.11
N LEU E 180 -62.53 -36.49 5.85
CA LEU E 180 -63.69 -36.00 6.59
C LEU E 180 -63.73 -36.58 7.99
N TYR E 181 -64.26 -35.82 8.93
CA TYR E 181 -64.18 -36.18 10.34
C TYR E 181 -65.40 -36.96 10.82
N THR E 182 -65.16 -37.89 11.74
CA THR E 182 -66.23 -38.64 12.40
C THR E 182 -66.08 -38.56 13.91
N LEU E 183 -67.12 -38.11 14.59
CA LEU E 183 -67.09 -37.94 16.03
C LEU E 183 -68.38 -38.46 16.65
N SER E 184 -68.26 -39.12 17.80
CA SER E 184 -69.44 -39.66 18.48
C SER E 184 -69.44 -39.33 19.97
N SER E 185 -70.63 -39.16 20.53
CA SER E 185 -70.79 -38.92 21.95
C SER E 185 -71.74 -39.96 22.55
N SER E 186 -71.73 -40.09 23.87
CA SER E 186 -72.57 -41.08 24.55
C SER E 186 -73.09 -40.55 25.88
N VAL E 187 -74.21 -41.10 26.32
CA VAL E 187 -74.83 -40.70 27.57
C VAL E 187 -75.55 -41.90 28.20
N THR E 188 -75.59 -41.94 29.53
CA THR E 188 -76.21 -43.05 30.26
C THR E 188 -77.17 -42.56 31.34
N VAL E 189 -78.40 -43.07 31.33
CA VAL E 189 -79.42 -42.73 32.31
C VAL E 189 -80.13 -43.98 32.82
N THR E 190 -80.86 -43.85 33.92
CA THR E 190 -81.63 -44.97 34.46
C THR E 190 -82.85 -45.22 33.59
N SER E 191 -83.46 -46.38 33.74
CA SER E 191 -84.62 -46.74 32.94
C SER E 191 -85.83 -45.89 33.32
N SER E 192 -85.67 -45.10 34.39
CA SER E 192 -86.76 -44.25 34.87
C SER E 192 -86.66 -42.84 34.30
N THR E 193 -85.57 -42.54 33.61
CA THR E 193 -85.37 -41.22 33.02
C THR E 193 -85.68 -41.24 31.52
N TRP E 194 -85.72 -42.43 30.94
CA TRP E 194 -86.01 -42.57 29.52
C TRP E 194 -86.66 -43.91 29.20
N PRO E 195 -87.69 -43.89 28.33
CA PRO E 195 -88.29 -42.71 27.74
C PRO E 195 -89.35 -42.07 28.63
N SER E 196 -88.93 -41.20 29.55
CA SER E 196 -89.85 -40.53 30.45
C SER E 196 -89.82 -39.02 30.20
N GLN E 197 -88.88 -38.60 29.37
CA GLN E 197 -88.76 -37.19 29.00
C GLN E 197 -88.17 -37.10 27.61
N SER E 198 -88.12 -35.89 27.06
CA SER E 198 -87.58 -35.69 25.72
C SER E 198 -86.11 -35.26 25.78
N ILE E 199 -85.26 -36.00 25.08
CA ILE E 199 -83.81 -35.75 25.04
C ILE E 199 -83.29 -35.84 23.60
N THR E 200 -82.48 -34.88 23.21
CA THR E 200 -81.93 -34.85 21.85
C THR E 200 -80.50 -34.31 21.81
N CYS E 201 -79.70 -34.87 20.92
CA CYS E 201 -78.31 -34.46 20.71
C CYS E 201 -78.23 -33.12 19.99
N ASN E 202 -77.21 -32.32 20.29
CA ASN E 202 -77.05 -30.99 19.69
C ASN E 202 -75.66 -30.75 19.14
N VAL E 203 -75.56 -30.50 17.84
CA VAL E 203 -74.29 -30.31 17.17
C VAL E 203 -74.16 -28.89 16.64
N ALA E 204 -72.93 -28.41 16.52
CA ALA E 204 -72.67 -27.06 16.01
C ALA E 204 -71.29 -26.97 15.37
N HIS E 205 -71.27 -26.61 14.10
CA HIS E 205 -70.03 -26.55 13.34
C HIS E 205 -69.74 -25.11 12.96
N PRO E 206 -68.65 -24.55 13.51
CA PRO E 206 -68.26 -23.15 13.29
C PRO E 206 -68.23 -22.76 11.82
N ALA E 207 -67.50 -23.52 11.00
CA ALA E 207 -67.35 -23.22 9.59
C ALA E 207 -68.68 -23.17 8.87
N SER E 208 -69.30 -24.34 8.70
CA SER E 208 -70.57 -24.44 8.00
C SER E 208 -71.69 -23.68 8.72
N SER E 209 -71.36 -23.06 9.85
CA SER E 209 -72.31 -22.24 10.58
C SER E 209 -73.63 -22.99 10.76
N THR E 210 -73.55 -24.30 10.96
CA THR E 210 -74.73 -25.14 11.04
C THR E 210 -75.02 -25.55 12.49
N LYS E 211 -76.27 -25.90 12.77
CA LYS E 211 -76.68 -26.27 14.13
C LYS E 211 -77.76 -27.37 14.16
N VAL E 212 -78.05 -27.96 13.00
CA VAL E 212 -79.11 -28.96 12.89
C VAL E 212 -78.86 -30.15 13.82
N ASP E 213 -79.93 -30.89 14.15
CA ASP E 213 -79.82 -32.08 14.99
C ASP E 213 -81.01 -33.03 14.79
N LYS E 214 -80.91 -34.23 15.38
CA LYS E 214 -81.97 -35.24 15.29
C LYS E 214 -82.35 -35.78 16.67
N LYS E 215 -83.65 -35.88 16.93
CA LYS E 215 -84.18 -36.32 18.22
C LYS E 215 -84.10 -37.83 18.39
N ILE E 216 -83.69 -38.28 19.56
CA ILE E 216 -83.58 -39.70 19.85
C ILE E 216 -84.96 -40.35 19.95
N GLU E 217 -85.11 -41.53 19.36
CA GLU E 217 -86.38 -42.26 19.39
C GLU E 217 -86.14 -43.74 19.68
N PRO E 218 -87.09 -44.38 20.38
CA PRO E 218 -87.01 -45.82 20.65
C PRO E 218 -87.27 -46.69 19.41
N ARG E 219 -87.00 -47.98 19.53
CA ARG E 219 -87.23 -48.92 18.43
C ARG E 219 -88.29 -49.95 18.81
N ASP F 1 -27.52 -39.98 14.14
CA ASP F 1 -28.43 -39.42 15.17
C ASP F 1 -28.37 -40.27 16.43
N ILE F 2 -28.55 -39.64 17.57
CA ILE F 2 -28.53 -40.34 18.84
C ILE F 2 -29.94 -40.81 19.18
N LEU F 3 -30.08 -42.08 19.52
CA LEU F 3 -31.37 -42.64 19.88
C LEU F 3 -31.62 -42.51 21.38
N MET F 4 -32.76 -41.94 21.73
CA MET F 4 -33.15 -41.78 23.12
C MET F 4 -34.27 -42.76 23.45
N THR F 5 -33.95 -43.83 24.17
CA THR F 5 -34.96 -44.81 24.57
C THR F 5 -35.51 -44.46 25.95
N GLN F 6 -36.78 -44.08 26.00
CA GLN F 6 -37.37 -43.68 27.27
C GLN F 6 -38.29 -44.78 27.81
N SER F 7 -38.05 -45.19 29.05
CA SER F 7 -38.86 -46.21 29.72
C SER F 7 -39.40 -45.68 31.04
N PRO F 8 -40.60 -46.14 31.45
CA PRO F 8 -41.53 -46.92 30.64
C PRO F 8 -42.42 -45.99 29.81
N SER F 9 -43.20 -46.51 28.88
CA SER F 9 -44.04 -45.66 28.05
C SER F 9 -45.23 -45.14 28.87
N SER F 10 -45.48 -45.77 30.02
CA SER F 10 -46.59 -45.41 30.88
C SER F 10 -46.48 -46.12 32.24
N MET F 11 -47.09 -45.53 33.26
CA MET F 11 -47.05 -46.07 34.61
C MET F 11 -48.25 -45.58 35.41
N SER F 12 -49.02 -46.51 35.95
CA SER F 12 -50.17 -46.19 36.75
C SER F 12 -49.73 -46.00 38.20
N VAL F 13 -49.90 -44.78 38.72
CA VAL F 13 -49.39 -44.46 40.05
C VAL F 13 -50.37 -43.60 40.84
N SER F 14 -50.04 -43.34 42.10
CA SER F 14 -50.95 -42.66 43.02
C SER F 14 -50.31 -41.44 43.65
N LEU F 15 -51.14 -40.46 44.01
CA LEU F 15 -50.67 -39.29 44.73
C LEU F 15 -49.74 -39.67 45.87
N GLY F 16 -48.68 -38.89 46.03
CA GLY F 16 -47.73 -39.10 47.12
C GLY F 16 -46.73 -40.19 46.80
N ASP F 17 -46.84 -40.78 45.62
CA ASP F 17 -45.86 -41.75 45.15
C ASP F 17 -44.56 -41.07 44.74
N THR F 18 -43.46 -41.76 44.94
CA THR F 18 -42.17 -41.31 44.45
C THR F 18 -41.79 -42.23 43.30
N VAL F 19 -41.65 -41.66 42.11
CA VAL F 19 -41.42 -42.45 40.91
C VAL F 19 -40.26 -41.89 40.10
N SER F 20 -39.70 -42.73 39.23
CA SER F 20 -38.57 -42.34 38.41
C SER F 20 -38.78 -42.76 36.95
N ILE F 21 -38.30 -41.93 36.04
CA ILE F 21 -38.34 -42.20 34.61
C ILE F 21 -36.91 -42.28 34.09
N THR F 22 -36.62 -43.24 33.23
CA THR F 22 -35.26 -43.37 32.70
C THR F 22 -35.18 -43.04 31.21
N CYS F 23 -34.00 -42.59 30.78
CA CYS F 23 -33.70 -42.34 29.39
C CYS F 23 -32.35 -42.99 29.10
N HIS F 24 -32.26 -43.71 27.98
CA HIS F 24 -30.99 -44.32 27.57
C HIS F 24 -30.62 -43.87 26.17
N ALA F 25 -29.52 -43.13 26.06
CA ALA F 25 -29.02 -42.67 24.78
C ALA F 25 -28.14 -43.74 24.15
N SER F 26 -28.12 -43.77 22.82
CA SER F 26 -27.33 -44.75 22.09
C SER F 26 -25.82 -44.50 22.21
N GLN F 27 -25.43 -43.38 22.83
CA GLN F 27 -24.02 -43.13 23.18
C GLN F 27 -23.95 -42.15 24.34
N GLY F 28 -22.78 -42.02 24.93
CA GLY F 28 -22.59 -41.06 26.01
C GLY F 28 -22.96 -39.65 25.58
N ILE F 29 -23.69 -38.91 26.43
CA ILE F 29 -24.11 -37.56 26.12
C ILE F 29 -23.72 -36.56 27.21
N SER F 30 -22.93 -37.02 28.17
CA SER F 30 -22.32 -36.16 29.21
C SER F 30 -23.26 -35.09 29.79
N SER F 31 -24.41 -35.54 30.26
CA SER F 31 -25.33 -34.69 31.05
C SER F 31 -26.01 -33.60 30.22
N ASN F 32 -25.84 -33.66 28.90
CA ASN F 32 -26.48 -32.70 28.02
C ASN F 32 -27.89 -33.14 27.68
N ILE F 33 -28.76 -33.08 28.68
CA ILE F 33 -30.10 -33.59 28.53
C ILE F 33 -31.09 -32.71 29.28
N GLY F 34 -32.25 -32.50 28.67
CA GLY F 34 -33.29 -31.71 29.28
C GLY F 34 -34.50 -32.59 29.49
N TRP F 35 -35.25 -32.31 30.55
CA TRP F 35 -36.49 -32.99 30.80
C TRP F 35 -37.67 -32.04 30.62
N LEU F 36 -38.77 -32.57 30.08
CA LEU F 36 -39.91 -31.77 29.62
C LEU F 36 -41.23 -32.29 30.17
N GLN F 37 -42.20 -31.39 30.30
CA GLN F 37 -43.52 -31.78 30.76
C GLN F 37 -44.59 -31.21 29.83
N GLN F 38 -45.56 -32.05 29.49
CA GLN F 38 -46.72 -31.61 28.70
C GLN F 38 -47.99 -32.04 29.40
N LYS F 39 -48.66 -31.08 30.04
CA LYS F 39 -49.95 -31.31 30.67
C LYS F 39 -50.98 -31.50 29.58
N PRO F 40 -52.06 -32.24 29.89
CA PRO F 40 -53.06 -32.59 28.88
C PRO F 40 -53.67 -31.38 28.17
N GLY F 41 -53.63 -31.40 26.84
CA GLY F 41 -54.13 -30.30 26.03
C GLY F 41 -53.14 -29.14 25.96
N LYS F 42 -52.48 -28.86 27.08
CA LYS F 42 -51.59 -27.72 27.18
C LYS F 42 -50.26 -27.92 26.43
N SER F 43 -49.40 -26.91 26.51
CA SER F 43 -48.13 -26.94 25.80
C SER F 43 -47.01 -27.50 26.69
N PHE F 44 -45.76 -27.22 26.34
CA PHE F 44 -44.61 -27.73 27.07
C PHE F 44 -44.06 -26.75 28.11
N MET F 45 -43.50 -27.30 29.19
CA MET F 45 -42.76 -26.52 30.18
C MET F 45 -41.44 -27.25 30.42
N GLY F 46 -40.38 -26.50 30.66
CA GLY F 46 -39.10 -27.11 30.95
C GLY F 46 -39.01 -27.46 32.41
N LEU F 47 -38.41 -28.61 32.72
CA LEU F 47 -38.19 -29.00 34.11
C LEU F 47 -36.70 -29.01 34.47
N ILE F 48 -35.88 -29.56 33.58
CA ILE F 48 -34.46 -29.75 33.87
C ILE F 48 -33.62 -29.44 32.64
N TYR F 49 -32.43 -28.90 32.87
CA TYR F 49 -31.45 -28.77 31.81
C TYR F 49 -30.10 -29.23 32.31
N TYR F 50 -29.28 -29.67 31.37
CA TYR F 50 -27.96 -30.15 31.68
C TYR F 50 -28.04 -31.14 32.83
N GLY F 51 -29.01 -32.06 32.73
CA GLY F 51 -29.07 -33.23 33.60
C GLY F 51 -29.58 -33.03 35.01
N THR F 52 -29.13 -31.99 35.73
CA THR F 52 -29.48 -31.87 37.14
C THR F 52 -30.06 -30.52 37.56
N ASN F 53 -30.10 -29.57 36.63
CA ASN F 53 -30.51 -28.21 36.96
C ASN F 53 -32.00 -27.94 36.73
N LEU F 54 -32.71 -27.55 37.80
CA LEU F 54 -34.11 -27.19 37.66
C LEU F 54 -34.25 -25.87 36.92
N VAL F 55 -35.26 -25.78 36.05
CA VAL F 55 -35.62 -24.52 35.41
C VAL F 55 -36.29 -23.61 36.44
N ASP F 56 -36.04 -22.30 36.35
CA ASP F 56 -36.67 -21.35 37.26
C ASP F 56 -38.16 -21.63 37.27
N GLY F 57 -38.74 -21.72 38.47
CA GLY F 57 -40.16 -21.97 38.61
C GLY F 57 -40.53 -23.39 39.04
N VAL F 58 -39.67 -24.35 38.69
CA VAL F 58 -39.94 -25.77 38.91
C VAL F 58 -39.79 -26.19 40.37
N PRO F 59 -40.86 -26.78 40.95
CA PRO F 59 -40.82 -27.22 42.35
C PRO F 59 -39.68 -28.19 42.61
N SER F 60 -39.24 -28.25 43.86
CA SER F 60 -38.07 -29.05 44.21
C SER F 60 -38.40 -30.53 44.41
N ARG F 61 -39.64 -30.94 44.12
CA ARG F 61 -39.95 -32.36 44.14
C ARG F 61 -39.40 -33.05 42.88
N PHE F 62 -39.12 -32.27 41.85
CA PHE F 62 -38.46 -32.80 40.66
C PHE F 62 -36.95 -32.80 40.85
N SER F 63 -36.29 -33.90 40.45
CA SER F 63 -34.83 -33.90 40.38
C SER F 63 -34.32 -34.76 39.22
N GLY F 64 -33.20 -34.36 38.65
CA GLY F 64 -32.56 -35.13 37.59
C GLY F 64 -31.27 -35.73 38.07
N SER F 65 -30.93 -36.91 37.55
CA SER F 65 -29.67 -37.57 37.88
C SER F 65 -29.14 -38.35 36.68
N GLY F 66 -27.92 -38.86 36.80
CA GLY F 66 -27.37 -39.78 35.81
C GLY F 66 -26.09 -39.29 35.17
N SER F 67 -25.54 -40.11 34.29
CA SER F 67 -24.33 -39.73 33.55
C SER F 67 -24.05 -40.73 32.44
N GLY F 68 -23.15 -40.36 31.54
CA GLY F 68 -22.80 -41.22 30.43
C GLY F 68 -23.99 -41.35 29.50
N ALA F 69 -24.58 -42.54 29.45
CA ALA F 69 -25.68 -42.79 28.54
C ALA F 69 -27.02 -42.97 29.27
N ASP F 70 -27.01 -42.93 30.61
CA ASP F 70 -28.23 -43.28 31.36
C ASP F 70 -28.63 -42.22 32.40
N TYR F 71 -29.86 -41.74 32.28
CA TYR F 71 -30.34 -40.65 33.14
C TYR F 71 -31.74 -40.95 33.67
N SER F 72 -32.15 -40.21 34.70
CA SER F 72 -33.46 -40.39 35.31
C SER F 72 -34.04 -39.05 35.68
N LEU F 73 -35.36 -38.95 35.65
CA LEU F 73 -36.06 -37.82 36.22
C LEU F 73 -36.93 -38.40 37.31
N THR F 74 -36.79 -37.93 38.55
CA THR F 74 -37.51 -38.48 39.69
C THR F 74 -38.46 -37.44 40.30
N ILE F 75 -39.72 -37.83 40.53
CA ILE F 75 -40.71 -36.94 41.12
C ILE F 75 -41.16 -37.47 42.50
N SER F 76 -40.80 -36.75 43.55
CA SER F 76 -41.11 -37.18 44.90
C SER F 76 -42.41 -36.58 45.42
N SER F 77 -43.28 -37.43 45.94
CA SER F 77 -44.56 -36.99 46.48
C SER F 77 -45.42 -36.36 45.39
N LEU F 78 -45.96 -37.20 44.49
CA LEU F 78 -46.76 -36.72 43.36
C LEU F 78 -47.91 -35.81 43.80
N ASP F 79 -48.06 -34.70 43.07
CA ASP F 79 -49.20 -33.81 43.22
C ASP F 79 -50.15 -34.10 42.07
N SER F 80 -51.39 -33.63 42.16
CA SER F 80 -52.38 -33.86 41.10
C SER F 80 -51.94 -33.22 39.79
N GLU F 81 -51.16 -32.14 39.88
CA GLU F 81 -50.70 -31.40 38.71
C GLU F 81 -49.66 -32.19 37.91
N ASP F 82 -49.14 -33.25 38.50
CA ASP F 82 -48.02 -33.99 37.92
C ASP F 82 -48.41 -35.06 36.90
N PHE F 83 -49.69 -35.42 36.84
CA PHE F 83 -50.13 -36.46 35.90
C PHE F 83 -50.16 -35.89 34.49
N ALA F 84 -49.14 -36.25 33.70
CA ALA F 84 -48.94 -35.62 32.41
C ALA F 84 -47.95 -36.45 31.59
N ASP F 85 -47.52 -35.90 30.46
CA ASP F 85 -46.54 -36.55 29.60
C ASP F 85 -45.15 -35.97 29.85
N TYR F 86 -44.12 -36.81 29.73
CA TYR F 86 -42.75 -36.37 29.99
C TYR F 86 -41.81 -36.86 28.89
N TYR F 87 -40.88 -36.01 28.48
CA TYR F 87 -39.94 -36.37 27.42
C TYR F 87 -38.53 -35.93 27.80
N CYS F 88 -37.54 -36.74 27.44
CA CYS F 88 -36.15 -36.32 27.57
C CYS F 88 -35.70 -35.84 26.21
N VAL F 89 -34.74 -34.94 26.20
CA VAL F 89 -34.17 -34.46 24.95
C VAL F 89 -32.66 -34.38 25.12
N GLN F 90 -31.91 -34.93 24.18
CA GLN F 90 -30.46 -34.80 24.18
C GLN F 90 -30.10 -33.64 23.29
N TYR F 91 -29.20 -32.77 23.77
CA TYR F 91 -28.62 -31.74 22.90
C TYR F 91 -27.09 -31.83 22.86
N ALA F 92 -26.55 -33.03 23.00
CA ALA F 92 -25.10 -33.23 22.84
C ALA F 92 -24.68 -33.09 21.38
N GLN F 93 -25.55 -33.50 20.46
CA GLN F 93 -25.25 -33.43 19.02
C GLN F 93 -26.44 -32.92 18.23
N LEU F 94 -26.18 -32.18 17.16
CA LEU F 94 -27.20 -31.93 16.16
C LEU F 94 -27.31 -33.21 15.31
N PRO F 95 -28.54 -33.62 14.98
CA PRO F 95 -29.79 -32.97 15.35
C PRO F 95 -30.23 -33.33 16.77
N TYR F 96 -30.89 -32.39 17.45
CA TYR F 96 -31.42 -32.66 18.77
C TYR F 96 -32.45 -33.77 18.58
N THR F 97 -32.56 -34.68 19.54
CA THR F 97 -33.52 -35.79 19.44
C THR F 97 -34.20 -36.04 20.78
N PHE F 98 -35.39 -36.61 20.72
CA PHE F 98 -36.24 -36.82 21.88
C PHE F 98 -36.49 -38.31 22.18
N GLY F 99 -36.77 -38.62 23.43
CA GLY F 99 -37.21 -39.94 23.82
C GLY F 99 -38.69 -40.08 23.53
N GLY F 100 -39.18 -41.32 23.48
CA GLY F 100 -40.53 -41.58 23.02
C GLY F 100 -41.62 -41.04 23.92
N GLY F 101 -41.23 -40.57 25.10
CA GLY F 101 -42.19 -40.02 26.05
C GLY F 101 -42.73 -41.02 27.06
N THR F 102 -43.10 -40.51 28.22
CA THR F 102 -43.69 -41.31 29.30
C THR F 102 -44.95 -40.65 29.80
N LYS F 103 -46.00 -41.44 30.01
CA LYS F 103 -47.25 -40.91 30.52
C LYS F 103 -47.52 -41.41 31.94
N LEU F 104 -47.83 -40.46 32.82
CA LEU F 104 -48.26 -40.80 34.17
C LEU F 104 -49.80 -40.80 34.22
N GLU F 105 -50.37 -41.96 34.54
CA GLU F 105 -51.82 -42.10 34.68
C GLU F 105 -52.17 -42.50 36.11
N ILE F 106 -53.44 -42.39 36.48
CA ILE F 106 -53.88 -42.67 37.84
C ILE F 106 -54.21 -44.14 38.02
N LYS F 107 -53.71 -44.72 39.12
CA LYS F 107 -54.01 -46.11 39.43
C LYS F 107 -55.36 -46.18 40.10
N ARG F 108 -56.10 -47.25 39.81
CA ARG F 108 -57.36 -47.52 40.50
C ARG F 108 -57.72 -48.99 40.33
N ALA F 109 -58.76 -49.43 41.02
CA ALA F 109 -59.19 -50.82 40.92
C ALA F 109 -59.59 -51.15 39.50
N ASP F 110 -59.30 -52.37 39.06
CA ASP F 110 -59.71 -52.78 37.73
C ASP F 110 -61.23 -52.69 37.66
N ALA F 111 -61.75 -52.27 36.51
CA ALA F 111 -63.19 -52.29 36.26
C ALA F 111 -63.46 -52.80 34.87
N ALA F 112 -64.51 -53.60 34.72
CA ALA F 112 -64.88 -54.14 33.42
C ALA F 112 -65.70 -53.12 32.63
N PRO F 113 -65.62 -53.19 31.29
CA PRO F 113 -66.33 -52.27 30.39
C PRO F 113 -67.85 -52.48 30.36
N THR F 114 -68.59 -51.39 30.12
CA THR F 114 -70.03 -51.46 29.87
C THR F 114 -70.29 -51.47 28.37
N VAL F 115 -70.48 -52.65 27.79
CA VAL F 115 -70.63 -52.79 26.35
C VAL F 115 -72.05 -52.46 25.86
N SER F 116 -72.13 -51.66 24.80
CA SER F 116 -73.40 -51.28 24.20
C SER F 116 -73.30 -51.33 22.69
N ILE F 117 -74.20 -52.08 22.04
CA ILE F 117 -74.20 -52.16 20.58
C ILE F 117 -75.42 -51.43 19.99
N PHE F 118 -75.22 -50.80 18.84
CA PHE F 118 -76.27 -50.00 18.20
C PHE F 118 -76.30 -50.20 16.68
N PRO F 119 -77.47 -50.59 16.13
CA PRO F 119 -77.67 -50.68 14.68
C PRO F 119 -77.90 -49.31 14.01
N PRO F 120 -77.74 -49.24 12.68
CA PRO F 120 -77.82 -47.99 11.89
C PRO F 120 -79.14 -47.26 12.04
N SER F 121 -79.08 -45.94 12.17
CA SER F 121 -80.30 -45.15 12.31
C SER F 121 -81.11 -45.16 11.01
N SER F 122 -82.28 -44.54 11.03
CA SER F 122 -83.15 -44.52 9.86
C SER F 122 -82.77 -43.38 8.92
N GLU F 123 -82.15 -42.34 9.47
CA GLU F 123 -81.74 -41.19 8.67
C GLU F 123 -80.49 -41.54 7.86
N GLN F 124 -79.83 -42.61 8.28
CA GLN F 124 -78.57 -43.02 7.66
C GLN F 124 -78.79 -44.16 6.67
N LEU F 125 -79.68 -45.08 7.03
CA LEU F 125 -80.06 -46.14 6.09
C LEU F 125 -80.76 -45.52 4.89
N THR F 126 -81.34 -44.34 5.11
CA THR F 126 -81.97 -43.58 4.04
C THR F 126 -80.97 -42.56 3.47
N SER F 127 -79.73 -43.00 3.32
CA SER F 127 -78.73 -42.23 2.59
C SER F 127 -77.67 -43.18 2.03
N GLY F 128 -78.13 -44.35 1.58
CA GLY F 128 -77.28 -45.30 0.89
C GLY F 128 -76.10 -45.78 1.71
N GLY F 129 -76.37 -46.26 2.90
CA GLY F 129 -75.31 -46.71 3.79
C GLY F 129 -75.83 -47.18 5.13
N ALA F 130 -74.93 -47.30 6.09
CA ALA F 130 -75.28 -47.76 7.43
C ALA F 130 -74.03 -47.84 8.31
N SER F 131 -74.18 -47.53 9.59
CA SER F 131 -73.06 -47.63 10.55
C SER F 131 -73.48 -48.24 11.90
N VAL F 132 -72.69 -49.21 12.36
CA VAL F 132 -72.90 -49.84 13.65
C VAL F 132 -71.83 -49.42 14.66
N VAL F 133 -72.27 -48.79 15.75
CA VAL F 133 -71.38 -48.33 16.79
C VAL F 133 -71.33 -49.37 17.92
N CYS F 134 -70.34 -49.23 18.81
CA CYS F 134 -70.22 -50.12 19.96
C CYS F 134 -69.43 -49.43 21.08
N PHE F 135 -70.14 -48.87 22.06
CA PHE F 135 -69.52 -48.15 23.17
C PHE F 135 -69.07 -49.08 24.28
N LEU F 136 -67.80 -49.00 24.64
CA LEU F 136 -67.29 -49.67 25.84
C LEU F 136 -66.89 -48.59 26.85
N ASN F 137 -67.73 -48.42 27.88
CA ASN F 137 -67.60 -47.29 28.78
C ASN F 137 -67.12 -47.66 30.18
N ASN F 138 -66.16 -46.88 30.69
CA ASN F 138 -65.75 -46.93 32.08
C ASN F 138 -65.07 -48.23 32.51
N PHE F 139 -63.96 -48.58 31.85
CA PHE F 139 -63.19 -49.75 32.23
C PHE F 139 -61.80 -49.36 32.72
N TYR F 140 -61.03 -50.34 33.18
CA TYR F 140 -59.67 -50.11 33.67
C TYR F 140 -58.99 -51.44 33.92
N PRO F 141 -57.76 -51.61 33.45
CA PRO F 141 -56.85 -50.66 32.77
C PRO F 141 -57.29 -50.19 31.39
N LYS F 142 -56.43 -49.40 30.74
CA LYS F 142 -56.74 -48.78 29.45
C LYS F 142 -56.72 -49.76 28.27
N ASP F 143 -56.07 -50.90 28.46
CA ASP F 143 -55.92 -51.89 27.38
C ASP F 143 -57.17 -52.74 27.19
N ILE F 144 -57.59 -52.87 25.95
CA ILE F 144 -58.68 -53.76 25.58
C ILE F 144 -58.50 -54.19 24.13
N ASN F 145 -59.25 -55.22 23.72
CA ASN F 145 -59.17 -55.73 22.36
C ASN F 145 -60.57 -55.91 21.78
N VAL F 146 -60.99 -54.98 20.94
CA VAL F 146 -62.29 -55.07 20.29
C VAL F 146 -62.19 -55.90 19.00
N LYS F 147 -63.17 -56.76 18.77
CA LYS F 147 -63.18 -57.65 17.61
C LYS F 147 -64.57 -57.74 17.00
N TRP F 148 -64.66 -57.56 15.69
CA TRP F 148 -65.93 -57.64 14.98
C TRP F 148 -66.06 -58.97 14.24
N LYS F 149 -67.21 -59.63 14.38
CA LYS F 149 -67.48 -60.88 13.67
C LYS F 149 -68.78 -60.81 12.87
N ILE F 150 -68.65 -60.68 11.56
CA ILE F 150 -69.80 -60.77 10.67
C ILE F 150 -70.20 -62.24 10.51
N ASP F 151 -71.20 -62.66 11.26
CA ASP F 151 -71.67 -64.05 11.20
C ASP F 151 -70.58 -65.03 11.63
N GLY F 152 -69.93 -64.74 12.76
CA GLY F 152 -68.88 -65.58 13.27
C GLY F 152 -67.52 -65.26 12.65
N SER F 153 -67.54 -64.86 11.38
CA SER F 153 -66.31 -64.54 10.65
C SER F 153 -65.77 -63.17 11.07
N GLU F 154 -64.53 -63.14 11.53
CA GLU F 154 -63.91 -61.89 11.95
C GLU F 154 -63.93 -60.87 10.82
N ARG F 155 -63.63 -59.62 11.16
CA ARG F 155 -63.49 -58.56 10.17
C ARG F 155 -62.48 -57.53 10.67
N GLN F 156 -61.60 -57.09 9.77
CA GLN F 156 -60.54 -56.16 10.15
C GLN F 156 -60.52 -54.90 9.30
N ASN F 157 -61.41 -54.82 8.32
CA ASN F 157 -61.46 -53.65 7.44
C ASN F 157 -62.77 -52.88 7.56
N GLY F 158 -62.68 -51.55 7.60
CA GLY F 158 -63.83 -50.68 7.63
C GLY F 158 -64.21 -50.21 9.02
N VAL F 159 -63.32 -50.42 9.98
CA VAL F 159 -63.61 -50.08 11.37
C VAL F 159 -62.85 -48.83 11.81
N LEU F 160 -63.49 -48.03 12.66
CA LEU F 160 -62.85 -46.86 13.25
C LEU F 160 -62.96 -46.93 14.76
N ASN F 161 -61.86 -46.60 15.45
CA ASN F 161 -61.82 -46.59 16.91
C ASN F 161 -61.41 -45.23 17.45
N SER F 162 -61.92 -44.88 18.63
CA SER F 162 -61.53 -43.64 19.29
C SER F 162 -61.57 -43.82 20.81
N TRP F 163 -60.47 -43.50 21.47
CA TRP F 163 -60.38 -43.63 22.92
C TRP F 163 -60.42 -42.26 23.58
N THR F 164 -61.06 -42.20 24.74
CA THR F 164 -61.10 -40.96 25.52
C THR F 164 -59.94 -40.98 26.49
N ASP F 165 -59.47 -39.79 26.87
CA ASP F 165 -58.44 -39.69 27.90
C ASP F 165 -59.04 -40.15 29.22
N GLN F 166 -58.20 -40.31 30.24
CA GLN F 166 -58.66 -40.83 31.52
C GLN F 166 -59.67 -39.87 32.15
N ASP F 167 -60.90 -40.33 32.32
CA ASP F 167 -61.97 -39.48 32.85
C ASP F 167 -61.53 -38.83 34.17
N SER F 168 -61.72 -37.52 34.29
CA SER F 168 -61.40 -36.81 35.52
C SER F 168 -62.41 -37.13 36.61
N LYS F 169 -63.51 -37.74 36.20
CA LYS F 169 -64.55 -38.17 37.13
C LYS F 169 -64.07 -39.38 37.94
N ASP F 170 -63.99 -40.53 37.27
CA ASP F 170 -63.78 -41.81 37.94
C ASP F 170 -62.46 -42.50 37.56
N SER F 171 -61.62 -41.80 36.81
CA SER F 171 -60.32 -42.33 36.39
C SER F 171 -60.46 -43.56 35.49
N THR F 172 -61.62 -43.70 34.84
CA THR F 172 -61.83 -44.81 33.91
C THR F 172 -61.63 -44.33 32.47
N TYR F 173 -61.51 -45.29 31.55
CA TYR F 173 -61.39 -45.01 30.13
C TYR F 173 -62.61 -45.56 29.43
N SER F 174 -62.87 -45.05 28.21
CA SER F 174 -63.94 -45.57 27.38
C SER F 174 -63.43 -45.68 25.95
N MET F 175 -64.19 -46.37 25.10
CA MET F 175 -63.76 -46.60 23.72
C MET F 175 -64.96 -46.64 22.76
N SER F 176 -64.80 -45.96 21.64
CA SER F 176 -65.81 -45.95 20.58
C SER F 176 -65.32 -46.86 19.45
N SER F 177 -66.24 -47.37 18.65
CA SER F 177 -65.88 -48.29 17.58
C SER F 177 -66.96 -48.35 16.50
N THR F 178 -66.77 -47.60 15.43
CA THR F 178 -67.74 -47.51 14.33
C THR F 178 -67.33 -48.35 13.12
N LEU F 179 -68.09 -49.40 12.84
CA LEU F 179 -67.90 -50.18 11.63
C LEU F 179 -68.85 -49.68 10.53
N THR F 180 -68.30 -49.07 9.49
CA THR F 180 -69.09 -48.45 8.44
C THR F 180 -69.04 -49.22 7.11
N LEU F 181 -70.16 -49.24 6.39
CA LEU F 181 -70.23 -49.84 5.05
C LEU F 181 -71.53 -49.53 4.31
N THR F 182 -71.58 -49.91 3.03
CA THR F 182 -72.70 -49.58 2.15
C THR F 182 -73.97 -50.34 2.53
N LYS F 183 -75.12 -49.68 2.41
CA LYS F 183 -76.40 -50.28 2.76
C LYS F 183 -76.54 -51.63 2.09
N ASP F 184 -76.02 -51.72 0.87
CA ASP F 184 -76.07 -52.95 0.10
C ASP F 184 -75.39 -54.10 0.83
N GLU F 185 -74.11 -53.92 1.14
CA GLU F 185 -73.31 -54.95 1.79
C GLU F 185 -73.86 -55.32 3.17
N TYR F 186 -74.60 -54.39 3.77
CA TYR F 186 -75.16 -54.63 5.11
C TYR F 186 -76.29 -55.66 5.07
N GLU F 187 -77.27 -55.42 4.20
CA GLU F 187 -78.42 -56.30 4.10
C GLU F 187 -78.05 -57.67 3.55
N ARG F 188 -76.73 -57.91 3.44
CA ARG F 188 -76.22 -59.18 2.96
C ARG F 188 -76.14 -60.24 4.07
N HIS F 189 -75.92 -59.80 5.31
CA HIS F 189 -75.72 -60.73 6.42
C HIS F 189 -76.71 -60.54 7.57
N ASN F 190 -76.92 -61.60 8.34
CA ASN F 190 -77.94 -61.60 9.38
C ASN F 190 -77.47 -61.01 10.71
N SER F 191 -76.63 -61.76 11.43
CA SER F 191 -76.24 -61.40 12.79
C SER F 191 -74.80 -60.88 12.89
N TYR F 192 -74.58 -59.96 13.84
CA TYR F 192 -73.27 -59.32 14.01
C TYR F 192 -72.83 -59.27 15.48
N THR F 193 -71.68 -59.84 15.76
CA THR F 193 -71.15 -59.92 17.13
C THR F 193 -70.21 -58.75 17.42
N CYS F 194 -70.08 -58.41 18.69
CA CYS F 194 -69.21 -57.31 19.12
C CYS F 194 -68.39 -57.71 20.35
N GLU F 195 -67.29 -58.41 20.13
CA GLU F 195 -66.50 -58.99 21.21
C GLU F 195 -65.45 -58.01 21.75
N ALA F 196 -65.01 -58.24 22.98
CA ALA F 196 -64.04 -57.35 23.63
C ALA F 196 -63.30 -58.08 24.73
N THR F 197 -61.98 -57.95 24.76
CA THR F 197 -61.16 -58.62 25.75
C THR F 197 -60.55 -57.63 26.73
N HIS F 198 -60.59 -57.99 28.02
CA HIS F 198 -60.04 -57.15 29.06
C HIS F 198 -59.44 -58.06 30.12
N LYS F 199 -58.55 -57.53 30.95
CA LYS F 199 -57.91 -58.34 31.99
C LYS F 199 -58.86 -58.67 33.14
N THR F 200 -60.07 -58.11 33.11
CA THR F 200 -61.01 -58.29 34.20
C THR F 200 -61.83 -59.55 34.01
N SER F 201 -62.05 -59.92 32.75
CA SER F 201 -62.84 -61.10 32.43
C SER F 201 -62.03 -62.05 31.54
N THR F 202 -61.90 -63.30 32.00
CA THR F 202 -61.19 -64.32 31.23
C THR F 202 -61.87 -64.52 29.89
N SER F 203 -63.19 -64.32 29.86
CA SER F 203 -63.94 -64.50 28.63
C SER F 203 -64.30 -63.16 27.99
N PRO F 204 -64.45 -63.14 26.65
CA PRO F 204 -64.84 -61.95 25.90
C PRO F 204 -66.30 -61.56 26.09
N ILE F 205 -66.56 -60.32 26.50
CA ILE F 205 -67.92 -59.83 26.62
C ILE F 205 -68.47 -59.63 25.21
N VAL F 206 -69.79 -59.82 25.05
CA VAL F 206 -70.40 -59.79 23.72
C VAL F 206 -71.72 -59.03 23.67
N LYS F 207 -72.02 -58.48 22.50
CA LYS F 207 -73.30 -57.84 22.24
C LYS F 207 -73.68 -58.05 20.78
N SER F 208 -74.62 -58.97 20.53
CA SER F 208 -75.08 -59.27 19.18
C SER F 208 -76.43 -58.65 18.88
N PHE F 209 -76.90 -58.87 17.65
CA PHE F 209 -78.21 -58.36 17.23
C PHE F 209 -78.58 -58.95 15.87
N ASN F 210 -79.87 -58.94 15.56
CA ASN F 210 -80.36 -59.45 14.28
C ASN F 210 -80.82 -58.32 13.36
N ARG F 211 -80.42 -58.41 12.09
CA ARG F 211 -80.68 -57.35 11.11
C ARG F 211 -82.18 -57.14 10.84
N ASN F 212 -82.64 -55.91 11.04
CA ASN F 212 -84.02 -55.52 10.73
C ASN F 212 -85.06 -56.45 11.35
N GLU F 213 -84.91 -56.71 12.65
CA GLU F 213 -85.75 -57.68 13.34
C GLU F 213 -87.14 -57.12 13.64
N CYS F 214 -87.19 -55.91 14.19
CA CYS F 214 -88.46 -55.29 14.56
C CYS F 214 -89.34 -55.11 13.33
N GLU G 1 22.08 33.95 -21.17
CA GLU G 1 23.42 34.14 -21.82
C GLU G 1 24.53 33.41 -21.06
N VAL G 2 25.19 32.50 -21.73
CA VAL G 2 26.23 31.69 -21.12
C VAL G 2 27.44 32.52 -20.71
N GLN G 3 27.81 32.48 -19.44
CA GLN G 3 29.05 33.08 -18.96
C GLN G 3 29.72 32.15 -17.96
N LEU G 4 31.04 32.09 -18.00
CA LEU G 4 31.78 31.31 -17.05
C LEU G 4 32.58 32.27 -16.22
N GLN G 5 32.26 32.32 -14.92
CA GLN G 5 32.81 33.33 -14.03
C GLN G 5 33.74 32.70 -13.01
N GLN G 6 35.03 32.98 -13.15
CA GLN G 6 36.03 32.34 -12.32
C GLN G 6 36.42 33.21 -11.14
N SER G 7 36.89 32.55 -10.09
CA SER G 7 37.28 33.20 -8.85
C SER G 7 38.49 34.11 -9.05
N GLY G 8 38.82 34.90 -8.04
CA GLY G 8 39.85 35.93 -8.15
C GLY G 8 41.27 35.40 -8.17
N ALA G 9 42.20 36.25 -8.62
CA ALA G 9 43.63 35.94 -8.60
C ALA G 9 44.07 35.35 -7.26
N GLU G 10 44.93 34.33 -7.33
CA GLU G 10 45.39 33.62 -6.15
C GLU G 10 46.89 33.83 -5.98
N LEU G 11 47.32 33.91 -4.72
CA LEU G 11 48.72 34.11 -4.39
C LEU G 11 49.08 33.18 -3.25
N VAL G 12 49.92 32.19 -3.52
CA VAL G 12 50.12 31.09 -2.59
C VAL G 12 51.58 30.70 -2.49
N LYS G 13 51.88 29.79 -1.57
CA LYS G 13 53.27 29.40 -1.29
C LYS G 13 53.63 28.03 -1.85
N PRO G 14 54.91 27.85 -2.23
CA PRO G 14 55.38 26.58 -2.77
C PRO G 14 55.06 25.42 -1.81
N GLY G 15 54.23 24.48 -2.25
CA GLY G 15 53.92 23.32 -1.45
C GLY G 15 52.50 23.35 -0.93
N ALA G 16 51.93 24.55 -0.86
CA ALA G 16 50.54 24.72 -0.46
C ALA G 16 49.58 24.17 -1.53
N SER G 17 48.29 24.43 -1.34
CA SER G 17 47.27 24.06 -2.32
C SER G 17 46.33 25.23 -2.59
N VAL G 18 45.57 25.12 -3.66
CA VAL G 18 44.61 26.15 -4.04
C VAL G 18 43.44 25.53 -4.81
N LYS G 19 42.26 26.13 -4.67
CA LYS G 19 41.08 25.58 -5.31
C LYS G 19 40.32 26.67 -6.06
N LEU G 20 40.45 26.64 -7.39
CA LEU G 20 39.82 27.62 -8.27
C LEU G 20 38.39 27.19 -8.57
N SER G 21 37.52 28.18 -8.75
CA SER G 21 36.14 27.86 -9.06
C SER G 21 35.76 28.49 -10.40
N CYS G 22 34.70 27.94 -10.99
CA CYS G 22 34.16 28.43 -12.25
C CYS G 22 32.65 28.28 -12.16
N THR G 23 31.95 29.40 -12.05
CA THR G 23 30.51 29.37 -11.85
C THR G 23 29.74 29.70 -13.12
N ALA G 24 28.83 28.80 -13.47
CA ALA G 24 27.97 28.97 -14.64
C ALA G 24 26.95 30.04 -14.36
N SER G 25 26.86 31.00 -15.28
CA SER G 25 25.82 32.02 -15.25
C SER G 25 25.01 31.93 -16.54
N GLY G 26 23.69 31.84 -16.43
CA GLY G 26 22.84 31.79 -17.61
C GLY G 26 22.57 30.37 -18.09
N PHE G 27 23.13 29.38 -17.40
CA PHE G 27 22.95 27.99 -17.79
C PHE G 27 23.29 27.06 -16.64
N ASN G 28 22.88 25.81 -16.77
CA ASN G 28 23.14 24.81 -15.75
C ASN G 28 24.49 24.11 -16.01
N ILE G 29 25.40 24.21 -15.04
CA ILE G 29 26.72 23.59 -15.13
C ILE G 29 26.64 22.13 -15.60
N LYS G 30 25.49 21.52 -15.41
CA LYS G 30 25.29 20.11 -15.72
C LYS G 30 25.09 19.84 -17.22
N ASP G 31 24.93 20.89 -18.02
CA ASP G 31 24.54 20.71 -19.43
C ASP G 31 25.64 20.13 -20.33
N THR G 32 26.91 20.36 -19.98
CA THR G 32 27.99 19.93 -20.86
C THR G 32 29.23 19.50 -20.08
N TYR G 33 30.19 18.88 -20.76
CA TYR G 33 31.55 18.80 -20.21
C TYR G 33 32.05 20.16 -19.79
N VAL G 34 32.85 20.19 -18.72
CA VAL G 34 33.59 21.38 -18.33
C VAL G 34 35.08 21.05 -18.28
N HIS G 35 35.89 21.81 -19.00
CA HIS G 35 37.31 21.54 -19.13
C HIS G 35 38.12 22.57 -18.36
N TRP G 36 39.38 22.23 -18.07
CA TRP G 36 40.32 23.19 -17.50
C TRP G 36 41.57 23.23 -18.35
N VAL G 37 42.02 24.45 -18.61
CA VAL G 37 43.15 24.69 -19.50
C VAL G 37 44.15 25.64 -18.83
N LYS G 38 45.44 25.34 -18.97
CA LYS G 38 46.53 26.14 -18.38
C LYS G 38 47.24 26.96 -19.46
N GLN G 39 47.49 28.23 -19.18
CA GLN G 39 48.21 29.08 -20.13
C GLN G 39 49.41 29.76 -19.45
N ARG G 40 50.58 29.58 -20.05
CA ARG G 40 51.80 30.29 -19.66
C ARG G 40 52.38 30.98 -20.89
N PRO G 41 53.13 32.07 -20.70
CA PRO G 41 53.67 32.84 -21.82
C PRO G 41 54.65 32.05 -22.69
N GLU G 42 55.54 31.30 -22.07
CA GLU G 42 56.53 30.54 -22.82
C GLU G 42 55.89 29.29 -23.40
N GLN G 43 55.34 28.47 -22.52
CA GLN G 43 54.89 27.12 -22.87
C GLN G 43 53.54 27.11 -23.60
N GLY G 44 52.78 28.19 -23.47
CA GLY G 44 51.51 28.29 -24.17
C GLY G 44 50.38 27.57 -23.47
N LEU G 45 49.52 26.93 -24.27
CA LEU G 45 48.25 26.40 -23.78
C LEU G 45 48.29 24.88 -23.57
N GLU G 46 47.84 24.41 -22.41
CA GLU G 46 47.79 22.98 -22.15
C GLU G 46 46.47 22.58 -21.51
N TRP G 47 45.85 21.55 -22.07
CA TRP G 47 44.62 21.01 -21.53
C TRP G 47 44.92 20.19 -20.25
N ILE G 48 44.26 20.52 -19.15
CA ILE G 48 44.46 19.79 -17.90
C ILE G 48 43.58 18.55 -17.84
N GLY G 49 42.30 18.73 -18.14
CA GLY G 49 41.34 17.64 -18.08
C GLY G 49 39.94 18.18 -18.15
N ARG G 50 38.95 17.30 -17.96
CA ARG G 50 37.56 17.69 -17.98
C ARG G 50 36.78 16.89 -16.96
N ILE G 51 35.56 17.34 -16.71
CA ILE G 51 34.64 16.64 -15.86
C ILE G 51 33.28 16.75 -16.50
N ASP G 52 32.49 15.70 -16.41
CA ASP G 52 31.07 15.77 -16.73
C ASP G 52 30.36 16.00 -15.42
N PRO G 53 29.93 17.24 -15.13
CA PRO G 53 29.46 17.55 -13.78
C PRO G 53 28.14 16.86 -13.45
N ALA G 54 27.55 16.21 -14.43
CA ALA G 54 26.33 15.44 -14.19
C ALA G 54 26.63 14.20 -13.34
N ASN G 55 27.81 13.61 -13.55
CA ASN G 55 28.15 12.34 -12.89
C ASN G 55 29.53 12.29 -12.24
N GLY G 56 30.30 13.36 -12.34
CA GLY G 56 31.59 13.42 -11.66
C GLY G 56 32.74 12.79 -12.41
N TYR G 57 32.46 12.07 -13.48
CA TYR G 57 33.54 11.43 -14.25
C TYR G 57 34.52 12.44 -14.85
N THR G 58 35.80 12.10 -14.74
CA THR G 58 36.88 13.02 -15.12
C THR G 58 37.85 12.37 -16.11
N LYS G 59 38.58 13.20 -16.83
CA LYS G 59 39.73 12.77 -17.63
C LYS G 59 40.82 13.79 -17.43
N TYR G 60 42.06 13.32 -17.49
CA TYR G 60 43.21 14.20 -17.33
C TYR G 60 44.30 13.87 -18.37
N ASP G 61 45.06 14.88 -18.79
CA ASP G 61 46.34 14.63 -19.45
C ASP G 61 47.22 14.04 -18.36
N PRO G 62 47.86 12.89 -18.63
CA PRO G 62 48.73 12.26 -17.61
C PRO G 62 49.77 13.20 -16.99
N LYS G 63 50.24 14.23 -17.71
CA LYS G 63 51.22 15.18 -17.15
C LYS G 63 50.70 15.86 -15.89
N PHE G 64 49.39 15.83 -15.67
CA PHE G 64 48.78 16.51 -14.53
C PHE G 64 48.22 15.58 -13.45
N GLN G 65 48.27 14.28 -13.68
CA GLN G 65 47.77 13.32 -12.70
C GLN G 65 48.48 13.54 -11.37
N GLY G 66 47.71 13.61 -10.28
CA GLY G 66 48.28 13.81 -8.96
C GLY G 66 48.40 15.28 -8.57
N LYS G 67 48.57 16.14 -9.56
CA LYS G 67 48.63 17.57 -9.33
C LYS G 67 47.24 18.19 -9.36
N ALA G 68 46.42 17.76 -10.32
CA ALA G 68 45.13 18.39 -10.57
C ALA G 68 43.99 17.48 -10.23
N THR G 69 43.05 18.00 -9.45
CA THR G 69 41.80 17.32 -9.18
C THR G 69 40.67 18.24 -9.59
N ILE G 70 39.80 17.75 -10.46
CA ILE G 70 38.70 18.54 -10.95
C ILE G 70 37.43 17.96 -10.37
N THR G 71 36.61 18.81 -9.76
CA THR G 71 35.37 18.38 -9.12
C THR G 71 34.28 19.34 -9.52
N ALA G 72 33.05 19.08 -9.10
CA ALA G 72 31.94 19.92 -9.48
C ALA G 72 30.81 19.73 -8.50
N ASP G 73 29.94 20.73 -8.44
CA ASP G 73 28.83 20.74 -7.50
C ASP G 73 27.66 21.43 -8.18
N THR G 74 26.73 20.64 -8.70
CA THR G 74 25.65 21.17 -9.49
C THR G 74 24.79 22.11 -8.64
N SER G 75 24.71 21.81 -7.35
CA SER G 75 23.93 22.60 -6.42
C SER G 75 24.31 24.08 -6.51
N SER G 76 25.62 24.36 -6.47
CA SER G 76 26.10 25.73 -6.59
C SER G 76 26.51 26.08 -8.03
N ASN G 77 26.22 25.19 -8.99
CA ASN G 77 26.46 25.46 -10.41
C ASN G 77 27.92 25.81 -10.70
N THR G 78 28.83 25.20 -9.96
CA THR G 78 30.24 25.54 -10.01
C THR G 78 31.07 24.30 -10.27
N ALA G 79 32.18 24.49 -10.98
CA ALA G 79 33.18 23.46 -11.16
C ALA G 79 34.47 23.97 -10.53
N TYR G 80 35.32 23.04 -10.08
CA TYR G 80 36.53 23.42 -9.36
C TYR G 80 37.77 22.77 -9.98
N LEU G 81 38.88 23.49 -9.89
CA LEU G 81 40.18 22.93 -10.18
C LEU G 81 41.00 23.04 -8.91
N GLN G 82 41.48 21.91 -8.40
CA GLN G 82 42.30 21.93 -7.21
C GLN G 82 43.73 21.54 -7.54
N LEU G 83 44.67 22.41 -7.21
CA LEU G 83 46.08 22.15 -7.45
C LEU G 83 46.81 21.88 -6.13
N SER G 84 47.63 20.84 -6.09
CA SER G 84 48.34 20.48 -4.87
C SER G 84 49.86 20.52 -5.05
N SER G 85 50.59 20.54 -3.94
CA SER G 85 52.05 20.57 -3.93
C SER G 85 52.57 21.62 -4.91
N LEU G 86 52.07 22.84 -4.76
CA LEU G 86 52.34 23.90 -5.72
C LEU G 86 53.83 24.16 -5.93
N THR G 87 54.17 24.61 -7.13
CA THR G 87 55.55 24.87 -7.53
C THR G 87 55.56 26.15 -8.34
N SER G 88 56.74 26.68 -8.62
CA SER G 88 56.86 27.87 -9.45
C SER G 88 56.26 27.62 -10.82
N GLU G 89 56.33 26.38 -11.30
CA GLU G 89 55.89 26.08 -12.65
C GLU G 89 54.37 26.04 -12.75
N ASP G 90 53.69 25.95 -11.61
CA ASP G 90 52.24 26.09 -11.56
C ASP G 90 51.78 27.56 -11.69
N THR G 91 52.72 28.50 -11.71
CA THR G 91 52.38 29.90 -11.91
C THR G 91 51.88 30.09 -13.34
N ALA G 92 50.59 30.36 -13.49
CA ALA G 92 49.99 30.51 -14.83
C ALA G 92 48.58 31.07 -14.73
N VAL G 93 47.89 31.15 -15.86
CA VAL G 93 46.50 31.56 -15.90
C VAL G 93 45.66 30.33 -16.20
N TYR G 94 44.58 30.12 -15.43
CA TYR G 94 43.73 28.95 -15.62
C TYR G 94 42.34 29.31 -16.09
N TYR G 95 41.87 28.55 -17.07
CA TYR G 95 40.59 28.80 -17.71
C TYR G 95 39.67 27.59 -17.60
N CYS G 96 38.39 27.84 -17.37
CA CYS G 96 37.41 26.77 -17.53
C CYS G 96 36.72 26.95 -18.89
N VAL G 97 36.38 25.84 -19.54
CA VAL G 97 35.87 25.90 -20.91
C VAL G 97 34.72 24.91 -21.15
N ARG G 98 33.76 25.26 -22.00
CA ARG G 98 32.70 24.36 -22.39
C ARG G 98 32.34 24.54 -23.84
N PRO G 99 31.83 23.48 -24.47
CA PRO G 99 31.44 23.57 -25.88
C PRO G 99 30.17 24.38 -26.08
N LEU G 100 29.91 24.76 -27.33
CA LEU G 100 28.69 25.47 -27.65
C LEU G 100 27.64 24.41 -28.05
N TYR G 101 27.84 23.77 -29.20
CA TYR G 101 26.95 22.70 -29.65
C TYR G 101 27.64 21.33 -29.65
N ASP G 102 28.78 21.24 -30.33
CA ASP G 102 29.51 19.99 -30.48
C ASP G 102 29.93 19.47 -29.11
N TYR G 103 29.60 18.23 -28.77
CA TYR G 103 29.87 17.72 -27.41
C TYR G 103 31.31 17.85 -27.05
N TYR G 104 32.18 17.65 -28.05
CA TYR G 104 33.61 17.58 -27.80
C TYR G 104 34.40 18.91 -27.95
N ALA G 105 33.72 20.02 -28.25
CA ALA G 105 34.45 21.26 -28.65
C ALA G 105 34.83 22.13 -27.47
N MET G 106 35.46 23.27 -27.76
CA MET G 106 36.03 24.15 -26.73
C MET G 106 35.74 25.63 -27.03
N ASP G 107 34.48 26.03 -26.87
CA ASP G 107 33.99 27.27 -27.49
C ASP G 107 33.83 28.46 -26.53
N TYR G 108 33.35 28.20 -25.32
CA TYR G 108 33.13 29.26 -24.33
C TYR G 108 34.19 29.21 -23.25
N TRP G 109 34.83 30.35 -22.97
CA TRP G 109 35.90 30.41 -21.97
C TRP G 109 35.55 31.35 -20.83
N GLY G 110 35.94 30.96 -19.62
CA GLY G 110 35.84 31.83 -18.47
C GLY G 110 36.89 32.91 -18.65
N GLN G 111 36.86 33.94 -17.81
CA GLN G 111 37.77 35.09 -17.99
C GLN G 111 39.22 34.80 -17.54
N GLY G 112 39.43 33.68 -16.86
CA GLY G 112 40.78 33.31 -16.45
C GLY G 112 41.08 33.64 -15.01
N THR G 113 41.94 32.85 -14.38
CA THR G 113 42.33 33.08 -12.99
C THR G 113 43.83 32.94 -12.86
N SER G 114 44.49 34.04 -12.51
CA SER G 114 45.93 34.02 -12.33
C SER G 114 46.29 33.32 -11.03
N VAL G 115 47.21 32.37 -11.11
CA VAL G 115 47.78 31.76 -9.92
C VAL G 115 49.27 32.08 -9.86
N THR G 116 49.70 32.67 -8.74
CA THR G 116 51.12 33.00 -8.54
C THR G 116 51.68 32.29 -7.31
N VAL G 117 52.70 31.46 -7.53
CA VAL G 117 53.32 30.68 -6.48
C VAL G 117 54.70 31.25 -6.19
N SER G 118 54.87 31.85 -5.01
CA SER G 118 56.13 32.48 -4.61
C SER G 118 56.31 32.43 -3.09
N SER G 119 57.57 32.44 -2.65
CA SER G 119 57.88 32.50 -1.22
C SER G 119 57.98 33.94 -0.74
N ALA G 120 57.97 34.88 -1.69
CA ALA G 120 58.21 36.28 -1.40
C ALA G 120 57.21 36.84 -0.39
N LYS G 121 57.68 37.72 0.48
CA LYS G 121 56.79 38.44 1.38
C LYS G 121 56.40 39.75 0.72
N THR G 122 55.29 40.33 1.18
CA THR G 122 54.86 41.62 0.65
C THR G 122 55.93 42.67 0.93
N THR G 123 56.63 43.09 -0.11
CA THR G 123 57.71 44.06 0.01
C THR G 123 57.42 45.34 -0.77
N ALA G 124 57.63 46.48 -0.13
CA ALA G 124 57.44 47.77 -0.79
C ALA G 124 58.56 48.01 -1.80
N PRO G 125 58.25 48.71 -2.91
CA PRO G 125 59.24 48.97 -3.97
C PRO G 125 60.18 50.15 -3.68
N SER G 126 61.45 50.01 -4.04
CA SER G 126 62.37 51.15 -4.05
C SER G 126 62.15 51.92 -5.35
N VAL G 127 62.15 53.25 -5.25
CA VAL G 127 61.90 54.08 -6.43
C VAL G 127 63.06 55.06 -6.67
N TYR G 128 63.71 54.89 -7.82
CA TYR G 128 64.90 55.66 -8.16
C TYR G 128 64.65 56.57 -9.36
N PRO G 129 64.95 57.87 -9.22
CA PRO G 129 64.89 58.82 -10.34
C PRO G 129 65.93 58.51 -11.42
N LEU G 130 65.55 58.69 -12.69
CA LEU G 130 66.50 58.49 -13.79
C LEU G 130 66.58 59.76 -14.64
N ALA G 131 67.65 60.52 -14.43
CA ALA G 131 67.90 61.74 -15.18
C ALA G 131 69.02 61.49 -16.18
N PRO G 132 69.01 62.23 -17.29
CA PRO G 132 70.04 62.07 -18.34
C PRO G 132 71.44 62.20 -17.77
N VAL G 133 72.45 62.05 -18.63
CA VAL G 133 73.84 62.08 -18.20
C VAL G 133 74.37 63.50 -18.11
N CYS G 134 74.61 64.11 -19.28
CA CYS G 134 75.32 65.39 -19.35
C CYS G 134 75.49 65.85 -20.80
N THR G 138 70.79 66.36 -24.90
CA THR G 138 71.53 67.50 -25.41
C THR G 138 70.83 68.06 -26.65
N GLY G 139 70.02 67.21 -27.29
CA GLY G 139 69.27 67.61 -28.47
C GLY G 139 68.09 68.48 -28.11
N SER G 140 67.03 68.41 -28.93
CA SER G 140 65.84 69.24 -28.72
C SER G 140 64.74 68.43 -28.04
N SER G 141 64.97 67.12 -27.90
CA SER G 141 64.08 66.25 -27.14
C SER G 141 64.85 65.64 -25.98
N VAL G 142 64.14 65.42 -24.87
CA VAL G 142 64.75 64.89 -23.65
C VAL G 142 63.96 63.72 -23.11
N THR G 143 64.64 62.77 -22.46
CA THR G 143 63.98 61.58 -21.93
C THR G 143 64.38 61.32 -20.49
N LEU G 144 63.39 61.17 -19.62
CA LEU G 144 63.63 60.82 -18.22
C LEU G 144 63.07 59.44 -17.93
N GLY G 145 63.33 58.94 -16.72
CA GLY G 145 62.94 57.60 -16.37
C GLY G 145 62.63 57.41 -14.89
N CYS G 146 62.05 56.25 -14.58
CA CYS G 146 61.75 55.88 -13.22
C CYS G 146 61.94 54.38 -13.08
N LEU G 147 62.62 53.98 -12.01
CA LEU G 147 63.00 52.59 -11.80
C LEU G 147 62.37 52.10 -10.50
N VAL G 148 61.53 51.08 -10.61
CA VAL G 148 60.80 50.56 -9.47
C VAL G 148 61.33 49.17 -9.18
N LYS G 149 62.08 49.05 -8.09
CA LYS G 149 62.82 47.82 -7.86
C LYS G 149 62.49 47.11 -6.55
N GLY G 150 62.29 45.80 -6.65
CA GLY G 150 62.22 44.92 -5.50
C GLY G 150 60.89 44.87 -4.77
N TYR G 151 59.78 44.84 -5.50
CA TYR G 151 58.47 44.80 -4.85
C TYR G 151 57.78 43.46 -5.01
N PHE G 152 56.80 43.21 -4.15
CA PHE G 152 55.97 42.03 -4.25
C PHE G 152 54.71 42.19 -3.39
N PRO G 153 53.55 41.77 -3.91
CA PRO G 153 53.40 41.23 -5.26
C PRO G 153 53.08 42.36 -6.21
N GLU G 154 52.74 42.03 -7.46
CA GLU G 154 52.15 43.01 -8.34
C GLU G 154 50.78 43.38 -7.80
N PRO G 155 50.19 44.47 -8.31
CA PRO G 155 50.81 45.36 -9.29
C PRO G 155 51.22 46.68 -8.66
N VAL G 156 51.71 47.57 -9.51
CA VAL G 156 51.99 48.93 -9.11
C VAL G 156 51.29 49.83 -10.12
N THR G 157 51.13 51.10 -9.78
CA THR G 157 50.55 52.05 -10.71
C THR G 157 51.53 53.20 -10.89
N LEU G 158 51.91 53.46 -12.15
CA LEU G 158 52.90 54.47 -12.43
C LEU G 158 52.32 55.60 -13.28
N THR G 159 52.43 56.82 -12.76
CA THR G 159 52.03 58.01 -13.52
C THR G 159 53.05 59.13 -13.30
N TRP G 160 52.94 60.19 -14.10
CA TRP G 160 53.83 61.32 -13.98
C TRP G 160 53.02 62.57 -13.65
N ASN G 161 53.55 63.39 -12.76
CA ASN G 161 52.82 64.55 -12.23
C ASN G 161 51.36 64.21 -11.97
N SER G 162 51.12 63.00 -11.48
CA SER G 162 49.80 62.57 -11.05
C SER G 162 48.83 62.53 -12.22
N GLY G 163 49.12 61.70 -13.21
CA GLY G 163 48.26 61.52 -14.36
C GLY G 163 48.27 62.71 -15.30
N SER G 164 48.80 63.83 -14.83
CA SER G 164 48.86 65.05 -15.61
C SER G 164 49.64 64.82 -16.89
N LEU G 165 50.90 64.42 -16.73
CA LEU G 165 51.74 64.07 -17.88
C LEU G 165 51.49 62.62 -18.27
N SER G 166 50.90 62.43 -19.44
CA SER G 166 50.41 61.13 -19.84
C SER G 166 50.90 60.70 -21.22
N SER G 167 50.88 61.62 -22.19
CA SER G 167 51.29 61.28 -23.55
C SER G 167 52.82 61.19 -23.65
N GLY G 168 53.31 60.42 -24.60
CA GLY G 168 54.74 60.25 -24.78
C GLY G 168 55.39 59.43 -23.66
N VAL G 169 54.60 58.56 -23.04
CA VAL G 169 55.07 57.75 -21.93
C VAL G 169 55.10 56.28 -22.29
N HIS G 170 56.10 55.58 -21.78
CA HIS G 170 56.23 54.14 -21.98
C HIS G 170 56.50 53.49 -20.63
N THR G 171 55.55 52.70 -20.15
CA THR G 171 55.74 51.93 -18.93
C THR G 171 55.85 50.46 -19.29
N PHE G 172 57.01 49.84 -19.03
CA PHE G 172 57.24 48.45 -19.43
C PHE G 172 56.68 47.46 -18.40
N PRO G 173 56.35 46.23 -18.87
CA PRO G 173 55.80 45.20 -17.98
C PRO G 173 56.78 44.81 -16.89
N ALA G 174 56.28 44.38 -15.73
CA ALA G 174 57.16 43.95 -14.65
C ALA G 174 57.85 42.65 -15.04
N VAL G 175 59.07 42.46 -14.55
CA VAL G 175 59.75 41.17 -14.72
C VAL G 175 60.21 40.65 -13.36
N LEU G 176 60.28 39.33 -13.22
CA LEU G 176 60.59 38.72 -11.93
C LEU G 176 62.08 38.56 -11.67
N GLN G 177 62.64 39.51 -10.91
CA GLN G 177 64.02 39.45 -10.43
C GLN G 177 64.09 38.67 -9.12
N SER G 178 64.83 37.56 -9.11
CA SER G 178 64.81 36.60 -7.99
C SER G 178 63.37 36.27 -7.58
N ASP G 179 62.94 36.74 -6.42
CA ASP G 179 61.56 36.51 -5.97
C ASP G 179 60.81 37.83 -5.88
N LEU G 180 61.32 38.82 -6.60
CA LEU G 180 60.84 40.20 -6.50
C LEU G 180 60.65 40.80 -7.89
N TYR G 181 59.85 41.84 -8.00
CA TYR G 181 59.51 42.42 -9.30
C TYR G 181 60.24 43.71 -9.52
N THR G 182 60.49 43.99 -10.79
CA THR G 182 61.08 45.25 -11.20
C THR G 182 60.39 45.73 -12.46
N LEU G 183 60.14 47.01 -12.52
CA LEU G 183 59.44 47.62 -13.64
C LEU G 183 60.08 48.98 -13.82
N SER G 184 60.03 49.54 -15.04
CA SER G 184 60.51 50.90 -15.26
C SER G 184 59.61 51.62 -16.24
N SER G 185 59.81 52.94 -16.37
CA SER G 185 59.01 53.77 -17.27
C SER G 185 59.82 54.96 -17.79
N SER G 186 59.69 55.24 -19.09
CA SER G 186 60.31 56.43 -19.69
C SER G 186 59.27 57.49 -20.01
N VAL G 187 59.75 58.68 -20.35
CA VAL G 187 58.87 59.79 -20.75
C VAL G 187 59.69 60.82 -21.52
N THR G 188 59.13 61.29 -22.63
CA THR G 188 59.89 62.18 -23.50
C THR G 188 59.16 63.51 -23.72
N VAL G 189 59.87 64.60 -23.42
CA VAL G 189 59.36 65.94 -23.62
C VAL G 189 60.38 66.73 -24.43
N THR G 190 60.19 68.05 -24.51
CA THR G 190 61.14 68.92 -25.19
C THR G 190 62.05 69.59 -24.16
N SER G 191 63.21 70.06 -24.62
CA SER G 191 64.21 70.67 -23.75
C SER G 191 63.70 71.92 -23.04
N SER G 192 62.66 72.52 -23.59
CA SER G 192 62.09 73.73 -22.99
C SER G 192 61.07 73.39 -21.92
N THR G 193 60.98 72.11 -21.58
CA THR G 193 60.03 71.63 -20.57
C THR G 193 60.76 71.14 -19.33
N TRP G 194 62.00 70.70 -19.51
CA TRP G 194 62.80 70.18 -18.41
C TRP G 194 64.26 70.55 -18.65
N PRO G 195 64.98 70.90 -17.57
CA PRO G 195 64.54 70.85 -16.18
C PRO G 195 63.70 72.06 -15.78
N SER G 196 63.28 72.86 -16.74
CA SER G 196 62.54 74.08 -16.45
C SER G 196 61.24 73.81 -15.68
N GLN G 197 60.65 72.64 -15.89
CA GLN G 197 59.39 72.30 -15.24
C GLN G 197 59.50 71.00 -14.45
N SER G 198 58.75 70.91 -13.36
CA SER G 198 58.89 69.82 -12.39
C SER G 198 58.20 68.52 -12.83
N ILE G 199 59.01 67.52 -13.17
CA ILE G 199 58.48 66.21 -13.53
C ILE G 199 58.67 65.22 -12.39
N THR G 200 57.58 64.59 -11.97
CA THR G 200 57.60 63.73 -10.80
C THR G 200 57.03 62.35 -11.11
N CYS G 201 57.63 61.34 -10.49
CA CYS G 201 57.22 59.95 -10.67
C CYS G 201 56.33 59.53 -9.51
N ASN G 202 55.17 58.97 -9.81
CA ASN G 202 54.23 58.57 -8.78
C ASN G 202 53.93 57.07 -8.87
N VAL G 203 54.48 56.32 -7.90
CA VAL G 203 54.36 54.87 -7.87
C VAL G 203 53.60 54.38 -6.63
N ALA G 204 52.51 53.66 -6.84
CA ALA G 204 51.68 53.18 -5.73
C ALA G 204 51.69 51.66 -5.65
N HIS G 205 51.97 51.15 -4.45
CA HIS G 205 51.97 49.72 -4.22
C HIS G 205 50.96 49.41 -3.12
N PRO G 206 49.68 49.37 -3.49
CA PRO G 206 48.56 49.11 -2.58
C PRO G 206 48.78 47.92 -1.65
N ALA G 207 49.43 46.86 -2.14
CA ALA G 207 49.67 45.68 -1.33
C ALA G 207 50.43 46.02 -0.04
N SER G 208 51.48 46.84 -0.16
CA SER G 208 52.24 47.26 1.01
C SER G 208 51.76 48.62 1.51
N SER G 209 50.68 49.11 0.91
CA SER G 209 50.11 50.39 1.29
C SER G 209 51.18 51.48 1.31
N THR G 210 51.85 51.68 0.17
CA THR G 210 52.83 52.75 0.06
C THR G 210 52.63 53.49 -1.25
N LYS G 211 52.93 54.80 -1.23
CA LYS G 211 52.78 55.63 -2.42
C LYS G 211 53.88 56.68 -2.45
N VAL G 212 55.10 56.23 -2.70
CA VAL G 212 56.25 57.12 -2.78
C VAL G 212 56.15 58.01 -4.02
N ASP G 213 56.83 59.15 -3.98
CA ASP G 213 56.94 60.01 -5.16
C ASP G 213 58.36 60.58 -5.26
N LYS G 214 58.95 60.47 -6.45
CA LYS G 214 60.33 60.89 -6.68
C LYS G 214 60.41 61.85 -7.86
N LYS G 215 60.92 63.06 -7.63
CA LYS G 215 61.09 64.03 -8.71
C LYS G 215 62.43 63.85 -9.41
N ILE G 216 62.43 64.04 -10.72
CA ILE G 216 63.65 63.89 -11.52
C ILE G 216 64.46 65.18 -11.49
N GLU G 217 65.74 65.06 -11.14
CA GLU G 217 66.62 66.21 -11.01
C GLU G 217 67.85 66.07 -11.88
N PRO G 218 68.30 67.19 -12.48
CA PRO G 218 69.49 67.14 -13.32
C PRO G 218 70.72 66.64 -12.56
N ARG G 219 71.83 66.48 -13.26
CA ARG G 219 73.08 66.07 -12.64
C ARG G 219 74.13 67.16 -12.77
N ASP H 1 50.62 11.64 -27.81
CA ASP H 1 49.80 12.88 -27.92
C ASP H 1 49.97 13.45 -29.33
N ILE H 2 48.98 14.22 -29.77
CA ILE H 2 48.98 14.77 -31.13
C ILE H 2 49.61 16.14 -31.10
N LEU H 3 50.67 16.33 -31.90
CA LEU H 3 51.33 17.62 -32.02
C LEU H 3 50.61 18.50 -33.04
N MET H 4 50.26 19.72 -32.62
CA MET H 4 49.70 20.74 -33.52
C MET H 4 50.76 21.80 -33.79
N THR H 5 51.31 21.80 -35.01
CA THR H 5 52.27 22.83 -35.42
C THR H 5 51.56 23.96 -36.14
N GLN H 6 51.54 25.13 -35.53
CA GLN H 6 50.83 26.27 -36.09
C GLN H 6 51.79 27.30 -36.70
N SER H 7 51.45 27.79 -37.89
CA SER H 7 52.27 28.79 -38.57
C SER H 7 51.38 29.86 -39.20
N PRO H 8 51.93 31.07 -39.40
CA PRO H 8 53.23 31.47 -38.88
C PRO H 8 53.09 31.96 -37.45
N SER H 9 54.20 32.10 -36.73
CA SER H 9 54.15 32.48 -35.32
C SER H 9 53.65 33.91 -35.17
N SER H 10 53.85 34.71 -36.20
CA SER H 10 53.37 36.08 -36.24
C SER H 10 53.39 36.60 -37.67
N MET H 11 52.64 37.66 -37.93
CA MET H 11 52.64 38.29 -39.23
C MET H 11 52.25 39.76 -39.06
N SER H 12 52.95 40.65 -39.76
CA SER H 12 52.68 42.08 -39.71
C SER H 12 51.84 42.47 -40.94
N VAL H 13 50.53 42.64 -40.73
CA VAL H 13 49.62 42.85 -41.84
C VAL H 13 48.84 44.16 -41.72
N SER H 14 48.00 44.46 -42.72
CA SER H 14 47.24 45.71 -42.73
C SER H 14 45.72 45.47 -42.80
N LEU H 15 44.96 46.45 -42.32
CA LEU H 15 43.50 46.43 -42.48
C LEU H 15 43.15 46.16 -43.95
N GLY H 16 42.08 45.40 -44.16
CA GLY H 16 41.59 45.13 -45.50
C GLY H 16 42.18 43.87 -46.09
N ASP H 17 43.29 43.42 -45.51
CA ASP H 17 44.00 42.24 -46.01
C ASP H 17 43.21 40.95 -45.80
N THR H 18 43.47 39.98 -46.67
CA THR H 18 43.02 38.62 -46.46
C THR H 18 44.25 37.81 -46.08
N VAL H 19 44.19 37.16 -44.93
CA VAL H 19 45.33 36.41 -44.43
C VAL H 19 44.90 35.01 -44.04
N SER H 20 45.85 34.07 -43.97
CA SER H 20 45.54 32.69 -43.60
C SER H 20 46.58 32.17 -42.63
N ILE H 21 46.08 31.58 -41.55
CA ILE H 21 46.88 30.86 -40.55
C ILE H 21 46.67 29.38 -40.77
N THR H 22 47.74 28.61 -40.86
CA THR H 22 47.60 27.17 -41.05
C THR H 22 47.95 26.40 -39.78
N CYS H 23 47.57 25.14 -39.78
CA CYS H 23 47.77 24.25 -38.67
C CYS H 23 48.01 22.88 -39.27
N HIS H 24 49.14 22.26 -38.94
CA HIS H 24 49.41 20.89 -39.38
C HIS H 24 49.45 19.95 -38.18
N ALA H 25 48.72 18.83 -38.28
CA ALA H 25 48.66 17.85 -37.19
C ALA H 25 49.53 16.63 -37.48
N SER H 26 50.08 16.04 -36.42
CA SER H 26 51.01 14.91 -36.55
C SER H 26 50.33 13.65 -37.11
N GLN H 27 48.99 13.63 -37.08
CA GLN H 27 48.21 12.59 -37.77
C GLN H 27 46.86 13.19 -38.20
N GLY H 28 46.14 12.51 -39.08
CA GLY H 28 44.83 13.00 -39.49
C GLY H 28 43.86 13.13 -38.31
N ILE H 29 43.05 14.20 -38.31
CA ILE H 29 42.10 14.45 -37.21
C ILE H 29 40.68 14.75 -37.70
N SER H 30 40.43 14.45 -38.98
CA SER H 30 39.13 14.60 -39.64
C SER H 30 38.24 15.76 -39.16
N SER H 31 38.78 16.96 -39.26
CA SER H 31 38.04 18.20 -39.00
C SER H 31 37.65 18.39 -37.54
N ASN H 32 38.20 17.59 -36.63
CA ASN H 32 37.96 17.82 -35.21
C ASN H 32 38.93 18.87 -34.70
N ILE H 33 38.75 20.10 -35.15
CA ILE H 33 39.66 21.18 -34.81
C ILE H 33 38.84 22.42 -34.47
N GLY H 34 39.31 23.19 -33.49
CA GLY H 34 38.69 24.46 -33.15
C GLY H 34 39.71 25.58 -33.34
N TRP H 35 39.23 26.77 -33.66
CA TRP H 35 40.10 27.94 -33.75
C TRP H 35 39.66 28.95 -32.71
N LEU H 36 40.63 29.63 -32.11
CA LEU H 36 40.40 30.51 -30.95
C LEU H 36 41.13 31.85 -31.11
N GLN H 37 40.58 32.89 -30.52
CA GLN H 37 41.14 34.22 -30.56
C GLN H 37 41.30 34.72 -29.14
N GLN H 38 42.40 35.43 -28.88
CA GLN H 38 42.62 36.09 -27.61
C GLN H 38 43.10 37.51 -27.91
N LYS H 39 42.28 38.51 -27.57
CA LYS H 39 42.67 39.91 -27.76
C LYS H 39 43.65 40.31 -26.68
N PRO H 40 44.43 41.38 -26.93
CA PRO H 40 45.50 41.72 -25.98
C PRO H 40 44.96 41.90 -24.57
N GLY H 41 45.58 41.18 -23.63
CA GLY H 41 45.17 41.22 -22.24
C GLY H 41 43.70 40.91 -22.01
N LYS H 42 43.19 39.89 -22.70
CA LYS H 42 41.81 39.48 -22.51
C LYS H 42 41.68 37.97 -22.54
N SER H 43 40.48 37.47 -22.35
CA SER H 43 40.29 36.03 -22.36
C SER H 43 40.11 35.58 -23.80
N PHE H 44 39.69 34.32 -23.97
CA PHE H 44 39.53 33.71 -25.28
C PHE H 44 38.08 33.76 -25.74
N MET H 45 37.90 33.86 -27.06
CA MET H 45 36.60 33.61 -27.70
C MET H 45 36.79 32.49 -28.71
N GLY H 46 35.81 31.60 -28.82
CA GLY H 46 35.84 30.58 -29.85
C GLY H 46 35.40 31.18 -31.18
N LEU H 47 36.05 30.76 -32.26
CA LEU H 47 35.72 31.24 -33.58
C LEU H 47 35.08 30.14 -34.45
N ILE H 48 35.69 28.95 -34.43
CA ILE H 48 35.31 27.87 -35.34
C ILE H 48 35.28 26.56 -34.54
N TYR H 49 34.28 25.72 -34.78
CA TYR H 49 34.30 24.35 -34.27
C TYR H 49 34.09 23.37 -35.43
N TYR H 50 34.63 22.17 -35.25
CA TYR H 50 34.55 21.10 -36.23
C TYR H 50 34.96 21.57 -37.61
N GLY H 51 36.09 22.26 -37.70
CA GLY H 51 36.73 22.52 -38.98
C GLY H 51 36.24 23.76 -39.69
N THR H 52 34.93 23.89 -39.86
CA THR H 52 34.38 24.90 -40.76
C THR H 52 33.20 25.68 -40.16
N ASN H 53 32.80 25.35 -38.93
CA ASN H 53 31.57 25.93 -38.37
C ASN H 53 31.80 27.16 -37.50
N LEU H 54 31.27 28.29 -37.94
CA LEU H 54 31.30 29.52 -37.14
C LEU H 54 30.61 29.38 -35.78
N VAL H 55 31.30 29.78 -34.71
CA VAL H 55 30.64 29.89 -33.42
C VAL H 55 29.62 31.03 -33.53
N ASP H 56 28.48 30.89 -32.88
CA ASP H 56 27.43 31.89 -32.94
C ASP H 56 28.01 33.27 -32.60
N GLY H 57 27.69 34.29 -33.39
CA GLY H 57 28.15 35.64 -33.11
C GLY H 57 29.39 36.07 -33.89
N VAL H 58 30.18 35.10 -34.35
CA VAL H 58 31.37 35.40 -35.11
C VAL H 58 31.05 35.88 -36.53
N PRO H 59 31.64 37.02 -36.94
CA PRO H 59 31.45 37.53 -38.30
C PRO H 59 31.94 36.54 -39.34
N SER H 60 31.37 36.57 -40.54
CA SER H 60 31.69 35.57 -41.56
C SER H 60 32.96 35.88 -42.35
N ARG H 61 33.59 37.03 -42.12
CA ARG H 61 34.92 37.23 -42.70
C ARG H 61 35.89 36.15 -42.20
N PHE H 62 35.54 35.49 -41.08
CA PHE H 62 36.29 34.31 -40.62
C PHE H 62 35.78 33.05 -41.31
N SER H 63 36.69 32.22 -41.81
CA SER H 63 36.30 30.91 -42.33
C SER H 63 37.40 29.89 -41.99
N GLY H 64 36.99 28.63 -41.91
CA GLY H 64 37.95 27.56 -41.67
C GLY H 64 37.81 26.53 -42.76
N SER H 65 38.92 25.93 -43.13
CA SER H 65 38.89 24.86 -44.11
C SER H 65 39.96 23.85 -43.78
N GLY H 66 40.07 22.81 -44.59
CA GLY H 66 41.10 21.80 -44.41
C GLY H 66 40.49 20.44 -44.22
N SER H 67 41.36 19.43 -44.20
CA SER H 67 40.93 18.06 -43.95
C SER H 67 42.18 17.25 -43.62
N GLY H 68 42.00 15.98 -43.32
CA GLY H 68 43.15 15.14 -42.98
C GLY H 68 43.91 15.76 -41.83
N ALA H 69 45.12 16.25 -42.13
CA ALA H 69 45.99 16.76 -41.09
C ALA H 69 46.35 18.24 -41.30
N ASP H 70 45.69 18.91 -42.24
CA ASP H 70 46.05 20.30 -42.56
C ASP H 70 44.85 21.23 -42.63
N TYR H 71 44.87 22.29 -41.84
CA TYR H 71 43.71 23.15 -41.69
C TYR H 71 44.14 24.60 -41.75
N SER H 72 43.19 25.48 -42.05
CA SER H 72 43.48 26.90 -42.19
C SER H 72 42.34 27.72 -41.60
N LEU H 73 42.70 28.85 -41.00
CA LEU H 73 41.76 29.90 -40.68
C LEU H 73 42.05 31.05 -41.63
N THR H 74 41.02 31.59 -42.25
CA THR H 74 41.18 32.71 -43.17
C THR H 74 40.30 33.87 -42.71
N ILE H 75 40.89 35.06 -42.67
CA ILE H 75 40.16 36.26 -42.33
C ILE H 75 40.20 37.19 -43.53
N SER H 76 39.06 37.34 -44.19
CA SER H 76 38.96 38.25 -45.32
C SER H 76 38.78 39.67 -44.82
N SER H 77 39.51 40.60 -45.41
CA SER H 77 39.29 42.01 -45.13
C SER H 77 39.42 42.29 -43.63
N LEU H 78 40.66 42.36 -43.17
CA LEU H 78 40.99 42.50 -41.76
C LEU H 78 40.42 43.74 -41.10
N ASP H 79 39.87 43.56 -39.91
CA ASP H 79 39.32 44.64 -39.12
C ASP H 79 40.32 44.99 -38.05
N SER H 80 40.22 46.17 -37.46
CA SER H 80 41.19 46.61 -36.46
C SER H 80 41.14 45.71 -35.22
N GLU H 81 39.97 45.13 -34.94
CA GLU H 81 39.84 44.30 -33.75
C GLU H 81 40.33 42.87 -34.01
N ASP H 82 40.81 42.63 -35.22
CA ASP H 82 41.32 41.31 -35.55
C ASP H 82 42.81 41.16 -35.20
N PHE H 83 43.49 42.25 -34.86
CA PHE H 83 44.88 42.17 -34.43
C PHE H 83 44.95 41.61 -33.02
N ALA H 84 45.26 40.33 -32.94
CA ALA H 84 45.13 39.55 -31.72
C ALA H 84 45.89 38.24 -31.91
N ASP H 85 45.79 37.35 -30.93
CA ASP H 85 46.42 36.04 -30.99
C ASP H 85 45.40 34.95 -31.37
N TYR H 86 45.85 33.97 -32.13
CA TYR H 86 44.97 32.91 -32.62
C TYR H 86 45.65 31.58 -32.35
N TYR H 87 44.85 30.61 -31.94
CA TYR H 87 45.34 29.27 -31.63
C TYR H 87 44.39 28.23 -32.20
N CYS H 88 44.94 27.10 -32.62
CA CYS H 88 44.12 25.94 -32.95
C CYS H 88 44.16 24.92 -31.82
N VAL H 89 43.13 24.08 -31.77
CA VAL H 89 43.05 23.02 -30.78
C VAL H 89 42.43 21.81 -31.48
N GLN H 90 43.03 20.65 -31.32
CA GLN H 90 42.47 19.42 -31.86
C GLN H 90 41.73 18.68 -30.75
N TYR H 91 40.56 18.15 -31.07
CA TYR H 91 39.88 17.27 -30.12
C TYR H 91 39.52 15.88 -30.67
N ALA H 92 40.25 15.46 -31.70
CA ALA H 92 40.21 14.09 -32.20
C ALA H 92 40.58 13.07 -31.14
N GLN H 93 41.56 13.40 -30.30
CA GLN H 93 41.99 12.49 -29.22
C GLN H 93 42.23 13.21 -27.91
N LEU H 94 42.01 12.50 -26.80
CA LEU H 94 42.51 12.93 -25.49
C LEU H 94 43.97 12.52 -25.43
N PRO H 95 44.83 13.40 -24.91
CA PRO H 95 44.50 14.72 -24.37
C PRO H 95 44.33 15.73 -25.50
N TYR H 96 43.46 16.70 -25.31
CA TYR H 96 43.31 17.76 -26.29
C TYR H 96 44.65 18.49 -26.31
N THR H 97 45.09 18.98 -27.47
CA THR H 97 46.37 19.67 -27.59
C THR H 97 46.24 20.89 -28.49
N PHE H 98 47.10 21.88 -28.27
CA PHE H 98 46.98 23.20 -28.88
C PHE H 98 48.15 23.52 -29.81
N GLY H 99 47.91 24.41 -30.77
CA GLY H 99 48.99 25.00 -31.54
C GLY H 99 49.72 26.06 -30.73
N GLY H 100 50.89 26.47 -31.22
CA GLY H 100 51.74 27.39 -30.50
C GLY H 100 51.23 28.82 -30.66
N GLY H 101 50.25 29.01 -31.53
CA GLY H 101 49.63 30.30 -31.69
C GLY H 101 50.26 31.18 -32.77
N THR H 102 49.55 32.25 -33.07
CA THR H 102 49.88 33.19 -34.13
C THR H 102 49.40 34.54 -33.66
N LYS H 103 50.27 35.54 -33.77
CA LYS H 103 49.93 36.89 -33.37
C LYS H 103 49.92 37.76 -34.61
N LEU H 104 48.76 38.37 -34.89
CA LEU H 104 48.65 39.38 -35.95
C LEU H 104 49.06 40.73 -35.39
N GLU H 105 50.02 41.38 -36.04
CA GLU H 105 50.49 42.70 -35.62
C GLU H 105 50.35 43.67 -36.79
N ILE H 106 50.46 44.96 -36.52
CA ILE H 106 50.18 45.98 -37.53
C ILE H 106 51.44 46.32 -38.33
N LYS H 107 51.32 46.32 -39.64
CA LYS H 107 52.43 46.69 -40.49
C LYS H 107 52.53 48.20 -40.56
N ARG H 108 53.75 48.70 -40.42
CA ARG H 108 54.01 50.13 -40.56
C ARG H 108 55.40 50.34 -41.17
N ALA H 109 55.83 51.58 -41.23
CA ALA H 109 57.10 51.89 -41.84
C ALA H 109 58.24 51.65 -40.86
N ASP H 110 59.36 51.14 -41.34
CA ASP H 110 60.52 50.98 -40.49
C ASP H 110 60.82 52.27 -39.73
N ALA H 111 61.43 52.12 -38.57
CA ALA H 111 61.74 53.23 -37.70
C ALA H 111 62.86 52.78 -36.76
N ALA H 112 63.96 53.52 -36.75
CA ALA H 112 65.07 53.21 -35.87
C ALA H 112 64.70 53.59 -34.45
N PRO H 113 65.27 52.87 -33.46
CA PRO H 113 65.03 53.12 -32.04
C PRO H 113 65.70 54.39 -31.50
N THR H 114 65.02 55.09 -30.61
CA THR H 114 65.63 56.22 -29.91
C THR H 114 66.25 55.71 -28.62
N VAL H 115 67.57 55.72 -28.59
CA VAL H 115 68.31 55.08 -27.51
C VAL H 115 68.78 56.09 -26.47
N SER H 116 68.60 55.71 -25.20
CA SER H 116 68.81 56.61 -24.08
C SER H 116 69.41 55.82 -22.90
N ILE H 117 70.43 56.36 -22.24
CA ILE H 117 71.10 55.63 -21.16
C ILE H 117 71.16 56.44 -19.86
N PHE H 118 70.98 55.76 -18.73
CA PHE H 118 70.97 56.42 -17.41
C PHE H 118 71.90 55.75 -16.41
N PRO H 119 72.87 56.51 -15.90
CA PRO H 119 73.69 56.01 -14.79
C PRO H 119 72.79 55.71 -13.60
N PRO H 120 73.30 55.00 -12.58
CA PRO H 120 72.49 54.76 -11.38
C PRO H 120 72.17 56.06 -10.66
N SER H 121 71.18 56.01 -9.77
CA SER H 121 70.76 57.19 -9.03
C SER H 121 71.56 57.30 -7.75
N SER H 122 71.63 58.51 -7.21
CA SER H 122 72.33 58.75 -5.96
C SER H 122 71.74 57.86 -4.87
N GLU H 123 70.41 57.80 -4.82
CA GLU H 123 69.70 57.05 -3.79
C GLU H 123 70.06 55.57 -3.83
N GLN H 124 70.04 54.97 -5.02
CA GLN H 124 70.33 53.56 -5.14
C GLN H 124 71.76 53.27 -4.67
N LEU H 125 72.68 54.15 -5.02
CA LEU H 125 74.08 53.89 -4.71
C LEU H 125 74.32 53.84 -3.21
N THR H 126 73.68 54.72 -2.46
CA THR H 126 73.90 54.80 -1.03
C THR H 126 73.32 53.57 -0.32
N SER H 127 72.45 52.83 -1.01
CA SER H 127 71.91 51.59 -0.45
C SER H 127 72.71 50.37 -0.89
N GLY H 128 73.71 50.57 -1.75
CA GLY H 128 74.68 49.53 -2.07
C GLY H 128 74.49 48.83 -3.40
N GLY H 129 73.56 49.31 -4.21
CA GLY H 129 73.29 48.70 -5.51
C GLY H 129 73.47 49.68 -6.64
N ALA H 130 73.55 49.17 -7.87
CA ALA H 130 73.82 50.03 -9.04
C ALA H 130 73.19 49.48 -10.32
N SER H 131 72.15 50.17 -10.78
CA SER H 131 71.43 49.80 -11.99
C SER H 131 71.66 50.83 -13.08
N VAL H 132 72.17 50.38 -14.22
CA VAL H 132 72.27 51.23 -15.40
C VAL H 132 71.13 50.85 -16.30
N VAL H 133 70.40 51.85 -16.81
CA VAL H 133 69.25 51.58 -17.65
C VAL H 133 69.44 52.10 -19.08
N CYS H 134 68.98 51.32 -20.06
CA CYS H 134 68.90 51.77 -21.46
C CYS H 134 67.48 51.63 -21.94
N PHE H 135 66.94 52.70 -22.53
CA PHE H 135 65.65 52.61 -23.19
C PHE H 135 65.86 52.62 -24.70
N LEU H 136 65.17 51.71 -25.40
CA LEU H 136 65.16 51.66 -26.85
C LEU H 136 63.73 51.83 -27.33
N ASN H 137 63.38 53.06 -27.70
CA ASN H 137 61.98 53.45 -27.88
C ASN H 137 61.51 53.66 -29.31
N ASN H 138 60.28 53.23 -29.57
CA ASN H 138 59.56 53.57 -30.80
C ASN H 138 60.29 53.12 -32.06
N PHE H 139 60.54 51.82 -32.18
CA PHE H 139 61.18 51.26 -33.36
C PHE H 139 60.25 50.29 -34.08
N TYR H 140 60.65 49.90 -35.28
CA TYR H 140 59.91 48.91 -36.06
C TYR H 140 60.79 48.41 -37.20
N PRO H 141 60.88 47.08 -37.37
CA PRO H 141 60.09 46.01 -36.74
C PRO H 141 60.54 45.65 -35.31
N LYS H 142 59.86 44.64 -34.74
CA LYS H 142 59.99 44.32 -33.31
C LYS H 142 61.33 43.67 -32.98
N ASP H 143 61.92 43.00 -33.95
CA ASP H 143 63.19 42.32 -33.75
C ASP H 143 64.28 43.34 -33.50
N ILE H 144 65.04 43.13 -32.43
CA ILE H 144 66.06 44.08 -31.98
C ILE H 144 66.93 43.38 -30.95
N ASN H 145 68.22 43.72 -30.94
CA ASN H 145 69.16 43.11 -30.01
C ASN H 145 69.88 44.17 -29.20
N VAL H 146 70.06 43.92 -27.91
CA VAL H 146 70.77 44.82 -27.02
C VAL H 146 72.02 44.14 -26.47
N LYS H 147 73.09 44.91 -26.34
CA LYS H 147 74.36 44.38 -25.88
C LYS H 147 74.97 45.37 -24.90
N TRP H 148 75.36 44.90 -23.72
CA TRP H 148 76.03 45.75 -22.75
C TRP H 148 77.52 45.54 -22.81
N LYS H 149 78.26 46.63 -22.67
CA LYS H 149 79.70 46.59 -22.54
C LYS H 149 80.11 47.40 -21.32
N ILE H 150 81.07 46.86 -20.57
CA ILE H 150 81.71 47.56 -19.47
C ILE H 150 83.19 47.69 -19.81
N ASP H 151 83.70 48.91 -19.89
CA ASP H 151 85.08 49.18 -20.37
C ASP H 151 85.34 48.47 -21.71
N GLY H 152 84.36 48.54 -22.61
CA GLY H 152 84.51 48.02 -23.96
C GLY H 152 84.28 46.52 -24.11
N SER H 153 84.11 45.81 -23.00
CA SER H 153 83.94 44.35 -23.05
C SER H 153 82.52 43.89 -22.72
N GLU H 154 81.95 43.04 -23.57
CA GLU H 154 80.57 42.59 -23.41
C GLU H 154 80.28 42.07 -22.01
N ARG H 155 79.05 42.30 -21.57
CA ARG H 155 78.61 41.89 -20.25
C ARG H 155 77.20 41.31 -20.38
N GLN H 156 76.96 40.17 -19.73
CA GLN H 156 75.75 39.39 -19.95
C GLN H 156 74.99 39.07 -18.66
N ASN H 157 75.72 38.80 -17.58
CA ASN H 157 75.10 38.57 -16.28
C ASN H 157 74.50 39.84 -15.70
N GLY H 158 73.34 39.71 -15.09
CA GLY H 158 72.78 40.81 -14.35
C GLY H 158 71.92 41.71 -15.22
N VAL H 159 71.56 41.24 -16.42
CA VAL H 159 70.74 41.99 -17.36
C VAL H 159 69.30 41.47 -17.38
N LEU H 160 68.34 42.39 -17.29
CA LEU H 160 66.93 42.07 -17.32
C LEU H 160 66.24 42.95 -18.37
N ASN H 161 65.55 42.31 -19.30
CA ASN H 161 64.90 43.02 -20.42
C ASN H 161 63.39 42.98 -20.34
N SER H 162 62.75 44.03 -20.83
CA SER H 162 61.30 44.12 -20.87
C SER H 162 60.86 44.82 -22.15
N TRP H 163 59.81 44.31 -22.78
CA TRP H 163 59.34 44.79 -24.08
C TRP H 163 57.89 45.22 -23.95
N THR H 164 57.50 46.29 -24.64
CA THR H 164 56.08 46.69 -24.67
C THR H 164 55.37 46.01 -25.84
N ASP H 165 54.04 45.97 -25.76
CA ASP H 165 53.24 45.53 -26.89
C ASP H 165 53.18 46.67 -27.89
N GLN H 166 52.93 46.33 -29.15
CA GLN H 166 52.77 47.34 -30.17
C GLN H 166 51.90 48.49 -29.65
N ASP H 167 52.36 49.71 -29.85
CA ASP H 167 51.74 50.89 -29.26
C ASP H 167 50.50 51.29 -30.06
N SER H 168 49.40 51.49 -29.36
CA SER H 168 48.08 51.63 -29.99
C SER H 168 48.03 52.60 -31.17
N LYS H 169 48.67 53.76 -31.03
CA LYS H 169 48.48 54.82 -32.01
C LYS H 169 49.71 55.21 -32.84
N ASP H 170 50.81 54.49 -32.71
CA ASP H 170 51.93 54.71 -33.64
C ASP H 170 52.52 53.38 -34.16
N SER H 171 52.00 52.28 -33.64
CA SER H 171 52.38 50.92 -34.06
C SER H 171 53.87 50.58 -33.92
N THR H 172 54.58 51.30 -33.05
CA THR H 172 55.98 50.99 -32.79
C THR H 172 56.11 50.09 -31.56
N TYR H 173 57.33 49.64 -31.31
CA TYR H 173 57.64 48.81 -30.16
C TYR H 173 58.71 49.51 -29.35
N SER H 174 58.80 49.16 -28.07
CA SER H 174 59.89 49.67 -27.24
C SER H 174 60.46 48.57 -26.38
N MET H 175 61.60 48.87 -25.77
CA MET H 175 62.30 47.90 -24.96
C MET H 175 63.08 48.60 -23.87
N SER H 176 63.20 47.94 -22.73
CA SER H 176 63.99 48.45 -21.63
C SER H 176 65.00 47.40 -21.17
N SER H 177 66.26 47.81 -21.04
CA SER H 177 67.30 46.87 -20.62
C SER H 177 67.97 47.41 -19.37
N THR H 178 68.06 46.60 -18.31
CA THR H 178 68.67 47.06 -17.07
C THR H 178 69.83 46.16 -16.65
N LEU H 179 70.97 46.77 -16.37
CA LEU H 179 72.13 46.04 -15.89
C LEU H 179 72.32 46.33 -14.40
N THR H 180 72.24 45.30 -13.56
CA THR H 180 72.35 45.53 -12.12
C THR H 180 73.65 44.94 -11.56
N LEU H 181 74.41 45.79 -10.88
CA LEU H 181 75.67 45.42 -10.25
C LEU H 181 75.62 45.89 -8.81
N THR H 182 76.51 45.35 -7.98
CA THR H 182 76.75 45.89 -6.65
C THR H 182 77.41 47.25 -6.82
N LYS H 183 77.19 48.16 -5.87
CA LYS H 183 77.87 49.45 -5.90
C LYS H 183 79.37 49.20 -5.98
N ASP H 184 79.84 48.24 -5.18
CA ASP H 184 81.27 47.91 -5.14
C ASP H 184 81.82 47.53 -6.52
N GLU H 185 81.08 46.72 -7.27
CA GLU H 185 81.57 46.28 -8.57
C GLU H 185 81.42 47.37 -9.64
N TYR H 186 80.39 48.19 -9.51
CA TYR H 186 80.16 49.29 -10.44
C TYR H 186 81.32 50.28 -10.43
N GLU H 187 81.99 50.40 -9.30
CA GLU H 187 83.07 51.39 -9.19
C GLU H 187 84.42 50.89 -9.72
N ARG H 188 84.53 49.60 -10.00
CA ARG H 188 85.76 49.04 -10.58
C ARG H 188 85.96 49.45 -12.03
N HIS H 189 84.99 50.13 -12.62
CA HIS H 189 85.05 50.40 -14.05
C HIS H 189 84.65 51.82 -14.37
N ASN H 190 84.95 52.25 -15.60
CA ASN H 190 84.68 53.62 -15.98
C ASN H 190 83.63 53.75 -17.09
N SER H 191 83.76 52.93 -18.13
CA SER H 191 82.87 53.04 -19.29
C SER H 191 81.65 52.10 -19.20
N TYR H 192 80.47 52.62 -19.50
CA TYR H 192 79.23 51.81 -19.58
C TYR H 192 78.48 52.12 -20.86
N THR H 193 78.20 51.08 -21.64
CA THR H 193 77.69 51.25 -22.98
C THR H 193 76.55 50.25 -23.26
N CYS H 194 75.54 50.68 -24.02
CA CYS H 194 74.57 49.72 -24.53
C CYS H 194 74.44 49.92 -26.04
N GLU H 195 74.49 48.83 -26.81
CA GLU H 195 74.46 48.88 -28.26
C GLU H 195 73.23 48.17 -28.77
N ALA H 196 72.48 48.88 -29.60
CA ALA H 196 71.26 48.37 -30.20
C ALA H 196 71.50 47.97 -31.65
N THR H 197 71.19 46.73 -32.00
CA THR H 197 71.28 46.24 -33.37
C THR H 197 69.90 46.04 -33.97
N HIS H 198 69.60 46.81 -35.01
CA HIS H 198 68.30 46.79 -35.67
C HIS H 198 68.49 46.67 -37.17
N LYS H 199 67.45 46.19 -37.86
CA LYS H 199 67.51 46.02 -39.31
C LYS H 199 67.66 47.37 -40.02
N THR H 200 67.31 48.45 -39.35
CA THR H 200 67.34 49.76 -39.98
C THR H 200 68.77 50.25 -40.25
N SER H 201 69.74 49.75 -39.50
CA SER H 201 71.13 50.17 -39.71
C SER H 201 72.11 49.01 -39.57
N THR H 202 73.11 48.99 -40.45
CA THR H 202 74.12 47.94 -40.44
C THR H 202 75.05 48.16 -39.26
N SER H 203 75.08 49.37 -38.72
CA SER H 203 75.92 49.67 -37.57
C SER H 203 75.07 49.83 -36.32
N PRO H 204 75.54 49.29 -35.19
CA PRO H 204 74.79 49.42 -33.93
C PRO H 204 74.66 50.87 -33.51
N ILE H 205 73.51 51.25 -32.96
CA ILE H 205 73.38 52.55 -32.32
C ILE H 205 73.96 52.40 -30.91
N VAL H 206 74.86 53.29 -30.55
CA VAL H 206 75.66 53.14 -29.34
C VAL H 206 75.42 54.31 -28.41
N LYS H 207 75.22 54.02 -27.12
CA LYS H 207 75.15 55.08 -26.11
C LYS H 207 76.02 54.72 -24.90
N SER H 208 76.83 55.69 -24.45
CA SER H 208 77.77 55.50 -23.34
C SER H 208 77.78 56.65 -22.35
N PHE H 209 78.53 56.44 -21.26
CA PHE H 209 78.83 57.46 -20.27
C PHE H 209 79.96 56.93 -19.40
N ASN H 210 80.72 57.84 -18.78
CA ASN H 210 81.80 57.45 -17.89
C ASN H 210 81.49 57.80 -16.44
N ARG H 211 81.71 56.83 -15.54
CA ARG H 211 81.48 57.03 -14.12
C ARG H 211 82.43 58.12 -13.64
N ASN H 212 82.10 58.75 -12.51
CA ASN H 212 82.85 59.91 -12.04
C ASN H 212 82.67 61.08 -13.01
N GLU H 213 83.49 61.10 -14.05
CA GLU H 213 83.39 62.06 -15.13
C GLU H 213 81.94 62.35 -15.50
N CYS H 214 81.69 63.56 -15.97
CA CYS H 214 80.35 63.96 -16.39
C CYS H 214 80.42 65.38 -16.95
C1 NAG I . -4.97 -7.90 -10.25
C2 NAG I . -4.08 -6.67 -10.09
C3 NAG I . -4.40 -5.96 -8.77
C4 NAG I . -5.90 -5.68 -8.60
C5 NAG I . -6.64 -6.99 -8.84
C6 NAG I . -8.17 -6.87 -8.72
C7 NAG I . -1.93 -7.02 -11.19
C8 NAG I . -0.45 -7.14 -10.96
N2 NAG I . -2.68 -7.08 -10.10
O3 NAG I . -3.65 -4.77 -8.69
O4 NAG I . -6.13 -5.25 -7.30
O5 NAG I . -6.31 -7.48 -10.13
O6 NAG I . -8.67 -5.96 -9.68
O7 NAG I . -2.37 -6.92 -12.35
C1 NAG I . -6.90 -4.03 -7.19
C2 NAG I . -7.42 -3.91 -5.76
C3 NAG I . -7.93 -2.53 -5.39
C4 NAG I . -7.02 -1.38 -5.82
C5 NAG I . -6.33 -1.58 -7.20
C6 NAG I . -4.86 -1.15 -7.23
C7 NAG I . -8.26 -6.04 -4.99
C8 NAG I . -9.33 -7.07 -5.21
N2 NAG I . -8.49 -4.87 -5.59
O3 NAG I . -8.08 -2.48 -3.98
O4 NAG I . -7.85 -0.23 -5.79
O5 NAG I . -6.15 -2.93 -7.61
O6 NAG I . -4.57 0.16 -6.82
O7 NAG I . -7.25 -6.28 -4.32
C1 MAN I . -7.15 0.94 -5.29
C2 MAN I . -7.54 2.20 -6.08
C3 MAN I . -8.92 2.71 -5.69
C4 MAN I . -8.87 2.98 -4.20
C5 MAN I . -8.47 1.71 -3.44
C6 MAN I . -9.55 0.63 -3.48
O2 MAN I . -7.52 1.94 -7.48
O3 MAN I . -9.93 1.78 -5.99
O4 MAN I . -7.95 4.02 -3.96
O5 MAN I . -7.25 1.18 -3.90
O6 MAN I . -9.89 0.20 -2.18
C1 NAG J . -36.30 -26.85 -11.82
C2 NAG J . -37.16 -27.66 -12.79
C3 NAG J . -38.63 -27.24 -12.77
C4 NAG J . -39.16 -26.89 -11.38
C5 NAG J . -38.14 -26.16 -10.49
C6 NAG J . -38.60 -26.19 -9.04
C7 NAG J . -36.40 -28.54 -14.92
C8 NAG J . -36.00 -28.26 -16.33
N2 NAG J . -36.66 -27.51 -14.14
O3 NAG J . -39.42 -28.27 -13.32
O4 NAG J . -40.28 -26.06 -11.60
O5 NAG J . -36.88 -26.78 -10.54
O6 NAG J . -37.63 -25.57 -8.22
O7 NAG J . -36.49 -29.71 -14.53
C1 NAG J . -41.27 -26.26 -10.56
C2 NAG J . -41.99 -24.94 -10.36
C3 NAG J . -43.07 -25.05 -9.31
C4 NAG J . -43.97 -26.22 -9.64
C5 NAG J . -43.15 -27.50 -9.87
C6 NAG J . -44.03 -28.66 -10.30
C7 NAG J . -41.04 -22.66 -10.58
C8 NAG J . -41.85 -22.39 -11.80
N2 NAG J . -41.05 -23.88 -10.02
O3 NAG J . -43.83 -23.86 -9.31
O4 NAG J . -44.88 -26.40 -8.58
O5 NAG J . -42.19 -27.28 -10.87
O6 NAG J . -44.96 -29.00 -9.29
O7 NAG J . -40.36 -21.75 -10.10
C1 NAG K . -0.52 15.05 14.31
C2 NAG K . -1.89 14.38 14.26
C3 NAG K . -2.96 15.32 13.71
C4 NAG K . -2.94 16.67 14.42
C5 NAG K . -1.53 17.24 14.44
C6 NAG K . -1.56 18.54 15.25
C7 NAG K . -1.85 11.94 14.04
C8 NAG K . -2.19 10.78 13.15
N2 NAG K . -1.87 13.15 13.49
O3 NAG K . -4.23 14.72 13.87
O4 NAG K . -3.79 17.58 13.76
O5 NAG K . -0.61 16.30 14.99
O6 NAG K . -0.98 18.47 16.54
O7 NAG K . -1.55 11.73 15.23
C1 NAG K . -4.70 18.26 14.66
C2 NAG K . -5.15 19.52 13.94
C3 NAG K . -6.35 20.22 14.56
C4 NAG K . -7.47 19.24 14.91
C5 NAG K . -6.89 18.04 15.68
C6 NAG K . -7.96 16.95 15.87
C7 NAG K . -3.33 20.56 12.73
C8 NAG K . -2.12 21.44 12.79
N2 NAG K . -4.03 20.45 13.85
O3 NAG K . -6.84 21.14 13.61
O4 NAG K . -8.47 19.92 15.65
O5 NAG K . -5.80 17.44 15.00
O6 NAG K . -8.27 16.25 14.69
O7 NAG K . -3.64 19.98 11.68
C1 MAN K . -9.81 19.58 15.21
C2 MAN K . -10.87 19.58 16.32
C3 MAN K . -11.10 20.99 16.85
C4 MAN K . -11.54 21.87 15.70
C5 MAN K . -10.61 21.75 14.49
C6 MAN K . -9.31 22.55 14.67
O2 MAN K . -10.57 18.70 17.39
O3 MAN K . -9.92 21.53 17.42
O4 MAN K . -12.86 21.49 15.33
O5 MAN K . -10.31 20.40 14.16
O6 MAN K . -9.49 23.89 14.30
C1 NAG L . 25.70 39.15 18.59
C2 NAG L . 27.03 39.65 19.13
C3 NAG L . 26.95 40.96 19.94
C4 NAG L . 25.88 41.90 19.39
C5 NAG L . 24.62 41.15 19.01
C6 NAG L . 23.56 42.09 18.42
C7 NAG L . 28.82 38.14 19.68
C8 NAG L . 29.45 37.22 20.68
N2 NAG L . 27.60 38.59 19.95
O3 NAG L . 28.20 41.62 19.92
O4 NAG L . 25.57 42.86 20.37
O5 NAG L . 24.93 40.19 18.05
O6 NAG L . 23.95 42.49 17.14
O7 NAG L . 29.41 38.44 18.65
C1 NAG L . 26.14 44.14 19.98
C2 NAG L . 25.37 45.25 20.69
C3 NAG L . 25.87 46.58 20.17
C4 NAG L . 27.38 46.66 20.35
C5 NAG L . 28.10 45.43 19.80
C6 NAG L . 29.56 45.45 20.21
C7 NAG L . 23.18 44.76 21.55
C8 NAG L . 21.82 45.37 21.65
N2 NAG L . 23.94 45.11 20.52
O3 NAG L . 25.23 47.62 20.88
O4 NAG L . 27.86 47.81 19.70
O5 NAG L . 27.51 44.24 20.27
O6 NAG L . 30.18 44.21 19.93
O7 NAG L . 23.55 43.95 22.39
CA CA M . -2.55 25.49 -19.90
CA CA N . -15.49 20.26 -23.86
CA CA O . -20.42 18.80 -35.88
CA CA P . -12.98 20.43 -48.02
C1 GOL Q . 20.10 -3.32 -38.69
O1 GOL Q . 19.08 -4.25 -39.02
C2 GOL Q . 19.87 -2.68 -37.33
O2 GOL Q . 21.04 -2.00 -36.91
C3 GOL Q . 19.40 -3.74 -36.33
O3 GOL Q . 18.09 -4.20 -36.65
C1 GOL R . -27.24 9.82 -30.22
O1 GOL R . -27.41 8.61 -30.94
C2 GOL R . -26.84 9.55 -28.76
O2 GOL R . -27.20 8.24 -28.38
C3 GOL R . -27.56 10.49 -27.81
O3 GOL R . -26.76 11.61 -27.51
S SO4 S . -7.93 1.60 -55.55
O1 SO4 S . -8.88 0.52 -55.88
O2 SO4 S . -7.87 2.62 -56.61
O3 SO4 S . -8.40 2.21 -54.31
O4 SO4 S . -6.56 1.09 -55.32
S SO4 T . -11.14 -8.10 -52.10
O1 SO4 T . -11.66 -8.95 -53.21
O2 SO4 T . -11.00 -6.80 -52.74
O3 SO4 T . -12.11 -8.16 -51.03
O4 SO4 T . -9.91 -8.53 -51.40
MG MG U . 13.58 -13.48 -17.99
CA CA V . 15.19 -19.52 -11.05
CA CA W . 12.23 -10.06 -22.92
C1 NAG X . -39.62 -34.98 -17.23
C2 NAG X . -39.00 -36.37 -17.10
C3 NAG X . -39.80 -37.19 -16.11
C4 NAG X . -39.93 -36.43 -14.79
C5 NAG X . -40.44 -35.01 -15.03
C6 NAG X . -40.43 -34.21 -13.72
C7 NAG X . -37.81 -37.26 -19.03
C8 NAG X . -37.92 -37.49 -20.51
N2 NAG X . -38.95 -37.03 -18.39
O3 NAG X . -39.16 -38.44 -15.89
O4 NAG X . -40.81 -37.12 -13.93
O5 NAG X . -39.65 -34.34 -15.98
O6 NAG X . -40.20 -32.84 -13.95
O7 NAG X . -36.71 -37.28 -18.47
CA CA Y . -26.85 10.31 37.06
CA CA Z . -16.73 19.04 42.82
CA CA AA . -9.44 16.94 53.31
CA CA BA . -8.35 4.63 60.46
C1 GOL CA . -2.23 -19.04 26.26
O1 GOL CA . -1.03 -18.43 26.72
C2 GOL CA . -2.42 -20.33 27.06
O2 GOL CA . -3.79 -20.54 27.37
C3 GOL CA . -1.57 -20.18 28.31
O3 GOL CA . -0.21 -20.14 27.95
S SO4 DA . 9.68 -4.89 54.98
O1 SO4 DA . 8.50 -5.19 55.80
O2 SO4 DA . 9.55 -3.55 54.40
O3 SO4 DA . 10.89 -4.86 55.82
O4 SO4 DA . 9.77 -5.92 53.94
S SO4 EA . -18.34 8.76 17.01
O1 SO4 EA . -19.51 8.54 17.88
O2 SO4 EA . -18.77 8.65 15.61
O3 SO4 EA . -17.69 10.04 17.32
O4 SO4 EA . -17.33 7.71 17.22
MG MG FA . 1.47 -5.39 9.90
CA CA GA . 3.60 -3.87 0.91
CA CA HA . 0.89 -6.53 15.88
C1 NAG IA . 34.93 39.45 19.84
C2 NAG IA . 36.07 39.06 18.89
C3 NAG IA . 36.71 40.29 18.25
C4 NAG IA . 35.64 41.30 17.80
C5 NAG IA . 34.67 41.57 18.94
C6 NAG IA . 33.62 42.63 18.59
C7 NAG IA . 37.27 37.01 19.53
C8 NAG IA . 38.34 36.42 20.41
N2 NAG IA . 37.08 38.33 19.65
O3 NAG IA . 37.51 39.92 17.15
O4 NAG IA . 36.27 42.50 17.42
O5 NAG IA . 34.03 40.38 19.28
O6 NAG IA . 32.85 42.91 19.74
O7 NAG IA . 36.63 36.28 18.77
S SO4 JA . 28.63 13.88 11.26
O1 SO4 JA . 28.90 12.56 10.71
O2 SO4 JA . 29.32 14.94 10.48
O3 SO4 JA . 27.17 14.06 11.24
O4 SO4 JA . 29.12 13.81 12.64
S SO4 KA . 79.65 38.21 -18.28
O1 SO4 KA . 78.39 37.45 -18.25
O2 SO4 KA . 80.74 37.36 -18.77
O3 SO4 KA . 79.52 39.33 -19.20
O4 SO4 KA . 79.93 38.69 -16.92
#